data_5W9I
#
_entry.id   5W9I
#
_cell.length_a   1.0
_cell.length_b   1.0
_cell.length_c   1.0
_cell.angle_alpha   90.0
_cell.angle_beta   90.0
_cell.angle_gamma   90.0
#
_symmetry.space_group_name_H-M   'P 1'
#
loop_
_entity.id
_entity.type
_entity.pdbx_description
1 polymer 'Spike glycoprotein'
2 polymer 'G4 VH'
3 polymer 'G4 VL'
4 branched 2-acetamido-2-deoxy-beta-D-glucopyranose-(1-4)-2-acetamido-2-deoxy-beta-D-glucopyranose
5 non-polymer 2-acetamido-2-deoxy-beta-D-glucopyranose
#
loop_
_entity_poly.entity_id
_entity_poly.type
_entity_poly.pdbx_seq_one_letter_code
_entity_poly.pdbx_strand_id
1 'polypeptide(L)'
;MIHSVFLLMFLLTPTESYVDVGPDSVKSACIEVDIQQTFFDKTWPRPIDVSKADGIIYPQGRTYSNITITYQGLFPYQGD
HGDMYVYSAGHATGTTPQKLFVANYSQDVKQFANGFVVRIGAAANSTGTVIISPSTSATIRKIYPAFMLGSSVGNFSDGK
MGRFFNHTLVLLPDGCGTLLRAFYCILEPRSGNHCPAGNSYTSFATYHTPATDCSDGNYNRNASLNSFKEYFNLRNCTFM
YTYNITEDEILEWFGITQTAQGVHLFSSRYVDLYGGNMFQFATLPVYDTIKYYSIIPHSIRSIQSDRKAWAAFYVYKLQP
LTFLLDFSVDGYIRRAIDCGFNDLSQLHCSYESFDVESGVYSVSSFEAKPSGSVVEQAEGVECDFSPLLSGTPPQVYNFK
RLVFTNCNYNLTKLLSLFSVNDFTCSQISPAAIASNCYSSLILDYFSYPLSMKSDLSVSSAGPISQFNYKQSFSNPTCLI
LATVPHNLTTITKPLKYSYINKCSRFLSDDRTEVPQLVNANQYSPCVSIVPSTVWEDGDYYRKQLSPLEGGGWLVASGST
VAMTEQLQMGFGITVQYGTDTNSVCPKLEFANDTKIASQLGNCVEYSLYGVSGRGVFQNCTAVGVRQQRFVYDAYQNLVG
YYSDDGNYYCLRACVSVPVSVIYDKETKTHATLFGSVACEHISSTMSQYSRSTRSMLKRRDSTYGPLQTPVGCVLGLVNS
SLFVEDCKLPLGQSLCALPDTPSTLTPASVGSVPGEMRLASIAFNHPIQVDQLNSSYFKLSIPTNFSFGVTQEYIQTTIQ
KVTVDCKQYVCNGFQKCEQLLREYGQFCSKINQALHGANLRQDDSVRNLFASVKSSQSSPIIPGFGGDFNLTLLEPVSIS
TGSRSARSAIEDLLFDKVTIADPGYMQGYDDCMQQGPASARDLICAQYVAGYKVLPPLMDVNMEAAYTSSLLGSIAGVGW
TAGLSSFAAIPFAQSIFYRLNGVGITQQVLSENQKLIANKFNQALGAMQTGFTTTNEAFHKVQDAVNNNAQALSKLASEL
SNTFGAISASIGDIIQRLDPPEQDAQIDRLINGRLTTLNAFVAQQLVRSESAALSAQLAKDKVNECVKAQSKRSGFCGQG
THIVSFVVNAPNGLYFMHVGYYPSNHIEVVSAYGLCDAANPTNCIAPVNGYFIKTNNTRIVDEWSYTGSSFYAPEPITSL
NTKYVAPQVTYQNISTNLPPPLLGNSTGIDFQDELDEFFKNVSTSIPNFGSLTQINTTLLDLTYEMLSLQQVVKALNESY
IDLKELGNYTYGSGYIPEAPRDGQAYVRKDGEWVLLSTFLGRSLEVLFQ
;
A,B,E,F,I,J
2 'polypeptide(L)'
;QVQLQQSGPELVRPGVSVKISCKGSGYTFTDYAIHWVKQSHAKSLEWIGVFSTYYGNTNYNQKFKGRATMTVDKSSSTAY
MELARLTSEDSAIYYCARKSYYVDYVDAMDYWGQGTSVTVSSASTTPPSVYPLAPGSAAQTNSMVTLGCLVKGYFPEPVT
VTWNSGSLSSGVHTFPAVLQSDLYTLSSSVTVPSSTWPSETVTCNVAHPASSTKVDKKIVPRDCGKGLEVLFQ
;
C,G,K
3 'polypeptide(L)'
;DIVLTQSPASLAVSLGQRATISCRASESVDNYGISFMNWFQQKPGQPPKLLISATSNQGSGVPARFIGSGSGTDFSLNIH
PVEEDDTAMYFCQQSKEVPRTFGGGTKLEIKRTDAAPTVSIFPPSSEQLTSGGASVVCFLNNFYPKDINVKWKIDGSERQ
NGVLNSWTDQDSKDSTYSMSSTLTLTKDEYERHNSYTCEATHKTSTSPIVKSFNRNEC
;
D,H,L
#
loop_
_chem_comp.id
_chem_comp.type
_chem_comp.name
_chem_comp.formula
NAG D-saccharide, beta linking 2-acetamido-2-deoxy-beta-D-glucopyranose 'C8 H15 N O6'
#
# COMPACT_ATOMS: atom_id res chain seq x y z
N VAL A 753 -8.57 36.63 32.70
CA VAL A 753 -8.41 35.43 31.87
C VAL A 753 -9.28 35.49 30.61
N PRO A 754 -9.00 34.65 29.60
CA PRO A 754 -9.73 34.54 28.34
C PRO A 754 -11.16 34.13 28.54
N GLY A 755 -11.98 34.56 27.61
CA GLY A 755 -13.40 34.33 27.57
C GLY A 755 -13.78 33.09 26.78
N GLU A 756 -15.05 33.09 26.40
CA GLU A 756 -15.71 32.05 25.63
C GLU A 756 -15.14 31.85 24.24
N MET A 757 -15.22 30.61 23.78
CA MET A 757 -14.88 30.17 22.44
C MET A 757 -15.84 30.84 21.48
N ARG A 758 -15.47 31.04 20.22
CA ARG A 758 -16.42 31.61 19.27
C ARG A 758 -16.78 30.66 18.14
N LEU A 759 -18.06 30.41 17.96
CA LEU A 759 -18.49 29.59 16.84
C LEU A 759 -18.26 30.39 15.59
N ALA A 760 -17.79 29.72 14.55
CA ALA A 760 -17.52 30.38 13.29
C ALA A 760 -17.74 29.44 12.13
N SER A 761 -17.88 30.01 10.95
CA SER A 761 -18.06 29.22 9.76
C SER A 761 -16.74 29.12 9.04
N ILE A 762 -16.49 28.00 8.38
CA ILE A 762 -15.25 27.91 7.66
C ILE A 762 -15.39 28.70 6.39
N ALA A 763 -14.47 29.61 6.18
CA ALA A 763 -14.43 30.46 5.00
C ALA A 763 -14.23 29.66 3.73
N PHE A 764 -14.83 30.14 2.66
CA PHE A 764 -14.57 29.59 1.35
C PHE A 764 -14.01 30.70 0.51
N ASN A 765 -12.76 30.56 0.10
CA ASN A 765 -12.16 31.59 -0.70
C ASN A 765 -12.58 31.41 -2.13
N HIS A 766 -13.26 32.42 -2.66
CA HIS A 766 -13.71 32.34 -4.03
C HIS A 766 -12.59 32.62 -5.03
N PRO A 767 -12.52 31.87 -6.13
CA PRO A 767 -11.63 32.06 -7.25
C PRO A 767 -11.91 33.39 -7.91
N ILE A 768 -10.90 33.95 -8.56
CA ILE A 768 -11.09 35.20 -9.25
C ILE A 768 -12.00 34.90 -10.42
N GLN A 769 -13.02 35.72 -10.64
CA GLN A 769 -13.93 35.40 -11.72
C GLN A 769 -13.58 36.14 -12.98
N VAL A 770 -13.19 35.40 -14.01
CA VAL A 770 -12.90 36.02 -15.29
C VAL A 770 -14.11 35.89 -16.19
N ASP A 771 -14.58 37.00 -16.73
CA ASP A 771 -15.78 36.97 -17.55
C ASP A 771 -15.63 36.18 -18.81
N GLN A 772 -16.61 35.33 -19.09
CA GLN A 772 -16.63 34.63 -20.35
C GLN A 772 -17.09 35.56 -21.44
N LEU A 773 -16.41 35.54 -22.58
CA LEU A 773 -16.82 36.33 -23.74
C LEU A 773 -17.01 35.49 -24.96
N ASN A 774 -17.90 35.93 -25.82
CA ASN A 774 -18.08 35.33 -27.14
C ASN A 774 -17.28 36.14 -28.14
N SER A 775 -17.47 35.88 -29.43
CA SER A 775 -16.78 36.58 -30.53
C SER A 775 -15.31 36.19 -30.70
N SER A 776 -14.62 36.97 -31.52
CA SER A 776 -13.25 36.72 -31.95
C SER A 776 -12.12 37.12 -31.00
N TYR A 777 -12.43 37.58 -29.80
CA TYR A 777 -11.39 37.98 -28.89
C TYR A 777 -11.79 37.55 -27.51
N PHE A 778 -10.85 37.54 -26.58
CA PHE A 778 -11.22 37.11 -25.25
C PHE A 778 -10.46 37.80 -24.14
N LYS A 779 -11.07 37.79 -22.96
CA LYS A 779 -10.47 38.36 -21.78
C LYS A 779 -9.38 37.42 -21.28
N LEU A 780 -8.25 37.96 -20.85
CA LEU A 780 -7.15 37.14 -20.38
C LEU A 780 -6.67 37.57 -19.02
N SER A 781 -6.53 36.63 -18.08
CA SER A 781 -6.00 37.02 -16.79
C SER A 781 -4.54 36.69 -16.71
N ILE A 782 -3.71 37.66 -16.36
CA ILE A 782 -2.27 37.44 -16.25
C ILE A 782 -1.66 38.12 -15.01
N PRO A 783 -0.77 37.49 -14.25
CA PRO A 783 -0.07 38.05 -13.09
C PRO A 783 0.89 39.15 -13.42
N THR A 784 1.06 40.09 -12.48
CA THR A 784 2.04 41.14 -12.66
C THR A 784 3.14 41.17 -11.61
N ASN A 785 3.02 40.40 -10.54
CA ASN A 785 4.04 40.45 -9.51
C ASN A 785 4.34 39.09 -8.89
N PHE A 786 5.16 38.31 -9.53
CA PHE A 786 5.53 37.02 -8.99
C PHE A 786 6.33 37.06 -7.71
N SER A 787 6.17 36.04 -6.87
CA SER A 787 7.06 35.91 -5.73
C SER A 787 7.45 34.47 -5.50
N PHE A 788 8.71 34.28 -5.16
CA PHE A 788 9.23 32.97 -4.80
C PHE A 788 8.72 32.46 -3.48
N GLY A 789 8.67 31.15 -3.35
CA GLY A 789 8.31 30.58 -2.06
C GLY A 789 8.80 29.15 -1.99
N VAL A 790 8.69 28.54 -0.82
CA VAL A 790 9.19 27.19 -0.63
C VAL A 790 8.17 26.32 0.05
N THR A 791 8.15 25.03 -0.32
CA THR A 791 7.30 24.09 0.36
C THR A 791 8.16 22.94 0.75
N GLN A 792 7.71 22.13 1.68
CA GLN A 792 8.57 21.09 2.20
C GLN A 792 7.85 19.81 2.44
N GLU A 793 8.57 18.70 2.32
CA GLU A 793 7.98 17.43 2.64
C GLU A 793 8.96 16.41 3.18
N TYR A 794 8.46 15.50 3.98
CA TYR A 794 9.27 14.42 4.51
C TYR A 794 8.80 13.10 4.01
N ILE A 795 9.70 12.36 3.38
CA ILE A 795 9.35 11.03 2.94
C ILE A 795 10.20 10.01 3.64
N GLN A 796 9.57 9.22 4.49
CA GLN A 796 10.28 8.20 5.21
C GLN A 796 10.79 7.12 4.28
N THR A 797 11.99 6.62 4.52
CA THR A 797 12.45 5.51 3.70
C THR A 797 12.75 4.26 4.50
N THR A 798 12.97 4.39 5.81
CA THR A 798 13.24 3.19 6.59
C THR A 798 12.60 3.10 7.95
N ILE A 799 12.58 1.87 8.45
CA ILE A 799 12.16 1.51 9.80
C ILE A 799 13.40 1.22 10.60
N GLN A 800 13.44 1.64 11.87
CA GLN A 800 14.62 1.29 12.64
C GLN A 800 14.72 -0.23 12.72
N LYS A 801 15.92 -0.76 12.60
CA LYS A 801 16.03 -2.21 12.61
C LYS A 801 16.18 -2.74 13.99
N VAL A 802 15.39 -3.76 14.30
CA VAL A 802 15.40 -4.37 15.61
C VAL A 802 15.47 -5.88 15.53
N THR A 803 16.16 -6.49 16.48
CA THR A 803 16.12 -7.95 16.61
C THR A 803 15.83 -8.23 18.05
N VAL A 804 15.37 -9.44 18.33
CA VAL A 804 15.06 -9.79 19.69
C VAL A 804 15.62 -11.13 20.08
N ASP A 805 16.31 -11.20 21.22
CA ASP A 805 16.76 -12.48 21.71
C ASP A 805 15.59 -13.13 22.40
N CYS A 806 14.82 -13.89 21.62
CA CYS A 806 13.57 -14.52 22.04
C CYS A 806 13.72 -15.44 23.25
N LYS A 807 14.89 -16.04 23.39
CA LYS A 807 15.01 -16.88 24.56
C LYS A 807 15.11 -16.03 25.79
N GLN A 808 15.93 -14.97 25.69
CA GLN A 808 16.12 -14.01 26.78
C GLN A 808 14.89 -13.18 27.11
N TYR A 809 14.10 -12.84 26.10
CA TYR A 809 12.91 -12.07 26.37
C TYR A 809 11.89 -12.84 27.16
N VAL A 810 11.69 -14.11 26.81
CA VAL A 810 10.71 -14.90 27.52
C VAL A 810 11.12 -15.23 28.94
N CYS A 811 12.38 -15.58 29.12
CA CYS A 811 12.88 -15.85 30.44
C CYS A 811 14.34 -15.50 30.51
N ASN A 812 14.80 -15.34 31.72
CA ASN A 812 16.09 -14.82 32.02
C ASN A 812 17.20 -15.84 32.30
N GLY A 813 17.07 -17.04 31.75
CA GLY A 813 18.02 -18.11 31.98
C GLY A 813 17.80 -18.94 33.23
N PHE A 814 16.67 -18.72 33.91
CA PHE A 814 16.34 -19.60 35.00
C PHE A 814 16.19 -21.00 34.42
N GLN A 815 16.66 -22.01 35.10
CA GLN A 815 16.60 -23.30 34.45
C GLN A 815 15.24 -23.94 34.37
N LYS A 816 14.29 -23.58 35.23
CA LYS A 816 12.99 -24.19 35.09
C LYS A 816 12.27 -23.76 33.84
N CYS A 817 12.27 -22.45 33.57
CA CYS A 817 11.73 -22.01 32.31
C CYS A 817 12.51 -22.39 31.12
N GLU A 818 13.80 -22.69 31.24
CA GLU A 818 14.47 -23.16 30.06
C GLU A 818 13.95 -24.49 29.62
N GLN A 819 13.70 -25.37 30.59
CA GLN A 819 13.15 -26.67 30.27
C GLN A 819 11.75 -26.58 29.71
N LEU A 820 10.94 -25.71 30.28
CA LEU A 820 9.59 -25.54 29.80
C LEU A 820 9.51 -24.90 28.44
N LEU A 821 10.38 -23.93 28.19
CA LEU A 821 10.41 -23.20 26.93
C LEU A 821 10.76 -24.06 25.75
N ARG A 822 11.54 -25.12 25.95
CA ARG A 822 11.88 -26.03 24.86
C ARG A 822 10.68 -26.62 24.14
N GLU A 823 9.53 -26.77 24.83
CA GLU A 823 8.33 -27.26 24.17
C GLU A 823 7.80 -26.28 23.13
N TYR A 824 8.10 -25.00 23.33
CA TYR A 824 7.73 -23.91 22.47
C TYR A 824 8.91 -23.36 21.69
N GLY A 825 10.04 -24.08 21.64
CA GLY A 825 11.24 -23.52 21.01
C GLY A 825 11.08 -23.15 19.54
N GLN A 826 10.19 -23.83 18.84
CA GLN A 826 9.91 -23.51 17.45
C GLN A 826 9.21 -22.18 17.25
N PHE A 827 8.59 -21.60 18.29
CA PHE A 827 7.97 -20.30 18.11
C PHE A 827 9.03 -19.25 17.98
N CYS A 828 10.02 -19.31 18.88
CA CYS A 828 11.14 -18.41 18.77
C CYS A 828 11.93 -18.55 17.49
N SER A 829 12.03 -19.78 16.96
CA SER A 829 12.71 -19.89 15.69
C SER A 829 11.96 -19.15 14.57
N LYS A 830 10.63 -19.20 14.60
CA LYS A 830 9.86 -18.46 13.62
C LYS A 830 9.94 -16.96 13.80
N ILE A 831 10.02 -16.52 15.06
CA ILE A 831 10.16 -15.11 15.38
C ILE A 831 11.45 -14.52 14.89
N ASN A 832 12.53 -15.27 15.05
CA ASN A 832 13.80 -14.77 14.62
C ASN A 832 13.92 -14.73 13.13
N GLN A 833 13.39 -15.75 12.45
CA GLN A 833 13.42 -15.73 11.01
C GLN A 833 12.61 -14.60 10.40
N ALA A 834 11.43 -14.32 10.98
CA ALA A 834 10.62 -13.24 10.45
C ALA A 834 11.27 -11.88 10.62
N LEU A 835 11.88 -11.64 11.78
CA LEU A 835 12.55 -10.37 11.96
C LEU A 835 13.75 -10.23 11.08
N HIS A 836 14.47 -11.34 10.88
CA HIS A 836 15.63 -11.29 10.02
C HIS A 836 15.29 -10.96 8.59
N GLY A 837 14.19 -11.52 8.08
CA GLY A 837 13.78 -11.20 6.73
C GLY A 837 13.35 -9.74 6.59
N ALA A 838 12.71 -9.19 7.62
CA ALA A 838 12.31 -7.80 7.59
C ALA A 838 13.49 -6.87 7.57
N ASN A 839 14.56 -7.24 8.26
CA ASN A 839 15.72 -6.41 8.30
C ASN A 839 16.48 -6.45 7.00
N LEU A 840 16.51 -7.62 6.34
CA LEU A 840 17.15 -7.68 5.04
C LEU A 840 16.45 -6.83 4.00
N ARG A 841 15.13 -6.76 4.06
CA ARG A 841 14.42 -5.92 3.14
C ARG A 841 14.67 -4.46 3.35
N GLN A 842 14.84 -4.04 4.62
CA GLN A 842 15.19 -2.65 4.86
C GLN A 842 16.54 -2.30 4.29
N ASP A 843 17.49 -3.23 4.34
CA ASP A 843 18.78 -2.95 3.76
C ASP A 843 18.75 -2.86 2.26
N ASP A 844 17.92 -3.67 1.62
CA ASP A 844 17.83 -3.60 0.19
C ASP A 844 17.14 -2.36 -0.32
N SER A 845 16.12 -1.87 0.40
CA SER A 845 15.50 -0.64 -0.06
C SER A 845 16.42 0.56 0.02
N VAL A 846 17.33 0.54 1.00
CA VAL A 846 18.32 1.60 1.11
C VAL A 846 19.33 1.57 0.01
N ARG A 847 19.86 0.39 -0.30
CA ARG A 847 20.85 0.33 -1.36
C ARG A 847 20.29 0.62 -2.72
N ASN A 848 19.03 0.26 -2.93
CA ASN A 848 18.41 0.54 -4.19
C ASN A 848 18.21 2.02 -4.38
N LEU A 849 17.77 2.70 -3.33
CA LEU A 849 17.60 4.14 -3.42
C LEU A 849 18.88 4.88 -3.68
N PHE A 850 19.94 4.55 -2.93
CA PHE A 850 21.20 5.25 -3.13
C PHE A 850 21.85 4.99 -4.45
N ALA A 851 21.59 3.83 -5.04
CA ALA A 851 22.13 3.59 -6.36
C ALA A 851 21.56 4.55 -7.40
N SER A 852 20.34 5.06 -7.21
CA SER A 852 19.83 5.99 -8.18
C SER A 852 20.09 7.45 -7.86
N VAL A 853 20.32 7.81 -6.59
CA VAL A 853 20.60 9.22 -6.32
C VAL A 853 21.97 9.63 -6.84
N LYS A 854 22.89 8.68 -6.92
CA LYS A 854 24.21 9.00 -7.38
C LYS A 854 24.23 9.48 -8.83
N SER A 855 25.08 10.47 -9.09
CA SER A 855 25.29 10.93 -10.44
C SER A 855 26.62 10.44 -10.90
N SER A 856 26.72 10.10 -12.17
CA SER A 856 28.01 9.72 -12.72
C SER A 856 29.03 10.85 -12.70
N GLN A 857 28.55 12.11 -12.74
CA GLN A 857 29.43 13.25 -12.72
C GLN A 857 28.81 14.48 -12.06
N SER A 858 29.66 15.34 -11.50
CA SER A 858 29.18 16.55 -10.86
C SER A 858 30.21 17.68 -10.82
N SER A 859 29.76 18.90 -10.56
CA SER A 859 30.67 19.99 -10.26
C SER A 859 31.24 19.78 -8.87
N PRO A 860 32.46 20.20 -8.59
CA PRO A 860 32.99 20.31 -7.25
C PRO A 860 32.16 21.37 -6.55
N ILE A 861 32.02 21.22 -5.24
CA ILE A 861 31.34 22.22 -4.45
C ILE A 861 32.31 23.17 -3.77
N ILE A 862 32.18 24.45 -4.05
CA ILE A 862 33.01 25.47 -3.41
C ILE A 862 32.12 26.53 -2.78
N PRO A 863 32.65 27.34 -1.86
CA PRO A 863 32.00 28.49 -1.26
C PRO A 863 31.71 29.52 -2.32
N GLY A 864 30.66 30.32 -2.10
CA GLY A 864 30.25 31.33 -3.07
C GLY A 864 29.39 30.75 -4.21
N PHE A 865 29.00 29.48 -4.07
CA PHE A 865 28.20 28.80 -5.05
C PHE A 865 26.90 29.54 -5.22
N GLY A 866 26.45 29.63 -6.45
CA GLY A 866 25.24 30.35 -6.79
C GLY A 866 25.39 31.85 -6.93
N GLY A 867 26.60 32.40 -6.88
CA GLY A 867 26.71 33.83 -7.13
C GLY A 867 25.97 34.58 -6.05
N ASP A 868 25.07 35.47 -6.47
CA ASP A 868 24.23 36.24 -5.56
C ASP A 868 23.20 35.40 -4.77
N PHE A 869 22.90 34.17 -5.22
CA PHE A 869 22.01 33.32 -4.46
C PHE A 869 22.74 32.94 -3.14
N ASN A 870 22.02 32.87 -2.01
CA ASN A 870 22.74 32.65 -0.75
C ASN A 870 23.27 31.25 -0.52
N LEU A 871 22.52 30.21 -0.90
CA LEU A 871 22.98 28.82 -0.76
C LEU A 871 23.48 28.35 0.62
N THR A 872 22.65 28.44 1.66
CA THR A 872 23.02 27.98 3.02
C THR A 872 23.14 26.45 3.15
N LEU A 873 22.68 25.72 2.12
CA LEU A 873 22.78 24.27 2.00
C LEU A 873 24.19 23.73 1.81
N LEU A 874 25.16 24.60 1.51
CA LEU A 874 26.50 24.11 1.29
C LEU A 874 27.06 23.47 2.54
N GLU A 875 27.82 22.40 2.33
CA GLU A 875 28.45 21.66 3.40
C GLU A 875 29.47 22.54 4.10
N PRO A 876 29.62 22.49 5.43
CA PRO A 876 30.61 23.24 6.20
C PRO A 876 31.96 22.53 6.21
N VAL A 877 32.56 22.52 5.01
CA VAL A 877 33.84 21.93 4.67
C VAL A 877 35.04 22.50 5.41
N ALA A 886 31.22 17.09 6.27
CA ALA A 886 30.23 17.48 7.25
C ALA A 886 28.82 17.12 6.79
N ARG A 887 27.83 17.45 7.62
CA ARG A 887 26.43 17.39 7.20
C ARG A 887 26.12 18.77 6.57
N SER A 888 25.06 19.46 6.96
CA SER A 888 24.83 20.80 6.41
C SER A 888 24.14 21.62 7.44
N ALA A 889 24.11 22.93 7.27
CA ALA A 889 23.46 23.78 8.24
C ALA A 889 21.98 23.43 8.43
N ILE A 890 21.31 23.06 7.34
CA ILE A 890 19.93 22.66 7.44
C ILE A 890 19.76 21.31 8.07
N GLU A 891 20.64 20.36 7.74
CA GLU A 891 20.54 19.06 8.38
C GLU A 891 20.79 19.13 9.86
N ASP A 892 21.70 20.02 10.27
CA ASP A 892 21.94 20.18 11.68
C ASP A 892 20.76 20.77 12.39
N LEU A 893 20.06 21.73 11.77
CA LEU A 893 18.87 22.22 12.41
C LEU A 893 17.83 21.16 12.56
N LEU A 894 17.67 20.33 11.54
CA LEU A 894 16.69 19.30 11.62
C LEU A 894 17.01 18.23 12.66
N PHE A 895 18.26 17.78 12.71
CA PHE A 895 18.60 16.78 13.71
C PHE A 895 18.58 17.33 15.14
N ASP A 896 18.92 18.61 15.33
CA ASP A 896 18.88 19.18 16.67
C ASP A 896 17.49 19.48 17.18
N LYS A 897 16.55 19.85 16.30
CA LYS A 897 15.18 20.09 16.73
C LYS A 897 14.46 18.80 17.13
N VAL A 898 14.84 17.68 16.52
CA VAL A 898 14.32 16.37 16.84
C VAL A 898 14.76 15.92 18.24
N THR A 899 13.85 15.30 18.98
CA THR A 899 14.04 14.91 20.38
C THR A 899 14.55 13.48 20.62
N ILE A 900 14.98 12.81 19.57
CA ILE A 900 15.43 11.43 19.63
C ILE A 900 16.63 11.24 20.55
N ALA A 901 16.61 10.13 21.27
CA ALA A 901 17.68 9.73 22.19
C ALA A 901 19.00 9.60 21.48
N ASP A 902 20.09 9.89 22.19
CA ASP A 902 21.42 9.76 21.63
C ASP A 902 21.66 8.29 21.26
N PRO A 903 22.22 8.00 20.08
CA PRO A 903 22.56 6.69 19.54
C PRO A 903 23.58 5.92 20.36
N GLY A 904 23.49 4.60 20.21
CA GLY A 904 24.38 3.62 20.80
C GLY A 904 25.57 3.43 19.85
N TYR A 905 26.16 2.25 19.88
CA TYR A 905 27.31 1.95 19.03
C TYR A 905 28.61 2.42 19.67
N MET A 906 28.72 3.73 19.87
CA MET A 906 29.92 4.31 20.47
C MET A 906 29.55 5.40 21.49
N GLN A 907 29.81 5.15 22.77
CA GLN A 907 30.41 3.91 23.25
C GLN A 907 29.38 2.80 23.37
N GLY A 908 28.11 3.18 23.37
CA GLY A 908 27.02 2.20 23.48
C GLY A 908 26.83 1.69 24.86
N TYR A 909 26.93 0.36 24.96
CA TYR A 909 26.82 -0.42 26.19
C TYR A 909 27.53 0.12 27.42
N ASP A 910 28.61 0.90 27.29
CA ASP A 910 29.21 1.41 28.51
C ASP A 910 28.48 2.66 29.06
N ASP A 911 27.39 3.08 28.41
CA ASP A 911 26.46 4.05 28.98
C ASP A 911 25.30 3.33 29.67
N CYS A 912 25.33 1.97 29.72
CA CYS A 912 24.33 1.21 30.43
C CYS A 912 24.87 1.02 31.84
N MET A 913 26.17 0.70 31.82
CA MET A 913 27.08 0.42 32.90
C MET A 913 27.26 1.51 33.91
N GLN A 914 27.62 1.09 35.13
CA GLN A 914 27.87 1.97 36.27
C GLN A 914 29.03 2.96 36.04
N GLN A 915 29.84 2.77 34.99
CA GLN A 915 30.86 3.73 34.63
C GLN A 915 30.21 4.84 33.78
N GLY A 916 29.36 5.65 34.41
CA GLY A 916 28.63 6.73 33.75
C GLY A 916 27.75 7.46 34.77
N PRO A 917 27.00 8.46 34.33
CA PRO A 917 26.12 9.29 35.14
C PRO A 917 24.95 8.53 35.72
N ALA A 918 24.51 8.92 36.91
CA ALA A 918 23.35 8.32 37.54
C ALA A 918 22.03 8.73 36.89
N SER A 919 22.05 9.81 36.11
CA SER A 919 20.87 10.32 35.44
C SER A 919 20.55 9.70 34.10
N ALA A 920 21.33 8.72 33.61
CA ALA A 920 20.90 8.15 32.32
C ALA A 920 19.54 7.48 32.49
N ARG A 921 18.65 7.67 31.51
CA ARG A 921 17.34 7.01 31.53
C ARG A 921 17.04 6.39 30.18
N ASP A 922 18.07 6.13 29.41
CA ASP A 922 17.90 5.65 28.06
C ASP A 922 17.27 4.27 27.94
N LEU A 923 16.29 4.17 27.03
CA LEU A 923 15.72 2.87 26.64
C LEU A 923 16.80 2.04 25.95
N ILE A 924 17.79 2.72 25.37
CA ILE A 924 18.91 2.04 24.81
C ILE A 924 19.70 1.25 25.83
N CYS A 925 19.81 1.70 27.11
CA CYS A 925 20.50 0.76 27.99
C CYS A 925 19.58 -0.40 28.34
N ALA A 926 18.25 -0.16 28.34
CA ALA A 926 17.26 -1.20 28.64
C ALA A 926 17.26 -2.33 27.61
N GLN A 927 17.85 -2.08 26.43
CA GLN A 927 18.05 -3.12 25.43
C GLN A 927 18.87 -4.28 25.95
N TYR A 928 19.80 -4.01 26.87
CA TYR A 928 20.67 -5.05 27.35
C TYR A 928 20.10 -5.79 28.53
N VAL A 929 18.89 -5.42 28.96
CA VAL A 929 18.19 -6.13 29.99
C VAL A 929 17.17 -7.02 29.33
N ALA A 930 16.39 -6.39 28.45
CA ALA A 930 15.32 -7.01 27.68
C ALA A 930 15.76 -7.93 26.53
N GLY A 931 17.04 -7.91 26.16
CA GLY A 931 17.51 -8.72 25.03
C GLY A 931 17.26 -8.09 23.64
N TYR A 932 16.84 -6.83 23.59
CA TYR A 932 16.63 -6.13 22.33
C TYR A 932 17.95 -5.82 21.68
N LYS A 933 18.01 -5.81 20.37
CA LYS A 933 19.16 -5.14 19.84
C LYS A 933 18.74 -4.22 18.72
N VAL A 934 19.17 -2.96 18.79
CA VAL A 934 18.96 -2.11 17.65
C VAL A 934 20.15 -2.19 16.75
N LEU A 935 19.94 -2.63 15.53
CA LEU A 935 21.01 -2.72 14.57
C LEU A 935 21.43 -1.35 14.08
N PRO A 936 22.71 -1.13 13.77
CA PRO A 936 23.25 0.08 13.19
C PRO A 936 22.72 0.29 11.80
N PRO A 937 22.58 1.53 11.34
CA PRO A 937 22.18 1.87 10.00
C PRO A 937 23.19 1.34 9.03
N LEU A 938 22.71 0.97 7.87
CA LEU A 938 23.52 0.43 6.80
C LEU A 938 24.55 1.31 6.15
N MET A 939 24.26 2.60 5.97
CA MET A 939 25.16 3.44 5.18
C MET A 939 26.33 4.19 5.79
N ASP A 940 26.27 4.56 7.11
CA ASP A 940 27.17 5.55 7.72
C ASP A 940 26.89 6.98 7.28
N VAL A 941 26.57 7.87 8.26
CA VAL A 941 26.16 9.24 7.95
C VAL A 941 27.12 10.01 7.06
N ASN A 942 28.42 9.67 7.04
CA ASN A 942 29.31 10.39 6.18
C ASN A 942 29.09 10.06 4.72
N MET A 943 28.86 8.77 4.41
CA MET A 943 28.57 8.43 3.05
C MET A 943 27.25 9.00 2.60
N GLU A 944 26.27 9.07 3.51
CA GLU A 944 24.99 9.65 3.16
C GLU A 944 25.13 11.12 2.80
N ALA A 945 25.98 11.83 3.54
CA ALA A 945 26.24 13.21 3.22
C ALA A 945 26.91 13.34 1.86
N ALA A 946 27.82 12.42 1.54
CA ALA A 946 28.46 12.46 0.24
C ALA A 946 27.49 12.23 -0.90
N TYR A 947 26.50 11.34 -0.72
CA TYR A 947 25.52 11.15 -1.76
C TYR A 947 24.65 12.36 -2.01
N THR A 948 24.34 13.14 -0.98
CA THR A 948 23.53 14.30 -1.28
C THR A 948 24.36 15.48 -1.70
N SER A 949 25.67 15.48 -1.42
CA SER A 949 26.46 16.54 -1.99
C SER A 949 26.62 16.33 -3.48
N SER A 950 26.61 15.05 -3.91
CA SER A 950 26.69 14.77 -5.32
C SER A 950 25.46 15.27 -6.06
N LEU A 951 24.28 15.17 -5.42
CA LEU A 951 23.10 15.75 -6.03
C LEU A 951 23.15 17.25 -6.13
N LEU A 952 23.70 17.91 -5.11
CA LEU A 952 23.81 19.36 -5.17
C LEU A 952 24.70 19.82 -6.32
N GLY A 953 25.79 19.09 -6.56
CA GLY A 953 26.68 19.43 -7.66
C GLY A 953 26.16 19.03 -9.06
N SER A 954 25.06 18.27 -9.15
CA SER A 954 24.53 17.92 -10.46
C SER A 954 23.60 19.00 -10.98
N ILE A 955 23.20 19.93 -10.11
CA ILE A 955 22.37 21.04 -10.46
C ILE A 955 23.18 21.93 -11.33
N ALA A 956 22.59 22.48 -12.39
CA ALA A 956 23.34 23.30 -13.32
C ALA A 956 24.27 22.36 -14.11
N GLY A 957 23.70 21.53 -14.98
CA GLY A 957 22.27 21.49 -15.25
C GLY A 957 21.55 20.17 -15.50
N VAL A 958 20.28 20.35 -15.83
CA VAL A 958 19.32 19.33 -16.13
C VAL A 958 18.67 19.51 -17.50
N GLY A 959 18.90 20.69 -18.08
CA GLY A 959 18.32 21.09 -19.34
C GLY A 959 19.21 20.70 -20.49
N TRP A 960 19.01 21.39 -21.60
CA TRP A 960 19.78 21.23 -22.85
C TRP A 960 19.60 19.87 -23.52
N THR A 961 18.45 19.20 -23.27
CA THR A 961 18.05 17.85 -23.71
C THR A 961 18.86 16.79 -23.01
N ALA A 962 18.38 15.54 -23.09
CA ALA A 962 19.09 14.46 -22.43
C ALA A 962 19.38 14.80 -20.97
N GLY A 963 20.67 14.98 -20.61
CA GLY A 963 21.12 15.17 -19.23
C GLY A 963 21.28 13.82 -18.52
N LEU A 964 21.10 12.75 -19.29
CA LEU A 964 21.27 11.38 -18.95
C LEU A 964 22.58 10.87 -19.55
N SER A 965 23.32 11.78 -20.21
CA SER A 965 24.63 11.55 -20.80
C SER A 965 25.72 12.60 -20.57
N SER A 966 25.60 13.74 -21.24
CA SER A 966 26.44 14.90 -21.08
C SER A 966 26.14 15.73 -19.85
N PHE A 967 27.15 16.43 -19.34
CA PHE A 967 26.98 17.30 -18.18
C PHE A 967 27.34 18.72 -18.52
N ALA A 968 26.34 19.59 -18.45
CA ALA A 968 26.49 20.98 -18.85
C ALA A 968 27.51 21.78 -18.07
N ALA A 969 27.62 21.59 -16.75
CA ALA A 969 28.62 22.30 -15.95
C ALA A 969 28.57 23.83 -16.07
N ILE A 970 27.41 24.43 -15.87
CA ILE A 970 27.28 25.87 -16.04
C ILE A 970 26.95 26.43 -14.68
N PRO A 971 27.06 27.73 -14.46
CA PRO A 971 26.79 28.36 -13.19
C PRO A 971 25.37 28.14 -12.80
N PHE A 972 25.13 28.07 -11.49
CA PHE A 972 23.80 27.87 -10.97
C PHE A 972 22.83 28.93 -11.39
N ALA A 973 23.29 30.18 -11.40
CA ALA A 973 22.45 31.27 -11.80
C ALA A 973 22.00 31.18 -13.24
N GLN A 974 22.87 30.65 -14.11
CA GLN A 974 22.46 30.50 -15.48
C GLN A 974 21.39 29.46 -15.64
N SER A 975 21.49 28.36 -14.86
CA SER A 975 20.46 27.35 -14.98
C SER A 975 19.12 27.85 -14.46
N ILE A 976 19.13 28.77 -13.49
CA ILE A 976 17.90 29.35 -13.05
C ILE A 976 17.22 30.17 -14.09
N PHE A 977 18.00 30.94 -14.85
CA PHE A 977 17.38 31.72 -15.89
C PHE A 977 16.78 30.86 -16.98
N TYR A 978 17.40 29.72 -17.30
CA TYR A 978 16.77 28.84 -18.25
C TYR A 978 15.48 28.25 -17.74
N ARG A 979 15.42 27.94 -16.44
CA ARG A 979 14.18 27.43 -15.88
C ARG A 979 13.08 28.46 -15.85
N LEU A 980 13.43 29.73 -15.61
CA LEU A 980 12.44 30.80 -15.67
C LEU A 980 11.94 31.05 -17.09
N ASN A 981 12.79 30.84 -18.09
CA ASN A 981 12.30 30.99 -19.44
C ASN A 981 11.51 29.76 -19.86
N GLY A 982 11.71 28.64 -19.17
CA GLY A 982 10.95 27.44 -19.40
C GLY A 982 9.52 27.49 -18.82
N VAL A 983 9.17 28.53 -18.09
CA VAL A 983 7.80 28.65 -17.61
C VAL A 983 7.12 29.81 -18.29
N GLY A 984 7.60 30.23 -19.46
CA GLY A 984 6.95 31.31 -20.16
C GLY A 984 7.29 32.74 -19.73
N ILE A 985 8.31 32.96 -18.90
CA ILE A 985 8.74 34.34 -18.66
C ILE A 985 9.69 34.71 -19.80
N THR A 986 9.44 35.81 -20.50
CA THR A 986 10.35 36.21 -21.56
C THR A 986 11.72 36.61 -21.08
N GLN A 987 12.70 36.35 -21.94
CA GLN A 987 14.09 36.65 -21.66
C GLN A 987 14.38 38.11 -21.43
N GLN A 988 13.60 39.00 -22.06
CA GLN A 988 13.85 40.41 -21.86
C GLN A 988 13.64 40.84 -20.41
N VAL A 989 12.60 40.30 -19.79
CA VAL A 989 12.31 40.57 -18.40
C VAL A 989 13.36 40.01 -17.49
N LEU A 990 13.81 38.80 -17.81
CA LEU A 990 14.78 38.17 -16.97
C LEU A 990 16.09 38.92 -16.92
N SER A 991 16.53 39.50 -18.03
CA SER A 991 17.76 40.28 -17.97
C SER A 991 17.62 41.58 -17.20
N GLU A 992 16.43 42.20 -17.24
CA GLU A 992 16.20 43.43 -16.51
C GLU A 992 16.11 43.29 -15.00
N ASN A 993 15.54 42.18 -14.56
CA ASN A 993 15.30 41.94 -13.15
C ASN A 993 16.26 41.02 -12.44
N GLN A 994 17.45 40.77 -12.98
CA GLN A 994 18.30 39.73 -12.37
C GLN A 994 18.60 39.91 -10.89
N LYS A 995 18.90 41.13 -10.44
CA LYS A 995 19.12 41.32 -9.03
C LYS A 995 17.87 41.20 -8.19
N LEU A 996 16.73 41.62 -8.76
CA LEU A 996 15.46 41.50 -8.07
C LEU A 996 15.09 40.06 -7.83
N ILE A 997 15.33 39.23 -8.85
CA ILE A 997 15.07 37.82 -8.78
C ILE A 997 15.92 37.14 -7.74
N ALA A 998 17.19 37.52 -7.67
CA ALA A 998 18.06 36.96 -6.65
C ALA A 998 17.62 37.31 -5.25
N ASN A 999 17.10 38.53 -5.06
CA ASN A 999 16.67 38.90 -3.74
C ASN A 999 15.42 38.20 -3.32
N LYS A 1000 14.44 38.05 -4.23
CA LYS A 1000 13.23 37.35 -3.87
C LYS A 1000 13.49 35.88 -3.57
N PHE A 1001 14.41 35.27 -4.31
CA PHE A 1001 14.78 33.89 -4.07
C PHE A 1001 15.43 33.71 -2.72
N ASN A 1002 16.26 34.67 -2.32
CA ASN A 1002 16.92 34.57 -1.06
C ASN A 1002 15.98 34.76 0.10
N GLN A 1003 14.99 35.63 -0.05
CA GLN A 1003 14.01 35.78 1.01
C GLN A 1003 13.21 34.51 1.24
N ALA A 1004 12.86 33.82 0.14
CA ALA A 1004 12.15 32.56 0.28
C ALA A 1004 12.96 31.51 1.01
N LEU A 1005 14.26 31.45 0.70
CA LEU A 1005 15.13 30.53 1.43
C LEU A 1005 15.43 30.97 2.85
N GLY A 1006 15.46 32.27 3.11
CA GLY A 1006 15.75 32.77 4.45
C GLY A 1006 14.71 32.34 5.48
N ALA A 1007 13.47 32.15 5.04
CA ALA A 1007 12.39 31.69 5.91
C ALA A 1007 12.60 30.27 6.46
N MET A 1008 13.49 29.48 5.84
CA MET A 1008 13.79 28.12 6.30
C MET A 1008 14.42 28.09 7.68
N GLN A 1009 15.04 29.18 8.10
CA GLN A 1009 15.63 29.21 9.42
C GLN A 1009 14.57 29.27 10.53
N THR A 1010 13.35 29.69 10.20
CA THR A 1010 12.27 29.74 11.16
C THR A 1010 11.27 28.62 10.97
N GLY A 1011 11.40 27.89 9.87
CA GLY A 1011 10.47 26.82 9.53
C GLY A 1011 10.45 25.58 10.41
N PHE A 1012 11.44 25.37 11.29
CA PHE A 1012 11.44 24.14 12.05
C PHE A 1012 10.73 24.23 13.37
N THR A 1013 9.40 24.17 13.29
CA THR A 1013 8.49 24.16 14.42
C THR A 1013 7.48 23.07 14.16
N THR A 1014 6.74 22.65 15.17
CA THR A 1014 5.71 21.62 14.97
C THR A 1014 4.48 22.11 14.21
N THR A 1015 4.36 23.44 14.01
CA THR A 1015 3.29 23.98 13.17
C THR A 1015 3.58 23.73 11.68
N ASN A 1016 4.82 23.40 11.36
CA ASN A 1016 5.19 23.02 10.02
C ASN A 1016 4.90 21.56 9.89
N GLU A 1017 3.92 21.21 9.06
CA GLU A 1017 3.52 19.82 8.93
C GLU A 1017 4.62 18.86 8.54
N ALA A 1018 5.52 19.27 7.64
CA ALA A 1018 6.61 18.38 7.25
C ALA A 1018 7.53 18.06 8.41
N PHE A 1019 7.82 19.07 9.23
CA PHE A 1019 8.61 18.84 10.41
C PHE A 1019 7.91 17.96 11.41
N HIS A 1020 6.60 18.14 11.54
CA HIS A 1020 5.83 17.32 12.44
C HIS A 1020 5.87 15.85 12.05
N LYS A 1021 5.87 15.57 10.75
CA LYS A 1021 5.99 14.20 10.31
C LYS A 1021 7.34 13.58 10.64
N VAL A 1022 8.41 14.38 10.62
CA VAL A 1022 9.71 13.87 11.03
C VAL A 1022 9.70 13.47 12.48
N GLN A 1023 9.09 14.32 13.30
CA GLN A 1023 9.00 14.05 14.71
C GLN A 1023 8.18 12.82 15.02
N ASP A 1024 7.11 12.58 14.28
CA ASP A 1024 6.36 11.38 14.56
C ASP A 1024 6.95 10.11 13.99
N ALA A 1025 7.88 10.21 13.02
CA ALA A 1025 8.57 8.99 12.60
C ALA A 1025 9.42 8.48 13.74
N VAL A 1026 10.05 9.42 14.46
CA VAL A 1026 10.84 9.09 15.62
C VAL A 1026 10.02 8.55 16.77
N ASN A 1027 8.83 9.12 16.95
CA ASN A 1027 7.96 8.67 18.02
C ASN A 1027 7.43 7.28 17.80
N ASN A 1028 7.19 6.91 16.54
CA ASN A 1028 6.70 5.58 16.28
C ASN A 1028 7.75 4.53 16.58
N ASN A 1029 9.01 4.82 16.30
CA ASN A 1029 10.05 3.86 16.60
C ASN A 1029 10.23 3.68 18.10
N ALA A 1030 10.21 4.79 18.84
CA ALA A 1030 10.35 4.68 20.28
C ALA A 1030 9.21 3.94 20.93
N GLN A 1031 7.99 4.16 20.45
CA GLN A 1031 6.85 3.47 21.02
C GLN A 1031 6.87 1.99 20.78
N ALA A 1032 7.33 1.55 19.61
CA ALA A 1032 7.37 0.12 19.36
C ALA A 1032 8.27 -0.62 20.32
N LEU A 1033 9.43 -0.03 20.63
CA LEU A 1033 10.28 -0.66 21.64
C LEU A 1033 9.73 -0.59 23.05
N SER A 1034 9.10 0.54 23.41
CA SER A 1034 8.56 0.66 24.75
C SER A 1034 7.45 -0.31 25.05
N LYS A 1035 6.70 -0.72 24.02
CA LYS A 1035 5.66 -1.69 24.25
C LYS A 1035 6.18 -3.02 24.75
N LEU A 1036 7.28 -3.49 24.17
CA LEU A 1036 7.86 -4.72 24.63
C LEU A 1036 8.41 -4.62 26.04
N ALA A 1037 8.97 -3.45 26.37
CA ALA A 1037 9.49 -3.26 27.70
C ALA A 1037 8.42 -3.28 28.76
N SER A 1038 7.28 -2.64 28.50
CA SER A 1038 6.21 -2.65 29.49
C SER A 1038 5.64 -4.01 29.75
N GLU A 1039 5.66 -4.86 28.74
CA GLU A 1039 5.15 -6.21 28.89
C GLU A 1039 6.01 -7.13 29.74
N LEU A 1040 7.24 -6.75 30.05
CA LEU A 1040 8.04 -7.58 30.94
C LEU A 1040 7.43 -7.66 32.34
N SER A 1041 6.77 -6.58 32.77
CA SER A 1041 6.11 -6.53 34.06
C SER A 1041 4.65 -6.97 34.03
N ASN A 1042 4.14 -7.37 32.89
CA ASN A 1042 2.73 -7.70 32.79
C ASN A 1042 2.45 -9.14 33.14
N THR A 1043 1.82 -9.38 34.29
CA THR A 1043 1.43 -10.75 34.59
C THR A 1043 0.26 -11.13 33.71
N PHE A 1044 0.11 -12.42 33.50
CA PHE A 1044 -0.99 -12.97 32.72
C PHE A 1044 -1.95 -13.73 33.62
N GLY A 1045 -2.05 -13.27 34.87
CA GLY A 1045 -2.73 -13.95 35.95
C GLY A 1045 -1.76 -14.80 36.76
N ALA A 1046 -0.49 -14.85 36.33
CA ALA A 1046 0.59 -15.48 37.06
C ALA A 1046 0.79 -14.76 38.39
N ILE A 1047 1.23 -15.50 39.40
CA ILE A 1047 1.46 -14.93 40.73
C ILE A 1047 2.45 -13.75 40.78
N SER A 1048 3.48 -13.76 39.93
CA SER A 1048 4.42 -12.65 39.89
C SER A 1048 4.98 -12.40 38.52
N ALA A 1049 5.42 -11.17 38.29
CA ALA A 1049 6.07 -10.79 37.04
C ALA A 1049 7.49 -11.33 36.91
N SER A 1050 8.09 -11.76 38.02
CA SER A 1050 9.44 -12.30 37.97
C SER A 1050 9.48 -13.79 38.07
N ILE A 1051 10.15 -14.40 37.13
CA ILE A 1051 10.30 -15.83 37.14
C ILE A 1051 11.14 -16.32 38.29
N GLY A 1052 12.21 -15.60 38.63
CA GLY A 1052 12.99 -16.05 39.77
C GLY A 1052 12.21 -16.00 41.07
N ASP A 1053 11.34 -15.00 41.21
CA ASP A 1053 10.53 -14.94 42.41
C ASP A 1053 9.45 -15.98 42.45
N ILE A 1054 8.84 -16.27 41.29
CA ILE A 1054 7.77 -17.24 41.30
C ILE A 1054 8.32 -18.65 41.55
N ILE A 1055 9.59 -18.89 41.15
CA ILE A 1055 10.25 -20.13 41.49
C ILE A 1055 10.54 -20.24 42.97
N GLN A 1056 11.02 -19.14 43.54
CA GLN A 1056 11.37 -19.11 44.95
C GLN A 1056 10.21 -19.37 45.88
N ARG A 1057 9.02 -18.92 45.52
CA ARG A 1057 7.86 -19.10 46.35
C ARG A 1057 7.01 -20.34 46.12
N LEU A 1058 7.37 -21.21 45.16
CA LEU A 1058 6.47 -22.34 44.89
C LEU A 1058 7.05 -23.73 44.84
N ASP A 1059 6.25 -24.68 45.32
CA ASP A 1059 6.53 -26.09 45.16
C ASP A 1059 6.46 -26.38 43.67
N PRO A 1060 7.38 -27.19 43.11
CA PRO A 1060 7.52 -27.44 41.68
C PRO A 1060 6.29 -27.91 40.87
N PRO A 1061 5.33 -28.71 41.41
CA PRO A 1061 4.10 -29.05 40.70
C PRO A 1061 3.24 -27.84 40.37
N GLU A 1062 3.24 -26.82 41.25
CA GLU A 1062 2.53 -25.59 40.96
C GLU A 1062 3.35 -24.63 40.15
N GLN A 1063 4.64 -24.64 40.46
CA GLN A 1063 5.60 -23.72 39.86
C GLN A 1063 5.65 -23.81 38.38
N ASP A 1064 5.61 -25.03 37.86
CA ASP A 1064 5.69 -25.20 36.43
C ASP A 1064 4.44 -24.70 35.74
N ALA A 1065 3.27 -24.89 36.35
CA ALA A 1065 2.04 -24.42 35.76
C ALA A 1065 1.97 -22.91 35.69
N GLN A 1066 2.46 -22.25 36.74
CA GLN A 1066 2.47 -20.79 36.75
C GLN A 1066 3.41 -20.20 35.73
N ILE A 1067 4.59 -20.81 35.58
CA ILE A 1067 5.53 -20.35 34.60
C ILE A 1067 5.04 -20.57 33.20
N ASP A 1068 4.34 -21.68 32.96
CA ASP A 1068 3.80 -21.91 31.63
C ASP A 1068 2.79 -20.87 31.22
N ARG A 1069 1.93 -20.44 32.15
CA ARG A 1069 0.98 -19.38 31.86
C ARG A 1069 1.68 -18.08 31.49
N LEU A 1070 2.74 -17.77 32.23
CA LEU A 1070 3.54 -16.60 31.99
C LEU A 1070 4.26 -16.65 30.64
N ILE A 1071 4.82 -17.81 30.28
CA ILE A 1071 5.49 -17.99 29.00
C ILE A 1071 4.60 -17.82 27.82
N ASN A 1072 3.38 -18.31 27.92
CA ASN A 1072 2.49 -18.22 26.78
C ASN A 1072 2.09 -16.81 26.49
N GLY A 1073 1.82 -16.01 27.53
CA GLY A 1073 1.52 -14.62 27.25
C GLY A 1073 2.71 -13.84 26.68
N ARG A 1074 3.93 -14.18 27.13
CA ARG A 1074 5.10 -13.50 26.59
C ARG A 1074 5.34 -13.80 25.13
N LEU A 1075 5.11 -15.05 24.73
CA LEU A 1075 5.23 -15.41 23.33
C LEU A 1075 4.19 -14.71 22.48
N THR A 1076 2.97 -14.55 23.04
CA THR A 1076 1.93 -13.88 22.30
C THR A 1076 2.26 -12.43 22.04
N THR A 1077 2.93 -11.77 23.01
CA THR A 1077 3.35 -10.40 22.78
C THR A 1077 4.40 -10.29 21.71
N LEU A 1078 5.33 -11.24 21.67
CA LEU A 1078 6.32 -11.22 20.62
C LEU A 1078 5.75 -11.48 19.27
N ASN A 1079 4.70 -12.30 19.18
CA ASN A 1079 4.10 -12.57 17.90
C ASN A 1079 3.40 -11.34 17.36
N ALA A 1080 2.70 -10.63 18.25
CA ALA A 1080 2.05 -9.41 17.83
C ALA A 1080 3.05 -8.35 17.40
N PHE A 1081 4.18 -8.29 18.10
CA PHE A 1081 5.24 -7.37 17.75
C PHE A 1081 5.82 -7.60 16.39
N VAL A 1082 6.03 -8.86 16.05
CA VAL A 1082 6.54 -9.16 14.73
C VAL A 1082 5.59 -8.81 13.64
N ALA A 1083 4.30 -9.06 13.86
CA ALA A 1083 3.33 -8.70 12.85
C ALA A 1083 3.30 -7.22 12.61
N GLN A 1084 3.44 -6.43 13.67
CA GLN A 1084 3.47 -4.99 13.53
C GLN A 1084 4.68 -4.52 12.75
N GLN A 1085 5.83 -5.14 13.00
CA GLN A 1085 7.03 -4.78 12.26
C GLN A 1085 6.95 -5.10 10.81
N LEU A 1086 6.32 -6.23 10.46
CA LEU A 1086 6.19 -6.58 9.06
C LEU A 1086 5.35 -5.61 8.29
N VAL A 1087 4.28 -5.10 8.92
CA VAL A 1087 3.45 -4.10 8.27
C VAL A 1087 4.15 -2.79 8.06
N ARG A 1088 4.87 -2.34 9.09
CA ARG A 1088 5.58 -1.09 8.97
C ARG A 1088 6.69 -1.14 7.98
N SER A 1089 7.40 -2.28 7.93
CA SER A 1089 8.47 -2.45 6.97
C SER A 1089 7.99 -2.35 5.55
N GLU A 1090 6.81 -2.91 5.28
CA GLU A 1090 6.27 -2.81 3.96
C GLU A 1090 5.88 -1.41 3.57
N SER A 1091 5.27 -0.66 4.49
CA SER A 1091 4.90 0.69 4.14
C SER A 1091 6.09 1.58 3.90
N ALA A 1092 7.19 1.32 4.62
CA ALA A 1092 8.39 2.09 4.40
C ALA A 1092 9.01 1.81 3.07
N ALA A 1093 8.95 0.55 2.62
CA ALA A 1093 9.50 0.23 1.31
C ALA A 1093 8.75 0.93 0.20
N LEU A 1094 7.43 1.00 0.32
CA LEU A 1094 6.65 1.71 -0.68
C LEU A 1094 6.92 3.20 -0.67
N SER A 1095 7.09 3.75 0.53
CA SER A 1095 7.42 5.15 0.67
C SER A 1095 8.80 5.46 0.08
N ALA A 1096 9.75 4.53 0.21
CA ALA A 1096 11.05 4.71 -0.39
C ALA A 1096 10.99 4.73 -1.89
N GLN A 1097 10.07 3.95 -2.48
CA GLN A 1097 9.90 4.00 -3.92
C GLN A 1097 9.40 5.36 -4.39
N LEU A 1098 8.52 5.98 -3.61
CA LEU A 1098 8.09 7.33 -3.93
C LEU A 1098 9.23 8.32 -3.88
N ALA A 1099 10.10 8.19 -2.87
CA ALA A 1099 11.26 9.07 -2.77
C ALA A 1099 12.19 8.93 -3.94
N LYS A 1100 12.36 7.71 -4.42
CA LYS A 1100 13.19 7.46 -5.57
C LYS A 1100 12.67 8.15 -6.81
N ASP A 1101 11.36 8.16 -6.98
CA ASP A 1101 10.81 8.84 -8.12
C ASP A 1101 10.94 10.33 -8.04
N LYS A 1102 10.78 10.91 -6.85
CA LYS A 1102 10.99 12.34 -6.76
C LYS A 1102 12.42 12.79 -6.99
N VAL A 1103 13.40 11.99 -6.57
CA VAL A 1103 14.76 12.34 -6.89
C VAL A 1103 15.03 12.31 -8.38
N ASN A 1104 14.40 11.38 -9.08
CA ASN A 1104 14.60 11.29 -10.50
C ASN A 1104 13.62 12.11 -11.32
N GLU A 1105 12.80 12.93 -10.67
CA GLU A 1105 11.98 13.85 -11.40
C GLU A 1105 12.20 15.23 -10.86
N CYS A 1106 11.74 15.45 -9.63
CA CYS A 1106 11.79 16.76 -9.00
C CYS A 1106 13.17 17.31 -8.63
N VAL A 1107 14.17 16.45 -8.41
CA VAL A 1107 15.49 16.96 -8.07
C VAL A 1107 16.40 17.08 -9.26
N LYS A 1108 16.44 16.03 -10.06
CA LYS A 1108 17.26 15.99 -11.25
C LYS A 1108 16.67 16.66 -12.48
N ALA A 1109 15.46 17.20 -12.41
CA ALA A 1109 14.94 17.91 -13.57
C ALA A 1109 13.89 18.95 -13.20
N GLN A 1110 13.67 19.91 -14.07
CA GLN A 1110 12.52 20.78 -13.86
C GLN A 1110 11.30 19.93 -14.16
N SER A 1111 10.19 20.13 -13.44
CA SER A 1111 9.01 19.34 -13.75
C SER A 1111 7.90 20.16 -14.36
N LYS A 1112 7.28 19.59 -15.39
CA LYS A 1112 6.15 20.21 -16.06
C LYS A 1112 4.80 19.69 -15.56
N ARG A 1113 4.83 18.78 -14.60
CA ARG A 1113 3.62 18.07 -14.22
C ARG A 1113 2.60 18.71 -13.30
N SER A 1114 2.95 19.81 -12.65
CA SER A 1114 2.03 20.49 -11.74
C SER A 1114 1.37 19.51 -10.78
N GLY A 1115 1.04 19.99 -9.59
CA GLY A 1115 0.41 19.16 -8.58
C GLY A 1115 1.41 18.43 -7.71
N PHE A 1116 2.64 18.29 -8.21
CA PHE A 1116 3.69 17.61 -7.49
C PHE A 1116 4.84 18.57 -7.16
N CYS A 1117 4.96 18.91 -5.87
CA CYS A 1117 6.02 19.83 -5.42
C CYS A 1117 5.15 20.88 -4.76
N GLY A 1118 5.68 22.08 -4.70
CA GLY A 1118 4.85 23.18 -4.27
C GLY A 1118 3.96 23.60 -5.41
N GLN A 1119 2.84 24.23 -5.10
CA GLN A 1119 1.90 24.54 -6.14
C GLN A 1119 2.18 25.89 -6.78
N GLY A 1120 3.23 25.93 -7.58
CA GLY A 1120 3.66 27.14 -8.24
C GLY A 1120 4.58 26.82 -9.41
N THR A 1121 4.15 25.94 -10.30
CA THR A 1121 5.00 25.48 -11.40
C THR A 1121 6.13 24.73 -10.75
N HIS A 1122 7.27 24.65 -11.42
CA HIS A 1122 8.40 24.11 -10.74
C HIS A 1122 9.67 24.77 -11.23
N ILE A 1123 10.57 24.91 -10.31
CA ILE A 1123 11.90 25.45 -10.47
C ILE A 1123 12.71 24.59 -9.52
N VAL A 1124 14.02 24.71 -9.45
CA VAL A 1124 14.86 23.77 -8.72
C VAL A 1124 14.47 23.46 -7.28
N SER A 1125 14.64 22.18 -6.95
CA SER A 1125 14.35 21.61 -5.65
C SER A 1125 15.57 20.95 -5.07
N PHE A 1126 15.58 20.79 -3.76
CA PHE A 1126 16.74 20.27 -3.08
C PHE A 1126 16.36 19.18 -2.11
N VAL A 1127 17.31 18.31 -1.78
CA VAL A 1127 17.01 17.26 -0.83
C VAL A 1127 18.11 17.09 0.19
N VAL A 1128 17.72 16.86 1.44
CA VAL A 1128 18.65 16.62 2.53
C VAL A 1128 18.26 15.39 3.34
N ASN A 1129 19.21 14.89 4.11
CA ASN A 1129 18.99 13.75 5.00
C ASN A 1129 18.12 14.14 6.19
N ALA A 1130 17.33 13.21 6.66
CA ALA A 1130 16.44 13.40 7.79
C ALA A 1130 16.42 12.11 8.54
N PRO A 1131 15.94 12.04 9.77
CA PRO A 1131 15.94 10.79 10.46
C PRO A 1131 15.04 9.89 9.66
N ASN A 1132 15.52 8.69 9.42
CA ASN A 1132 14.81 7.62 8.74
C ASN A 1132 14.25 8.01 7.37
N GLY A 1133 14.87 8.94 6.64
CA GLY A 1133 14.23 9.36 5.39
C GLY A 1133 14.91 10.52 4.68
N LEU A 1134 14.22 11.03 3.67
CA LEU A 1134 14.69 12.20 2.95
C LEU A 1134 13.74 13.36 3.15
N TYR A 1135 14.30 14.55 3.22
CA TYR A 1135 13.50 15.74 3.41
C TYR A 1135 13.69 16.64 2.20
N PHE A 1136 12.60 16.99 1.56
CA PHE A 1136 12.68 17.77 0.35
C PHE A 1136 12.22 19.19 0.53
N MET A 1137 12.84 20.08 -0.23
CA MET A 1137 12.44 21.46 -0.27
C MET A 1137 12.17 21.81 -1.72
N HIS A 1138 11.07 22.46 -1.98
CA HIS A 1138 10.78 22.79 -3.36
C HIS A 1138 10.63 24.26 -3.54
N VAL A 1139 11.48 24.88 -4.33
CA VAL A 1139 11.30 26.28 -4.63
C VAL A 1139 10.16 26.38 -5.62
N GLY A 1140 9.30 27.36 -5.49
CA GLY A 1140 8.23 27.50 -6.47
C GLY A 1140 7.90 28.96 -6.75
N TYR A 1141 7.09 29.16 -7.77
CA TYR A 1141 6.73 30.46 -8.29
C TYR A 1141 5.30 30.79 -8.00
N TYR A 1142 5.05 31.85 -7.25
CA TYR A 1142 3.67 32.18 -6.95
C TYR A 1142 3.24 33.50 -7.59
N PRO A 1143 2.28 33.48 -8.50
CA PRO A 1143 1.67 34.63 -9.15
C PRO A 1143 0.93 35.52 -8.16
N SER A 1144 0.88 36.81 -8.45
CA SER A 1144 0.03 37.72 -7.69
C SER A 1144 -0.30 38.93 -8.56
N ASN A 1145 -1.25 39.72 -8.08
CA ASN A 1145 -1.66 40.97 -8.73
C ASN A 1145 -2.09 40.79 -10.19
N HIS A 1146 -2.99 39.85 -10.39
CA HIS A 1146 -3.51 39.54 -11.70
C HIS A 1146 -4.31 40.68 -12.29
N ILE A 1147 -4.13 40.93 -13.58
CA ILE A 1147 -4.90 41.95 -14.28
C ILE A 1147 -5.57 41.32 -15.47
N GLU A 1148 -6.66 41.91 -15.93
CA GLU A 1148 -7.33 41.35 -17.09
C GLU A 1148 -7.05 42.18 -18.32
N VAL A 1149 -6.73 41.52 -19.43
CA VAL A 1149 -6.46 42.23 -20.67
C VAL A 1149 -7.18 41.63 -21.88
N VAL A 1150 -7.34 42.43 -22.91
CA VAL A 1150 -7.90 41.95 -24.18
C VAL A 1150 -6.89 41.11 -24.93
N SER A 1151 -7.32 39.97 -25.48
CA SER A 1151 -6.40 39.14 -26.25
C SER A 1151 -7.04 38.51 -27.46
N ALA A 1152 -6.21 38.15 -28.43
CA ALA A 1152 -6.71 37.55 -29.66
C ALA A 1152 -6.15 36.17 -29.88
N TYR A 1153 -6.96 35.30 -30.51
CA TYR A 1153 -6.53 33.95 -30.80
C TYR A 1153 -5.36 33.87 -31.77
N GLY A 1154 -5.28 34.83 -32.69
CA GLY A 1154 -4.18 34.93 -33.63
C GLY A 1154 -4.38 36.13 -34.52
N LEU A 1155 -3.43 36.34 -35.43
CA LEU A 1155 -3.45 37.47 -36.35
C LEU A 1155 -3.26 37.05 -37.79
N CYS A 1156 -3.88 37.77 -38.73
CA CYS A 1156 -3.55 37.47 -40.14
C CYS A 1156 -3.50 38.74 -40.95
N ASP A 1157 -2.91 38.62 -42.17
CA ASP A 1157 -2.83 39.71 -43.10
C ASP A 1157 -4.17 39.91 -43.80
N ALA A 1158 -4.80 41.09 -43.67
CA ALA A 1158 -6.07 41.26 -44.37
C ALA A 1158 -5.93 41.25 -45.89
N ALA A 1159 -4.76 41.64 -46.43
CA ALA A 1159 -4.52 41.62 -47.87
C ALA A 1159 -4.20 40.23 -48.41
N ASN A 1160 -3.87 39.28 -47.53
CA ASN A 1160 -3.50 37.96 -47.95
C ASN A 1160 -3.88 36.94 -46.89
N PRO A 1161 -5.07 36.34 -46.97
CA PRO A 1161 -5.67 35.40 -46.02
C PRO A 1161 -4.85 34.16 -45.69
N THR A 1162 -3.83 33.83 -46.49
CA THR A 1162 -3.02 32.67 -46.16
C THR A 1162 -1.87 32.98 -45.19
N ASN A 1163 -1.63 34.25 -44.91
CA ASN A 1163 -0.60 34.62 -43.96
C ASN A 1163 -1.19 34.71 -42.57
N CYS A 1164 -1.07 33.65 -41.79
CA CYS A 1164 -1.57 33.66 -40.42
C CYS A 1164 -0.56 33.21 -39.40
N ILE A 1165 -0.53 33.93 -38.27
CA ILE A 1165 0.41 33.62 -37.21
C ILE A 1165 -0.26 33.43 -35.86
N ALA A 1166 0.43 32.74 -34.96
CA ALA A 1166 -0.07 32.59 -33.60
C ALA A 1166 1.15 32.61 -32.68
N PRO A 1167 1.00 33.14 -31.45
CA PRO A 1167 2.09 33.30 -30.51
C PRO A 1167 2.63 31.99 -30.00
N VAL A 1168 3.91 31.98 -29.69
CA VAL A 1168 4.58 30.85 -29.04
C VAL A 1168 4.81 31.13 -27.59
N ASN A 1169 4.23 30.30 -26.70
CA ASN A 1169 4.40 30.41 -25.24
C ASN A 1169 4.03 31.78 -24.72
N GLY A 1170 2.92 32.30 -25.19
CA GLY A 1170 2.56 33.66 -24.82
C GLY A 1170 1.28 34.02 -25.51
N TYR A 1171 0.89 35.29 -25.38
CA TYR A 1171 -0.35 35.69 -25.97
C TYR A 1171 -0.24 36.98 -26.73
N PHE A 1172 -1.12 37.16 -27.70
CA PHE A 1172 -1.22 38.44 -28.38
C PHE A 1172 -2.22 39.26 -27.61
N ILE A 1173 -1.81 40.45 -27.20
CA ILE A 1173 -2.70 41.31 -26.44
C ILE A 1173 -2.81 42.65 -27.08
N LYS A 1174 -3.94 43.32 -26.87
CA LYS A 1174 -4.05 44.66 -27.41
C LYS A 1174 -3.01 45.49 -26.69
N THR A 1175 -2.28 46.34 -27.40
CA THR A 1175 -1.27 47.07 -26.65
C THR A 1175 -1.82 48.13 -25.74
N ASN A 1176 -1.28 48.18 -24.54
CA ASN A 1176 -1.53 49.25 -23.60
C ASN A 1176 -0.25 49.95 -23.20
N ASN A 1177 0.81 49.80 -24.02
CA ASN A 1177 2.12 50.35 -23.66
C ASN A 1177 2.52 51.51 -24.55
N THR A 1178 2.88 52.65 -23.94
CA THR A 1178 3.24 53.87 -24.68
C THR A 1178 4.49 53.77 -25.52
N ARG A 1179 5.36 52.85 -25.17
CA ARG A 1179 6.57 52.56 -25.88
C ARG A 1179 6.36 51.94 -27.27
N ILE A 1180 5.29 51.14 -27.41
CA ILE A 1180 5.03 50.39 -28.64
C ILE A 1180 3.94 51.00 -29.53
N VAL A 1181 4.32 51.49 -30.71
CA VAL A 1181 3.35 52.01 -31.69
C VAL A 1181 2.42 50.97 -32.33
N ASP A 1182 2.85 49.70 -32.37
CA ASP A 1182 2.09 48.61 -32.96
C ASP A 1182 0.79 48.34 -32.22
N GLU A 1183 -0.29 48.07 -32.96
CA GLU A 1183 -1.59 47.82 -32.36
C GLU A 1183 -1.69 46.60 -31.45
N TRP A 1184 -0.82 45.62 -31.66
CA TRP A 1184 -0.81 44.39 -30.88
C TRP A 1184 0.54 44.14 -30.30
N SER A 1185 0.60 43.39 -29.21
CA SER A 1185 1.87 43.13 -28.57
C SER A 1185 1.91 41.74 -27.98
N TYR A 1186 3.10 41.24 -27.82
CA TYR A 1186 3.34 39.91 -27.30
C TYR A 1186 3.69 39.94 -25.83
N THR A 1187 3.12 39.02 -25.05
CA THR A 1187 3.54 38.90 -23.65
C THR A 1187 3.77 37.47 -23.25
N GLY A 1188 4.55 37.29 -22.19
CA GLY A 1188 4.87 35.99 -21.62
C GLY A 1188 3.65 35.38 -20.95
N SER A 1189 3.63 34.07 -20.81
CA SER A 1189 2.46 33.49 -20.14
C SER A 1189 2.56 33.46 -18.62
N SER A 1190 3.76 33.56 -18.06
CA SER A 1190 3.87 33.64 -16.61
C SER A 1190 4.01 35.02 -16.06
N PHE A 1191 4.23 36.01 -16.90
CA PHE A 1191 4.42 37.34 -16.38
C PHE A 1191 3.99 38.39 -17.35
N TYR A 1192 3.29 39.42 -16.89
CA TYR A 1192 2.88 40.44 -17.83
C TYR A 1192 3.97 41.41 -18.17
N ALA A 1193 4.26 41.52 -19.46
CA ALA A 1193 5.18 42.51 -20.00
C ALA A 1193 5.05 42.51 -21.51
N PRO A 1194 4.58 43.59 -22.13
CA PRO A 1194 4.46 43.75 -23.56
C PRO A 1194 5.80 43.76 -24.27
N GLU A 1195 5.79 43.30 -25.51
CA GLU A 1195 6.94 43.37 -26.38
C GLU A 1195 6.43 43.42 -27.82
N PRO A 1196 7.19 43.94 -28.77
CA PRO A 1196 6.82 43.96 -30.17
C PRO A 1196 6.69 42.56 -30.70
N ILE A 1197 5.83 42.38 -31.67
CA ILE A 1197 5.69 41.07 -32.25
C ILE A 1197 6.74 40.89 -33.31
N THR A 1198 7.52 39.84 -33.16
CA THR A 1198 8.57 39.51 -34.10
C THR A 1198 8.56 38.04 -34.36
N SER A 1199 9.24 37.61 -35.43
CA SER A 1199 9.25 36.21 -35.83
C SER A 1199 9.76 35.24 -34.75
N LEU A 1200 10.59 35.70 -33.83
CA LEU A 1200 11.03 34.87 -32.72
C LEU A 1200 9.90 34.44 -31.79
N ASN A 1201 8.84 35.24 -31.71
CA ASN A 1201 7.73 34.95 -30.83
C ASN A 1201 6.52 34.32 -31.51
N THR A 1202 6.64 33.92 -32.78
CA THR A 1202 5.47 33.42 -33.49
C THR A 1202 5.71 32.17 -34.29
N LYS A 1203 4.63 31.53 -34.67
CA LYS A 1203 4.72 30.43 -35.60
C LYS A 1203 3.64 30.57 -36.64
N TYR A 1204 3.91 30.10 -37.84
CA TYR A 1204 2.89 30.15 -38.86
C TYR A 1204 1.86 29.07 -38.62
N VAL A 1205 0.59 29.42 -38.81
CA VAL A 1205 -0.49 28.46 -38.66
C VAL A 1205 -1.47 28.52 -39.81
N ALA A 1206 -2.26 27.46 -39.96
CA ALA A 1206 -3.35 27.49 -40.91
C ALA A 1206 -4.33 28.58 -40.48
N PRO A 1207 -4.99 29.27 -41.42
CA PRO A 1207 -5.98 30.30 -41.15
C PRO A 1207 -7.20 29.79 -40.40
N GLN A 1208 -7.80 30.66 -39.61
CA GLN A 1208 -9.01 30.35 -38.88
C GLN A 1208 -9.88 31.58 -38.78
N VAL A 1209 -11.19 31.39 -38.75
CA VAL A 1209 -12.16 32.49 -38.69
C VAL A 1209 -12.06 33.45 -37.51
N THR A 1210 -11.51 32.98 -36.39
CA THR A 1210 -11.41 33.84 -35.22
C THR A 1210 -10.18 34.73 -35.22
N TYR A 1211 -9.25 34.52 -36.15
CA TYR A 1211 -8.07 35.34 -36.19
C TYR A 1211 -8.44 36.76 -36.62
N GLN A 1212 -7.78 37.74 -36.04
CA GLN A 1212 -8.04 39.12 -36.41
C GLN A 1212 -7.47 39.39 -37.79
N ASN A 1213 -8.09 40.25 -38.55
CA ASN A 1213 -7.49 40.63 -39.83
C ASN A 1213 -6.84 41.99 -39.72
N ILE A 1214 -5.56 42.07 -40.03
CA ILE A 1214 -4.83 43.32 -39.91
C ILE A 1214 -4.81 44.12 -41.19
N SER A 1215 -5.42 45.29 -41.13
CA SER A 1215 -5.48 46.19 -42.27
C SER A 1215 -4.15 46.74 -42.79
N THR A 1216 -3.16 46.92 -41.89
CA THR A 1216 -1.88 47.49 -42.32
C THR A 1216 -0.60 46.76 -41.87
N ASN A 1217 -0.10 47.19 -40.71
CA ASN A 1217 1.21 46.83 -40.16
C ASN A 1217 1.36 45.54 -39.34
N LEU A 1218 2.00 44.54 -39.92
CA LEU A 1218 2.44 43.35 -39.18
C LEU A 1218 3.90 43.11 -39.56
N PRO A 1219 4.86 43.00 -38.62
CA PRO A 1219 6.26 42.69 -39.01
C PRO A 1219 6.59 41.24 -39.48
N PRO A 1220 5.93 40.18 -38.92
CA PRO A 1220 6.11 38.71 -39.36
C PRO A 1220 4.93 38.03 -40.08
N PRO A 1221 4.76 38.08 -41.40
CA PRO A 1221 5.58 38.61 -42.46
C PRO A 1221 5.39 40.07 -42.54
N LEU A 1222 6.41 40.78 -42.98
CA LEU A 1222 6.28 42.21 -43.24
C LEU A 1222 5.24 42.50 -44.31
N LEU A 1223 5.13 41.59 -45.29
CA LEU A 1223 4.19 41.70 -46.38
C LEU A 1223 2.94 40.89 -46.09
N TYR B 18 -4.62 -6.29 82.25
CA TYR B 18 -5.01 -5.14 81.45
C TYR B 18 -4.05 -3.99 81.66
N VAL B 19 -4.26 -2.90 80.93
CA VAL B 19 -3.42 -1.71 80.98
C VAL B 19 -3.48 -0.99 82.32
N ASP B 20 -2.33 -0.51 82.80
CA ASP B 20 -2.31 0.25 84.03
C ASP B 20 -2.73 1.70 83.78
N VAL B 21 -4.04 1.90 83.77
CA VAL B 21 -4.74 3.18 83.60
C VAL B 21 -4.50 4.24 84.70
N GLY B 22 -3.97 3.85 85.85
CA GLY B 22 -3.84 4.80 86.94
C GLY B 22 -5.14 4.83 87.74
N PRO B 23 -5.28 5.78 88.66
CA PRO B 23 -6.41 5.96 89.56
C PRO B 23 -7.74 6.22 88.84
N ASP B 24 -8.81 5.79 89.51
CA ASP B 24 -10.19 5.97 89.08
C ASP B 24 -10.62 7.43 89.33
N SER B 25 -11.76 7.83 88.77
CA SER B 25 -12.25 9.19 88.98
C SER B 25 -12.58 9.42 90.46
N VAL B 26 -12.45 10.67 90.92
CA VAL B 26 -12.69 11.00 92.33
C VAL B 26 -14.01 11.70 92.58
N LYS B 27 -14.25 12.81 91.89
CA LYS B 27 -15.50 13.53 92.08
C LYS B 27 -16.64 12.70 91.55
N SER B 28 -17.79 12.71 92.21
CA SER B 28 -18.90 11.97 91.67
C SER B 28 -19.62 12.75 90.58
N ALA B 29 -19.98 14.00 90.90
CA ALA B 29 -20.65 14.88 89.96
C ALA B 29 -19.78 15.25 88.75
N CYS B 30 -20.43 15.40 87.62
CA CYS B 30 -19.83 15.92 86.40
C CYS B 30 -20.17 17.41 86.31
N ILE B 31 -19.28 18.19 85.70
CA ILE B 31 -19.64 19.56 85.41
C ILE B 31 -20.72 19.52 84.32
N GLU B 32 -21.78 20.31 84.54
CA GLU B 32 -22.91 20.34 83.63
C GLU B 32 -22.54 20.81 82.24
N VAL B 33 -23.17 20.17 81.26
CA VAL B 33 -22.97 20.50 79.87
C VAL B 33 -24.22 21.07 79.22
N ASP B 34 -24.24 22.38 79.03
CA ASP B 34 -25.31 23.09 78.35
C ASP B 34 -25.09 23.05 76.84
N ILE B 35 -26.07 22.60 76.07
CA ILE B 35 -25.88 22.62 74.63
C ILE B 35 -26.30 23.95 74.02
N GLN B 36 -25.33 24.61 73.40
CA GLN B 36 -25.43 25.90 72.72
C GLN B 36 -25.24 25.85 71.22
N GLN B 37 -25.52 24.70 70.61
CA GLN B 37 -25.22 24.42 69.20
C GLN B 37 -25.61 25.44 68.13
N THR B 38 -26.65 26.25 68.33
CA THR B 38 -27.00 27.23 67.31
C THR B 38 -25.94 28.34 67.15
N PHE B 39 -25.12 28.56 68.18
CA PHE B 39 -24.01 29.51 68.13
C PHE B 39 -22.87 29.06 67.24
N PHE B 40 -22.80 27.75 66.97
CA PHE B 40 -21.74 27.19 66.19
C PHE B 40 -22.07 27.04 64.72
N ASP B 41 -23.23 27.54 64.27
CA ASP B 41 -23.49 27.40 62.85
C ASP B 41 -22.68 28.45 62.09
N LYS B 42 -21.72 27.99 61.29
CA LYS B 42 -20.89 28.85 60.46
C LYS B 42 -20.72 28.21 59.09
N THR B 43 -20.40 29.02 58.08
CA THR B 43 -20.18 28.50 56.75
C THR B 43 -18.82 28.91 56.24
N TRP B 44 -17.79 28.17 56.66
CA TRP B 44 -16.41 28.42 56.23
C TRP B 44 -15.88 27.21 55.48
N PRO B 45 -16.45 26.86 54.31
CA PRO B 45 -16.10 25.65 53.57
C PRO B 45 -14.67 25.62 53.09
N ARG B 46 -14.09 24.43 52.99
CA ARG B 46 -12.75 24.26 52.50
C ARG B 46 -12.64 23.10 51.54
N PRO B 47 -13.00 23.26 50.27
CA PRO B 47 -12.96 22.20 49.29
C PRO B 47 -11.54 21.75 49.05
N ILE B 48 -11.40 20.48 48.69
CA ILE B 48 -10.07 19.96 48.43
C ILE B 48 -9.47 20.52 47.15
N ASP B 49 -8.24 21.02 47.24
CA ASP B 49 -7.56 21.45 46.05
C ASP B 49 -6.58 20.38 45.60
N VAL B 50 -7.03 19.43 44.78
CA VAL B 50 -6.13 18.36 44.36
C VAL B 50 -4.92 18.84 43.55
N SER B 51 -5.00 20.01 42.87
CA SER B 51 -3.83 20.53 42.18
C SER B 51 -2.71 20.94 43.16
N LYS B 52 -3.05 21.17 44.43
CA LYS B 52 -2.08 21.43 45.50
C LYS B 52 -1.73 20.15 46.29
N ALA B 53 -2.27 19.01 45.87
CA ALA B 53 -2.16 17.71 46.52
C ALA B 53 -2.80 17.70 47.91
N ASP B 54 -3.89 18.45 48.10
CA ASP B 54 -4.51 18.44 49.41
C ASP B 54 -5.10 17.10 49.75
N GLY B 55 -4.78 16.59 50.93
CA GLY B 55 -5.37 15.35 51.43
C GLY B 55 -4.79 14.08 50.82
N ILE B 56 -3.71 14.19 50.06
CA ILE B 56 -3.17 12.99 49.44
C ILE B 56 -2.36 12.16 50.41
N ILE B 57 -2.71 10.89 50.49
CA ILE B 57 -1.92 9.96 51.28
C ILE B 57 -0.83 9.44 50.39
N TYR B 58 0.40 9.62 50.82
CA TYR B 58 1.52 9.16 50.06
C TYR B 58 1.48 7.60 50.01
N PRO B 59 1.84 6.94 48.89
CA PRO B 59 1.81 5.48 48.71
C PRO B 59 2.71 4.77 49.70
N GLN B 60 2.32 3.57 50.12
CA GLN B 60 3.13 2.87 51.10
C GLN B 60 4.24 2.03 50.53
N GLY B 61 5.42 2.16 51.14
CA GLY B 61 6.57 1.32 50.85
C GLY B 61 7.33 1.69 49.58
N ARG B 62 6.99 2.81 48.95
CA ARG B 62 7.66 3.16 47.72
C ARG B 62 7.91 4.63 47.54
N THR B 63 8.93 4.92 46.77
CA THR B 63 9.09 6.26 46.32
C THR B 63 9.46 6.33 44.89
N TYR B 64 9.29 7.51 44.34
CA TYR B 64 9.47 7.72 42.92
C TYR B 64 10.25 8.99 42.62
N SER B 65 10.76 9.02 41.41
CA SER B 65 11.49 10.11 40.78
C SER B 65 10.51 11.17 40.31
N ASN B 66 10.96 12.10 39.47
CA ASN B 66 10.12 13.19 38.99
C ASN B 66 9.09 12.78 37.91
N ILE B 67 8.98 11.49 37.59
CA ILE B 67 8.00 10.93 36.70
C ILE B 67 6.55 11.00 37.19
N THR B 68 5.61 11.26 36.27
CA THR B 68 4.18 11.21 36.59
C THR B 68 3.63 9.79 36.44
N ILE B 69 2.90 9.30 37.44
CA ILE B 69 2.28 7.98 37.30
C ILE B 69 0.82 7.99 37.67
N THR B 70 0.03 7.06 37.12
CA THR B 70 -1.33 6.88 37.62
C THR B 70 -1.23 6.14 38.94
N TYR B 71 -2.20 6.28 39.81
CA TYR B 71 -2.20 5.50 41.03
C TYR B 71 -3.61 5.26 41.54
N GLN B 72 -3.80 4.17 42.25
CA GLN B 72 -5.11 3.90 42.82
C GLN B 72 -5.01 3.63 44.30
N GLY B 73 -5.89 4.25 45.08
CA GLY B 73 -5.90 4.05 46.52
C GLY B 73 -7.02 4.86 47.15
N LEU B 74 -7.15 4.83 48.46
CA LEU B 74 -8.19 5.64 49.04
C LEU B 74 -7.80 7.13 48.98
N PHE B 75 -8.73 7.99 48.52
CA PHE B 75 -8.52 9.45 48.45
C PHE B 75 -9.83 10.23 48.65
N PRO B 76 -9.79 11.49 49.10
CA PRO B 76 -10.93 12.40 49.15
C PRO B 76 -11.38 12.78 47.74
N TYR B 77 -12.67 13.08 47.56
CA TYR B 77 -13.14 13.63 46.29
C TYR B 77 -12.63 15.03 46.08
N GLN B 78 -12.29 15.40 44.86
CA GLN B 78 -11.89 16.79 44.61
C GLN B 78 -12.95 17.84 44.94
N GLY B 79 -14.22 17.54 44.73
CA GLY B 79 -15.25 18.53 45.01
C GLY B 79 -15.78 18.58 46.45
N ASP B 80 -15.26 17.75 47.36
CA ASP B 80 -15.84 17.74 48.69
C ASP B 80 -15.42 18.95 49.54
N HIS B 81 -16.41 19.72 50.04
CA HIS B 81 -16.20 20.85 50.96
C HIS B 81 -15.86 20.46 52.39
N GLY B 82 -16.16 19.22 52.74
CA GLY B 82 -15.90 18.64 54.04
C GLY B 82 -16.98 18.94 55.06
N ASP B 83 -16.75 18.46 56.27
CA ASP B 83 -17.59 18.75 57.42
C ASP B 83 -16.79 19.63 58.36
N MET B 84 -17.41 20.67 58.92
CA MET B 84 -16.67 21.56 59.80
C MET B 84 -17.12 21.53 61.24
N TYR B 85 -16.15 21.53 62.14
CA TYR B 85 -16.41 21.51 63.56
C TYR B 85 -15.54 22.56 64.24
N VAL B 86 -16.07 23.24 65.25
CA VAL B 86 -15.24 24.23 65.96
C VAL B 86 -15.29 24.08 67.49
N TYR B 87 -14.13 23.85 68.10
CA TYR B 87 -14.01 23.86 69.56
C TYR B 87 -14.04 25.29 70.10
N SER B 88 -14.61 25.49 71.29
CA SER B 88 -14.63 26.84 71.87
C SER B 88 -14.56 26.80 73.38
N ALA B 89 -14.26 27.95 73.97
CA ALA B 89 -14.29 28.12 75.41
C ALA B 89 -15.71 27.94 75.96
N GLY B 90 -15.80 27.40 77.16
CA GLY B 90 -17.05 27.20 77.90
C GLY B 90 -17.50 28.49 78.60
N HIS B 91 -18.52 28.39 79.44
CA HIS B 91 -18.93 29.58 80.16
C HIS B 91 -18.04 29.83 81.36
N ALA B 92 -17.75 31.10 81.53
CA ALA B 92 -16.99 31.64 82.65
C ALA B 92 -17.45 33.07 82.82
N THR B 93 -17.43 33.58 84.06
CA THR B 93 -17.76 34.99 84.27
C THR B 93 -16.77 35.60 85.22
N GLY B 94 -16.64 36.92 85.18
CA GLY B 94 -15.79 37.56 86.16
C GLY B 94 -14.38 37.03 86.03
N THR B 95 -13.84 36.62 87.18
CA THR B 95 -12.53 36.00 87.27
C THR B 95 -12.57 34.48 87.41
N THR B 96 -13.75 33.83 87.28
CA THR B 96 -13.76 32.36 87.45
C THR B 96 -14.56 31.57 86.37
N PRO B 97 -14.30 30.26 86.25
CA PRO B 97 -15.00 29.26 85.45
C PRO B 97 -16.45 29.06 85.90
N GLN B 98 -17.32 28.62 84.97
CA GLN B 98 -18.72 28.32 85.29
C GLN B 98 -19.10 26.93 84.71
N LYS B 99 -20.08 26.84 83.80
CA LYS B 99 -20.53 25.56 83.24
C LYS B 99 -20.25 25.48 81.76
N LEU B 100 -20.10 24.29 81.21
CA LEU B 100 -19.78 24.25 79.80
C LEU B 100 -20.94 24.70 78.92
N PHE B 101 -20.61 25.47 77.88
CA PHE B 101 -21.51 25.90 76.81
C PHE B 101 -20.95 25.37 75.51
N VAL B 102 -21.42 24.22 75.09
CA VAL B 102 -20.82 23.56 73.93
C VAL B 102 -21.76 23.10 72.86
N ALA B 103 -21.16 22.81 71.74
CA ALA B 103 -21.72 22.23 70.56
C ALA B 103 -22.30 20.84 70.84
N ASN B 104 -23.26 20.42 70.02
CA ASN B 104 -23.98 19.14 70.15
C ASN B 104 -23.31 18.00 69.39
N TYR B 105 -22.00 18.12 69.08
CA TYR B 105 -21.26 17.19 68.26
C TYR B 105 -21.29 15.73 68.75
N SER B 106 -21.51 15.50 70.04
CA SER B 106 -21.62 14.15 70.59
C SER B 106 -22.75 13.33 69.96
N GLN B 107 -23.78 13.99 69.43
CA GLN B 107 -24.91 13.34 68.82
C GLN B 107 -24.68 13.04 67.34
N ASP B 108 -23.57 13.52 66.77
CA ASP B 108 -23.30 13.32 65.36
C ASP B 108 -22.63 11.99 65.06
N VAL B 109 -23.41 10.92 65.11
CA VAL B 109 -22.93 9.60 64.79
C VAL B 109 -22.82 9.44 63.28
N LYS B 110 -21.71 8.90 62.80
CA LYS B 110 -21.58 8.69 61.37
C LYS B 110 -21.19 7.28 61.06
N GLN B 111 -21.60 6.82 59.89
CA GLN B 111 -21.18 5.51 59.46
C GLN B 111 -19.73 5.60 59.02
N PHE B 112 -18.90 4.71 59.52
CA PHE B 112 -17.51 4.65 59.08
C PHE B 112 -17.51 4.22 57.63
N ALA B 113 -16.62 4.79 56.82
CA ALA B 113 -16.64 4.43 55.40
C ALA B 113 -15.27 4.48 54.79
N ASN B 114 -14.48 3.46 55.08
CA ASN B 114 -13.11 3.30 54.59
C ASN B 114 -12.19 4.44 54.97
N GLY B 115 -12.34 4.94 56.17
CA GLY B 115 -11.46 5.95 56.71
C GLY B 115 -11.86 7.38 56.39
N PHE B 116 -11.09 8.29 56.95
CA PHE B 116 -11.30 9.70 56.72
C PHE B 116 -10.00 10.46 56.91
N VAL B 117 -9.96 11.69 56.41
CA VAL B 117 -8.79 12.52 56.62
C VAL B 117 -9.22 13.84 57.18
N VAL B 118 -8.34 14.53 57.87
CA VAL B 118 -8.73 15.80 58.42
C VAL B 118 -7.72 16.90 58.15
N ARG B 119 -8.21 18.13 58.24
CA ARG B 119 -7.37 19.30 58.11
C ARG B 119 -7.38 20.00 59.44
N ILE B 120 -6.20 20.35 59.94
CA ILE B 120 -6.13 20.95 61.25
C ILE B 120 -5.34 22.26 61.26
N GLY B 121 -5.92 23.31 61.85
CA GLY B 121 -5.20 24.56 62.03
C GLY B 121 -5.09 25.48 60.83
N ALA B 122 -5.82 25.21 59.76
CA ALA B 122 -5.67 26.00 58.53
C ALA B 122 -5.98 27.49 58.63
N ALA B 123 -6.72 27.90 59.64
CA ALA B 123 -7.03 29.29 59.87
C ALA B 123 -5.98 30.03 60.74
N ALA B 124 -4.85 29.38 61.07
CA ALA B 124 -3.80 29.97 61.91
C ALA B 124 -3.21 31.29 61.39
N ASN B 125 -2.78 32.13 62.33
CA ASN B 125 -2.21 33.45 62.06
C ASN B 125 -3.21 34.35 61.33
N SER B 126 -4.45 34.36 61.86
CA SER B 126 -5.56 35.16 61.38
C SER B 126 -6.47 35.30 62.58
N THR B 127 -7.57 36.02 62.44
CA THR B 127 -8.43 36.19 63.59
C THR B 127 -9.83 35.75 63.24
N GLY B 128 -10.59 35.49 64.28
CA GLY B 128 -11.93 34.95 64.16
C GLY B 128 -12.77 35.49 65.27
N THR B 129 -13.68 34.70 65.78
CA THR B 129 -14.49 35.13 66.90
C THR B 129 -14.54 34.07 67.97
N VAL B 130 -14.92 34.49 69.17
CA VAL B 130 -15.12 33.65 70.34
C VAL B 130 -16.21 32.58 70.20
N ILE B 131 -17.16 32.81 69.28
CA ILE B 131 -18.30 31.93 68.97
C ILE B 131 -19.39 31.99 70.02
N ILE B 132 -19.11 31.49 71.23
CA ILE B 132 -20.09 31.56 72.31
C ILE B 132 -20.41 32.99 72.76
N SER B 133 -19.45 33.90 72.60
CA SER B 133 -19.58 35.33 72.91
C SER B 133 -18.80 36.09 71.85
N PRO B 134 -19.11 35.83 70.58
CA PRO B 134 -18.33 36.19 69.39
C PRO B 134 -17.97 37.66 69.16
N SER B 135 -18.70 38.60 69.79
CA SER B 135 -18.43 40.02 69.64
C SER B 135 -17.01 40.46 70.05
N THR B 136 -16.34 39.68 70.92
CA THR B 136 -14.97 39.98 71.33
C THR B 136 -13.93 39.91 70.19
N SER B 137 -14.20 39.11 69.15
CA SER B 137 -13.33 38.98 67.97
C SER B 137 -11.89 38.53 68.26
N ALA B 138 -11.72 37.56 69.17
CA ALA B 138 -10.40 37.04 69.54
C ALA B 138 -9.63 36.39 68.36
N THR B 139 -8.30 36.52 68.41
CA THR B 139 -7.42 35.87 67.43
C THR B 139 -7.52 34.36 67.57
N ILE B 140 -7.28 33.63 66.48
CA ILE B 140 -7.42 32.18 66.54
C ILE B 140 -6.13 31.40 66.42
N ARG B 141 -6.12 30.25 67.10
CA ARG B 141 -4.94 29.38 67.14
C ARG B 141 -5.32 27.92 66.94
N LYS B 142 -4.39 27.11 66.48
CA LYS B 142 -4.68 25.69 66.25
C LYS B 142 -5.01 24.90 67.51
N ILE B 143 -5.98 23.99 67.40
CA ILE B 143 -6.32 23.07 68.47
C ILE B 143 -6.51 21.68 67.89
N TYR B 144 -5.95 20.67 68.53
CA TYR B 144 -6.13 19.31 68.04
C TYR B 144 -7.49 18.67 68.40
N PRO B 145 -8.11 17.92 67.48
CA PRO B 145 -9.35 17.16 67.60
C PRO B 145 -9.30 15.96 68.53
N ALA B 146 -10.46 15.59 69.09
CA ALA B 146 -10.57 14.34 69.84
C ALA B 146 -11.61 13.43 69.14
N PHE B 147 -11.41 12.11 69.17
CA PHE B 147 -12.33 11.22 68.44
C PHE B 147 -12.70 9.93 69.17
N MET B 148 -13.85 9.36 68.80
CA MET B 148 -14.21 8.04 69.32
C MET B 148 -14.68 7.13 68.17
N LEU B 149 -14.16 5.90 68.11
CA LEU B 149 -14.53 4.98 67.02
C LEU B 149 -14.92 3.59 67.53
N GLY B 150 -15.83 2.90 66.85
CA GLY B 150 -16.14 1.54 67.31
C GLY B 150 -17.10 0.77 66.42
N SER B 151 -17.38 -0.48 66.80
CA SER B 151 -18.29 -1.31 66.02
C SER B 151 -19.77 -1.15 66.30
N SER B 152 -20.14 -0.51 67.42
CA SER B 152 -21.57 -0.32 67.66
C SER B 152 -21.89 0.90 68.50
N VAL B 153 -23.10 1.44 68.27
CA VAL B 153 -23.64 2.59 69.00
C VAL B 153 -25.07 2.30 69.46
N GLY B 154 -25.55 3.10 70.42
CA GLY B 154 -26.92 2.95 70.89
C GLY B 154 -27.33 4.00 71.91
N ASN B 155 -28.54 3.86 72.41
CA ASN B 155 -29.08 4.84 73.34
C ASN B 155 -28.42 4.81 74.72
N PHE B 156 -28.16 6.00 75.24
CA PHE B 156 -27.87 6.24 76.64
C PHE B 156 -29.17 6.01 77.37
N SER B 157 -29.13 5.70 78.66
CA SER B 157 -30.39 5.48 79.41
C SER B 157 -31.42 6.64 79.33
N ASP B 158 -30.96 7.87 79.04
CA ASP B 158 -31.85 9.02 78.80
C ASP B 158 -32.31 9.17 77.34
N GLY B 159 -31.99 8.18 76.49
CA GLY B 159 -32.32 8.17 75.06
C GLY B 159 -31.36 8.97 74.17
N LYS B 160 -30.25 9.45 74.74
CA LYS B 160 -29.27 10.20 73.97
C LYS B 160 -28.51 9.31 72.99
N MET B 161 -28.15 9.86 71.84
CA MET B 161 -27.40 9.17 70.79
C MET B 161 -25.93 8.93 71.10
N GLY B 162 -25.36 7.96 70.41
CA GLY B 162 -23.93 7.69 70.47
C GLY B 162 -23.31 6.86 71.59
N ARG B 163 -24.07 6.18 72.42
CA ARG B 163 -23.36 5.38 73.40
C ARG B 163 -22.69 4.20 72.71
N PHE B 164 -21.37 4.15 72.78
CA PHE B 164 -20.60 3.05 72.26
C PHE B 164 -20.68 1.80 73.09
N PHE B 165 -20.60 0.65 72.44
CA PHE B 165 -20.62 -0.61 73.17
C PHE B 165 -19.32 -1.37 73.10
N ASN B 166 -19.15 -2.28 74.07
CA ASN B 166 -17.96 -3.10 74.24
C ASN B 166 -16.71 -2.22 74.31
N HIS B 167 -15.78 -2.38 73.38
CA HIS B 167 -14.55 -1.62 73.42
C HIS B 167 -14.56 -0.58 72.35
N THR B 168 -13.99 0.58 72.64
CA THR B 168 -13.92 1.61 71.63
C THR B 168 -12.58 2.27 71.57
N LEU B 169 -12.25 2.84 70.42
CA LEU B 169 -11.06 3.63 70.29
C LEU B 169 -11.27 4.97 70.90
N VAL B 170 -10.25 5.48 71.57
CA VAL B 170 -10.32 6.84 72.06
C VAL B 170 -9.05 7.55 71.66
N LEU B 171 -9.20 8.70 71.02
CA LEU B 171 -8.03 9.49 70.70
C LEU B 171 -8.17 10.85 71.32
N LEU B 172 -7.30 11.16 72.26
CA LEU B 172 -7.35 12.50 72.79
C LEU B 172 -5.96 13.06 73.07
N PRO B 173 -5.72 14.32 72.73
CA PRO B 173 -4.60 15.13 73.17
C PRO B 173 -4.77 15.40 74.65
N ASP B 174 -3.68 15.58 75.40
CA ASP B 174 -3.87 16.03 76.79
C ASP B 174 -3.34 17.39 77.02
N GLY B 175 -4.18 18.27 77.55
CA GLY B 175 -3.67 19.60 77.84
C GLY B 175 -3.25 20.27 76.55
N CYS B 176 -2.02 20.78 76.56
CA CYS B 176 -1.38 21.36 75.39
C CYS B 176 -1.11 20.27 74.37
N GLY B 177 -1.12 20.64 73.09
CA GLY B 177 -1.03 19.71 71.97
C GLY B 177 0.22 18.79 71.88
N THR B 178 1.23 18.99 72.73
CA THR B 178 2.42 18.16 72.73
C THR B 178 2.23 16.69 73.13
N LEU B 179 1.12 16.34 73.76
CA LEU B 179 0.93 14.93 74.09
C LEU B 179 -0.34 14.37 73.50
N LEU B 180 -0.22 13.21 72.86
CA LEU B 180 -1.35 12.50 72.29
C LEU B 180 -1.46 11.10 72.85
N ARG B 181 -2.68 10.68 73.19
CA ARG B 181 -2.87 9.32 73.68
C ARG B 181 -3.89 8.55 72.85
N ALA B 182 -3.66 7.25 72.73
CA ALA B 182 -4.58 6.37 72.06
C ALA B 182 -5.00 5.28 73.01
N PHE B 183 -6.27 4.87 72.94
CA PHE B 183 -6.72 3.78 73.79
C PHE B 183 -7.64 2.83 73.08
N TYR B 184 -7.65 1.57 73.51
CA TYR B 184 -8.71 0.66 73.10
C TYR B 184 -9.25 0.16 74.41
N CYS B 185 -10.44 0.61 74.77
CA CYS B 185 -10.88 0.29 76.12
C CYS B 185 -12.40 0.16 76.27
N ILE B 186 -12.88 -0.38 77.42
CA ILE B 186 -14.35 -0.31 77.71
C ILE B 186 -14.76 0.92 78.56
N LEU B 187 -15.63 1.77 78.04
CA LEU B 187 -16.13 2.89 78.85
C LEU B 187 -17.13 2.44 79.92
N GLU B 188 -17.13 3.08 81.09
CA GLU B 188 -18.14 2.76 82.12
C GLU B 188 -18.97 4.01 82.49
N PRO B 189 -20.31 3.90 82.50
CA PRO B 189 -21.27 4.93 82.92
C PRO B 189 -21.10 5.28 84.37
N ARG B 190 -21.44 6.52 84.73
CA ARG B 190 -21.26 6.92 86.12
C ARG B 190 -22.57 7.45 86.69
N SER B 191 -22.81 7.19 87.97
CA SER B 191 -24.06 7.55 88.66
C SER B 191 -24.15 8.97 89.22
N GLY B 192 -23.13 9.78 88.99
CA GLY B 192 -23.07 11.15 89.47
C GLY B 192 -24.06 12.08 88.79
N ASN B 193 -24.22 13.27 89.37
CA ASN B 193 -25.11 14.24 88.79
C ASN B 193 -24.53 14.68 87.46
N HIS B 194 -25.37 14.75 86.43
CA HIS B 194 -24.97 15.04 85.06
C HIS B 194 -24.01 14.00 84.52
N CYS B 195 -24.29 12.72 84.75
CA CYS B 195 -23.35 11.72 84.24
C CYS B 195 -24.21 10.59 83.66
N PRO B 196 -23.66 9.70 82.82
CA PRO B 196 -24.42 8.75 82.00
C PRO B 196 -25.40 7.78 82.68
N ALA B 197 -25.13 7.30 83.89
CA ALA B 197 -26.13 6.47 84.56
C ALA B 197 -27.22 7.32 85.28
N GLY B 198 -26.92 8.60 85.50
CA GLY B 198 -27.85 9.55 86.12
C GLY B 198 -28.98 9.91 85.18
N ASN B 199 -30.10 10.40 85.72
CA ASN B 199 -31.16 10.86 84.84
C ASN B 199 -31.08 12.39 84.62
N SER B 200 -30.03 13.02 85.16
CA SER B 200 -29.71 14.43 84.94
C SER B 200 -28.70 14.67 83.81
N TYR B 201 -28.30 13.59 83.12
CA TYR B 201 -27.36 13.68 82.01
C TYR B 201 -27.90 14.47 80.83
N THR B 202 -27.04 15.29 80.24
CA THR B 202 -27.39 16.03 79.04
C THR B 202 -26.58 15.42 77.92
N SER B 203 -25.32 15.83 77.83
CA SER B 203 -24.41 15.21 76.89
C SER B 203 -22.99 15.19 77.38
N PHE B 204 -22.28 14.16 76.97
CA PHE B 204 -20.86 14.02 77.19
C PHE B 204 -20.03 15.12 76.56
N ALA B 205 -19.00 15.56 77.29
CA ALA B 205 -18.03 16.53 76.82
C ALA B 205 -16.74 16.36 77.61
N THR B 206 -15.64 16.92 77.11
CA THR B 206 -14.38 16.87 77.86
C THR B 206 -13.80 18.25 77.93
N TYR B 207 -12.86 18.46 78.85
CA TYR B 207 -12.35 19.81 78.97
C TYR B 207 -10.92 19.93 79.43
N HIS B 208 -10.39 21.12 79.22
CA HIS B 208 -9.06 21.56 79.60
C HIS B 208 -9.18 22.83 80.42
N THR B 209 -8.36 22.98 81.47
CA THR B 209 -8.42 24.20 82.29
C THR B 209 -7.09 24.92 82.38
N PRO B 210 -6.75 25.79 81.41
CA PRO B 210 -5.49 26.55 81.28
C PRO B 210 -5.09 27.39 82.48
N ALA B 211 -6.05 27.73 83.35
CA ALA B 211 -5.71 28.49 84.54
C ALA B 211 -4.75 27.72 85.46
N THR B 212 -4.84 26.38 85.51
CA THR B 212 -3.90 25.59 86.30
C THR B 212 -3.13 24.57 85.45
N ASP B 213 -3.66 24.25 84.28
CA ASP B 213 -3.04 23.32 83.35
C ASP B 213 -1.98 24.00 82.51
N CYS B 214 -1.15 23.20 81.84
CA CYS B 214 -0.17 23.77 80.90
C CYS B 214 0.82 24.80 81.45
N SER B 215 1.43 24.52 82.61
CA SER B 215 2.49 25.40 83.09
C SER B 215 3.66 25.27 82.13
N ASP B 216 4.43 26.34 81.91
CA ASP B 216 5.53 26.20 80.97
C ASP B 216 6.66 25.29 81.45
N GLY B 217 6.88 25.21 82.76
CA GLY B 217 7.84 24.26 83.29
C GLY B 217 7.23 22.89 83.64
N ASN B 218 5.92 22.74 83.47
CA ASN B 218 5.24 21.50 83.83
C ASN B 218 3.91 21.37 83.13
N TYR B 219 3.90 21.04 81.85
CA TYR B 219 2.62 20.91 81.17
C TYR B 219 1.84 19.75 81.76
N ASN B 220 0.53 19.91 81.90
CA ASN B 220 -0.22 18.84 82.53
C ASN B 220 -0.58 17.76 81.55
N ARG B 221 0.26 16.73 81.55
CA ARG B 221 0.11 15.57 80.70
C ARG B 221 -1.12 14.71 80.96
N ASN B 222 -1.73 14.80 82.13
CA ASN B 222 -2.95 14.04 82.36
C ASN B 222 -4.22 14.91 82.28
N ALA B 223 -4.12 16.16 81.82
CA ALA B 223 -5.27 17.07 81.93
C ALA B 223 -6.55 16.67 81.21
N SER B 224 -6.46 16.22 79.98
CA SER B 224 -7.71 15.92 79.31
C SER B 224 -8.22 14.55 79.64
N LEU B 225 -7.30 13.63 79.95
CA LEU B 225 -7.67 12.30 80.36
C LEU B 225 -8.40 12.30 81.66
N ASN B 226 -8.02 13.16 82.59
CA ASN B 226 -8.72 13.19 83.84
C ASN B 226 -10.11 13.75 83.65
N SER B 227 -10.27 14.80 82.83
CA SER B 227 -11.63 15.27 82.59
C SER B 227 -12.46 14.24 81.84
N PHE B 228 -11.82 13.40 80.99
CA PHE B 228 -12.52 12.30 80.34
C PHE B 228 -13.03 11.27 81.34
N LYS B 229 -12.17 10.96 82.35
CA LYS B 229 -12.51 10.01 83.40
C LYS B 229 -13.68 10.43 84.26
N GLU B 230 -13.90 11.73 84.38
CA GLU B 230 -15.03 12.21 85.13
C GLU B 230 -16.40 11.90 84.50
N TYR B 231 -16.44 11.56 83.21
CA TYR B 231 -17.71 11.19 82.59
C TYR B 231 -17.79 9.69 82.32
N PHE B 232 -16.65 9.06 82.03
CA PHE B 232 -16.63 7.61 81.91
C PHE B 232 -15.48 7.00 82.66
N ASN B 233 -15.75 6.06 83.56
CA ASN B 233 -14.64 5.41 84.22
C ASN B 233 -14.00 4.45 83.23
N LEU B 234 -12.68 4.43 83.15
CA LEU B 234 -12.07 3.44 82.28
C LEU B 234 -12.15 2.06 82.91
N ARG B 235 -12.46 1.03 82.12
CA ARG B 235 -12.47 -0.35 82.62
C ARG B 235 -11.91 -1.28 81.57
N ASN B 236 -11.20 -2.36 81.97
CA ASN B 236 -10.78 -3.37 81.00
C ASN B 236 -10.04 -2.74 79.83
N CYS B 237 -8.99 -1.96 80.08
CA CYS B 237 -8.45 -1.29 78.90
C CYS B 237 -7.47 -2.28 78.31
N THR B 238 -7.52 -2.52 77.01
CA THR B 238 -6.56 -3.50 76.49
C THR B 238 -5.38 -2.91 75.79
N PHE B 239 -5.47 -1.67 75.33
CA PHE B 239 -4.29 -1.05 74.76
C PHE B 239 -4.17 0.41 75.12
N MET B 240 -2.94 0.87 75.29
CA MET B 240 -2.70 2.29 75.42
C MET B 240 -1.40 2.65 74.72
N TYR B 241 -1.38 3.80 74.06
CA TYR B 241 -0.16 4.30 73.43
C TYR B 241 -0.03 5.79 73.61
N THR B 242 1.19 6.31 73.54
CA THR B 242 1.33 7.76 73.57
C THR B 242 2.26 8.20 72.47
N TYR B 243 2.18 9.47 72.09
CA TYR B 243 3.06 10.01 71.07
C TYR B 243 3.55 11.40 71.43
N ASN B 244 4.71 11.77 70.89
CA ASN B 244 5.27 13.09 71.17
C ASN B 244 5.10 14.04 69.99
N ILE B 245 4.58 15.21 70.30
CA ILE B 245 4.28 16.31 69.40
C ILE B 245 4.95 17.57 69.93
N THR B 246 5.33 18.50 69.07
CA THR B 246 5.86 19.75 69.62
C THR B 246 5.02 20.86 69.06
N GLU B 247 4.99 22.01 69.73
CA GLU B 247 4.10 23.05 69.24
C GLU B 247 4.55 23.63 67.92
N ASP B 248 3.59 23.86 67.05
CA ASP B 248 3.81 24.50 65.78
C ASP B 248 2.47 24.96 65.23
N GLU B 249 2.22 26.26 65.09
CA GLU B 249 0.93 26.73 64.55
C GLU B 249 0.60 26.38 63.07
N ILE B 250 1.58 25.86 62.32
CA ILE B 250 1.43 25.52 60.91
C ILE B 250 0.35 24.46 60.65
N LEU B 251 -0.32 24.59 59.50
CA LEU B 251 -1.38 23.68 59.06
C LEU B 251 -0.87 22.25 58.99
N GLU B 252 -1.69 21.30 59.42
CA GLU B 252 -1.30 19.89 59.40
C GLU B 252 -2.36 18.96 58.91
N TRP B 253 -1.92 17.83 58.39
CA TRP B 253 -2.83 16.80 57.95
C TRP B 253 -2.73 15.55 58.80
N PHE B 254 -3.88 14.91 59.01
CA PHE B 254 -3.94 13.68 59.78
C PHE B 254 -5.02 12.75 59.24
N GLY B 255 -4.87 11.44 59.41
CA GLY B 255 -5.99 10.61 59.02
C GLY B 255 -5.93 9.18 59.48
N ILE B 256 -7.03 8.48 59.24
CA ILE B 256 -7.23 7.11 59.68
C ILE B 256 -7.74 6.18 58.61
N THR B 257 -7.15 5.00 58.49
CA THR B 257 -7.68 3.96 57.62
C THR B 257 -7.71 2.66 58.38
N GLN B 258 -8.45 1.68 57.88
CA GLN B 258 -8.42 0.39 58.52
C GLN B 258 -8.30 -0.72 57.48
N THR B 259 -7.46 -1.68 57.81
CA THR B 259 -7.15 -2.83 56.96
C THR B 259 -7.19 -4.06 57.82
N ALA B 260 -7.09 -5.23 57.18
CA ALA B 260 -7.01 -6.51 57.91
C ALA B 260 -5.76 -6.61 58.85
N GLN B 261 -4.77 -5.70 58.67
CA GLN B 261 -3.60 -5.57 59.51
C GLN B 261 -3.87 -4.65 60.72
N GLY B 262 -5.09 -4.12 60.82
CA GLY B 262 -5.48 -3.19 61.86
C GLY B 262 -5.46 -1.75 61.37
N VAL B 263 -5.84 -0.85 62.27
CA VAL B 263 -5.94 0.57 62.02
C VAL B 263 -4.60 1.23 61.77
N HIS B 264 -4.57 2.16 60.82
CA HIS B 264 -3.34 2.88 60.52
C HIS B 264 -3.54 4.35 60.77
N LEU B 265 -2.49 5.00 61.27
CA LEU B 265 -2.55 6.43 61.53
C LEU B 265 -1.59 7.14 60.61
N PHE B 266 -2.03 8.28 60.10
CA PHE B 266 -1.19 9.01 59.18
C PHE B 266 -1.06 10.42 59.58
N SER B 267 0.09 11.00 59.33
CA SER B 267 0.25 12.41 59.55
C SER B 267 1.27 13.00 58.64
N SER B 268 1.13 14.28 58.38
CA SER B 268 2.15 14.96 57.62
C SER B 268 3.29 15.47 58.48
N ARG B 269 3.09 15.56 59.79
CA ARG B 269 4.08 16.19 60.65
C ARG B 269 5.43 15.52 60.77
N TYR B 270 5.44 14.21 60.86
CA TYR B 270 6.69 13.48 61.06
C TYR B 270 7.68 13.56 59.91
N VAL B 271 7.19 13.57 58.68
CA VAL B 271 8.04 13.54 57.49
C VAL B 271 8.02 14.79 56.62
N ASP B 272 6.82 15.29 56.33
CA ASP B 272 6.63 16.35 55.36
C ASP B 272 5.88 17.51 55.90
N LEU B 273 6.39 18.08 57.00
CA LEU B 273 5.73 19.17 57.68
C LEU B 273 5.37 20.36 56.80
N TYR B 274 6.18 20.67 55.78
CA TYR B 274 5.85 21.80 54.96
C TYR B 274 5.05 21.46 53.71
N GLY B 275 5.34 20.33 53.06
CA GLY B 275 4.58 19.96 51.86
C GLY B 275 3.16 19.44 52.12
N GLY B 276 2.91 18.93 53.33
CA GLY B 276 1.61 18.42 53.75
C GLY B 276 1.20 17.00 53.29
N ASN B 277 2.10 16.24 52.65
CA ASN B 277 1.73 14.88 52.27
C ASN B 277 1.69 13.96 53.48
N MET B 278 0.65 13.13 53.58
CA MET B 278 0.60 12.19 54.70
C MET B 278 1.56 11.04 54.59
N PHE B 279 2.03 10.56 55.74
CA PHE B 279 2.87 9.36 55.82
C PHE B 279 2.39 8.48 56.95
N GLN B 280 2.71 7.19 56.90
CA GLN B 280 2.16 6.28 57.91
C GLN B 280 2.93 6.34 59.19
N PHE B 281 2.46 7.24 60.03
CA PHE B 281 3.04 7.50 61.33
C PHE B 281 3.00 6.38 62.35
N ALA B 282 1.90 5.64 62.38
CA ALA B 282 1.75 4.59 63.37
C ALA B 282 0.74 3.55 62.95
N THR B 283 0.74 2.40 63.63
CA THR B 283 -0.32 1.43 63.38
C THR B 283 -0.87 0.98 64.72
N LEU B 284 -2.06 0.40 64.70
CA LEU B 284 -2.67 -0.08 65.92
C LEU B 284 -3.04 -1.56 65.79
N PRO B 285 -2.88 -2.35 66.87
CA PRO B 285 -3.16 -3.78 67.03
C PRO B 285 -4.60 -4.23 66.90
N VAL B 286 -5.56 -3.31 66.96
CA VAL B 286 -6.95 -3.71 66.97
C VAL B 286 -7.41 -4.27 65.64
N TYR B 287 -8.07 -5.42 65.68
CA TYR B 287 -8.58 -6.03 64.46
C TYR B 287 -10.11 -5.96 64.32
N ASP B 288 -10.78 -5.38 65.30
CA ASP B 288 -12.23 -5.23 65.23
C ASP B 288 -12.60 -4.24 64.16
N THR B 289 -13.58 -4.59 63.32
CA THR B 289 -14.00 -3.65 62.28
C THR B 289 -14.68 -2.44 62.88
N ILE B 290 -14.32 -1.25 62.39
CA ILE B 290 -14.99 -0.05 62.85
C ILE B 290 -16.22 0.20 62.02
N LYS B 291 -17.37 0.30 62.66
CA LYS B 291 -18.58 0.58 61.90
C LYS B 291 -19.09 1.99 62.12
N TYR B 292 -18.65 2.64 63.19
CA TYR B 292 -19.11 3.98 63.48
C TYR B 292 -18.04 4.93 63.91
N TYR B 293 -18.32 6.19 63.68
CA TYR B 293 -17.42 7.26 63.98
C TYR B 293 -18.07 8.49 64.56
N SER B 294 -17.44 9.08 65.58
CA SER B 294 -17.93 10.35 66.09
C SER B 294 -16.78 11.21 66.61
N ILE B 295 -17.05 12.50 66.72
CA ILE B 295 -16.12 13.45 67.31
C ILE B 295 -16.46 13.76 68.74
N ILE B 296 -15.46 13.71 69.60
CA ILE B 296 -15.71 14.08 70.99
C ILE B 296 -15.66 15.59 71.09
N PRO B 297 -16.70 16.26 71.60
CA PRO B 297 -16.74 17.68 71.84
C PRO B 297 -15.76 18.04 72.95
N HIS B 298 -15.21 19.22 72.88
CA HIS B 298 -14.25 19.62 73.88
C HIS B 298 -14.33 21.10 74.13
N SER B 299 -13.95 21.51 75.34
CA SER B 299 -13.98 22.93 75.62
C SER B 299 -12.94 23.42 76.59
N ILE B 300 -12.69 24.72 76.49
CA ILE B 300 -11.74 25.41 77.35
C ILE B 300 -12.43 26.01 78.60
N ARG B 301 -11.93 25.69 79.80
CA ARG B 301 -12.52 26.18 81.06
C ARG B 301 -12.00 27.52 81.54
N SER B 302 -11.17 28.17 80.74
CA SER B 302 -10.48 29.42 81.06
C SER B 302 -11.40 30.58 81.39
N ILE B 303 -10.85 31.46 82.20
CA ILE B 303 -11.46 32.66 82.76
C ILE B 303 -11.89 33.64 81.69
N GLN B 304 -13.03 34.29 81.91
CA GLN B 304 -13.69 35.17 80.93
C GLN B 304 -12.83 36.26 80.27
N SER B 305 -11.85 36.84 80.99
CA SER B 305 -10.98 37.82 80.34
C SER B 305 -9.80 37.18 79.58
N ASP B 306 -9.57 35.90 79.83
CA ASP B 306 -8.49 35.12 79.23
C ASP B 306 -8.91 34.27 78.02
N ARG B 307 -10.14 34.45 77.51
CA ARG B 307 -10.63 33.60 76.42
C ARG B 307 -9.81 33.68 75.14
N LYS B 308 -9.68 32.54 74.47
CA LYS B 308 -9.01 32.49 73.18
C LYS B 308 -9.83 31.70 72.16
N ALA B 309 -10.09 32.31 71.02
CA ALA B 309 -10.76 31.67 69.89
C ALA B 309 -9.88 30.56 69.27
N TRP B 310 -10.52 29.52 68.70
CA TRP B 310 -9.72 28.46 68.10
C TRP B 310 -10.02 28.29 66.61
N ALA B 311 -8.99 27.93 65.86
CA ALA B 311 -9.09 27.68 64.42
C ALA B 311 -10.05 26.54 64.10
N ALA B 312 -10.74 26.67 62.97
CA ALA B 312 -11.68 25.66 62.47
C ALA B 312 -11.02 24.33 62.16
N PHE B 313 -11.78 23.26 62.37
CA PHE B 313 -11.35 21.89 62.11
C PHE B 313 -12.20 21.23 61.02
N TYR B 314 -11.57 20.49 60.09
CA TYR B 314 -12.37 19.90 58.99
C TYR B 314 -12.16 18.41 58.80
N VAL B 315 -13.19 17.74 58.28
CA VAL B 315 -13.14 16.29 58.02
C VAL B 315 -13.57 15.98 56.60
N TYR B 316 -12.90 15.04 55.93
CA TYR B 316 -13.25 14.65 54.58
C TYR B 316 -13.30 13.13 54.50
N LYS B 317 -14.07 12.56 53.59
CA LYS B 317 -14.17 11.10 53.56
C LYS B 317 -13.44 10.43 52.42
N LEU B 318 -12.68 9.38 52.74
CA LEU B 318 -11.95 8.60 51.75
C LEU B 318 -12.79 7.68 50.85
N GLN B 319 -12.38 7.54 49.59
CA GLN B 319 -13.00 6.63 48.61
C GLN B 319 -11.89 6.04 47.71
N PRO B 320 -12.05 4.85 47.12
CA PRO B 320 -11.03 4.14 46.30
C PRO B 320 -10.87 4.65 44.85
N LEU B 321 -10.61 5.93 44.73
CA LEU B 321 -10.41 6.71 43.52
C LEU B 321 -9.08 6.52 42.77
N THR B 322 -9.12 6.67 41.45
CA THR B 322 -7.89 6.68 40.65
C THR B 322 -7.41 8.13 40.43
N PHE B 323 -6.12 8.37 40.60
CA PHE B 323 -5.50 9.68 40.42
C PHE B 323 -4.19 9.75 39.66
N LEU B 324 -4.01 10.81 38.88
CA LEU B 324 -2.66 11.07 38.40
C LEU B 324 -1.89 11.61 39.57
N LEU B 325 -0.62 11.25 39.71
CA LEU B 325 0.18 11.90 40.73
C LEU B 325 1.44 12.49 40.13
N ASP B 326 1.63 13.80 40.30
CA ASP B 326 2.87 14.44 39.92
C ASP B 326 3.86 14.33 41.05
N PHE B 327 4.99 13.72 40.79
CA PHE B 327 6.03 13.65 41.78
C PHE B 327 7.15 14.62 41.50
N SER B 328 7.56 15.32 42.54
CA SER B 328 8.74 16.16 42.53
C SER B 328 9.96 15.33 42.40
N VAL B 329 11.04 15.90 41.89
CA VAL B 329 12.34 15.19 41.92
C VAL B 329 12.77 14.81 43.37
N ASP B 330 12.27 15.56 44.38
CA ASP B 330 12.47 15.28 45.78
C ASP B 330 11.41 14.30 46.35
N GLY B 331 10.58 13.74 45.47
CA GLY B 331 9.62 12.68 45.70
C GLY B 331 8.32 13.10 46.33
N TYR B 332 8.12 14.38 46.54
CA TYR B 332 6.89 14.80 47.13
C TYR B 332 5.80 14.86 46.10
N ILE B 333 4.59 14.49 46.48
CA ILE B 333 3.55 14.66 45.52
C ILE B 333 3.22 16.13 45.53
N ARG B 334 3.25 16.76 44.37
CA ARG B 334 2.95 18.18 44.31
C ARG B 334 1.65 18.50 43.63
N ARG B 335 1.22 17.65 42.71
CA ARG B 335 -0.05 17.89 42.01
C ARG B 335 -0.80 16.60 41.82
N ALA B 336 -2.12 16.68 41.73
CA ALA B 336 -2.84 15.46 41.46
C ALA B 336 -4.15 15.74 40.72
N ILE B 337 -4.64 14.73 39.98
CA ILE B 337 -5.93 14.90 39.29
C ILE B 337 -6.90 13.76 39.57
N ASP B 338 -8.08 14.11 40.09
CA ASP B 338 -9.14 13.13 40.35
C ASP B 338 -9.73 12.76 39.01
N CYS B 339 -9.54 11.50 38.57
CA CYS B 339 -9.96 11.16 37.20
C CYS B 339 -11.47 11.32 36.96
N GLY B 340 -12.29 10.98 37.94
CA GLY B 340 -13.72 11.05 37.76
C GLY B 340 -14.38 12.41 38.00
N PHE B 341 -13.62 13.42 38.40
CA PHE B 341 -14.24 14.70 38.72
C PHE B 341 -14.95 15.42 37.59
N ASN B 342 -14.36 15.38 36.40
CA ASN B 342 -14.89 16.08 35.25
C ASN B 342 -14.56 15.32 34.00
N ASP B 343 -15.23 15.65 32.92
CA ASP B 343 -14.92 15.03 31.65
C ASP B 343 -13.52 15.43 31.20
N LEU B 344 -13.13 16.67 31.51
CA LEU B 344 -11.78 17.10 31.22
C LEU B 344 -10.74 16.32 32.03
N SER B 345 -11.03 16.03 33.29
CA SER B 345 -10.11 15.25 34.08
C SER B 345 -9.95 13.83 33.57
N GLN B 346 -11.03 13.28 32.97
CA GLN B 346 -10.96 11.98 32.34
C GLN B 346 -9.97 11.97 31.20
N LEU B 347 -10.00 13.04 30.42
CA LEU B 347 -9.09 13.19 29.31
C LEU B 347 -7.64 13.22 29.74
N HIS B 348 -7.34 13.95 30.82
CA HIS B 348 -5.96 13.97 31.29
C HIS B 348 -5.48 12.64 31.78
N CYS B 349 -6.37 11.88 32.42
CA CYS B 349 -5.93 10.60 32.91
C CYS B 349 -5.65 9.64 31.77
N SER B 350 -6.46 9.69 30.70
CA SER B 350 -6.22 8.81 29.56
C SER B 350 -4.90 9.05 28.84
N TYR B 351 -4.41 10.29 28.87
CA TYR B 351 -3.11 10.58 28.29
C TYR B 351 -1.97 10.62 29.29
N GLU B 352 -2.26 10.29 30.56
CA GLU B 352 -1.26 10.28 31.63
C GLU B 352 -0.47 11.56 31.73
N SER B 353 -1.11 12.71 31.52
CA SER B 353 -0.38 13.95 31.54
C SER B 353 -1.17 15.14 32.01
N PHE B 354 -0.42 16.15 32.39
CA PHE B 354 -0.97 17.42 32.81
C PHE B 354 -1.02 18.45 31.70
N ASP B 355 -0.73 18.05 30.46
CA ASP B 355 -0.81 19.00 29.37
C ASP B 355 -1.20 18.34 28.06
N VAL B 356 -2.48 18.05 27.91
CA VAL B 356 -3.03 17.45 26.70
C VAL B 356 -3.02 18.44 25.52
N GLU B 357 -2.65 17.94 24.34
CA GLU B 357 -2.62 18.73 23.11
C GLU B 357 -4.00 19.22 22.68
N SER B 358 -4.09 20.39 22.06
CA SER B 358 -5.42 20.88 21.67
C SER B 358 -6.10 19.97 20.67
N GLY B 359 -7.41 19.84 20.82
CA GLY B 359 -8.20 19.09 19.86
C GLY B 359 -9.62 18.93 20.32
N VAL B 360 -10.42 18.24 19.53
CA VAL B 360 -11.74 17.82 19.96
C VAL B 360 -11.61 16.39 20.48
N TYR B 361 -12.09 16.09 21.68
CA TYR B 361 -11.94 14.73 22.18
C TYR B 361 -13.21 14.13 22.71
N SER B 362 -13.46 12.87 22.38
CA SER B 362 -14.61 12.18 22.93
C SER B 362 -14.41 11.90 24.42
N VAL B 363 -15.49 11.97 25.17
CA VAL B 363 -15.49 11.67 26.61
C VAL B 363 -16.67 10.75 26.87
N SER B 364 -16.74 10.11 28.04
CA SER B 364 -17.88 9.19 28.21
C SER B 364 -19.26 9.89 28.16
N SER B 365 -20.21 9.18 27.55
CA SER B 365 -21.60 9.59 27.35
C SER B 365 -22.50 9.57 28.59
N PHE B 366 -23.56 10.42 28.58
CA PHE B 366 -24.58 10.36 29.62
C PHE B 366 -25.34 9.07 29.47
N GLU B 367 -25.69 8.36 30.55
CA GLU B 367 -26.34 7.07 30.29
C GLU B 367 -27.79 7.04 29.80
N ALA B 368 -28.77 7.29 30.70
CA ALA B 368 -30.17 6.99 30.41
C ALA B 368 -31.18 7.67 31.31
N LYS B 369 -30.91 7.56 32.63
CA LYS B 369 -31.80 7.73 33.79
C LYS B 369 -33.07 6.87 33.90
N PRO B 370 -33.00 5.84 34.75
CA PRO B 370 -34.13 4.99 35.08
C PRO B 370 -35.37 5.78 35.50
N SER B 371 -36.50 5.15 35.30
CA SER B 371 -37.79 5.71 35.68
C SER B 371 -38.52 4.58 36.37
N GLY B 372 -39.59 4.91 37.08
CA GLY B 372 -40.22 3.91 37.92
C GLY B 372 -40.74 2.75 37.10
N SER B 373 -40.74 1.58 37.73
CA SER B 373 -41.01 0.35 37.03
C SER B 373 -42.41 0.17 36.48
N VAL B 374 -42.48 -0.63 35.42
CA VAL B 374 -43.73 -1.03 34.80
C VAL B 374 -43.74 -2.55 34.74
N VAL B 375 -44.77 -3.15 35.32
CA VAL B 375 -44.80 -4.60 35.39
C VAL B 375 -46.12 -5.22 34.95
N GLU B 376 -46.02 -6.29 34.15
CA GLU B 376 -47.20 -7.06 33.81
C GLU B 376 -46.90 -8.52 34.07
N GLN B 377 -47.77 -9.19 34.82
CA GLN B 377 -47.63 -10.60 35.11
C GLN B 377 -48.89 -11.17 35.75
N ALA B 378 -49.93 -11.39 34.95
CA ALA B 378 -51.18 -11.95 35.46
C ALA B 378 -50.98 -13.34 36.05
N GLU B 379 -51.76 -13.65 37.08
CA GLU B 379 -51.72 -14.95 37.74
C GLU B 379 -52.87 -15.11 38.71
N ASP B 593 -49.17 -3.95 44.18
CA ASP B 593 -48.85 -4.27 42.81
C ASP B 593 -49.14 -3.09 41.89
N THR B 594 -50.24 -2.39 42.15
CA THR B 594 -50.62 -1.23 41.35
C THR B 594 -50.03 0.06 41.92
N LYS B 595 -50.05 1.14 41.14
CA LYS B 595 -50.60 1.15 39.78
C LYS B 595 -49.50 1.31 38.74
N ILE B 596 -48.84 0.21 38.40
CA ILE B 596 -47.77 0.23 37.42
C ILE B 596 -48.00 -0.60 36.16
N ALA B 597 -49.27 -0.91 35.83
CA ALA B 597 -49.52 -1.72 34.63
C ALA B 597 -49.02 -1.10 33.32
N SER B 598 -49.08 0.23 33.19
CA SER B 598 -48.51 0.90 32.03
C SER B 598 -48.07 2.31 32.40
N GLN B 599 -47.16 2.86 31.61
CA GLN B 599 -46.66 4.21 31.87
C GLN B 599 -45.79 4.70 30.70
N LEU B 600 -46.44 5.12 29.62
CA LEU B 600 -45.73 5.61 28.45
C LEU B 600 -45.51 7.12 28.53
N GLY B 601 -44.27 7.55 28.80
CA GLY B 601 -43.14 6.65 29.01
C GLY B 601 -41.81 7.30 28.66
N ASN B 602 -40.77 6.92 29.38
CA ASN B 602 -39.44 7.46 29.16
C ASN B 602 -38.36 6.38 29.15
N CYS B 603 -37.99 5.91 30.34
CA CYS B 603 -36.98 4.87 30.47
C CYS B 603 -37.25 4.11 31.76
N VAL B 604 -38.43 3.50 31.82
CA VAL B 604 -38.85 2.75 33.01
C VAL B 604 -38.50 1.26 32.98
N GLU B 605 -37.76 0.84 34.00
CA GLU B 605 -37.35 -0.55 34.17
C GLU B 605 -38.59 -1.40 34.03
N TYR B 606 -38.47 -2.61 33.52
CA TYR B 606 -39.69 -3.40 33.43
C TYR B 606 -39.52 -4.89 33.66
N SER B 607 -40.64 -5.52 34.00
CA SER B 607 -40.71 -6.97 34.07
C SER B 607 -41.99 -7.44 33.41
N LEU B 608 -41.86 -8.39 32.50
CA LEU B 608 -42.97 -8.92 31.73
C LEU B 608 -42.97 -10.42 31.77
N TYR B 609 -43.73 -11.02 32.68
CA TYR B 609 -43.76 -12.49 32.80
C TYR B 609 -42.39 -13.15 32.99
N GLY B 610 -41.52 -12.47 33.74
CA GLY B 610 -40.17 -12.91 34.04
C GLY B 610 -39.11 -12.43 33.05
N VAL B 611 -39.51 -11.78 31.97
CA VAL B 611 -38.58 -11.15 31.06
C VAL B 611 -38.28 -9.78 31.59
N SER B 612 -37.03 -9.37 31.66
CA SER B 612 -36.81 -8.04 32.19
C SER B 612 -35.72 -7.28 31.48
N GLY B 613 -35.78 -5.98 31.64
CA GLY B 613 -34.84 -5.08 30.99
C GLY B 613 -35.24 -3.67 31.32
N ARG B 614 -34.59 -2.70 30.68
CA ARG B 614 -35.00 -1.32 30.86
C ARG B 614 -35.30 -0.70 29.50
N GLY B 615 -36.39 0.07 29.39
CA GLY B 615 -36.61 0.73 28.10
C GLY B 615 -37.84 1.62 27.99
N VAL B 616 -37.99 2.24 26.83
CA VAL B 616 -39.15 3.09 26.57
C VAL B 616 -40.18 2.36 25.76
N PHE B 617 -41.44 2.50 26.16
CA PHE B 617 -42.50 1.89 25.38
C PHE B 617 -43.24 2.93 24.58
N GLN B 618 -43.78 2.52 23.44
CA GLN B 618 -44.56 3.41 22.59
C GLN B 618 -45.75 2.66 22.02
N ASN B 619 -46.90 3.32 21.89
CA ASN B 619 -47.99 2.59 21.25
C ASN B 619 -47.73 2.48 19.76
N CYS B 620 -47.87 1.26 19.22
CA CYS B 620 -47.62 1.04 17.80
C CYS B 620 -48.71 0.17 17.15
N THR B 621 -48.39 -0.31 15.97
CA THR B 621 -49.30 -1.03 15.08
C THR B 621 -49.48 -2.44 15.62
N ALA B 622 -49.76 -3.41 14.81
CA ALA B 622 -49.83 -4.81 15.20
C ALA B 622 -49.06 -5.72 14.25
N VAL B 623 -47.98 -6.31 14.74
CA VAL B 623 -47.16 -7.20 13.94
C VAL B 623 -47.33 -8.65 14.37
N GLY B 624 -47.14 -9.57 13.44
CA GLY B 624 -47.27 -10.99 13.72
C GLY B 624 -46.08 -11.54 14.48
N VAL B 625 -46.28 -12.58 15.29
CA VAL B 625 -47.59 -13.20 15.48
C VAL B 625 -48.11 -12.95 16.90
N ARG B 626 -49.43 -12.78 17.02
CA ARG B 626 -50.04 -12.53 18.31
C ARG B 626 -50.17 -13.82 19.08
N GLN B 627 -50.06 -13.70 20.39
CA GLN B 627 -50.03 -14.76 21.40
C GLN B 627 -48.70 -15.47 21.51
N GLN B 628 -47.67 -14.99 20.81
CA GLN B 628 -46.34 -15.42 21.16
C GLN B 628 -45.75 -14.40 22.12
N ARG B 629 -46.48 -13.27 22.30
CA ARG B 629 -46.26 -12.23 23.29
C ARG B 629 -45.00 -11.35 23.10
N PHE B 630 -43.83 -11.95 22.87
CA PHE B 630 -42.60 -11.19 22.73
C PHE B 630 -42.04 -11.16 21.30
N VAL B 631 -42.00 -9.97 20.71
CA VAL B 631 -41.45 -9.75 19.37
C VAL B 631 -39.95 -9.49 19.44
N TYR B 632 -39.14 -10.16 18.62
CA TYR B 632 -37.68 -9.95 18.63
C TYR B 632 -37.07 -9.69 17.26
N ASP B 633 -35.92 -9.02 17.24
CA ASP B 633 -35.16 -8.81 15.99
C ASP B 633 -34.14 -9.94 15.79
N ALA B 634 -33.37 -9.85 14.70
CA ALA B 634 -32.35 -10.84 14.34
C ALA B 634 -31.15 -10.94 15.31
N TYR B 635 -30.98 -9.94 16.17
CA TYR B 635 -29.92 -9.95 17.17
C TYR B 635 -30.45 -10.33 18.54
N GLN B 636 -31.72 -10.77 18.58
CA GLN B 636 -32.46 -11.18 19.75
C GLN B 636 -32.72 -10.05 20.75
N ASN B 637 -32.72 -8.80 20.28
CA ASN B 637 -33.14 -7.69 21.12
C ASN B 637 -34.64 -7.73 21.20
N LEU B 638 -35.22 -7.47 22.37
CA LEU B 638 -36.67 -7.42 22.35
C LEU B 638 -37.08 -6.19 21.54
N VAL B 639 -38.03 -6.38 20.66
CA VAL B 639 -38.57 -5.32 19.82
C VAL B 639 -39.89 -4.78 20.26
N GLY B 640 -40.74 -5.65 20.78
CA GLY B 640 -42.02 -5.16 21.23
C GLY B 640 -42.83 -6.19 21.96
N TYR B 641 -43.98 -5.76 22.44
CA TYR B 641 -44.75 -6.60 23.32
C TYR B 641 -46.25 -6.54 23.18
N TYR B 642 -46.92 -7.69 23.30
CA TYR B 642 -48.36 -7.66 23.38
C TYR B 642 -48.85 -7.70 24.80
N SER B 643 -49.41 -6.57 25.21
CA SER B 643 -50.03 -6.37 26.51
C SER B 643 -51.34 -7.07 26.64
N ASP B 644 -51.71 -7.36 27.88
CA ASP B 644 -52.98 -7.99 28.13
C ASP B 644 -54.16 -6.99 28.09
N ASP B 645 -53.89 -5.71 27.79
CA ASP B 645 -54.94 -4.75 27.49
C ASP B 645 -55.29 -4.78 25.98
N GLY B 646 -54.70 -5.71 25.22
CA GLY B 646 -54.95 -5.88 23.80
C GLY B 646 -54.18 -4.93 22.88
N ASN B 647 -53.25 -4.14 23.42
CA ASN B 647 -52.50 -3.23 22.58
C ASN B 647 -51.06 -3.65 22.39
N TYR B 648 -50.62 -3.59 21.14
CA TYR B 648 -49.21 -3.78 20.85
C TYR B 648 -48.44 -2.53 21.25
N TYR B 649 -47.29 -2.70 21.87
CA TYR B 649 -46.45 -1.57 22.19
C TYR B 649 -45.08 -1.88 21.67
N CYS B 650 -44.26 -0.86 21.38
CA CYS B 650 -42.98 -1.28 20.86
C CYS B 650 -41.96 -0.86 21.87
N LEU B 651 -40.80 -1.49 21.83
CA LEU B 651 -39.77 -1.18 22.79
C LEU B 651 -38.49 -0.73 22.12
N ARG B 652 -38.01 0.46 22.47
CA ARG B 652 -36.80 0.99 21.87
C ARG B 652 -35.59 0.99 22.81
N ALA B 653 -35.69 0.30 23.95
CA ALA B 653 -34.66 0.32 24.99
C ALA B 653 -34.43 1.78 25.41
N CYS B 654 -33.20 2.27 25.50
CA CYS B 654 -33.13 3.69 25.81
C CYS B 654 -32.02 4.33 25.05
N VAL B 655 -31.99 5.63 25.13
CA VAL B 655 -31.08 6.42 24.36
C VAL B 655 -30.15 7.16 25.26
N SER B 656 -29.06 7.62 24.69
CA SER B 656 -28.01 8.24 25.45
C SER B 656 -27.45 9.44 24.74
N VAL B 657 -26.79 10.31 25.49
CA VAL B 657 -26.25 11.50 24.90
C VAL B 657 -24.74 11.40 24.77
N PRO B 658 -24.19 11.34 23.56
CA PRO B 658 -22.76 11.31 23.32
C PRO B 658 -22.19 12.63 23.74
N VAL B 659 -20.96 12.64 24.21
CA VAL B 659 -20.38 13.91 24.62
C VAL B 659 -18.97 14.02 24.10
N SER B 660 -18.55 15.22 23.74
CA SER B 660 -17.16 15.44 23.40
C SER B 660 -16.78 16.80 23.88
N VAL B 661 -15.48 17.06 24.00
CA VAL B 661 -15.09 18.37 24.47
C VAL B 661 -14.12 19.02 23.53
N ILE B 662 -14.16 20.32 23.54
CA ILE B 662 -13.27 21.12 22.75
C ILE B 662 -12.19 21.61 23.65
N TYR B 663 -10.94 21.24 23.42
CA TYR B 663 -9.92 21.72 24.32
C TYR B 663 -8.89 22.59 23.64
N ASP B 664 -8.79 23.85 24.09
CA ASP B 664 -7.76 24.76 23.62
C ASP B 664 -6.60 24.86 24.58
N LYS B 665 -5.55 24.10 24.34
CA LYS B 665 -4.37 24.12 25.20
C LYS B 665 -3.68 25.47 25.34
N GLU B 666 -3.72 26.33 24.31
CA GLU B 666 -3.02 27.59 24.41
C GLU B 666 -3.61 28.57 25.39
N THR B 667 -4.93 28.64 25.45
CA THR B 667 -5.58 29.50 26.42
C THR B 667 -6.01 28.76 27.65
N LYS B 668 -5.89 27.41 27.63
CA LYS B 668 -6.33 26.57 28.73
C LYS B 668 -7.81 26.73 28.97
N THR B 669 -8.59 26.67 27.88
CA THR B 669 -10.03 26.82 28.01
C THR B 669 -10.73 25.73 27.25
N HIS B 670 -12.00 25.55 27.56
CA HIS B 670 -12.75 24.48 26.96
C HIS B 670 -14.22 24.77 26.77
N ALA B 671 -14.84 23.96 25.94
CA ALA B 671 -16.26 24.06 25.62
C ALA B 671 -16.76 22.68 25.29
N THR B 672 -18.08 22.47 25.19
CA THR B 672 -18.51 21.11 24.89
C THR B 672 -19.56 20.97 23.82
N LEU B 673 -19.65 19.75 23.31
CA LEU B 673 -20.57 19.35 22.27
C LEU B 673 -21.35 18.10 22.66
N PHE B 674 -22.67 18.15 22.50
CA PHE B 674 -23.51 17.01 22.85
C PHE B 674 -23.91 16.13 21.67
N GLY B 675 -23.29 16.32 20.54
CA GLY B 675 -23.57 15.50 19.39
C GLY B 675 -24.90 15.87 18.83
N SER B 676 -25.50 14.93 18.14
CA SER B 676 -26.79 15.13 17.49
C SER B 676 -28.01 15.22 18.41
N VAL B 677 -27.84 15.17 19.74
CA VAL B 677 -28.98 15.14 20.65
C VAL B 677 -30.03 16.25 20.57
N ALA B 678 -29.65 17.44 20.08
CA ALA B 678 -30.51 18.64 20.03
C ALA B 678 -30.74 19.26 21.43
N CYS B 679 -30.78 20.59 21.47
CA CYS B 679 -30.89 21.37 22.71
C CYS B 679 -32.27 21.32 23.34
N GLU B 680 -33.26 20.63 22.75
CA GLU B 680 -34.51 20.51 23.44
C GLU B 680 -34.43 19.52 24.62
N HIS B 681 -33.40 18.64 24.62
CA HIS B 681 -33.22 17.71 25.74
C HIS B 681 -32.10 18.13 26.67
N ILE B 682 -31.48 19.26 26.38
CA ILE B 682 -30.38 19.79 27.15
C ILE B 682 -30.81 20.77 28.20
N SER B 683 -30.26 20.62 29.38
CA SER B 683 -30.59 21.50 30.47
C SER B 683 -29.35 21.85 31.29
N SER B 684 -29.47 22.92 32.08
CA SER B 684 -28.38 23.44 32.92
C SER B 684 -27.83 22.44 33.94
N THR B 685 -28.63 21.47 34.34
CA THR B 685 -28.19 20.43 35.24
C THR B 685 -28.64 19.15 34.61
N MET B 686 -28.08 18.04 35.05
CA MET B 686 -28.46 16.78 34.44
C MET B 686 -29.03 15.77 35.38
N SER B 687 -30.01 15.04 34.88
CA SER B 687 -30.64 13.97 35.63
C SER B 687 -30.42 12.66 34.88
N GLN B 688 -29.16 12.27 34.71
CA GLN B 688 -28.84 11.04 33.97
C GLN B 688 -28.19 9.92 34.83
N TYR B 689 -26.87 9.92 35.05
CA TYR B 689 -25.93 10.92 34.56
C TYR B 689 -24.63 10.29 34.07
N SER B 690 -23.58 11.10 33.95
CA SER B 690 -22.25 10.67 33.48
C SER B 690 -21.21 10.71 34.61
N ARG B 691 -20.66 11.90 34.89
CA ARG B 691 -19.64 12.14 35.91
C ARG B 691 -20.04 13.30 36.80
N SER B 692 -19.47 13.33 38.00
CA SER B 692 -19.99 14.22 39.03
C SER B 692 -20.14 15.72 38.72
N THR B 693 -19.24 16.37 37.99
CA THR B 693 -19.57 17.75 37.63
C THR B 693 -19.17 18.19 36.24
N ARG B 694 -19.77 19.28 35.80
CA ARG B 694 -19.38 20.00 34.59
C ARG B 694 -19.21 21.50 34.90
N SER B 695 -19.00 21.82 36.19
CA SER B 695 -18.96 23.20 36.67
C SER B 695 -17.95 24.14 36.06
N MET B 696 -16.84 23.62 35.53
CA MET B 696 -15.90 24.53 34.89
C MET B 696 -16.50 25.18 33.64
N LEU B 697 -17.41 24.48 32.95
CA LEU B 697 -18.13 25.08 31.83
C LEU B 697 -19.08 26.14 32.32
N LYS B 698 -19.73 25.83 33.47
CA LYS B 698 -20.72 26.68 34.11
C LYS B 698 -20.18 28.00 34.59
N ARG B 699 -18.86 28.10 34.80
CA ARG B 699 -18.24 29.37 35.16
C ARG B 699 -18.57 30.49 34.14
N ARG B 700 -18.78 30.13 32.88
CA ARG B 700 -19.26 31.09 31.92
C ARG B 700 -20.70 30.75 31.54
N ASP B 701 -21.04 29.44 31.51
CA ASP B 701 -22.33 29.03 31.00
C ASP B 701 -23.50 29.08 31.95
N SER B 702 -23.29 29.54 33.19
CA SER B 702 -24.41 29.89 34.06
C SER B 702 -25.20 31.06 33.48
N THR B 703 -24.55 31.88 32.62
CA THR B 703 -25.17 33.03 32.01
C THR B 703 -25.67 32.81 30.58
N TYR B 704 -25.59 31.58 30.03
CA TYR B 704 -26.05 31.42 28.65
C TYR B 704 -26.94 30.21 28.42
N GLY B 705 -27.85 30.36 27.46
CA GLY B 705 -28.64 29.24 26.97
C GLY B 705 -27.73 28.33 26.12
N PRO B 706 -28.11 27.08 25.92
CA PRO B 706 -27.48 26.15 25.00
C PRO B 706 -27.65 26.67 23.59
N LEU B 707 -26.72 26.33 22.70
CA LEU B 707 -26.79 26.83 21.34
C LEU B 707 -26.90 25.71 20.34
N GLN B 708 -27.93 25.75 19.54
CA GLN B 708 -28.10 24.72 18.53
C GLN B 708 -27.15 24.97 17.37
N THR B 709 -26.52 23.92 16.85
CA THR B 709 -25.70 24.06 15.65
C THR B 709 -26.07 22.90 14.73
N PRO B 710 -25.70 22.95 13.44
CA PRO B 710 -25.93 21.90 12.45
C PRO B 710 -25.34 20.55 12.82
N VAL B 711 -24.22 20.55 13.56
CA VAL B 711 -23.72 19.30 14.09
C VAL B 711 -24.48 18.94 15.32
N GLY B 712 -24.63 19.90 16.23
CA GLY B 712 -25.40 19.62 17.40
C GLY B 712 -25.43 20.72 18.44
N CYS B 713 -26.16 20.45 19.50
CA CYS B 713 -26.23 21.38 20.60
C CYS B 713 -24.88 21.50 21.34
N VAL B 714 -24.47 22.72 21.64
CA VAL B 714 -23.21 23.01 22.33
C VAL B 714 -23.33 23.98 23.50
N LEU B 715 -22.34 23.94 24.38
CA LEU B 715 -22.32 24.82 25.55
C LEU B 715 -21.10 25.74 25.54
N GLY B 716 -21.35 27.04 25.66
CA GLY B 716 -20.28 28.02 25.67
C GLY B 716 -19.58 28.13 24.32
N LEU B 717 -20.37 28.37 23.28
CA LEU B 717 -19.82 28.49 21.92
C LEU B 717 -19.94 29.93 21.41
N VAL B 718 -21.08 30.56 21.68
CA VAL B 718 -21.32 31.93 21.25
C VAL B 718 -21.45 32.02 19.73
N ASN B 719 -22.44 32.77 19.27
CA ASN B 719 -22.67 32.93 17.84
C ASN B 719 -21.95 34.16 17.31
N SER B 720 -20.67 34.02 16.90
CA SER B 720 -19.95 35.18 16.39
C SER B 720 -20.16 35.48 14.91
N SER B 721 -20.69 34.51 14.17
CA SER B 721 -20.84 34.55 12.70
C SER B 721 -19.59 34.98 11.90
N LEU B 722 -18.38 34.73 12.43
CA LEU B 722 -17.10 34.96 11.79
C LEU B 722 -16.78 33.96 10.68
N PHE B 723 -16.00 34.39 9.70
CA PHE B 723 -15.53 33.47 8.66
C PHE B 723 -14.02 33.32 8.74
N VAL B 724 -13.55 32.09 8.97
CA VAL B 724 -12.12 31.84 9.12
C VAL B 724 -11.67 30.61 8.34
N GLU B 725 -10.46 30.64 7.78
CA GLU B 725 -9.96 29.48 7.03
C GLU B 725 -9.67 28.20 7.83
N ASP B 726 -9.14 28.31 9.05
CA ASP B 726 -8.82 27.11 9.82
C ASP B 726 -8.76 27.37 11.33
N CYS B 727 -9.73 26.86 12.09
CA CYS B 727 -9.73 27.08 13.55
C CYS B 727 -8.74 26.26 14.38
N LYS B 728 -8.21 25.20 13.71
CA LYS B 728 -7.43 24.09 14.28
C LYS B 728 -8.27 23.27 15.28
N LEU B 729 -9.60 23.44 15.24
CA LEU B 729 -10.57 22.82 16.10
C LEU B 729 -11.89 22.69 15.37
N PRO B 730 -11.92 22.17 14.15
CA PRO B 730 -13.16 22.10 13.41
C PRO B 730 -14.13 21.19 14.12
N LEU B 731 -15.41 21.50 13.99
CA LEU B 731 -16.45 20.66 14.59
C LEU B 731 -17.11 19.74 13.58
N GLY B 732 -16.61 19.78 12.36
CA GLY B 732 -17.16 19.07 11.23
C GLY B 732 -18.09 20.04 10.52
N GLN B 733 -18.55 19.66 9.35
CA GLN B 733 -19.44 20.48 8.54
C GLN B 733 -18.68 21.77 8.23
N SER B 734 -19.39 22.90 8.14
CA SER B 734 -18.69 24.15 8.05
C SER B 734 -18.41 24.76 9.44
N LEU B 735 -18.79 24.06 10.52
CA LEU B 735 -18.61 24.60 11.85
C LEU B 735 -17.16 24.66 12.27
N CYS B 736 -16.87 25.64 13.13
CA CYS B 736 -15.49 25.84 13.46
C CYS B 736 -15.44 26.42 14.88
N ALA B 737 -14.56 25.93 15.72
CA ALA B 737 -14.50 26.43 17.09
C ALA B 737 -13.33 27.36 17.30
N LEU B 738 -13.52 28.66 17.04
CA LEU B 738 -12.42 29.57 17.29
C LEU B 738 -12.09 29.66 18.77
N PRO B 739 -10.82 29.72 19.11
CA PRO B 739 -10.30 30.03 20.41
C PRO B 739 -10.64 31.46 20.70
N ASP B 740 -10.70 31.82 21.96
CA ASP B 740 -10.80 33.23 22.25
C ASP B 740 -9.47 33.79 21.75
N THR B 741 -9.40 35.09 21.54
CA THR B 741 -8.26 35.70 20.89
C THR B 741 -6.97 35.26 21.63
N PRO B 742 -5.85 35.02 20.89
CA PRO B 742 -4.61 34.37 21.31
C PRO B 742 -3.97 35.03 22.48
N SER B 743 -3.20 34.25 23.23
CA SER B 743 -2.60 34.68 24.49
C SER B 743 -1.76 35.97 24.46
N GLN C 1 6.32 68.49 -14.68
CA GLN C 1 7.21 69.52 -15.24
C GLN C 1 7.62 69.15 -16.66
N VAL C 2 6.81 68.32 -17.32
CA VAL C 2 7.12 67.89 -18.66
C VAL C 2 7.05 69.01 -19.68
N GLN C 3 8.04 69.04 -20.57
CA GLN C 3 8.07 70.05 -21.62
C GLN C 3 8.53 69.46 -22.94
N LEU C 4 8.07 70.08 -24.03
CA LEU C 4 8.49 69.71 -25.37
C LEU C 4 9.05 70.95 -26.08
N GLN C 5 10.37 71.14 -25.98
CA GLN C 5 11.04 72.28 -26.62
C GLN C 5 11.04 72.09 -28.12
N GLN C 6 11.02 73.16 -28.90
CA GLN C 6 10.99 72.98 -30.36
C GLN C 6 11.85 73.95 -31.14
N SER C 7 12.29 73.51 -32.32
CA SER C 7 13.09 74.31 -33.23
C SER C 7 12.29 75.50 -33.80
N GLY C 8 13.01 76.58 -34.14
CA GLY C 8 12.39 77.80 -34.65
C GLY C 8 11.77 77.65 -36.05
N PRO C 9 10.75 78.47 -36.38
CA PRO C 9 10.08 78.57 -37.68
C PRO C 9 10.97 79.03 -38.82
N GLU C 10 10.67 78.60 -40.04
CA GLU C 10 11.46 79.09 -41.18
C GLU C 10 10.68 79.20 -42.50
N LEU C 11 10.99 80.24 -43.29
CA LEU C 11 10.37 80.44 -44.61
C LEU C 11 11.16 79.72 -45.70
N VAL C 12 11.13 78.39 -45.70
CA VAL C 12 11.90 77.58 -46.65
C VAL C 12 11.37 77.59 -48.09
N ARG C 13 12.26 77.76 -49.07
CA ARG C 13 11.88 77.70 -50.48
C ARG C 13 11.42 76.29 -50.93
N PRO C 14 10.49 76.19 -51.88
CA PRO C 14 9.98 74.92 -52.36
C PRO C 14 11.05 74.05 -53.03
N GLY C 15 10.85 72.75 -52.84
CA GLY C 15 11.66 71.66 -53.35
C GLY C 15 12.79 71.29 -52.39
N VAL C 16 12.94 72.05 -51.30
CA VAL C 16 13.95 71.79 -50.29
C VAL C 16 13.43 70.86 -49.21
N SER C 17 14.22 69.84 -48.84
CA SER C 17 13.82 68.99 -47.73
C SER C 17 13.84 69.80 -46.42
N VAL C 18 12.94 69.50 -45.48
CA VAL C 18 12.89 70.29 -44.24
C VAL C 18 12.98 69.45 -43.00
N LYS C 19 13.89 69.82 -42.09
CA LYS C 19 14.04 69.08 -40.86
C LYS C 19 13.54 69.89 -39.66
N ILE C 20 12.75 69.24 -38.81
CA ILE C 20 12.10 69.83 -37.64
C ILE C 20 12.41 69.02 -36.38
N SER C 21 12.62 69.68 -35.23
CA SER C 21 12.87 68.86 -34.04
C SER C 21 12.16 69.28 -32.77
N CYS C 22 11.97 68.30 -31.88
CA CYS C 22 11.41 68.53 -30.56
C CYS C 22 12.22 67.79 -29.52
N LYS C 23 12.63 68.53 -28.49
CA LYS C 23 13.32 67.95 -27.36
C LYS C 23 12.46 67.78 -26.13
N GLY C 24 12.33 66.53 -25.67
CA GLY C 24 11.60 66.27 -24.44
C GLY C 24 12.35 66.74 -23.22
N SER C 25 11.63 67.08 -22.15
CA SER C 25 12.27 67.37 -20.89
C SER C 25 11.37 66.99 -19.72
N GLY C 26 12.00 66.64 -18.60
CA GLY C 26 11.31 66.28 -17.35
C GLY C 26 10.75 64.84 -17.27
N TYR C 27 11.07 64.00 -18.25
CA TYR C 27 10.62 62.60 -18.24
C TYR C 27 11.64 61.74 -18.97
N THR C 28 11.58 60.41 -18.83
CA THR C 28 12.53 59.61 -19.60
C THR C 28 12.01 59.56 -21.03
N PHE C 29 12.83 60.07 -21.94
CA PHE C 29 12.41 60.23 -23.32
C PHE C 29 12.11 58.94 -24.06
N THR C 30 12.82 57.87 -23.71
CA THR C 30 12.67 56.62 -24.41
C THR C 30 11.43 55.82 -24.05
N ASP C 31 10.68 56.21 -23.02
CA ASP C 31 9.49 55.43 -22.71
C ASP C 31 8.22 55.86 -23.43
N TYR C 32 8.29 56.86 -24.33
CA TYR C 32 7.06 57.27 -25.00
C TYR C 32 7.23 57.50 -26.48
N ALA C 33 6.27 57.02 -27.26
CA ALA C 33 6.22 57.33 -28.67
C ALA C 33 5.95 58.83 -28.90
N ILE C 34 6.53 59.38 -29.96
CA ILE C 34 6.26 60.77 -30.34
C ILE C 34 5.23 60.85 -31.45
N HIS C 35 4.25 61.73 -31.30
CA HIS C 35 3.24 61.92 -32.35
C HIS C 35 3.51 63.21 -33.07
N TRP C 36 3.32 63.22 -34.39
CA TRP C 36 3.49 64.46 -35.14
C TRP C 36 2.18 64.85 -35.83
N VAL C 37 1.85 66.15 -35.78
CA VAL C 37 0.62 66.73 -36.39
C VAL C 37 0.88 67.99 -37.24
N LYS C 38 0.10 68.13 -38.32
CA LYS C 38 0.17 69.29 -39.21
C LYS C 38 -1.09 70.17 -39.09
N GLN C 39 -0.95 71.47 -38.89
CA GLN C 39 -2.14 72.34 -38.89
C GLN C 39 -2.07 73.47 -39.94
N SER C 40 -3.02 73.52 -40.87
CA SER C 40 -2.95 74.64 -41.83
C SER C 40 -3.83 75.83 -41.45
N HIS C 41 -4.89 75.57 -40.69
CA HIS C 41 -5.76 76.64 -40.18
C HIS C 41 -6.43 76.17 -38.92
N ALA C 42 -7.10 77.07 -38.20
CA ALA C 42 -7.71 76.70 -36.93
C ALA C 42 -8.64 75.45 -36.97
N LYS C 43 -9.32 75.17 -38.08
CA LYS C 43 -10.12 73.94 -38.17
C LYS C 43 -9.45 72.82 -38.99
N SER C 44 -8.22 73.01 -39.43
CA SER C 44 -7.53 72.00 -40.24
C SER C 44 -6.31 71.45 -39.62
N LEU C 45 -6.46 70.30 -38.96
CA LEU C 45 -5.33 69.59 -38.39
C LEU C 45 -5.34 68.15 -38.86
N GLU C 46 -4.16 67.58 -39.09
CA GLU C 46 -4.11 66.17 -39.45
C GLU C 46 -2.89 65.46 -38.91
N TRP C 47 -3.05 64.19 -38.62
CA TRP C 47 -1.96 63.36 -38.13
C TRP C 47 -0.92 63.16 -39.21
N ILE C 48 0.35 63.19 -38.84
CA ILE C 48 1.42 62.93 -39.78
C ILE C 48 1.97 61.54 -39.60
N GLY C 49 2.29 61.22 -38.35
CA GLY C 49 2.82 59.89 -38.06
C GLY C 49 3.15 59.71 -36.59
N VAL C 50 3.65 58.53 -36.25
CA VAL C 50 4.09 58.26 -34.90
C VAL C 50 5.43 57.53 -34.93
N PHE C 51 6.28 57.81 -33.95
CA PHE C 51 7.60 57.19 -33.88
C PHE C 51 7.93 56.61 -32.49
N SER C 52 8.19 55.30 -32.39
CA SER C 52 8.61 54.82 -31.06
C SER C 52 9.99 55.33 -30.80
N THR C 53 10.23 55.78 -29.59
CA THR C 53 11.56 56.25 -29.26
C THR C 53 12.43 55.18 -28.66
N TYR C 54 11.89 53.98 -28.49
CA TYR C 54 12.69 52.93 -27.94
C TYR C 54 13.07 51.94 -29.03
N TYR C 55 12.09 51.59 -29.87
CA TYR C 55 12.36 50.61 -30.92
C TYR C 55 12.54 51.20 -32.31
N GLY C 56 12.17 52.47 -32.54
CA GLY C 56 12.31 53.08 -33.85
C GLY C 56 11.20 52.70 -34.85
N ASN C 57 10.16 52.00 -34.37
CA ASN C 57 9.05 51.59 -35.21
C ASN C 57 8.18 52.76 -35.59
N THR C 58 7.67 52.77 -36.82
CA THR C 58 6.84 53.87 -37.23
C THR C 58 5.56 53.50 -37.93
N ASN C 59 4.65 54.46 -37.94
CA ASN C 59 3.44 54.41 -38.75
C ASN C 59 3.29 55.80 -39.32
N TYR C 60 2.75 55.91 -40.52
CA TYR C 60 2.58 57.21 -41.11
C TYR C 60 1.26 57.34 -41.78
N ASN C 61 0.83 58.59 -41.95
CA ASN C 61 -0.33 58.89 -42.73
C ASN C 61 0.07 58.53 -44.12
N GLN C 62 -0.82 57.87 -44.85
CA GLN C 62 -0.48 57.40 -46.19
C GLN C 62 0.02 58.49 -47.12
N LYS C 63 -0.52 59.71 -47.00
CA LYS C 63 -0.07 60.79 -47.86
C LYS C 63 1.39 61.21 -47.67
N PHE C 64 1.97 60.94 -46.50
CA PHE C 64 3.36 61.29 -46.29
C PHE C 64 4.33 60.12 -46.36
N LYS C 65 3.88 58.92 -46.74
CA LYS C 65 4.84 57.81 -46.68
C LYS C 65 6.04 57.90 -47.61
N GLY C 66 5.88 58.54 -48.76
CA GLY C 66 7.00 58.74 -49.66
C GLY C 66 7.78 60.03 -49.41
N ARG C 67 7.37 60.83 -48.42
CA ARG C 67 8.03 62.11 -48.20
C ARG C 67 8.60 62.29 -46.81
N ALA C 68 8.05 61.61 -45.81
CA ALA C 68 8.52 61.86 -44.46
C ALA C 68 9.21 60.70 -43.82
N THR C 69 10.24 61.01 -43.04
CA THR C 69 10.96 60.04 -42.24
C THR C 69 11.20 60.62 -40.87
N MET C 70 11.50 59.77 -39.90
CA MET C 70 11.76 60.27 -38.55
C MET C 70 12.93 59.57 -37.89
N THR C 71 13.67 60.29 -37.06
CA THR C 71 14.82 59.74 -36.34
C THR C 71 14.89 60.25 -34.90
N VAL C 72 15.73 59.61 -34.07
CA VAL C 72 15.90 60.07 -32.70
C VAL C 72 17.34 60.15 -32.24
N ASP C 73 17.67 61.22 -31.54
CA ASP C 73 18.95 61.34 -30.87
C ASP C 73 18.75 61.04 -29.41
N LYS C 74 18.92 59.79 -29.02
CA LYS C 74 18.70 59.39 -27.65
C LYS C 74 19.58 60.12 -26.62
N SER C 75 20.75 60.60 -27.01
CA SER C 75 21.59 61.31 -26.05
C SER C 75 21.18 62.78 -25.89
N SER C 76 20.44 63.33 -26.86
CA SER C 76 19.92 64.68 -26.74
C SER C 76 18.48 64.72 -26.29
N SER C 77 17.88 63.53 -26.02
CA SER C 77 16.46 63.42 -25.67
C SER C 77 15.58 64.10 -26.71
N THR C 78 15.93 63.96 -28.00
CA THR C 78 15.21 64.68 -29.03
C THR C 78 14.75 63.81 -30.18
N ALA C 79 13.65 64.22 -30.81
CA ALA C 79 13.11 63.52 -31.96
C ALA C 79 13.09 64.45 -33.15
N TYR C 80 13.25 63.88 -34.33
CA TYR C 80 13.29 64.69 -35.52
C TYR C 80 12.39 64.15 -36.59
N MET C 81 11.95 65.04 -37.47
CA MET C 81 11.20 64.64 -38.63
C MET C 81 11.78 65.34 -39.82
N GLU C 82 11.84 64.66 -40.94
CA GLU C 82 12.31 65.30 -42.14
C GLU C 82 11.28 65.13 -43.23
N LEU C 83 10.99 66.20 -43.97
CA LEU C 83 10.02 66.12 -45.03
C LEU C 83 10.61 66.53 -46.37
N ALA C 84 10.68 65.58 -47.28
CA ALA C 84 11.19 65.80 -48.64
C ALA C 84 10.30 66.71 -49.48
N ARG C 85 10.94 67.48 -50.37
CA ARG C 85 10.23 68.18 -51.45
C ARG C 85 9.14 69.16 -51.03
N LEU C 86 9.47 70.15 -50.21
CA LEU C 86 8.47 71.10 -49.69
C LEU C 86 7.74 71.87 -50.79
N THR C 87 6.45 72.10 -50.60
CA THR C 87 5.66 72.92 -51.53
C THR C 87 4.81 73.88 -50.73
N SER C 88 4.24 74.91 -51.39
CA SER C 88 3.44 75.93 -50.69
C SER C 88 2.21 75.39 -49.92
N GLU C 89 1.67 74.23 -50.36
CA GLU C 89 0.58 73.54 -49.68
C GLU C 89 0.99 72.90 -48.34
N ASP C 90 2.29 72.83 -48.08
CA ASP C 90 2.79 72.34 -46.84
C ASP C 90 2.96 73.42 -45.79
N SER C 91 2.54 74.68 -46.08
CA SER C 91 2.75 75.64 -45.02
C SER C 91 1.85 75.25 -43.88
N ALA C 92 2.43 75.12 -42.70
CA ALA C 92 1.66 74.69 -41.57
C ALA C 92 2.34 74.93 -40.26
N ILE C 93 1.56 74.86 -39.19
CA ILE C 93 2.13 74.80 -37.88
C ILE C 93 2.34 73.31 -37.58
N TYR C 94 3.55 72.93 -37.24
CA TYR C 94 3.84 71.53 -36.95
C TYR C 94 3.95 71.29 -35.45
N TYR C 95 3.38 70.17 -34.96
CA TYR C 95 3.44 69.90 -33.53
C TYR C 95 3.86 68.48 -33.14
N CYS C 96 4.78 68.39 -32.18
CA CYS C 96 5.10 67.11 -31.53
C CYS C 96 4.17 66.89 -30.34
N ALA C 97 3.94 65.63 -29.98
CA ALA C 97 3.14 65.33 -28.79
C ALA C 97 3.58 64.00 -28.16
N ARG C 98 3.26 63.80 -26.89
CA ARG C 98 3.74 62.59 -26.19
C ARG C 98 2.64 61.55 -26.01
N LYS C 99 2.88 60.32 -26.42
CA LYS C 99 1.82 59.31 -26.27
C LYS C 99 1.46 58.94 -24.82
N SER C 100 0.16 58.72 -24.55
CA SER C 100 -0.25 58.24 -23.22
C SER C 100 -1.55 57.41 -23.25
N TYR C 101 -1.82 56.70 -22.15
CA TYR C 101 -3.04 55.91 -21.98
C TYR C 101 -3.83 56.26 -20.73
N TYR C 102 -4.60 57.35 -20.77
CA TYR C 102 -5.50 57.66 -19.65
C TYR C 102 -6.61 56.64 -19.47
N VAL C 103 -6.96 55.97 -20.55
CA VAL C 103 -7.96 54.92 -20.57
C VAL C 103 -7.31 53.71 -21.19
N ASP C 104 -7.70 52.52 -20.72
CA ASP C 104 -7.08 51.33 -21.25
C ASP C 104 -7.33 51.21 -22.72
N TYR C 105 -6.25 50.92 -23.43
CA TYR C 105 -6.22 50.76 -24.88
C TYR C 105 -6.65 51.98 -25.71
N VAL C 106 -6.67 53.18 -25.14
CA VAL C 106 -6.98 54.36 -25.94
C VAL C 106 -5.80 55.28 -26.06
N ASP C 107 -5.26 55.42 -27.26
CA ASP C 107 -4.15 56.33 -27.44
C ASP C 107 -4.60 57.76 -27.20
N ALA C 108 -3.82 58.50 -26.42
CA ALA C 108 -4.08 59.91 -26.19
C ALA C 108 -2.86 60.75 -26.55
N MET C 109 -3.11 61.92 -27.14
CA MET C 109 -2.05 62.85 -27.54
C MET C 109 -1.29 63.52 -26.38
N ASP C 110 -1.94 63.61 -25.19
CA ASP C 110 -1.34 64.13 -23.94
C ASP C 110 -0.78 65.58 -24.11
N TYR C 111 0.45 65.86 -23.61
CA TYR C 111 1.10 67.15 -23.77
C TYR C 111 1.48 67.45 -25.21
N TRP C 112 1.36 68.72 -25.59
CA TRP C 112 1.74 69.18 -26.92
C TRP C 112 2.83 70.23 -26.86
N GLY C 113 3.69 70.23 -27.87
CA GLY C 113 4.68 71.28 -28.02
C GLY C 113 3.95 72.57 -28.40
N GLN C 114 4.57 73.74 -28.19
CA GLN C 114 3.94 75.03 -28.54
C GLN C 114 3.72 75.26 -30.06
N GLY C 115 4.39 74.47 -30.87
CA GLY C 115 4.34 74.43 -32.30
C GLY C 115 5.46 75.23 -32.91
N THR C 116 5.75 74.91 -34.16
CA THR C 116 6.72 75.62 -34.97
C THR C 116 6.10 75.74 -36.32
N SER C 117 6.60 76.56 -37.21
CA SER C 117 5.94 76.57 -38.49
C SER C 117 6.89 76.69 -39.64
N VAL C 118 6.42 76.25 -40.80
CA VAL C 118 7.21 76.30 -42.01
C VAL C 118 6.36 76.88 -43.11
N THR C 119 6.97 77.72 -43.94
CA THR C 119 6.28 78.28 -45.11
C THR C 119 7.23 78.37 -46.28
N ASP D 1 -10.47 54.84 -42.95
CA ASP D 1 -10.70 55.38 -41.62
C ASP D 1 -12.11 55.89 -41.45
N ILE D 2 -12.48 56.19 -40.23
CA ILE D 2 -13.81 56.72 -39.97
C ILE D 2 -13.84 58.23 -40.12
N VAL D 3 -14.74 58.73 -40.95
CA VAL D 3 -14.90 60.17 -41.09
C VAL D 3 -15.68 60.73 -39.90
N LEU D 4 -15.20 61.84 -39.35
CA LEU D 4 -15.93 62.46 -38.25
C LEU D 4 -16.43 63.83 -38.65
N THR D 5 -17.65 64.17 -38.22
CA THR D 5 -18.20 65.50 -38.47
C THR D 5 -18.79 66.04 -37.19
N GLN D 6 -18.99 67.34 -37.12
CA GLN D 6 -19.52 67.96 -35.90
C GLN D 6 -20.49 69.08 -36.18
N SER D 7 -21.42 69.30 -35.26
CA SER D 7 -22.34 70.42 -35.40
C SER D 7 -22.81 70.98 -34.05
N PRO D 8 -23.32 72.21 -34.02
CA PRO D 8 -23.37 73.28 -35.02
C PRO D 8 -21.96 73.74 -35.28
N ALA D 9 -21.66 74.30 -36.46
CA ALA D 9 -20.28 74.73 -36.78
C ALA D 9 -19.69 75.74 -35.75
N SER D 10 -20.56 76.52 -35.11
CA SER D 10 -20.16 77.31 -33.98
C SER D 10 -21.36 77.41 -33.07
N LEU D 11 -21.12 77.68 -31.80
CA LEU D 11 -22.22 77.84 -30.86
C LEU D 11 -22.00 79.05 -29.99
N ALA D 12 -23.01 79.91 -29.82
CA ALA D 12 -22.83 81.01 -28.90
C ALA D 12 -23.80 80.88 -27.74
N VAL D 13 -23.29 81.04 -26.51
CA VAL D 13 -24.13 80.97 -25.30
C VAL D 13 -23.86 82.10 -24.30
N SER D 14 -24.83 82.37 -23.42
CA SER D 14 -24.66 83.32 -22.32
C SER D 14 -23.74 82.73 -21.25
N LEU D 15 -23.09 83.56 -20.44
CA LEU D 15 -22.25 82.98 -19.41
C LEU D 15 -23.06 82.19 -18.39
N GLY D 16 -22.52 81.04 -18.00
CA GLY D 16 -23.08 80.10 -17.05
C GLY D 16 -24.16 79.21 -17.68
N GLN D 17 -24.36 79.32 -19.00
CA GLN D 17 -25.32 78.51 -19.71
C GLN D 17 -24.78 77.14 -20.04
N ARG D 18 -25.66 76.15 -20.00
CA ARG D 18 -25.30 74.82 -20.46
C ARG D 18 -25.04 74.82 -21.97
N ALA D 19 -24.10 74.00 -22.43
CA ALA D 19 -23.90 73.92 -23.87
C ALA D 19 -23.45 72.55 -24.31
N THR D 20 -23.82 72.18 -25.54
CA THR D 20 -23.40 70.90 -26.07
C THR D 20 -22.88 70.94 -27.49
N ILE D 21 -22.16 69.89 -27.88
CA ILE D 21 -21.67 69.69 -29.25
C ILE D 21 -22.03 68.30 -29.73
N SER D 22 -22.59 68.19 -30.94
CA SER D 22 -22.92 66.87 -31.48
C SER D 22 -21.82 66.40 -32.43
N CYS D 23 -21.49 65.13 -32.36
CA CYS D 23 -20.45 64.61 -33.24
C CYS D 23 -20.83 63.23 -33.79
N ARG D 24 -20.79 63.16 -35.11
CA ARG D 24 -21.18 61.93 -35.78
C ARG D 24 -20.04 61.22 -36.46
N ALA D 25 -20.10 59.90 -36.46
CA ALA D 25 -19.10 59.09 -37.14
C ALA D 25 -19.70 58.34 -38.31
N SER D 26 -18.96 58.24 -39.42
CA SER D 26 -19.41 57.47 -40.60
C SER D 26 -19.59 55.96 -40.34
N GLU D 27 -18.86 55.43 -39.36
CA GLU D 27 -18.87 54.04 -38.94
C GLU D 27 -18.59 54.00 -37.44
N SER D 28 -19.11 53.00 -36.74
CA SER D 28 -18.91 52.95 -35.29
C SER D 28 -17.46 52.85 -34.91
N VAL D 29 -17.13 53.47 -33.79
CA VAL D 29 -15.77 53.43 -33.31
C VAL D 29 -15.58 52.42 -32.19
N ASP D 30 -16.65 51.79 -31.73
CA ASP D 30 -16.48 50.82 -30.67
C ASP D 30 -15.86 49.53 -31.17
N ASN D 31 -14.79 49.12 -30.51
CA ASN D 31 -14.21 47.81 -30.79
C ASN D 31 -13.87 47.24 -29.44
N TYR D 32 -14.48 46.11 -29.12
CA TYR D 32 -14.37 45.42 -27.82
C TYR D 32 -14.92 46.27 -26.66
N GLY D 33 -15.77 47.26 -26.96
CA GLY D 33 -16.37 48.18 -26.01
C GLY D 33 -15.43 49.32 -25.57
N ILE D 34 -14.25 49.42 -26.20
CA ILE D 34 -13.25 50.42 -25.86
C ILE D 34 -13.59 51.88 -26.18
N SER D 35 -14.41 52.10 -27.21
CA SER D 35 -14.85 53.42 -27.73
C SER D 35 -13.77 54.27 -28.45
N PHE D 36 -12.59 54.47 -27.86
CA PHE D 36 -11.50 55.19 -28.54
C PHE D 36 -11.80 56.64 -28.90
N MET D 37 -12.64 57.33 -28.14
CA MET D 37 -12.95 58.70 -28.50
C MET D 37 -12.35 59.70 -27.54
N ASN D 38 -11.59 60.65 -28.09
CA ASN D 38 -10.99 61.72 -27.32
C ASN D 38 -11.51 63.08 -27.77
N TRP D 39 -11.67 64.02 -26.84
CA TRP D 39 -12.03 65.38 -27.27
C TRP D 39 -10.93 66.34 -26.90
N PHE D 40 -10.69 67.32 -27.81
CA PHE D 40 -9.65 68.34 -27.65
C PHE D 40 -10.17 69.75 -27.63
N GLN D 41 -9.37 70.67 -27.09
CA GLN D 41 -9.69 72.10 -27.01
C GLN D 41 -8.56 72.97 -27.58
N GLN D 42 -8.86 74.00 -28.38
CA GLN D 42 -7.75 74.88 -28.83
C GLN D 42 -8.13 76.36 -28.91
N LYS D 43 -7.16 77.20 -28.61
CA LYS D 43 -7.34 78.64 -28.68
C LYS D 43 -6.24 79.18 -29.56
N PRO D 44 -6.39 80.36 -30.15
CA PRO D 44 -5.38 80.94 -30.99
C PRO D 44 -4.13 81.17 -30.17
N GLY D 45 -3.00 81.00 -30.82
CA GLY D 45 -1.69 81.20 -30.23
C GLY D 45 -1.23 80.00 -29.37
N GLN D 46 -1.96 78.89 -29.36
CA GLN D 46 -1.52 77.72 -28.58
C GLN D 46 -1.91 76.41 -29.26
N PRO D 47 -1.21 75.31 -28.93
CA PRO D 47 -1.49 73.94 -29.31
C PRO D 47 -2.79 73.47 -28.70
N PRO D 48 -3.47 72.48 -29.29
CA PRO D 48 -4.66 71.84 -28.79
C PRO D 48 -4.35 71.17 -27.46
N LYS D 49 -5.34 71.05 -26.60
CA LYS D 49 -5.17 70.40 -25.33
C LYS D 49 -6.17 69.28 -25.17
N LEU D 50 -5.72 68.15 -24.64
CA LEU D 50 -6.65 67.05 -24.40
C LEU D 50 -7.64 67.40 -23.34
N LEU D 51 -8.90 67.06 -23.55
CA LEU D 51 -9.85 67.27 -22.49
C LEU D 51 -10.29 65.98 -21.84
N ILE D 52 -10.93 65.15 -22.64
CA ILE D 52 -11.54 63.93 -22.15
C ILE D 52 -11.32 62.73 -23.03
N SER D 53 -11.67 61.59 -22.46
CA SER D 53 -11.71 60.33 -23.20
C SER D 53 -13.08 59.77 -22.91
N ALA D 54 -13.60 58.86 -23.74
CA ALA D 54 -15.00 58.43 -23.54
C ALA D 54 -15.36 57.82 -22.15
N THR D 55 -14.38 57.31 -21.38
CA THR D 55 -14.68 56.86 -20.02
C THR D 55 -14.11 57.80 -18.94
N SER D 56 -13.50 58.90 -19.36
CA SER D 56 -12.91 59.88 -18.45
C SER D 56 -13.48 61.26 -18.64
N ASN D 57 -14.51 61.58 -17.85
CA ASN D 57 -15.08 62.92 -17.89
C ASN D 57 -14.49 63.83 -16.81
N GLN D 58 -13.50 63.31 -16.11
CA GLN D 58 -12.70 64.04 -15.17
C GLN D 58 -11.36 63.37 -15.31
N GLY D 59 -10.30 64.08 -15.04
CA GLY D 59 -9.00 63.50 -15.24
C GLY D 59 -8.66 63.76 -16.68
N SER D 60 -7.55 63.21 -17.16
CA SER D 60 -7.06 63.49 -18.52
C SER D 60 -6.84 64.99 -18.73
N GLY D 61 -6.41 65.68 -17.66
CA GLY D 61 -6.18 67.11 -17.63
C GLY D 61 -7.41 68.03 -17.40
N VAL D 62 -8.62 67.48 -17.10
CA VAL D 62 -9.76 68.39 -16.83
C VAL D 62 -10.59 68.13 -15.56
N PRO D 63 -11.34 69.16 -15.13
CA PRO D 63 -12.43 69.17 -14.16
C PRO D 63 -13.63 68.42 -14.73
N ALA D 64 -14.52 67.95 -13.84
CA ALA D 64 -15.75 67.20 -14.19
C ALA D 64 -16.73 67.98 -15.12
N ARG D 65 -16.51 69.29 -15.29
CA ARG D 65 -17.24 70.20 -16.17
C ARG D 65 -17.40 69.75 -17.63
N PHE D 66 -16.49 68.90 -18.14
CA PHE D 66 -16.59 68.47 -19.53
C PHE D 66 -17.10 67.03 -19.63
N ILE D 67 -18.38 66.85 -19.92
CA ILE D 67 -18.94 65.51 -19.97
C ILE D 67 -19.11 64.91 -21.37
N GLY D 68 -18.29 63.93 -21.73
CA GLY D 68 -18.50 63.19 -22.95
C GLY D 68 -19.69 62.27 -22.81
N SER D 69 -20.34 61.96 -23.92
CA SER D 69 -21.45 61.01 -23.91
C SER D 69 -21.63 60.28 -25.23
N GLY D 70 -22.42 59.21 -25.16
CA GLY D 70 -22.80 58.41 -26.32
C GLY D 70 -21.91 57.21 -26.62
N SER D 71 -22.32 56.44 -27.64
CA SER D 71 -21.65 55.22 -28.08
C SER D 71 -21.90 54.97 -29.57
N GLY D 72 -21.18 54.02 -30.15
CA GLY D 72 -21.39 53.70 -31.55
C GLY D 72 -20.95 54.85 -32.43
N THR D 73 -21.84 55.28 -33.32
CA THR D 73 -21.55 56.39 -34.20
C THR D 73 -21.91 57.75 -33.63
N ASP D 74 -22.59 57.80 -32.48
CA ASP D 74 -23.04 59.09 -31.98
C ASP D 74 -22.33 59.51 -30.71
N PHE D 75 -21.80 60.73 -30.69
CA PHE D 75 -21.15 61.25 -29.49
C PHE D 75 -21.48 62.68 -29.22
N SER D 76 -21.30 63.10 -27.97
CA SER D 76 -21.51 64.48 -27.66
C SER D 76 -20.64 64.95 -26.52
N LEU D 77 -20.53 66.27 -26.40
CA LEU D 77 -19.81 66.89 -25.30
C LEU D 77 -20.77 67.83 -24.60
N ASN D 78 -20.80 67.77 -23.27
CA ASN D 78 -21.72 68.56 -22.46
C ASN D 78 -21.08 69.36 -21.32
N ILE D 79 -21.21 70.70 -21.34
CA ILE D 79 -20.71 71.53 -20.22
C ILE D 79 -21.84 72.35 -19.61
N HIS D 80 -22.23 72.04 -18.37
CA HIS D 80 -23.28 72.83 -17.72
C HIS D 80 -22.93 74.28 -17.30
N PRO D 81 -21.71 74.57 -16.81
CA PRO D 81 -21.26 75.94 -16.51
C PRO D 81 -20.35 76.61 -17.54
N VAL D 82 -20.81 77.04 -18.71
CA VAL D 82 -19.84 77.66 -19.63
C VAL D 82 -19.31 79.03 -19.14
N GLU D 83 -18.00 79.21 -19.28
CA GLU D 83 -17.29 80.43 -18.89
C GLU D 83 -16.57 80.98 -20.10
N GLU D 84 -16.19 82.27 -20.07
CA GLU D 84 -15.50 82.85 -21.23
C GLU D 84 -14.12 82.26 -21.53
N ASP D 85 -13.53 81.52 -20.59
CA ASP D 85 -12.28 80.84 -20.88
C ASP D 85 -12.51 79.47 -21.50
N ASP D 86 -13.78 79.12 -21.77
CA ASP D 86 -14.08 77.93 -22.52
C ASP D 86 -14.24 78.22 -24.00
N THR D 87 -14.00 79.47 -24.46
CA THR D 87 -14.20 79.66 -25.89
C THR D 87 -13.01 79.08 -26.59
N ALA D 88 -13.29 78.06 -27.37
CA ALA D 88 -12.24 77.34 -28.06
C ALA D 88 -12.76 76.53 -29.21
N MET D 89 -11.85 76.12 -30.09
CA MET D 89 -12.20 75.10 -31.05
C MET D 89 -12.34 73.79 -30.28
N TYR D 90 -13.24 72.91 -30.71
CA TYR D 90 -13.31 71.59 -30.06
C TYR D 90 -13.28 70.48 -31.09
N PHE D 91 -12.53 69.41 -30.80
CA PHE D 91 -12.36 68.38 -31.83
C PHE D 91 -12.56 66.93 -31.38
N CYS D 92 -13.43 66.20 -32.08
CA CYS D 92 -13.56 64.75 -31.83
C CYS D 92 -12.34 64.05 -32.41
N GLN D 93 -11.79 63.07 -31.71
CA GLN D 93 -10.63 62.30 -32.19
C GLN D 93 -10.84 60.80 -32.23
N GLN D 94 -10.51 60.18 -33.37
CA GLN D 94 -10.55 58.73 -33.48
C GLN D 94 -9.24 58.07 -33.12
N SER D 95 -9.17 57.26 -32.06
CA SER D 95 -7.94 56.51 -31.86
C SER D 95 -8.01 55.07 -32.40
N LYS D 96 -9.17 54.64 -32.92
CA LYS D 96 -9.30 53.25 -33.38
C LYS D 96 -8.50 52.80 -34.60
N GLU D 97 -8.28 53.66 -35.58
CA GLU D 97 -7.58 53.18 -36.78
C GLU D 97 -6.74 54.24 -37.47
N VAL D 98 -5.61 53.80 -38.03
CA VAL D 98 -4.66 54.62 -38.77
C VAL D 98 -5.30 55.07 -40.06
N PRO D 99 -5.14 56.33 -40.50
CA PRO D 99 -4.43 57.54 -40.04
C PRO D 99 -4.78 58.18 -38.71
N ARG D 100 -5.81 57.75 -38.02
CA ARG D 100 -6.21 58.38 -36.75
C ARG D 100 -6.69 59.80 -37.01
N THR D 101 -7.52 59.93 -38.04
CA THR D 101 -8.08 61.21 -38.45
C THR D 101 -9.03 61.74 -37.43
N PHE D 102 -9.23 63.05 -37.48
CA PHE D 102 -10.11 63.67 -36.54
C PHE D 102 -10.86 64.84 -37.14
N GLY D 103 -11.95 65.24 -36.48
CA GLY D 103 -12.88 66.22 -37.03
C GLY D 103 -12.33 67.63 -37.14
N GLY D 104 -12.91 68.42 -38.05
CA GLY D 104 -12.54 69.83 -38.24
C GLY D 104 -12.94 70.72 -37.04
N GLY D 105 -13.89 70.26 -36.26
CA GLY D 105 -14.27 70.91 -35.03
C GLY D 105 -15.31 71.99 -35.13
N THR D 106 -15.64 72.55 -33.97
CA THR D 106 -16.60 73.64 -33.86
C THR D 106 -16.05 74.71 -32.94
N LYS D 107 -16.59 75.93 -33.00
CA LYS D 107 -16.10 76.98 -32.09
C LYS D 107 -17.13 77.44 -31.05
N LEU D 108 -16.79 77.32 -29.77
CA LEU D 108 -17.66 77.88 -28.72
C LEU D 108 -17.45 79.38 -28.60
N GLU D 109 -18.53 80.13 -28.40
CA GLU D 109 -18.45 81.57 -28.21
C GLU D 109 -19.37 82.06 -27.10
N ILE D 110 -18.99 83.15 -26.44
CA ILE D 110 -19.90 83.78 -25.50
C ILE D 110 -20.68 84.85 -26.24
N LYS D 111 -22.01 84.87 -26.10
CA LYS D 111 -22.74 85.93 -26.79
C LYS D 111 -22.28 87.28 -26.25
N VAL E 753 42.89 -25.12 3.89
CA VAL E 753 41.61 -24.43 3.96
C VAL E 753 41.76 -22.90 4.03
N PRO E 754 40.68 -22.15 3.76
CA PRO E 754 40.60 -20.69 3.80
C PRO E 754 40.90 -20.14 5.17
N GLY E 755 41.42 -18.93 5.15
CA GLY E 755 41.81 -18.18 6.33
C GLY E 755 40.71 -17.29 6.85
N GLU E 756 41.15 -16.33 7.64
CA GLU E 756 40.35 -15.32 8.29
C GLU E 756 39.64 -14.38 7.33
N MET E 757 38.47 -13.91 7.79
CA MET E 757 37.65 -12.90 7.15
C MET E 757 38.44 -11.61 7.13
N ARG E 758 38.19 -10.70 6.18
CA ARG E 758 38.90 -9.42 6.22
C ARG E 758 37.97 -8.24 6.41
N LEU E 759 38.24 -7.44 7.44
CA LEU E 759 37.46 -6.23 7.64
C LEU E 759 37.80 -5.28 6.52
N ALA E 760 36.80 -4.59 6.01
CA ALA E 760 37.00 -3.66 4.93
C ALA E 760 36.03 -2.52 5.01
N SER E 761 36.34 -1.43 4.34
CA SER E 761 35.46 -0.29 4.30
C SER E 761 34.67 -0.30 3.03
N ILE E 762 33.43 0.16 3.07
CA ILE E 762 32.68 0.19 1.85
C ILE E 762 33.16 1.35 1.00
N ALA E 763 33.52 1.03 -0.23
CA ALA E 763 33.98 2.01 -1.19
C ALA E 763 32.92 3.03 -1.53
N PHE E 764 33.36 4.25 -1.81
CA PHE E 764 32.48 5.28 -2.32
C PHE E 764 33.03 5.69 -3.65
N ASN E 765 32.28 5.44 -4.70
CA ASN E 765 32.76 5.80 -6.02
C ASN E 765 32.49 7.26 -6.27
N HIS E 766 33.55 8.03 -6.40
CA HIS E 766 33.39 9.45 -6.63
C HIS E 766 32.96 9.75 -8.07
N PRO E 767 32.04 10.69 -8.27
CA PRO E 767 31.60 11.21 -9.55
C PRO E 767 32.75 11.89 -10.25
N ILE E 768 32.70 11.91 -11.56
CA ILE E 768 33.74 12.59 -12.31
C ILE E 768 33.60 14.06 -12.02
N GLN E 769 34.70 14.74 -11.72
CA GLN E 769 34.57 16.13 -11.37
C GLN E 769 34.82 17.03 -12.54
N VAL E 770 33.77 17.75 -12.95
CA VAL E 770 33.91 18.71 -14.04
C VAL E 770 34.13 20.09 -13.48
N ASP E 771 35.19 20.76 -13.87
CA ASP E 771 35.49 22.07 -13.32
C ASP E 771 34.46 23.11 -13.63
N GLN E 772 34.07 23.86 -12.61
CA GLN E 772 33.18 24.99 -12.83
C GLN E 772 33.97 26.15 -13.41
N LEU E 773 33.42 26.79 -14.44
CA LEU E 773 34.05 27.98 -15.01
C LEU E 773 33.11 29.16 -15.03
N ASN E 774 33.69 30.34 -14.93
CA ASN E 774 32.95 31.58 -15.11
C ASN E 774 33.12 32.05 -16.55
N SER E 775 32.67 33.27 -16.85
CA SER E 775 32.77 33.87 -18.18
C SER E 775 31.78 33.29 -19.20
N SER E 776 32.01 33.64 -20.47
CA SER E 776 31.12 33.34 -21.59
C SER E 776 31.20 31.94 -22.20
N TYR E 777 31.99 31.05 -21.64
CA TYR E 777 32.10 29.72 -22.21
C TYR E 777 32.20 28.72 -21.09
N PHE E 778 31.99 27.45 -21.38
CA PHE E 778 32.05 26.48 -20.30
C PHE E 778 32.57 25.13 -20.70
N LYS E 779 33.08 24.41 -19.71
CA LYS E 779 33.56 23.06 -19.90
C LYS E 779 32.39 22.11 -20.04
N LEU E 780 32.46 21.16 -20.95
CA LEU E 780 31.38 20.21 -21.19
C LEU E 780 31.83 18.79 -21.13
N SER E 781 31.14 17.93 -20.39
CA SER E 781 31.56 16.53 -20.41
C SER E 781 30.67 15.75 -21.33
N ILE E 782 31.26 15.02 -22.28
CA ILE E 782 30.49 14.23 -23.22
C ILE E 782 31.10 12.84 -23.45
N PRO E 783 30.33 11.74 -23.50
CA PRO E 783 30.78 10.37 -23.76
C PRO E 783 31.28 10.15 -25.16
N THR E 784 32.22 9.21 -25.31
CA THR E 784 32.73 8.86 -26.63
C THR E 784 32.51 7.41 -27.01
N ASN E 785 32.10 6.55 -26.07
CA ASN E 785 31.93 5.15 -26.41
C ASN E 785 30.74 4.51 -25.74
N PHE E 786 29.56 4.69 -26.27
CA PHE E 786 28.37 4.09 -25.70
C PHE E 786 28.34 2.57 -25.75
N SER E 787 27.68 1.96 -24.77
CA SER E 787 27.45 0.54 -24.85
C SER E 787 26.08 0.15 -24.36
N PHE E 788 25.44 -0.75 -25.08
CA PHE E 788 24.16 -1.31 -24.70
C PHE E 788 24.23 -2.21 -23.51
N GLY E 789 23.14 -2.27 -22.77
CA GLY E 789 23.05 -3.24 -21.69
C GLY E 789 21.61 -3.43 -21.31
N VAL E 790 21.33 -4.39 -20.43
CA VAL E 790 19.95 -4.61 -20.05
C VAL E 790 19.78 -4.72 -18.56
N THR E 791 18.56 -4.48 -18.11
CA THR E 791 18.19 -4.69 -16.72
C THR E 791 16.91 -5.47 -16.72
N GLN E 792 16.56 -6.07 -15.61
CA GLN E 792 15.30 -6.80 -15.59
C GLN E 792 14.60 -6.60 -14.28
N GLU E 793 13.29 -6.75 -14.32
CA GLU E 793 12.54 -6.70 -13.09
C GLU E 793 11.32 -7.58 -13.12
N TYR E 794 10.92 -8.03 -11.95
CA TYR E 794 9.75 -8.86 -11.82
C TYR E 794 8.67 -8.17 -11.06
N ILE E 795 7.51 -8.04 -11.68
CA ILE E 795 6.39 -7.45 -10.99
C ILE E 795 5.29 -8.46 -10.85
N GLN E 796 5.04 -8.86 -9.61
CA GLN E 796 3.99 -9.82 -9.35
C GLN E 796 2.64 -9.24 -9.65
N THR E 797 1.74 -10.04 -10.21
CA THR E 797 0.40 -9.54 -10.41
C THR E 797 -0.66 -10.35 -9.69
N THR E 798 -0.35 -11.59 -9.32
CA THR E 798 -1.36 -12.37 -8.61
C THR E 798 -0.87 -13.22 -7.46
N ILE E 799 -1.84 -13.62 -6.63
CA ILE E 799 -1.69 -14.56 -5.53
C ILE E 799 -2.29 -15.86 -5.99
N GLN E 800 -1.68 -17.00 -5.65
CA GLN E 800 -2.32 -18.25 -6.04
C GLN E 800 -3.67 -18.32 -5.36
N LYS E 801 -4.68 -18.80 -6.07
CA LYS E 801 -6.00 -18.82 -5.47
C LYS E 801 -6.24 -20.09 -4.71
N VAL E 802 -6.74 -19.94 -3.50
CA VAL E 802 -6.99 -21.07 -2.62
C VAL E 802 -8.36 -20.99 -2.00
N THR E 803 -8.99 -22.15 -1.80
CA THR E 803 -10.23 -22.20 -1.04
C THR E 803 -10.05 -23.29 -0.03
N VAL E 804 -10.87 -23.27 1.01
CA VAL E 804 -10.76 -24.29 2.03
C VAL E 804 -12.10 -24.86 2.41
N ASP E 805 -12.22 -26.19 2.34
CA ASP E 805 -13.46 -26.87 2.68
C ASP E 805 -13.70 -26.88 4.17
N CYS E 806 -14.52 -25.95 4.64
CA CYS E 806 -14.84 -25.83 6.05
C CYS E 806 -15.13 -27.20 6.67
N LYS E 807 -16.38 -27.63 6.58
CA LYS E 807 -16.80 -28.91 7.11
C LYS E 807 -15.86 -30.03 6.68
N GLN E 808 -14.56 -29.78 6.80
CA GLN E 808 -13.55 -30.76 6.41
C GLN E 808 -12.25 -30.54 7.17
N TYR E 809 -11.69 -29.34 7.05
CA TYR E 809 -10.45 -29.00 7.71
C TYR E 809 -10.50 -29.19 9.20
N VAL E 810 -11.64 -28.86 9.81
CA VAL E 810 -11.75 -28.96 11.25
C VAL E 810 -11.88 -30.41 11.70
N CYS E 811 -12.74 -31.17 11.03
CA CYS E 811 -12.87 -32.59 11.32
C CYS E 811 -13.14 -33.32 10.03
N ASN E 812 -12.95 -34.61 10.12
CA ASN E 812 -12.96 -35.48 8.97
C ASN E 812 -14.22 -36.32 8.79
N GLY E 813 -15.38 -35.72 9.09
CA GLY E 813 -16.66 -36.41 9.02
C GLY E 813 -17.02 -37.21 10.26
N PHE E 814 -16.26 -37.09 11.34
CA PHE E 814 -16.65 -37.75 12.55
C PHE E 814 -17.96 -37.16 13.01
N GLN E 815 -18.87 -38.00 13.47
CA GLN E 815 -20.16 -37.47 13.82
C GLN E 815 -20.23 -36.71 15.13
N LYS E 816 -19.32 -37.01 16.07
CA LYS E 816 -19.36 -36.23 17.30
C LYS E 816 -18.96 -34.81 17.04
N CYS E 817 -17.88 -34.64 16.28
CA CYS E 817 -17.53 -33.34 15.81
C CYS E 817 -18.51 -32.65 14.95
N GLU E 818 -19.25 -33.36 14.11
CA GLU E 818 -20.21 -32.62 13.34
C GLU E 818 -21.26 -31.99 14.21
N GLN E 819 -21.70 -32.70 15.25
CA GLN E 819 -22.66 -32.13 16.16
C GLN E 819 -22.11 -30.95 16.93
N LEU E 820 -20.85 -31.07 17.39
CA LEU E 820 -20.23 -29.98 18.13
C LEU E 820 -19.94 -28.76 17.28
N LEU E 821 -19.49 -28.99 16.05
CA LEU E 821 -19.12 -27.95 15.11
C LEU E 821 -20.26 -27.06 14.73
N ARG E 822 -21.49 -27.57 14.71
CA ARG E 822 -22.65 -26.75 14.39
C ARG E 822 -22.81 -25.52 15.27
N GLU E 823 -22.32 -25.56 16.52
CA GLU E 823 -22.37 -24.38 17.37
C GLU E 823 -21.51 -23.24 16.84
N TYR E 824 -20.47 -23.60 16.10
CA TYR E 824 -19.54 -22.70 15.48
C TYR E 824 -19.72 -22.62 13.97
N GLY E 825 -20.84 -23.10 13.43
CA GLY E 825 -21.00 -23.17 11.98
C GLY E 825 -20.92 -21.82 11.26
N GLN E 826 -21.28 -20.75 11.97
CA GLN E 826 -21.18 -19.43 11.41
C GLN E 826 -19.74 -18.93 11.22
N PHE E 827 -18.76 -19.56 11.89
CA PHE E 827 -17.40 -19.13 11.66
C PHE E 827 -16.94 -19.56 10.30
N CYS E 828 -17.23 -20.83 9.98
CA CYS E 828 -16.92 -21.31 8.65
C CYS E 828 -17.65 -20.59 7.56
N SER E 829 -18.88 -20.15 7.82
CA SER E 829 -19.55 -19.38 6.79
C SER E 829 -18.82 -18.07 6.51
N LYS E 830 -18.30 -17.42 7.55
CA LYS E 830 -17.53 -16.21 7.35
C LYS E 830 -16.20 -16.46 6.66
N ILE E 831 -15.57 -17.60 6.95
CA ILE E 831 -14.33 -17.98 6.33
C ILE E 831 -14.46 -18.22 4.85
N ASN E 832 -15.54 -18.87 4.45
CA ASN E 832 -15.73 -19.14 3.05
C ASN E 832 -16.06 -17.90 2.29
N GLN E 833 -16.87 -17.02 2.86
CA GLN E 833 -17.18 -15.78 2.19
C GLN E 833 -15.98 -14.89 2.00
N ALA E 834 -15.11 -14.81 3.02
CA ALA E 834 -13.93 -13.99 2.88
C ALA E 834 -12.98 -14.48 1.83
N LEU E 835 -12.77 -15.80 1.77
CA LEU E 835 -11.89 -16.33 0.74
C LEU E 835 -12.47 -16.17 -0.63
N HIS E 836 -13.79 -16.32 -0.76
CA HIS E 836 -14.41 -16.15 -2.04
C HIS E 836 -14.28 -14.75 -2.57
N GLY E 837 -14.42 -13.75 -1.70
CA GLY E 837 -14.25 -12.38 -2.16
C GLY E 837 -12.81 -12.09 -2.57
N ALA E 838 -11.84 -12.69 -1.87
CA ALA E 838 -10.45 -12.50 -2.25
C ALA E 838 -10.13 -13.09 -3.59
N ASN E 839 -10.76 -14.22 -3.92
CA ASN E 839 -10.50 -14.83 -5.18
C ASN E 839 -11.14 -14.09 -6.32
N LEU E 840 -12.32 -13.49 -6.08
CA LEU E 840 -12.93 -12.68 -7.13
C LEU E 840 -12.11 -11.46 -7.46
N ARG E 841 -11.47 -10.85 -6.46
CA ARG E 841 -10.63 -9.72 -6.73
C ARG E 841 -9.40 -10.08 -7.53
N GLN E 842 -8.84 -11.26 -7.28
CA GLN E 842 -7.71 -11.69 -8.08
C GLN E 842 -8.08 -11.87 -9.53
N ASP E 843 -9.29 -12.36 -9.80
CA ASP E 843 -9.71 -12.51 -11.17
C ASP E 843 -9.93 -11.19 -11.87
N ASP E 844 -10.45 -10.20 -11.15
CA ASP E 844 -10.64 -8.93 -11.77
C ASP E 844 -9.36 -8.17 -12.04
N SER E 845 -8.36 -8.31 -11.16
CA SER E 845 -7.11 -7.63 -11.45
C SER E 845 -6.43 -8.18 -12.70
N VAL E 846 -6.61 -9.48 -12.94
CA VAL E 846 -6.07 -10.08 -14.14
C VAL E 846 -6.75 -9.62 -15.40
N ARG E 847 -8.09 -9.60 -15.39
CA ARG E 847 -8.79 -9.17 -16.58
C ARG E 847 -8.58 -7.73 -16.90
N ASN E 848 -8.42 -6.90 -15.86
CA ASN E 848 -8.18 -5.51 -16.10
C ASN E 848 -6.85 -5.28 -16.72
N LEU E 849 -5.83 -5.99 -16.25
CA LEU E 849 -4.51 -5.85 -16.83
C LEU E 849 -4.45 -6.28 -18.28
N PHE E 850 -5.04 -7.44 -18.60
CA PHE E 850 -4.98 -7.91 -19.97
C PHE E 850 -5.79 -7.08 -20.93
N ALA E 851 -6.82 -6.40 -20.45
CA ALA E 851 -7.54 -5.52 -21.33
C ALA E 851 -6.68 -4.35 -21.81
N SER E 852 -5.67 -3.93 -21.03
CA SER E 852 -4.83 -2.86 -21.53
C SER E 852 -3.59 -3.30 -22.26
N VAL E 853 -3.11 -4.53 -22.04
CA VAL E 853 -1.92 -4.94 -22.80
C VAL E 853 -2.23 -5.16 -24.27
N LYS E 854 -3.48 -5.50 -24.57
CA LYS E 854 -3.87 -5.74 -25.93
C LYS E 854 -3.74 -4.53 -26.84
N SER E 855 -3.31 -4.77 -28.07
CA SER E 855 -3.26 -3.73 -29.08
C SER E 855 -4.33 -3.95 -30.10
N SER E 856 -4.88 -2.87 -30.62
CA SER E 856 -5.86 -2.97 -31.68
C SER E 856 -5.30 -3.60 -32.95
N GLN E 857 -4.01 -3.40 -33.21
CA GLN E 857 -3.36 -3.95 -34.39
C GLN E 857 -1.91 -4.29 -34.15
N SER E 858 -1.38 -5.23 -34.92
CA SER E 858 0.03 -5.58 -34.83
C SER E 858 0.59 -6.14 -36.13
N SER E 859 1.91 -6.17 -36.24
CA SER E 859 2.54 -6.89 -37.34
C SER E 859 2.41 -8.37 -37.05
N PRO E 860 2.31 -9.22 -38.07
CA PRO E 860 2.46 -10.64 -37.92
C PRO E 860 3.88 -10.88 -37.47
N ILE E 861 4.08 -11.93 -36.70
CA ILE E 861 5.42 -12.31 -36.30
C ILE E 861 5.99 -13.40 -37.16
N ILE E 862 7.13 -13.12 -37.79
CA ILE E 862 7.80 -14.11 -38.61
C ILE E 862 9.25 -14.27 -38.16
N PRO E 863 9.92 -15.35 -38.53
CA PRO E 863 11.35 -15.59 -38.33
C PRO E 863 12.15 -14.56 -39.08
N GLY E 864 13.34 -14.26 -38.59
CA GLY E 864 14.21 -13.26 -39.21
C GLY E 864 13.81 -11.81 -38.84
N PHE E 865 12.89 -11.68 -37.88
CA PHE E 865 12.41 -10.41 -37.42
C PHE E 865 13.57 -9.61 -36.89
N GLY E 866 13.56 -8.32 -37.20
CA GLY E 866 14.58 -7.40 -36.78
C GLY E 866 15.86 -7.40 -37.62
N GLY E 867 15.90 -8.11 -38.74
CA GLY E 867 17.09 -8.01 -39.56
C GLY E 867 18.27 -8.57 -38.80
N ASP E 868 19.33 -7.77 -38.70
CA ASP E 868 20.54 -8.15 -37.98
C ASP E 868 20.36 -8.29 -36.45
N PHE E 869 19.28 -7.75 -35.88
CA PHE E 869 19.06 -7.95 -34.44
C PHE E 869 18.73 -9.44 -34.22
N ASN E 870 19.24 -10.06 -33.16
CA ASN E 870 19.01 -11.50 -33.01
C ASN E 870 17.61 -11.87 -32.57
N LEU E 871 17.06 -11.15 -31.58
CA LEU E 871 15.67 -11.33 -31.13
C LEU E 871 15.20 -12.76 -30.81
N THR E 872 15.88 -13.43 -29.86
CA THR E 872 15.53 -14.81 -29.43
C THR E 872 14.18 -14.93 -28.70
N LEU E 873 13.56 -13.81 -28.38
CA LEU E 873 12.23 -13.69 -27.81
C LEU E 873 11.10 -14.19 -28.71
N LEU E 874 11.37 -14.40 -30.01
CA LEU E 874 10.33 -14.86 -30.91
C LEU E 874 9.81 -16.22 -30.47
N GLU E 875 8.51 -16.39 -30.63
CA GLU E 875 7.84 -17.62 -30.29
C GLU E 875 8.33 -18.76 -31.18
N PRO E 876 8.52 -19.99 -30.68
CA PRO E 876 8.93 -21.16 -31.45
C PRO E 876 7.74 -21.82 -32.12
N VAL E 877 7.20 -21.08 -33.10
CA VAL E 877 6.06 -21.41 -33.95
C VAL E 877 6.23 -22.66 -34.79
N ALA E 886 3.29 -21.34 -28.96
CA ALA E 886 4.28 -21.73 -27.98
C ALA E 886 4.48 -20.61 -26.96
N ARG E 887 5.33 -20.86 -25.98
CA ARG E 887 5.76 -19.81 -25.06
C ARG E 887 6.99 -19.15 -25.73
N SER E 888 8.11 -18.99 -25.06
CA SER E 888 9.26 -18.41 -25.74
C SER E 888 10.48 -18.98 -25.11
N ALA E 889 11.63 -18.83 -25.75
CA ALA E 889 12.86 -19.36 -25.18
C ALA E 889 13.16 -18.78 -23.81
N ILE E 890 12.89 -17.49 -23.62
CA ILE E 890 13.09 -16.89 -22.33
C ILE E 890 12.08 -17.33 -21.31
N GLU E 891 10.82 -17.48 -21.72
CA GLU E 891 9.82 -17.95 -20.75
C GLU E 891 10.11 -19.36 -20.33
N ASP E 892 10.63 -20.18 -21.24
CA ASP E 892 10.97 -21.54 -20.87
C ASP E 892 12.10 -21.57 -19.90
N LEU E 893 13.09 -20.68 -20.05
CA LEU E 893 14.14 -20.64 -19.06
C LEU E 893 13.62 -20.24 -17.71
N LEU E 894 12.69 -19.30 -17.64
CA LEU E 894 12.14 -18.96 -16.35
C LEU E 894 11.36 -20.08 -15.71
N PHE E 895 10.52 -20.77 -16.48
CA PHE E 895 9.77 -21.83 -15.87
C PHE E 895 10.62 -23.04 -15.50
N ASP E 896 11.68 -23.32 -16.26
CA ASP E 896 12.55 -24.43 -15.91
C ASP E 896 13.49 -24.17 -14.75
N LYS E 897 13.98 -22.94 -14.60
CA LYS E 897 14.86 -22.63 -13.49
C LYS E 897 14.12 -22.57 -12.15
N VAL E 898 12.84 -22.20 -12.18
CA VAL E 898 12.00 -22.19 -11.02
C VAL E 898 11.69 -23.61 -10.52
N THR E 899 11.69 -23.77 -9.19
CA THR E 899 11.56 -25.06 -8.52
C THR E 899 10.14 -25.49 -8.13
N ILE E 900 9.14 -24.77 -8.62
CA ILE E 900 7.75 -25.00 -8.30
C ILE E 900 7.28 -26.39 -8.70
N ALA E 901 6.46 -26.98 -7.83
CA ALA E 901 5.85 -28.29 -8.04
C ALA E 901 5.01 -28.33 -9.31
N ASP E 902 4.98 -29.50 -9.94
CA ASP E 902 4.17 -29.66 -11.14
C ASP E 902 2.69 -29.42 -10.79
N PRO E 903 1.99 -28.65 -11.62
CA PRO E 903 0.57 -28.36 -11.38
C PRO E 903 -0.28 -29.61 -11.49
N GLY E 904 -1.58 -29.48 -11.19
CA GLY E 904 -2.50 -30.61 -11.25
C GLY E 904 -3.48 -30.48 -12.39
N TYR E 905 -4.74 -30.24 -12.06
CA TYR E 905 -5.80 -30.10 -13.05
C TYR E 905 -5.93 -31.35 -13.90
N MET E 906 -4.92 -31.61 -14.73
CA MET E 906 -4.91 -32.78 -15.60
C MET E 906 -3.52 -33.40 -15.68
N GLN E 907 -3.41 -34.63 -15.20
CA GLN E 907 -4.56 -35.35 -14.64
C GLN E 907 -4.94 -34.80 -13.27
N GLY E 908 -3.94 -34.63 -12.40
CA GLY E 908 -4.17 -34.11 -11.07
C GLY E 908 -4.48 -35.20 -10.07
N TYR E 909 -5.66 -35.18 -9.50
CA TYR E 909 -6.06 -36.16 -8.50
C TYR E 909 -5.63 -37.60 -8.75
N ASP E 910 -5.51 -38.01 -10.03
CA ASP E 910 -5.07 -39.37 -10.21
C ASP E 910 -3.57 -39.59 -9.99
N ASP E 911 -2.82 -38.53 -9.63
CA ASP E 911 -1.47 -38.67 -9.14
C ASP E 911 -1.46 -38.69 -7.61
N CYS E 912 -2.65 -38.67 -6.98
CA CYS E 912 -2.74 -38.72 -5.53
C CYS E 912 -2.89 -40.18 -5.13
N MET E 913 -3.69 -40.80 -6.01
CA MET E 913 -4.11 -42.18 -6.06
C MET E 913 -2.99 -43.14 -6.22
N GLN E 914 -3.24 -44.37 -5.75
CA GLN E 914 -2.30 -45.49 -5.83
C GLN E 914 -1.93 -45.88 -7.28
N GLN E 915 -2.67 -45.38 -8.29
CA GLN E 915 -2.30 -45.57 -9.68
C GLN E 915 -1.24 -44.53 -10.07
N GLY E 916 -0.04 -44.66 -9.52
CA GLY E 916 1.06 -43.74 -9.77
C GLY E 916 2.30 -44.19 -8.98
N PRO E 917 3.40 -43.44 -9.10
CA PRO E 917 4.69 -43.71 -8.47
C PRO E 917 4.61 -43.60 -6.95
N ALA E 918 5.41 -44.42 -6.27
CA ALA E 918 5.51 -44.37 -4.81
C ALA E 918 6.27 -43.15 -4.31
N SER E 919 7.04 -42.50 -5.19
CA SER E 919 7.82 -41.34 -4.83
C SER E 919 7.11 -40.00 -4.90
N ALA E 920 5.82 -39.93 -5.25
CA ALA E 920 5.22 -38.60 -5.23
C ALA E 920 5.24 -38.05 -3.80
N ARG E 921 5.59 -36.77 -3.65
CA ARG E 921 5.56 -36.12 -2.34
C ARG E 921 4.87 -34.77 -2.40
N ASP E 922 4.03 -34.58 -3.41
CA ASP E 922 3.43 -33.28 -3.61
C ASP E 922 2.48 -32.82 -2.54
N LEU E 923 2.66 -31.55 -2.12
CA LEU E 923 1.70 -30.87 -1.26
C LEU E 923 0.38 -30.71 -2.00
N ILE E 924 0.47 -30.67 -3.34
CA ILE E 924 -0.71 -30.64 -4.14
C ILE E 924 -1.59 -31.86 -3.98
N CYS E 925 -1.05 -33.08 -3.74
CA CYS E 925 -2.05 -34.11 -3.55
C CYS E 925 -2.51 -34.15 -2.10
N ALA E 926 -1.76 -33.50 -1.19
CA ALA E 926 -2.16 -33.37 0.21
C ALA E 926 -3.40 -32.50 0.36
N GLN E 927 -3.74 -31.73 -0.70
CA GLN E 927 -4.94 -30.93 -0.75
C GLN E 927 -6.21 -31.76 -0.59
N TYR E 928 -6.17 -33.00 -1.04
CA TYR E 928 -7.35 -33.83 -1.03
C TYR E 928 -7.50 -34.59 0.29
N VAL E 929 -6.55 -34.39 1.20
CA VAL E 929 -6.65 -34.91 2.55
C VAL E 929 -7.15 -33.80 3.44
N ALA E 930 -6.44 -32.66 3.33
CA ALA E 930 -6.71 -31.46 4.09
C ALA E 930 -7.95 -30.64 3.67
N GLY E 931 -8.55 -30.94 2.52
CA GLY E 931 -9.71 -30.17 2.06
C GLY E 931 -9.36 -28.85 1.35
N TYR E 932 -8.08 -28.62 1.05
CA TYR E 932 -7.66 -27.43 0.32
C TYR E 932 -8.07 -27.54 -1.12
N LYS E 933 -8.36 -26.45 -1.77
CA LYS E 933 -8.37 -26.58 -3.21
C LYS E 933 -7.62 -25.44 -3.83
N VAL E 934 -6.68 -25.74 -4.71
CA VAL E 934 -6.09 -24.65 -5.47
C VAL E 934 -6.85 -24.48 -6.75
N LEU E 935 -7.40 -23.29 -6.93
CA LEU E 935 -8.15 -22.99 -8.13
C LEU E 935 -7.21 -22.81 -9.32
N PRO E 936 -7.64 -23.18 -10.53
CA PRO E 936 -6.92 -22.98 -11.78
C PRO E 936 -6.81 -21.50 -12.09
N PRO E 937 -5.76 -21.07 -12.79
CA PRO E 937 -5.58 -19.71 -13.25
C PRO E 937 -6.67 -19.37 -14.21
N LEU E 938 -7.04 -18.10 -14.20
CA LEU E 938 -8.08 -17.59 -15.06
C LEU E 938 -7.86 -17.57 -16.55
N MET E 939 -6.65 -17.28 -17.01
CA MET E 939 -6.47 -17.07 -18.44
C MET E 939 -6.07 -18.19 -19.40
N ASP E 940 -5.50 -19.27 -18.86
CA ASP E 940 -4.84 -20.36 -19.60
C ASP E 940 -3.48 -19.86 -20.09
N VAL E 941 -2.47 -20.72 -20.12
CA VAL E 941 -1.17 -20.28 -20.61
C VAL E 941 -1.14 -19.88 -22.07
N ASN E 942 -2.02 -20.43 -22.90
CA ASN E 942 -1.94 -20.12 -24.30
C ASN E 942 -2.44 -18.74 -24.61
N MET E 943 -3.53 -18.32 -23.99
CA MET E 943 -3.99 -16.97 -24.24
C MET E 943 -3.03 -15.95 -23.71
N GLU E 944 -2.35 -16.26 -22.60
CA GLU E 944 -1.35 -15.34 -22.09
C GLU E 944 -0.21 -15.16 -23.05
N ALA E 945 0.21 -16.26 -23.70
CA ALA E 945 1.25 -16.16 -24.69
C ALA E 945 0.79 -15.31 -25.88
N ALA E 946 -0.48 -15.46 -26.27
CA ALA E 946 -0.99 -14.65 -27.36
C ALA E 946 -1.02 -13.17 -27.03
N TYR E 947 -1.35 -12.82 -25.79
CA TYR E 947 -1.32 -11.41 -25.42
C TYR E 947 0.07 -10.80 -25.44
N THR E 948 1.10 -11.57 -25.11
CA THR E 948 2.40 -10.94 -25.18
C THR E 948 3.01 -11.02 -26.55
N SER E 949 2.51 -11.91 -27.42
CA SER E 949 2.99 -11.84 -28.78
C SER E 949 2.42 -10.61 -29.46
N SER E 950 1.20 -10.20 -29.06
CA SER E 950 0.63 -9.00 -29.62
C SER E 950 1.42 -7.77 -29.25
N LEU E 951 1.97 -7.74 -28.02
CA LEU E 951 2.84 -6.64 -27.67
C LEU E 951 4.11 -6.62 -28.45
N LEU E 952 4.70 -7.78 -28.73
CA LEU E 952 5.91 -7.83 -29.52
C LEU E 952 5.70 -7.28 -30.93
N GLY E 953 4.56 -7.59 -31.53
CA GLY E 953 4.25 -7.08 -32.85
C GLY E 953 3.82 -5.61 -32.90
N SER E 954 3.59 -4.96 -31.76
CA SER E 954 3.22 -3.55 -31.76
C SER E 954 4.45 -2.66 -31.81
N ILE E 955 5.62 -3.24 -31.54
CA ILE E 955 6.87 -2.49 -31.55
C ILE E 955 7.29 -2.14 -32.97
N ALA E 956 8.01 -1.03 -33.11
CA ALA E 956 8.47 -0.58 -34.42
C ALA E 956 7.33 0.04 -35.23
N GLY E 957 6.76 1.15 -34.75
CA GLY E 957 7.18 1.79 -33.51
C GLY E 957 6.08 2.64 -32.90
N VAL E 958 6.33 3.15 -31.70
CA VAL E 958 5.36 3.98 -31.01
C VAL E 958 5.63 5.46 -31.25
N GLY E 959 6.47 5.75 -32.23
CA GLY E 959 6.81 7.12 -32.56
C GLY E 959 5.85 7.69 -33.54
N TRP E 960 6.31 8.73 -34.24
CA TRP E 960 5.56 9.46 -35.27
C TRP E 960 4.33 10.20 -34.75
N THR E 961 4.34 10.54 -33.44
CA THR E 961 3.27 11.19 -32.67
C THR E 961 2.09 10.25 -32.49
N ALA E 962 1.19 10.58 -31.55
CA ALA E 962 0.03 9.71 -31.31
C ALA E 962 0.50 8.26 -31.10
N GLY E 963 0.14 7.35 -32.01
CA GLY E 963 0.38 5.90 -31.89
C GLY E 963 -0.72 5.24 -31.06
N LEU E 964 -1.75 6.02 -30.74
CA LEU E 964 -2.95 5.65 -30.05
C LEU E 964 -4.10 5.50 -31.06
N SER E 965 -3.76 5.68 -32.34
CA SER E 965 -4.66 5.49 -33.49
C SER E 965 -4.12 4.73 -34.70
N SER E 966 -3.22 5.37 -35.46
CA SER E 966 -2.51 4.80 -36.58
C SER E 966 -1.37 3.88 -36.18
N PHE E 967 -1.06 2.93 -37.06
CA PHE E 967 0.02 2.00 -36.81
C PHE E 967 1.06 2.06 -37.91
N ALA E 968 2.26 2.48 -37.53
CA ALA E 968 3.33 2.69 -38.48
C ALA E 968 3.78 1.47 -39.27
N ALA E 969 3.84 0.29 -38.66
CA ALA E 969 4.20 -0.94 -39.40
C ALA E 969 5.53 -0.85 -40.13
N ILE E 970 6.60 -0.47 -39.45
CA ILE E 970 7.90 -0.31 -40.09
C ILE E 970 8.81 -1.34 -39.50
N PRO E 971 9.96 -1.63 -40.09
CA PRO E 971 10.91 -2.62 -39.62
C PRO E 971 11.39 -2.24 -38.25
N PHE E 972 11.71 -3.24 -37.45
CA PHE E 972 12.21 -3.02 -36.11
C PHE E 972 13.47 -2.21 -36.09
N ALA E 973 14.36 -2.47 -37.04
CA ALA E 973 15.60 -1.72 -37.10
C ALA E 973 15.39 -0.26 -37.36
N GLN E 974 14.37 0.09 -38.16
CA GLN E 974 14.11 1.48 -38.40
C GLN E 974 13.61 2.17 -37.16
N SER E 975 12.77 1.48 -36.37
CA SER E 975 12.30 2.11 -35.15
C SER E 975 13.41 2.33 -34.15
N ILE E 976 14.43 1.46 -34.15
CA ILE E 976 15.56 1.67 -33.28
C ILE E 976 16.35 2.88 -33.63
N PHE E 977 16.52 3.14 -34.92
CA PHE E 977 17.24 4.33 -35.28
C PHE E 977 16.51 5.59 -34.92
N TYR E 978 15.18 5.58 -34.98
CA TYR E 978 14.46 6.76 -34.51
C TYR E 978 14.60 6.96 -33.02
N ARG E 979 14.64 5.86 -32.25
CA ARG E 979 14.83 5.99 -30.83
C ARG E 979 16.21 6.50 -30.45
N LEU E 980 17.23 6.09 -31.20
CA LEU E 980 18.57 6.60 -30.98
C LEU E 980 18.70 8.07 -31.37
N ASN E 981 17.94 8.52 -32.35
CA ASN E 981 17.99 9.93 -32.67
C ASN E 981 17.16 10.73 -31.68
N GLY E 982 16.24 10.06 -30.99
CA GLY E 982 15.46 10.67 -29.94
C GLY E 982 16.21 10.87 -28.62
N VAL E 983 17.45 10.37 -28.51
CA VAL E 983 18.23 10.62 -27.32
C VAL E 983 19.40 11.51 -27.65
N GLY E 984 19.32 12.27 -28.73
CA GLY E 984 20.41 13.18 -29.04
C GLY E 984 21.62 12.61 -29.80
N ILE E 985 21.55 11.37 -30.31
CA ILE E 985 22.63 10.93 -31.19
C ILE E 985 22.30 11.42 -32.60
N THR E 986 23.23 12.13 -33.24
CA THR E 986 22.96 12.59 -34.60
C THR E 986 22.83 11.48 -35.61
N GLN E 987 22.01 11.75 -36.61
CA GLN E 987 21.74 10.82 -37.69
C GLN E 987 22.96 10.44 -38.50
N GLN E 988 23.93 11.35 -38.61
CA GLN E 988 25.12 11.01 -39.37
C GLN E 988 25.90 9.85 -38.77
N VAL E 989 26.00 9.83 -37.44
CA VAL E 989 26.64 8.76 -36.72
C VAL E 989 25.91 7.48 -36.84
N LEU E 990 24.58 7.57 -36.76
CA LEU E 990 23.80 6.36 -36.83
C LEU E 990 23.91 5.64 -38.15
N SER E 991 23.99 6.39 -39.26
CA SER E 991 24.17 5.71 -40.53
C SER E 991 25.55 5.07 -40.70
N GLU E 992 26.58 5.68 -40.11
CA GLU E 992 27.92 5.12 -40.20
C GLU E 992 28.15 3.85 -39.38
N ASN E 993 27.52 3.79 -38.23
CA ASN E 993 27.71 2.70 -37.30
C ASN E 993 26.65 1.62 -37.28
N GLN E 994 25.80 1.51 -38.29
CA GLN E 994 24.65 0.60 -38.17
C GLN E 994 24.99 -0.84 -37.82
N LYS E 995 26.04 -1.41 -38.42
CA LYS E 995 26.41 -2.77 -38.06
C LYS E 995 27.01 -2.87 -36.67
N LEU E 996 27.74 -1.83 -36.27
CA LEU E 996 28.31 -1.80 -34.93
C LEU E 996 27.26 -1.76 -33.85
N ILE E 997 26.22 -0.97 -34.11
CA ILE E 997 25.09 -0.86 -33.21
C ILE E 997 24.36 -2.16 -33.07
N ALA E 998 24.17 -2.86 -34.18
CA ALA E 998 23.51 -4.15 -34.11
C ALA E 998 24.31 -5.17 -33.32
N ASN E 999 25.63 -5.12 -33.42
CA ASN E 999 26.43 -6.06 -32.68
C ASN E 999 26.44 -5.79 -31.20
N LYS E 1000 26.53 -4.51 -30.81
CA LYS E 1000 26.50 -4.21 -29.39
C LYS E 1000 25.16 -4.55 -28.76
N PHE E 1001 24.07 -4.34 -29.51
CA PHE E 1001 22.75 -4.69 -29.03
C PHE E 1001 22.60 -6.18 -28.82
N ASN E 1002 23.18 -6.96 -29.73
CA ASN E 1002 23.07 -8.40 -29.61
C ASN E 1002 23.87 -8.93 -28.47
N GLN E 1003 25.03 -8.34 -28.19
CA GLN E 1003 25.80 -8.77 -27.04
C GLN E 1003 25.05 -8.53 -25.73
N ALA E 1004 24.35 -7.39 -25.64
CA ALA E 1004 23.56 -7.12 -24.44
C ALA E 1004 22.46 -8.13 -24.24
N LEU E 1005 21.80 -8.52 -25.33
CA LEU E 1005 20.78 -9.55 -25.24
C LEU E 1005 21.34 -10.93 -25.01
N GLY E 1006 22.54 -11.21 -25.52
CA GLY E 1006 23.16 -12.52 -25.35
C GLY E 1006 23.43 -12.88 -23.90
N ALA E 1007 23.67 -11.87 -23.06
CA ALA E 1007 23.89 -12.06 -21.63
C ALA E 1007 22.67 -12.64 -20.90
N MET E 1008 21.46 -12.54 -21.48
CA MET E 1008 20.26 -13.10 -20.88
C MET E 1008 20.28 -14.60 -20.72
N GLN E 1009 21.10 -15.29 -21.52
CA GLN E 1009 21.18 -16.73 -21.39
C GLN E 1009 21.93 -17.16 -20.12
N THR E 1010 22.73 -16.26 -19.54
CA THR E 1010 23.46 -16.55 -18.32
C THR E 1010 22.88 -15.86 -17.11
N GLY E 1011 21.92 -14.96 -17.33
CA GLY E 1011 21.33 -14.19 -16.25
C GLY E 1011 20.37 -14.90 -15.30
N PHE E 1012 19.99 -16.15 -15.56
CA PHE E 1012 19.02 -16.76 -14.68
C PHE E 1012 19.65 -17.58 -13.58
N THR E 1013 20.16 -16.85 -12.58
CA THR E 1013 20.75 -17.39 -11.37
C THR E 1013 20.17 -16.62 -10.22
N THR E 1014 20.32 -17.11 -9.00
CA THR E 1014 19.80 -16.39 -7.83
C THR E 1014 20.60 -15.13 -7.48
N THR E 1015 21.78 -14.95 -8.10
CA THR E 1015 22.54 -13.72 -7.92
C THR E 1015 21.88 -12.56 -8.69
N ASN E 1016 21.00 -12.88 -9.63
CA ASN E 1016 20.22 -11.88 -10.31
C ASN E 1016 19.03 -11.58 -9.44
N GLU E 1017 18.97 -10.35 -8.93
CA GLU E 1017 17.89 -10.01 -8.01
C GLU E 1017 16.49 -10.19 -8.55
N ALA E 1018 16.25 -9.84 -9.82
CA ALA E 1018 14.93 -10.03 -10.38
C ALA E 1018 14.54 -11.48 -10.43
N PHE E 1019 15.49 -12.34 -10.79
CA PHE E 1019 15.22 -13.76 -10.78
C PHE E 1019 14.95 -14.28 -9.39
N HIS E 1020 15.67 -13.76 -8.42
CA HIS E 1020 15.48 -14.15 -7.04
C HIS E 1020 14.08 -13.82 -6.56
N LYS E 1021 13.54 -12.66 -6.98
CA LYS E 1021 12.20 -12.31 -6.62
C LYS E 1021 11.15 -13.25 -7.20
N VAL E 1022 11.41 -13.78 -8.39
CA VAL E 1022 10.48 -14.76 -8.96
C VAL E 1022 10.44 -16.00 -8.12
N GLN E 1023 11.63 -16.43 -7.69
CA GLN E 1023 11.71 -17.61 -6.87
C GLN E 1023 11.05 -17.44 -5.53
N ASP E 1024 11.14 -16.26 -4.93
CA ASP E 1024 10.44 -16.10 -3.67
C ASP E 1024 8.96 -15.85 -3.78
N ALA E 1025 8.45 -15.47 -4.96
CA ALA E 1025 7.02 -15.41 -5.10
C ALA E 1025 6.43 -16.82 -4.99
N VAL E 1026 7.13 -17.77 -5.59
CA VAL E 1026 6.76 -19.17 -5.52
C VAL E 1026 6.88 -19.74 -4.12
N ASN E 1027 7.91 -19.33 -3.40
CA ASN E 1027 8.13 -19.81 -2.05
C ASN E 1027 7.08 -19.32 -1.09
N ASN E 1028 6.59 -18.10 -1.29
CA ASN E 1028 5.56 -17.60 -0.40
C ASN E 1028 4.26 -18.34 -0.58
N ASN E 1029 3.93 -18.73 -1.80
CA ASN E 1029 2.71 -19.49 -2.00
C ASN E 1029 2.80 -20.87 -1.39
N ALA E 1030 3.94 -21.53 -1.55
CA ALA E 1030 4.11 -22.84 -0.97
C ALA E 1030 4.05 -22.82 0.53
N GLN E 1031 4.66 -21.81 1.14
CA GLN E 1031 4.65 -21.72 2.59
C GLN E 1031 3.28 -21.48 3.17
N ALA E 1032 2.46 -20.68 2.49
CA ALA E 1032 1.13 -20.44 3.02
C ALA E 1032 0.30 -21.71 3.12
N LEU E 1033 0.40 -22.58 2.11
CA LEU E 1033 -0.29 -23.84 2.21
C LEU E 1033 0.30 -24.80 3.22
N SER E 1034 1.64 -24.83 3.33
CA SER E 1034 2.26 -25.74 4.28
C SER E 1034 1.94 -25.42 5.71
N LYS E 1035 1.67 -24.15 6.03
CA LYS E 1035 1.31 -23.80 7.38
C LYS E 1035 0.02 -24.45 7.82
N LEU E 1036 -0.98 -24.49 6.95
CA LEU E 1036 -2.22 -25.14 7.30
C LEU E 1036 -2.05 -26.63 7.47
N ALA E 1037 -1.18 -27.24 6.64
CA ALA E 1037 -0.95 -28.65 6.74
C ALA E 1037 -0.30 -29.06 8.03
N SER E 1038 0.70 -28.28 8.49
CA SER E 1038 1.36 -28.60 9.74
C SER E 1038 0.46 -28.51 10.94
N GLU E 1039 -0.52 -27.61 10.87
CA GLU E 1039 -1.45 -27.45 11.96
C GLU E 1039 -2.44 -28.59 12.13
N LEU E 1040 -2.57 -29.49 11.15
CA LEU E 1040 -3.45 -30.62 11.34
C LEU E 1040 -2.98 -31.53 12.47
N SER E 1041 -1.65 -31.60 12.66
CA SER E 1041 -1.06 -32.40 13.71
C SER E 1041 -0.84 -31.66 15.02
N ASN E 1042 -1.20 -30.39 15.08
CA ASN E 1042 -0.93 -29.60 16.27
C ASN E 1042 -2.01 -29.72 17.30
N THR E 1043 -1.72 -30.40 18.41
CA THR E 1043 -2.70 -30.44 19.49
C THR E 1043 -2.73 -29.09 20.18
N PHE E 1044 -3.85 -28.80 20.80
CA PHE E 1044 -4.04 -27.57 21.54
C PHE E 1044 -4.10 -27.84 23.03
N GLY E 1045 -3.39 -28.89 23.45
CA GLY E 1045 -3.48 -29.46 24.78
C GLY E 1045 -4.47 -30.63 24.80
N ALA E 1046 -5.14 -30.88 23.66
CA ALA E 1046 -5.98 -32.04 23.46
C ALA E 1046 -5.17 -33.32 23.58
N ILE E 1047 -5.78 -34.39 24.04
CA ILE E 1047 -5.08 -35.67 24.18
C ILE E 1047 -4.44 -36.23 22.91
N SER E 1048 -5.07 -36.02 21.75
CA SER E 1048 -4.48 -36.47 20.50
C SER E 1048 -4.80 -35.57 19.34
N ALA E 1049 -3.94 -35.63 18.33
CA ALA E 1049 -4.14 -34.90 17.08
C ALA E 1049 -5.23 -35.51 16.21
N SER E 1050 -5.61 -36.76 16.47
CA SER E 1050 -6.65 -37.40 15.68
C SER E 1050 -7.94 -37.48 16.41
N ILE E 1051 -8.98 -37.00 15.74
CA ILE E 1051 -10.29 -37.02 16.31
C ILE E 1051 -10.85 -38.42 16.43
N GLY E 1052 -10.60 -39.28 15.44
CA GLY E 1052 -11.10 -40.63 15.57
C GLY E 1052 -10.45 -41.37 16.72
N ASP E 1053 -9.17 -41.08 16.97
CA ASP E 1053 -8.53 -41.71 18.11
C ASP E 1053 -8.99 -41.15 19.43
N ILE E 1054 -9.25 -39.84 19.49
CA ILE E 1054 -9.65 -39.26 20.76
C ILE E 1054 -11.08 -39.71 21.11
N ILE E 1055 -11.90 -39.99 20.09
CA ILE E 1055 -13.21 -40.57 20.32
C ILE E 1055 -13.11 -41.99 20.81
N GLN E 1056 -12.23 -42.76 20.19
CA GLN E 1056 -12.04 -44.16 20.55
C GLN E 1056 -11.59 -44.38 21.98
N ARG E 1057 -10.76 -43.48 22.49
CA ARG E 1057 -10.25 -43.62 23.82
C ARG E 1057 -11.05 -42.96 24.96
N LEU E 1058 -12.16 -42.28 24.66
CA LEU E 1058 -12.83 -41.57 25.74
C LEU E 1058 -14.32 -41.78 25.94
N ASP E 1059 -14.72 -41.77 27.21
CA ASP E 1059 -16.11 -41.74 27.60
C ASP E 1059 -16.66 -40.39 27.11
N PRO E 1060 -17.88 -40.34 26.55
CA PRO E 1060 -18.47 -39.16 25.92
C PRO E 1060 -18.52 -37.84 26.73
N PRO E 1061 -18.73 -37.81 28.06
CA PRO E 1061 -18.66 -36.59 28.85
C PRO E 1061 -17.30 -35.90 28.79
N GLU E 1062 -16.21 -36.69 28.68
CA GLU E 1062 -14.89 -36.10 28.53
C GLU E 1062 -14.56 -35.85 27.09
N GLN E 1063 -15.04 -36.74 26.24
CA GLN E 1063 -14.76 -36.74 24.83
C GLN E 1063 -15.18 -35.47 24.15
N ASP E 1064 -16.34 -34.97 24.53
CA ASP E 1064 -16.83 -33.76 23.92
C ASP E 1064 -16.02 -32.55 24.31
N ALA E 1065 -15.56 -32.50 25.57
CA ALA E 1065 -14.74 -31.39 26.02
C ALA E 1065 -13.40 -31.34 25.32
N GLN E 1066 -12.80 -32.51 25.11
CA GLN E 1066 -11.53 -32.56 24.41
C GLN E 1066 -11.61 -32.17 22.97
N ILE E 1067 -12.69 -32.60 22.30
CA ILE E 1067 -12.89 -32.22 20.92
C ILE E 1067 -13.16 -30.75 20.78
N ASP E 1068 -13.89 -30.15 21.73
CA ASP E 1068 -14.14 -28.72 21.64
C ASP E 1068 -12.86 -27.92 21.71
N ARG E 1069 -11.94 -28.31 22.59
CA ARG E 1069 -10.64 -27.64 22.67
C ARG E 1069 -9.89 -27.69 21.36
N LEU E 1070 -9.93 -28.87 20.74
CA LEU E 1070 -9.31 -29.08 19.46
C LEU E 1070 -9.94 -28.26 18.34
N ILE E 1071 -11.28 -28.17 18.33
CA ILE E 1071 -12.00 -27.37 17.34
C ILE E 1071 -11.71 -25.90 17.43
N ASN E 1072 -11.57 -25.38 18.64
CA ASN E 1072 -11.36 -23.97 18.79
C ASN E 1072 -10.02 -23.54 18.26
N GLY E 1073 -8.97 -24.34 18.53
CA GLY E 1073 -7.69 -24.00 17.96
C GLY E 1073 -7.65 -24.12 16.44
N ARG E 1074 -8.38 -25.10 15.87
CA ARG E 1074 -8.38 -25.25 14.42
C ARG E 1074 -9.06 -24.09 13.72
N LEU E 1075 -10.15 -23.58 14.32
CA LEU E 1075 -10.80 -22.42 13.76
C LEU E 1075 -9.93 -21.19 13.84
N THR E 1076 -9.16 -21.07 14.94
CA THR E 1076 -8.28 -19.94 15.08
C THR E 1076 -7.19 -19.91 14.02
N THR E 1077 -6.68 -21.09 13.66
CA THR E 1077 -5.71 -21.15 12.59
C THR E 1077 -6.28 -20.74 11.26
N LEU E 1078 -7.52 -21.15 10.98
CA LEU E 1078 -8.15 -20.74 9.75
C LEU E 1078 -8.42 -19.25 9.70
N ASN E 1079 -8.72 -18.64 10.83
CA ASN E 1079 -8.97 -17.22 10.83
C ASN E 1079 -7.73 -16.44 10.56
N ALA E 1080 -6.60 -16.88 11.15
CA ALA E 1080 -5.34 -16.23 10.87
C ALA E 1080 -4.93 -16.38 9.43
N PHE E 1081 -5.19 -17.57 8.85
CA PHE E 1081 -4.90 -17.80 7.45
C PHE E 1081 -5.65 -16.90 6.52
N VAL E 1082 -6.93 -16.67 6.80
CA VAL E 1082 -7.69 -15.78 5.97
C VAL E 1082 -7.21 -14.37 6.02
N ALA E 1083 -6.84 -13.91 7.22
CA ALA E 1083 -6.33 -12.56 7.34
C ALA E 1083 -5.05 -12.37 6.55
N GLN E 1084 -4.19 -13.39 6.56
CA GLN E 1084 -2.97 -13.31 5.79
C GLN E 1084 -3.22 -13.26 4.30
N GLN E 1085 -4.22 -14.02 3.83
CA GLN E 1085 -4.56 -13.99 2.43
C GLN E 1085 -5.13 -12.68 1.97
N LEU E 1086 -5.91 -12.04 2.83
CA LEU E 1086 -6.47 -10.75 2.46
C LEU E 1086 -5.42 -9.67 2.30
N VAL E 1087 -4.39 -9.71 3.16
CA VAL E 1087 -3.31 -8.76 3.02
C VAL E 1087 -2.49 -8.96 1.78
N ARG E 1088 -2.18 -10.23 1.49
CA ARG E 1088 -1.40 -10.50 0.31
C ARG E 1088 -2.13 -10.20 -0.96
N SER E 1089 -3.44 -10.46 -0.98
CA SER E 1089 -4.25 -10.16 -2.14
C SER E 1089 -4.26 -8.70 -2.47
N GLU E 1090 -4.31 -7.86 -1.43
CA GLU E 1090 -4.27 -6.44 -1.67
C GLU E 1090 -2.96 -5.95 -2.20
N SER E 1091 -1.84 -6.47 -1.67
CA SER E 1091 -0.57 -6.01 -2.19
C SER E 1091 -0.35 -6.44 -3.62
N ALA E 1092 -0.87 -7.60 -4.01
CA ALA E 1092 -0.76 -8.03 -5.39
C ALA E 1092 -1.55 -7.16 -6.32
N ALA E 1093 -2.72 -6.70 -5.88
CA ALA E 1093 -3.52 -5.84 -6.73
C ALA E 1093 -2.82 -4.52 -7.00
N LEU E 1094 -2.17 -3.97 -5.96
CA LEU E 1094 -1.44 -2.74 -6.17
C LEU E 1094 -0.23 -2.92 -7.06
N SER E 1095 0.44 -4.07 -6.92
CA SER E 1095 1.56 -4.39 -7.78
C SER E 1095 1.12 -4.57 -9.23
N ALA E 1096 -0.07 -5.14 -9.44
CA ALA E 1096 -0.59 -5.27 -10.79
C ALA E 1096 -0.88 -3.93 -11.42
N GLN E 1097 -1.30 -2.94 -10.62
CA GLN E 1097 -1.48 -1.61 -11.16
C GLN E 1097 -0.18 -0.98 -11.64
N LEU E 1098 0.92 -1.25 -10.91
CA LEU E 1098 2.21 -0.80 -11.37
C LEU E 1098 2.62 -1.43 -12.68
N ALA E 1099 2.34 -2.73 -12.83
CA ALA E 1099 2.65 -3.41 -14.08
C ALA E 1099 1.89 -2.85 -15.23
N LYS E 1100 0.62 -2.48 -15.00
CA LYS E 1100 -0.19 -1.88 -16.03
C LYS E 1100 0.38 -0.57 -16.52
N ASP E 1101 0.91 0.23 -15.61
CA ASP E 1101 1.50 1.48 -16.02
C ASP E 1101 2.78 1.29 -16.79
N LYS E 1102 3.61 0.33 -16.42
CA LYS E 1102 4.80 0.11 -17.21
C LYS E 1102 4.54 -0.43 -18.59
N VAL E 1103 3.53 -1.28 -18.76
CA VAL E 1103 3.20 -1.72 -20.10
C VAL E 1103 2.71 -0.59 -20.97
N ASN E 1104 1.99 0.36 -20.38
CA ASN E 1104 1.50 1.46 -21.18
C ASN E 1104 2.45 2.63 -21.26
N GLU E 1105 3.65 2.49 -20.71
CA GLU E 1105 4.63 3.53 -20.89
C GLU E 1105 5.90 2.94 -21.38
N CYS E 1106 6.57 2.15 -20.55
CA CYS E 1106 7.85 1.59 -20.89
C CYS E 1106 7.87 0.53 -22.01
N VAL E 1107 6.75 -0.16 -22.23
CA VAL E 1107 6.73 -1.14 -23.33
C VAL E 1107 6.19 -0.57 -24.61
N LYS E 1108 5.07 0.12 -24.50
CA LYS E 1108 4.44 0.74 -25.65
C LYS E 1108 5.02 2.08 -26.09
N ALA E 1109 6.01 2.63 -25.41
CA ALA E 1109 6.60 3.86 -25.88
C ALA E 1109 8.02 4.06 -25.40
N GLN E 1110 8.79 4.88 -26.07
CA GLN E 1110 10.07 5.26 -25.50
C GLN E 1110 9.75 6.17 -24.33
N SER E 1111 10.54 6.11 -23.25
CA SER E 1111 10.23 7.02 -22.13
C SER E 1111 11.31 8.05 -21.90
N LYS E 1112 10.88 9.27 -21.64
CA LYS E 1112 11.79 10.36 -21.34
C LYS E 1112 12.01 10.56 -19.85
N ARG E 1113 11.30 9.79 -19.03
CA ARG E 1113 11.33 9.99 -17.58
C ARG E 1113 12.61 9.78 -16.81
N SER E 1114 13.49 8.86 -17.27
CA SER E 1114 14.56 8.35 -16.41
C SER E 1114 13.85 7.61 -15.30
N GLY E 1115 14.44 7.44 -14.13
CA GLY E 1115 13.60 6.77 -13.14
C GLY E 1115 13.38 5.33 -13.57
N PHE E 1116 12.16 5.06 -14.06
CA PHE E 1116 11.79 3.72 -14.50
C PHE E 1116 12.79 3.11 -15.47
N CYS E 1117 12.80 1.78 -15.54
CA CYS E 1117 13.70 1.06 -16.43
C CYS E 1117 15.16 1.17 -15.97
N GLY E 1118 16.05 0.64 -16.80
CA GLY E 1118 17.47 0.66 -16.52
C GLY E 1118 17.97 2.07 -16.56
N GLN E 1119 19.07 2.33 -15.87
CA GLN E 1119 19.54 3.70 -15.76
C GLN E 1119 20.46 4.08 -16.90
N GLY E 1120 19.88 4.27 -18.07
CA GLY E 1120 20.62 4.60 -19.27
C GLY E 1120 19.70 5.17 -20.32
N THR E 1121 18.92 6.18 -19.98
CA THR E 1121 17.92 6.73 -20.89
C THR E 1121 16.91 5.63 -21.10
N HIS E 1122 16.22 5.66 -22.22
CA HIS E 1122 15.42 4.52 -22.52
C HIS E 1122 15.36 4.30 -24.00
N ILE E 1123 15.30 3.05 -24.36
CA ILE E 1123 15.18 2.52 -25.69
C ILE E 1123 14.28 1.31 -25.48
N VAL E 1124 13.87 0.61 -26.51
CA VAL E 1124 12.83 -0.42 -26.40
C VAL E 1124 13.02 -1.47 -25.30
N SER E 1125 11.89 -1.82 -24.70
CA SER E 1125 11.78 -2.78 -23.62
C SER E 1125 10.82 -3.88 -24.00
N PHE E 1126 10.94 -5.02 -23.33
CA PHE E 1126 10.14 -6.18 -23.67
C PHE E 1126 9.55 -6.80 -22.43
N VAL E 1127 8.46 -7.54 -22.60
CA VAL E 1127 7.87 -8.19 -21.44
C VAL E 1127 7.49 -9.62 -21.73
N VAL E 1128 7.73 -10.51 -20.77
CA VAL E 1128 7.37 -11.90 -20.87
C VAL E 1128 6.65 -12.39 -19.62
N ASN E 1129 5.97 -13.51 -19.74
CA ASN E 1129 5.28 -14.13 -18.61
C ASN E 1129 6.27 -14.78 -17.64
N ALA E 1130 5.93 -14.76 -16.37
CA ALA E 1130 6.72 -15.38 -15.32
C ALA E 1130 5.71 -15.90 -14.35
N PRO E 1131 6.06 -16.76 -13.39
CA PRO E 1131 5.05 -17.27 -12.51
C PRO E 1131 4.48 -16.11 -11.76
N ASN E 1132 3.17 -16.10 -11.67
CA ASN E 1132 2.38 -15.13 -10.94
C ASN E 1132 2.66 -13.67 -11.30
N GLY E 1133 3.08 -13.36 -12.53
CA GLY E 1133 3.44 -11.98 -12.80
C GLY E 1133 4.05 -11.75 -14.17
N LEU E 1134 4.57 -10.54 -14.35
CA LEU E 1134 5.25 -10.19 -15.58
C LEU E 1134 6.72 -9.93 -15.32
N TYR E 1135 7.55 -10.32 -16.26
CA TYR E 1135 8.98 -10.10 -16.15
C TYR E 1135 9.40 -9.16 -17.25
N PHE E 1136 9.98 -8.04 -16.88
CA PHE E 1136 10.35 -7.04 -17.85
C PHE E 1136 11.81 -7.02 -18.10
N MET E 1137 12.18 -6.69 -19.32
CA MET E 1137 13.56 -6.50 -19.69
C MET E 1137 13.68 -5.13 -20.29
N HIS E 1138 14.67 -4.38 -19.88
CA HIS E 1138 14.80 -3.05 -20.44
C HIS E 1138 16.13 -2.86 -21.08
N VAL E 1139 16.14 -2.60 -22.38
CA VAL E 1139 17.39 -2.30 -23.03
C VAL E 1139 17.74 -0.88 -22.65
N GLY E 1140 19.00 -0.59 -22.39
CA GLY E 1140 19.37 0.77 -22.08
C GLY E 1140 20.72 1.13 -22.65
N TYR E 1141 21.03 2.42 -22.59
CA TYR E 1141 22.21 3.00 -23.18
C TYR E 1141 23.17 3.48 -22.13
N TYR E 1142 24.38 2.93 -22.09
CA TYR E 1142 25.31 3.36 -21.07
C TYR E 1142 26.52 4.09 -21.66
N PRO E 1143 26.71 5.35 -21.34
CA PRO E 1143 27.84 6.18 -21.71
C PRO E 1143 29.15 5.67 -21.12
N SER E 1144 30.25 5.90 -21.83
CA SER E 1144 31.57 5.64 -21.26
C SER E 1144 32.59 6.51 -21.96
N ASN E 1145 33.80 6.56 -21.40
CA ASN E 1145 34.93 7.29 -21.96
C ASN E 1145 34.64 8.77 -22.20
N HIS E 1146 34.14 9.42 -21.17
CA HIS E 1146 33.81 10.83 -21.22
C HIS E 1146 35.03 11.71 -21.41
N ILE E 1147 34.90 12.73 -22.24
CA ILE E 1147 35.96 13.70 -22.45
C ILE E 1147 35.44 15.07 -22.18
N GLU E 1148 36.33 16.01 -21.84
CA GLU E 1148 35.87 17.36 -21.59
C GLU E 1148 36.21 18.28 -22.73
N VAL E 1149 35.25 19.10 -23.17
CA VAL E 1149 35.50 20.04 -24.25
C VAL E 1149 35.02 21.46 -23.95
N VAL E 1150 35.56 22.42 -24.67
CA VAL E 1150 35.11 23.80 -24.59
C VAL E 1150 33.79 23.98 -25.31
N SER E 1151 32.84 24.69 -24.70
CA SER E 1151 31.57 24.92 -25.37
C SER E 1151 31.02 26.32 -25.13
N ALA E 1152 30.15 26.76 -26.04
CA ALA E 1152 29.58 28.10 -25.92
C ALA E 1152 28.08 28.03 -25.80
N TYR E 1153 27.52 29.00 -25.07
CA TYR E 1153 26.08 29.08 -24.89
C TYR E 1153 25.32 29.34 -26.18
N GLY E 1154 25.94 30.07 -27.11
CA GLY E 1154 25.36 30.35 -28.43
C GLY E 1154 26.33 31.18 -29.25
N LEU E 1155 25.92 31.49 -30.47
CA LEU E 1155 26.72 32.29 -31.40
C LEU E 1155 25.95 33.44 -32.01
N CYS E 1156 26.59 34.57 -32.30
CA CYS E 1156 25.95 35.66 -33.02
C CYS E 1156 26.92 36.30 -33.98
N ASP E 1157 26.38 37.05 -34.96
CA ASP E 1157 27.16 37.79 -35.91
C ASP E 1157 27.68 39.06 -35.26
N ALA E 1158 28.99 39.27 -35.24
CA ALA E 1158 29.50 40.52 -34.66
C ALA E 1158 29.08 41.75 -35.44
N ALA E 1159 28.87 41.63 -36.74
CA ALA E 1159 28.42 42.75 -37.57
C ALA E 1159 26.92 43.06 -37.44
N ASN E 1160 26.15 42.13 -36.90
CA ASN E 1160 24.72 42.31 -36.75
C ASN E 1160 24.22 41.63 -35.51
N PRO E 1161 24.22 42.31 -34.36
CA PRO E 1161 23.86 41.82 -33.03
C PRO E 1161 22.49 41.18 -32.88
N THR E 1162 21.57 41.40 -33.82
CA THR E 1162 20.27 40.77 -33.69
C THR E 1162 20.21 39.35 -34.25
N ASN E 1163 21.26 38.92 -34.96
CA ASN E 1163 21.29 37.55 -35.46
C ASN E 1163 21.97 36.62 -34.47
N CYS E 1164 21.18 35.88 -33.69
CA CYS E 1164 21.74 34.93 -32.74
C CYS E 1164 21.12 33.58 -32.88
N ILE E 1165 21.97 32.56 -32.76
CA ILE E 1165 21.51 31.17 -32.83
C ILE E 1165 21.95 30.36 -31.64
N ALA E 1166 21.23 29.27 -31.42
CA ALA E 1166 21.59 28.34 -30.37
C ALA E 1166 21.30 26.95 -30.88
N PRO E 1167 22.08 25.94 -30.48
CA PRO E 1167 21.97 24.59 -30.97
C PRO E 1167 20.68 23.92 -30.54
N VAL E 1168 20.19 23.04 -31.38
CA VAL E 1168 19.06 22.21 -31.05
C VAL E 1168 19.48 20.82 -30.73
N ASN E 1169 19.18 20.35 -29.53
CA ASN E 1169 19.47 18.98 -29.11
C ASN E 1169 20.93 18.63 -29.27
N GLY E 1170 21.80 19.52 -28.84
CA GLY E 1170 23.22 19.34 -29.02
C GLY E 1170 23.95 20.55 -28.49
N TYR E 1171 25.25 20.60 -28.73
CA TYR E 1171 26.02 21.72 -28.23
C TYR E 1171 26.97 22.30 -29.27
N PHE E 1172 27.31 23.56 -29.09
CA PHE E 1172 28.33 24.19 -29.91
C PHE E 1172 29.64 24.02 -29.21
N ILE E 1173 30.62 23.41 -29.88
CA ILE E 1173 31.91 23.19 -29.28
C ILE E 1173 33.01 23.76 -30.12
N LYS E 1174 34.12 24.12 -29.48
CA LYS E 1174 35.23 24.61 -30.27
C LYS E 1174 35.68 23.42 -31.11
N THR E 1175 35.98 23.63 -32.39
CA THR E 1175 36.35 22.46 -33.15
C THR E 1175 37.69 21.88 -32.80
N ASN E 1176 37.74 20.57 -32.68
CA ASN E 1176 38.97 19.82 -32.54
C ASN E 1176 39.14 18.83 -33.70
N ASN E 1177 38.42 19.05 -34.81
CA ASN E 1177 38.42 18.09 -35.92
C ASN E 1177 39.10 18.64 -37.16
N THR E 1178 40.09 17.90 -37.70
CA THR E 1178 40.85 18.34 -38.87
C THR E 1178 40.08 18.47 -40.17
N ARG E 1179 38.97 17.76 -40.25
CA ARG E 1179 38.07 17.80 -41.37
C ARG E 1179 37.32 19.13 -41.53
N ILE E 1180 37.01 19.80 -40.40
CA ILE E 1180 36.20 21.01 -40.40
C ILE E 1180 37.00 22.31 -40.26
N VAL E 1181 37.02 23.14 -41.30
CA VAL E 1181 37.67 24.46 -41.26
C VAL E 1181 37.01 25.50 -40.34
N ASP E 1182 35.71 25.34 -40.08
CA ASP E 1182 34.93 26.26 -39.24
C ASP E 1182 35.41 26.28 -37.81
N GLU E 1183 35.46 27.46 -37.22
CA GLU E 1183 35.93 27.61 -35.84
C GLU E 1183 35.09 26.88 -34.78
N TRP E 1184 33.81 26.68 -35.06
CA TRP E 1184 32.89 26.03 -34.14
C TRP E 1184 32.21 24.85 -34.80
N SER E 1185 31.77 23.90 -34.00
CA SER E 1185 31.13 22.72 -34.56
C SER E 1185 30.02 22.21 -33.68
N TYR E 1186 29.09 21.52 -34.29
CA TYR E 1186 27.95 20.97 -33.61
C TYR E 1186 28.14 19.52 -33.22
N THR E 1187 27.73 19.15 -32.00
CA THR E 1187 27.75 17.74 -31.64
C THR E 1187 26.46 17.32 -30.96
N GLY E 1188 26.22 16.01 -30.95
CA GLY E 1188 25.05 15.41 -30.32
C GLY E 1188 25.11 15.49 -28.81
N SER E 1189 23.97 15.42 -28.14
CA SER E 1189 24.03 15.48 -26.69
C SER E 1189 24.28 14.11 -26.02
N SER E 1190 24.09 13.01 -26.75
CA SER E 1190 24.45 11.72 -26.19
C SER E 1190 25.74 11.14 -26.73
N PHE E 1191 26.30 11.71 -27.77
CA PHE E 1191 27.51 11.12 -28.30
C PHE E 1191 28.42 12.13 -28.91
N TYR E 1192 29.72 12.03 -28.67
CA TYR E 1192 30.61 13.00 -29.27
C TYR E 1192 30.94 12.71 -30.71
N ALA E 1193 30.64 13.67 -31.56
CA ALA E 1193 31.03 13.65 -32.96
C ALA E 1193 30.75 15.03 -33.55
N PRO E 1194 31.76 15.76 -33.96
CA PRO E 1194 31.65 17.07 -34.60
C PRO E 1194 30.95 17.02 -35.95
N GLU E 1195 30.29 18.12 -36.27
CA GLU E 1195 29.68 18.30 -37.57
C GLU E 1195 29.64 19.81 -37.84
N PRO E 1196 29.58 20.25 -39.08
CA PRO E 1196 29.46 21.65 -39.44
C PRO E 1196 28.15 22.20 -38.92
N ILE E 1197 28.15 23.48 -38.61
CA ILE E 1197 26.93 24.08 -38.14
C ILE E 1197 26.10 24.49 -39.32
N THR E 1198 24.88 24.00 -39.37
CA THR E 1198 23.94 24.31 -40.43
C THR E 1198 22.59 24.58 -39.83
N SER E 1199 21.70 25.18 -40.63
CA SER E 1199 20.37 25.55 -40.16
C SER E 1199 19.54 24.41 -39.61
N LEU E 1200 19.78 23.17 -40.05
CA LEU E 1200 19.10 22.01 -39.49
C LEU E 1200 19.39 21.78 -38.01
N ASN E 1201 20.56 22.21 -37.55
CA ASN E 1201 20.97 22.00 -36.17
C ASN E 1201 20.77 23.20 -35.26
N THR E 1202 20.11 24.26 -35.74
CA THR E 1202 20.00 25.47 -34.93
C THR E 1202 18.64 26.08 -34.88
N LYS E 1203 18.44 26.97 -33.92
CA LYS E 1203 17.23 27.76 -33.89
C LYS E 1203 17.60 29.19 -33.61
N TYR E 1204 16.80 30.11 -34.12
CA TYR E 1204 17.06 31.50 -33.82
C TYR E 1204 16.60 31.84 -32.43
N VAL E 1205 17.40 32.61 -31.72
CA VAL E 1205 17.04 33.04 -30.38
C VAL E 1205 17.27 34.53 -30.18
N ALA E 1206 16.63 35.09 -29.16
CA ALA E 1206 16.91 36.46 -28.76
C ALA E 1206 18.40 36.54 -28.35
N PRO E 1207 19.08 37.66 -28.57
CA PRO E 1207 20.46 37.88 -28.19
C PRO E 1207 20.67 37.85 -26.68
N GLN E 1208 21.87 37.43 -26.28
CA GLN E 1208 22.24 37.38 -24.88
C GLN E 1208 23.71 37.69 -24.74
N VAL E 1209 24.07 38.29 -23.61
CA VAL E 1209 25.45 38.69 -23.31
C VAL E 1209 26.51 37.60 -23.34
N THR E 1210 26.13 36.34 -23.11
CA THR E 1210 27.12 35.28 -23.11
C THR E 1210 27.38 34.68 -24.49
N TYR E 1211 26.61 35.04 -25.50
CA TYR E 1211 26.84 34.48 -26.82
C TYR E 1211 28.14 34.98 -27.42
N GLN E 1212 28.86 34.13 -28.14
CA GLN E 1212 30.11 34.57 -28.73
C GLN E 1212 29.87 35.49 -29.91
N ASN E 1213 30.78 36.44 -30.10
CA ASN E 1213 30.70 37.30 -31.28
C ASN E 1213 31.54 36.72 -32.41
N ILE E 1214 30.92 36.34 -33.52
CA ILE E 1214 31.70 35.84 -34.64
C ILE E 1214 32.05 36.93 -35.60
N SER E 1215 33.34 37.24 -35.71
CA SER E 1215 33.80 38.28 -36.61
C SER E 1215 33.66 38.00 -38.12
N THR E 1216 33.65 36.71 -38.53
CA THR E 1216 33.56 36.41 -39.96
C THR E 1216 32.53 35.37 -40.39
N ASN E 1217 32.97 34.11 -40.42
CA ASN E 1217 32.23 32.99 -41.00
C ASN E 1217 31.20 32.23 -40.15
N LEU E 1218 29.92 32.46 -40.42
CA LEU E 1218 28.83 31.65 -39.87
C LEU E 1218 27.93 31.26 -41.04
N PRO E 1219 27.63 29.98 -41.31
CA PRO E 1219 26.68 29.63 -42.38
C PRO E 1219 25.16 29.91 -42.15
N PRO E 1220 24.63 29.78 -40.91
CA PRO E 1220 23.16 30.12 -40.53
C PRO E 1220 22.91 31.33 -39.63
N PRO E 1221 22.74 32.57 -40.11
CA PRO E 1221 22.64 33.09 -41.45
C PRO E 1221 23.98 33.20 -42.04
N LEU E 1222 24.08 33.06 -43.36
CA LEU E 1222 25.33 33.32 -44.05
C LEU E 1222 25.79 34.75 -43.87
N LEU E 1223 24.83 35.68 -43.79
CA LEU E 1223 25.09 37.08 -43.62
C LEU E 1223 24.97 37.49 -42.15
N TYR F 18 14.01 -69.05 43.41
CA TYR F 18 14.98 -68.18 42.75
C TYR F 18 15.62 -68.89 41.56
N VAL F 19 16.47 -68.17 40.85
CA VAL F 19 17.15 -68.68 39.66
C VAL F 19 18.14 -69.78 39.96
N ASP F 20 18.18 -70.80 39.09
CA ASP F 20 19.13 -71.88 39.29
C ASP F 20 20.52 -71.50 38.81
N VAL F 21 21.25 -70.84 39.70
CA VAL F 21 22.63 -70.38 39.56
C VAL F 21 23.70 -71.46 39.37
N GLY F 22 23.39 -72.72 39.68
CA GLY F 22 24.41 -73.76 39.61
C GLY F 22 25.15 -73.80 40.95
N PRO F 23 26.24 -74.54 41.02
CA PRO F 23 27.08 -74.75 42.20
C PRO F 23 27.69 -73.46 42.77
N ASP F 24 27.91 -73.49 44.08
CA ASP F 24 28.55 -72.42 44.83
C ASP F 24 30.07 -72.47 44.59
N SER F 25 30.78 -71.43 45.04
CA SER F 25 32.23 -71.41 44.87
C SER F 25 32.90 -72.54 45.68
N VAL F 26 34.03 -73.03 45.18
CA VAL F 26 34.72 -74.15 45.84
C VAL F 26 35.95 -73.75 46.63
N LYS F 27 36.89 -73.05 45.98
CA LYS F 27 38.09 -72.61 46.67
C LYS F 27 37.72 -71.56 47.69
N SER F 28 38.36 -71.57 48.85
CA SER F 28 38.05 -70.53 49.80
C SER F 28 38.82 -69.24 49.50
N ALA F 29 40.13 -69.38 49.33
CA ALA F 29 41.00 -68.25 49.00
C ALA F 29 40.71 -67.65 47.62
N CYS F 30 40.88 -66.34 47.54
CA CYS F 30 40.83 -65.61 46.28
C CYS F 30 42.26 -65.38 45.80
N ILE F 31 42.44 -65.33 44.48
CA ILE F 31 43.75 -64.93 43.99
C ILE F 31 43.94 -63.45 44.34
N GLU F 32 45.12 -63.13 44.85
CA GLU F 32 45.43 -61.78 45.29
C GLU F 32 45.40 -60.77 44.17
N VAL F 33 44.89 -59.59 44.50
CA VAL F 33 44.80 -58.49 43.58
C VAL F 33 45.69 -57.33 43.97
N ASP F 34 46.81 -57.19 43.27
CA ASP F 34 47.73 -56.08 43.44
C ASP F 34 47.29 -54.88 42.62
N ILE F 35 47.13 -53.71 43.23
CA ILE F 35 46.76 -52.56 42.42
C ILE F 35 47.98 -51.85 41.84
N GLN F 36 48.01 -51.83 40.51
CA GLN F 36 49.07 -51.24 39.67
C GLN F 36 48.62 -50.03 38.87
N GLN F 37 47.60 -49.31 39.35
CA GLN F 37 46.93 -48.23 38.62
C GLN F 37 47.76 -47.14 37.96
N THR F 38 48.95 -46.83 38.48
CA THR F 38 49.75 -45.79 37.82
C THR F 38 50.24 -46.21 36.42
N PHE F 39 50.32 -47.51 36.16
CA PHE F 39 50.68 -48.04 34.84
C PHE F 39 49.61 -47.81 33.79
N PHE F 40 48.38 -47.57 34.24
CA PHE F 40 47.27 -47.41 33.34
C PHE F 40 46.95 -45.96 33.01
N ASP F 41 47.78 -45.01 33.45
CA ASP F 41 47.47 -43.65 33.08
C ASP F 41 47.89 -43.42 31.63
N LYS F 42 46.90 -43.19 30.76
CA LYS F 42 47.13 -42.91 29.35
C LYS F 42 46.21 -41.78 28.90
N THR F 43 46.58 -41.09 27.83
CA THR F 43 45.73 -40.02 27.31
C THR F 43 45.41 -40.27 25.86
N TRP F 44 44.43 -41.12 25.61
CA TRP F 44 43.97 -41.44 24.26
C TRP F 44 42.51 -41.02 24.09
N PRO F 45 42.19 -39.72 24.15
CA PRO F 45 40.83 -39.22 24.14
C PRO F 45 40.09 -39.50 22.85
N ARG F 46 38.78 -39.66 22.93
CA ARG F 46 37.94 -39.89 21.76
C ARG F 46 36.68 -39.08 21.81
N PRO F 47 36.71 -37.81 21.45
CA PRO F 47 35.55 -36.94 21.46
C PRO F 47 34.50 -37.42 20.50
N ILE F 48 33.24 -37.14 20.82
CA ILE F 48 32.16 -37.56 19.96
C ILE F 48 32.13 -36.77 18.66
N ASP F 49 32.08 -37.47 17.53
CA ASP F 49 31.91 -36.78 16.28
C ASP F 49 30.47 -36.86 15.84
N VAL F 50 29.64 -35.90 16.26
CA VAL F 50 28.23 -35.95 15.87
C VAL F 50 27.98 -35.86 14.38
N SER F 51 28.90 -35.27 13.59
CA SER F 51 28.73 -35.27 12.13
C SER F 51 28.82 -36.69 11.54
N LYS F 52 29.43 -37.63 12.27
CA LYS F 52 29.48 -39.05 11.89
C LYS F 52 28.38 -39.87 12.57
N ALA F 53 27.51 -39.20 13.34
CA ALA F 53 26.45 -39.78 14.15
C ALA F 53 27.00 -40.67 15.26
N ASP F 54 28.16 -40.31 15.83
CA ASP F 54 28.70 -41.13 16.90
C ASP F 54 27.82 -41.10 18.13
N GLY F 55 27.49 -42.27 18.64
CA GLY F 55 26.74 -42.38 19.89
C GLY F 55 25.26 -42.12 19.77
N ILE F 56 24.72 -42.00 18.56
CA ILE F 56 23.32 -41.71 18.44
C ILE F 56 22.46 -42.93 18.65
N ILE F 57 21.49 -42.79 19.55
CA ILE F 57 20.51 -43.83 19.75
C ILE F 57 19.41 -43.59 18.77
N TYR F 58 19.14 -44.59 17.95
CA TYR F 58 18.09 -44.47 16.97
C TYR F 58 16.73 -44.35 17.70
N PRO F 59 15.76 -43.52 17.24
CA PRO F 59 14.45 -43.31 17.87
C PRO F 59 13.63 -44.58 17.95
N GLN F 60 12.80 -44.70 18.99
CA GLN F 60 12.04 -45.93 19.14
C GLN F 60 10.72 -45.94 18.43
N GLY F 61 10.45 -47.04 17.74
CA GLY F 61 9.15 -47.31 17.12
C GLY F 61 8.92 -46.59 15.80
N ARG F 62 9.94 -45.92 15.27
CA ARG F 62 9.73 -45.16 14.06
C ARG F 62 10.88 -45.21 13.10
N THR F 63 10.55 -45.06 11.84
CA THR F 63 11.58 -44.82 10.88
C THR F 63 11.21 -43.77 9.90
N TYR F 64 12.23 -43.27 9.22
CA TYR F 64 12.04 -42.14 8.32
C TYR F 64 12.76 -42.31 7.00
N SER F 65 12.31 -41.50 6.06
CA SER F 65 12.82 -41.34 4.70
C SER F 65 14.06 -40.45 4.74
N ASN F 66 14.50 -39.96 3.57
CA ASN F 66 15.71 -39.14 3.50
C ASN F 66 15.54 -37.69 4.02
N ILE F 67 14.37 -37.35 4.57
CA ILE F 67 14.10 -36.07 5.20
C ILE F 67 14.88 -35.80 6.49
N THR F 68 15.31 -34.55 6.68
CA THR F 68 15.93 -34.11 7.94
C THR F 68 14.89 -33.68 8.96
N ILE F 69 14.98 -34.17 10.20
CA ILE F 69 14.05 -33.70 11.23
C ILE F 69 14.75 -33.29 12.50
N THR F 70 14.14 -32.40 13.28
CA THR F 70 14.65 -32.16 14.62
C THR F 70 14.24 -33.33 15.49
N TYR F 71 14.96 -33.60 16.55
CA TYR F 71 14.54 -34.65 17.47
C TYR F 71 15.01 -34.39 18.88
N GLN F 72 14.28 -34.88 19.86
CA GLN F 72 14.72 -34.73 21.23
C GLN F 72 14.76 -36.07 21.94
N GLY F 73 15.84 -36.33 22.67
CA GLY F 73 15.98 -37.58 23.40
C GLY F 73 17.29 -37.60 24.16
N LEU F 74 17.61 -38.69 24.83
CA LEU F 74 18.89 -38.70 25.50
C LEU F 74 20.03 -38.87 24.49
N PHE F 75 21.07 -38.03 24.59
CA PHE F 75 22.27 -38.10 23.73
C PHE F 75 23.54 -37.63 24.46
N PRO F 76 24.74 -38.05 24.05
CA PRO F 76 26.03 -37.56 24.52
C PRO F 76 26.26 -36.11 24.07
N TYR F 77 27.02 -35.33 24.84
CA TYR F 77 27.41 -34.00 24.38
C TYR F 77 28.38 -34.11 23.23
N GLN F 78 28.29 -33.23 22.23
CA GLN F 78 29.29 -33.27 21.17
C GLN F 78 30.74 -33.08 21.59
N GLY F 79 30.99 -32.24 22.59
CA GLY F 79 32.35 -32.00 23.02
C GLY F 79 32.94 -32.98 24.04
N ASP F 80 32.19 -33.99 24.46
CA ASP F 80 32.72 -34.87 25.50
C ASP F 80 33.77 -35.86 24.99
N HIS F 81 34.99 -35.82 25.59
CA HIS F 81 36.09 -36.76 25.30
C HIS F 81 35.90 -38.16 25.87
N GLY F 82 35.01 -38.28 26.85
CA GLY F 82 34.65 -39.52 27.51
C GLY F 82 35.60 -39.88 28.64
N ASP F 83 35.34 -41.03 29.24
CA ASP F 83 36.18 -41.62 30.25
C ASP F 83 36.84 -42.85 29.64
N MET F 84 38.13 -43.06 29.88
CA MET F 84 38.80 -44.21 29.29
C MET F 84 39.25 -45.24 30.30
N TYR F 85 39.04 -46.50 29.96
CA TYR F 85 39.43 -47.61 30.81
C TYR F 85 40.14 -48.66 29.96
N VAL F 86 41.18 -49.29 30.49
CA VAL F 86 41.85 -50.35 29.72
C VAL F 86 42.07 -51.64 30.51
N TYR F 87 41.51 -52.75 30.01
CA TYR F 87 41.78 -54.08 30.57
C TYR F 87 43.18 -54.56 30.17
N SER F 88 43.85 -55.32 31.03
CA SER F 88 45.16 -55.86 30.66
C SER F 88 45.42 -57.21 31.32
N ALA F 89 46.42 -57.90 30.81
CA ALA F 89 46.88 -59.14 31.42
C ALA F 89 47.44 -58.88 32.82
N GLY F 90 47.25 -59.87 33.70
CA GLY F 90 47.76 -59.87 35.08
C GLY F 90 49.23 -60.31 35.12
N HIS F 91 49.76 -60.54 36.32
CA HIS F 91 51.13 -61.02 36.38
C HIS F 91 51.21 -62.50 36.11
N ALA F 92 52.23 -62.84 35.36
CA ALA F 92 52.62 -64.18 35.04
C ALA F 92 54.10 -64.12 34.76
N THR F 93 54.82 -65.20 35.06
CA THR F 93 56.24 -65.23 34.71
C THR F 93 56.62 -66.57 34.16
N GLY F 94 57.69 -66.61 33.40
CA GLY F 94 58.15 -67.91 32.92
C GLY F 94 57.04 -68.51 32.06
N THR F 95 56.72 -69.76 32.37
CA THR F 95 55.66 -70.48 31.71
C THR F 95 54.35 -70.54 32.52
N THR F 96 54.23 -69.84 33.66
CA THR F 96 52.98 -69.95 34.42
C THR F 96 52.36 -68.61 34.91
N PRO F 97 51.06 -68.61 35.24
CA PRO F 97 50.28 -67.54 35.88
C PRO F 97 50.77 -67.22 37.29
N GLN F 98 50.57 -65.98 37.73
CA GLN F 98 50.95 -65.55 39.09
C GLN F 98 49.79 -64.80 39.78
N LYS F 99 49.98 -63.52 40.15
CA LYS F 99 48.93 -62.77 40.86
C LYS F 99 48.44 -61.61 40.01
N LEU F 100 47.21 -61.17 40.22
CA LEU F 100 46.73 -60.11 39.36
C LEU F 100 47.43 -58.78 39.62
N PHE F 101 47.74 -58.07 38.54
CA PHE F 101 48.28 -56.70 38.54
C PHE F 101 47.31 -55.84 37.78
N VAL F 102 46.40 -55.21 38.49
CA VAL F 102 45.31 -54.50 37.82
C VAL F 102 45.08 -53.08 38.27
N ALA F 103 44.33 -52.41 37.42
CA ALA F 103 43.80 -51.09 37.61
C ALA F 103 42.87 -51.02 38.82
N ASN F 104 42.74 -49.82 39.38
CA ASN F 104 41.94 -49.55 40.58
C ASN F 104 40.49 -49.20 40.28
N TYR F 105 39.97 -49.57 39.10
CA TYR F 105 38.66 -49.20 38.60
C TYR F 105 37.50 -49.56 39.53
N SER F 106 37.66 -50.57 40.40
CA SER F 106 36.64 -50.95 41.38
C SER F 106 36.26 -49.81 42.34
N GLN F 107 37.17 -48.86 42.55
CA GLN F 107 36.94 -47.74 43.44
C GLN F 107 36.26 -46.56 42.75
N ASP F 108 36.09 -46.64 41.43
CA ASP F 108 35.51 -45.54 40.67
C ASP F 108 33.98 -45.57 40.68
N VAL F 109 33.39 -45.20 41.80
CA VAL F 109 31.95 -45.11 41.92
C VAL F 109 31.45 -43.85 41.23
N LYS F 110 30.40 -43.96 40.44
CA LYS F 110 29.85 -42.79 39.80
C LYS F 110 28.38 -42.67 40.03
N GLN F 111 27.89 -41.44 40.03
CA GLN F 111 26.48 -41.25 40.13
C GLN F 111 25.84 -41.58 38.81
N PHE F 112 24.81 -42.41 38.82
CA PHE F 112 24.10 -42.72 37.60
C PHE F 112 23.40 -41.46 37.13
N ALA F 113 23.35 -41.20 35.84
CA ALA F 113 22.74 -39.96 35.38
C ALA F 113 22.06 -40.12 34.04
N ASN F 114 20.90 -40.74 34.07
CA ASN F 114 20.06 -40.99 32.90
C ASN F 114 20.76 -41.81 31.82
N GLY F 115 21.53 -42.79 32.23
CA GLY F 115 22.16 -43.71 31.31
C GLY F 115 23.52 -43.28 30.81
N PHE F 116 24.12 -44.17 30.04
CA PHE F 116 25.40 -43.91 29.43
C PHE F 116 25.57 -44.72 28.17
N VAL F 117 26.52 -44.34 27.34
CA VAL F 117 26.81 -45.13 26.15
C VAL F 117 28.28 -45.43 26.11
N VAL F 118 28.65 -46.49 25.42
CA VAL F 118 30.06 -46.80 25.35
C VAL F 118 30.55 -47.10 23.96
N ARG F 119 31.85 -46.97 23.79
CA ARG F 119 32.51 -47.30 22.54
C ARG F 119 33.41 -48.47 22.81
N ILE F 120 33.32 -49.50 21.98
CA ILE F 120 34.10 -50.70 22.22
C ILE F 120 34.92 -51.12 21.01
N GLY F 121 36.21 -51.38 21.23
CA GLY F 121 37.05 -51.93 20.16
C GLY F 121 37.57 -50.98 19.12
N ALA F 122 37.42 -49.67 19.32
CA ALA F 122 37.78 -48.70 18.29
C ALA F 122 39.25 -48.67 17.87
N ALA F 123 40.14 -49.20 18.69
CA ALA F 123 41.54 -49.27 18.37
C ALA F 123 41.93 -50.58 17.61
N ALA F 124 40.96 -51.41 17.21
CA ALA F 124 41.21 -52.67 16.51
C ALA F 124 42.01 -52.53 15.21
N ASN F 125 42.77 -53.59 14.89
CA ASN F 125 43.66 -53.67 13.73
C ASN F 125 44.72 -52.57 13.74
N SER F 126 45.34 -52.39 14.89
CA SER F 126 46.40 -51.45 15.15
C SER F 126 47.16 -52.04 16.30
N THR F 127 48.24 -51.41 16.75
CA THR F 127 49.00 -51.99 17.83
C THR F 127 49.13 -50.98 18.95
N GLY F 128 49.44 -51.50 20.12
CA GLY F 128 49.51 -50.72 21.33
C GLY F 128 50.59 -51.28 22.20
N THR F 129 50.37 -51.25 23.51
CA THR F 129 51.34 -51.83 24.42
C THR F 129 50.65 -52.71 25.43
N VAL F 130 51.44 -53.56 26.06
CA VAL F 130 51.03 -54.47 27.14
C VAL F 130 50.52 -53.78 28.41
N ILE F 131 50.92 -52.50 28.61
CA ILE F 131 50.58 -51.64 29.75
C ILE F 131 51.30 -52.02 31.02
N ILE F 132 51.00 -53.20 31.58
CA ILE F 132 51.71 -53.64 32.79
C ILE F 132 53.21 -53.91 32.56
N SER F 133 53.57 -54.28 31.33
CA SER F 133 54.94 -54.52 30.89
C SER F 133 55.05 -54.02 29.46
N PRO F 134 54.69 -52.76 29.25
CA PRO F 134 54.42 -52.11 27.95
C PRO F 134 55.52 -52.14 26.89
N SER F 135 56.78 -52.34 27.28
CA SER F 135 57.89 -52.38 26.33
C SER F 135 57.77 -53.46 25.24
N THR F 136 56.98 -54.52 25.48
CA THR F 136 56.76 -55.56 24.48
C THR F 136 56.02 -55.10 23.22
N SER F 137 55.20 -54.03 23.33
CA SER F 137 54.47 -53.44 22.21
C SER F 137 53.52 -54.39 21.46
N ALA F 138 52.80 -55.24 22.18
CA ALA F 138 51.86 -56.20 21.60
C ALA F 138 50.71 -55.54 20.79
N THR F 139 50.26 -56.24 19.75
CA THR F 139 49.12 -55.82 18.93
C THR F 139 47.86 -55.85 19.78
N ILE F 140 46.88 -55.01 19.46
CA ILE F 140 45.67 -54.95 20.28
C ILE F 140 44.42 -55.47 19.62
N ARG F 141 43.54 -56.04 20.45
CA ARG F 141 42.29 -56.63 19.98
C ARG F 141 41.12 -56.23 20.88
N LYS F 142 39.91 -56.26 20.34
CA LYS F 142 38.74 -55.88 21.12
C LYS F 142 38.45 -56.79 22.32
N ILE F 143 38.05 -56.18 23.43
CA ILE F 143 37.61 -56.93 24.60
C ILE F 143 36.33 -56.28 25.14
N TYR F 144 35.34 -57.09 25.49
CA TYR F 144 34.12 -56.53 26.04
C TYR F 144 34.21 -56.17 27.53
N PRO F 145 33.62 -55.03 27.95
CA PRO F 145 33.49 -54.50 29.32
C PRO F 145 32.59 -55.29 30.25
N ALA F 146 32.88 -55.20 31.56
CA ALA F 146 31.98 -55.75 32.57
C ALA F 146 31.47 -54.61 33.48
N PHE F 147 30.21 -54.69 33.96
CA PHE F 147 29.66 -53.58 34.76
C PHE F 147 28.85 -54.00 35.97
N MET F 148 28.76 -53.10 36.96
CA MET F 148 27.86 -53.34 38.08
C MET F 148 27.01 -52.08 38.36
N LEU F 149 25.70 -52.26 38.50
CA LEU F 149 24.80 -51.11 38.73
C LEU F 149 23.85 -51.31 39.92
N GLY F 150 23.48 -50.25 40.62
CA GLY F 150 22.51 -50.46 41.71
C GLY F 150 22.05 -49.19 42.40
N SER F 151 21.15 -49.35 43.38
CA SER F 151 20.61 -48.19 44.09
C SER F 151 21.44 -47.69 45.26
N SER F 152 22.40 -48.47 45.76
CA SER F 152 23.21 -47.95 46.85
C SER F 152 24.61 -48.55 46.92
N VAL F 153 25.53 -47.76 47.45
CA VAL F 153 26.92 -48.16 47.65
C VAL F 153 27.40 -47.85 49.05
N GLY F 154 28.50 -48.48 49.46
CA GLY F 154 29.09 -48.21 50.77
C GLY F 154 30.40 -48.94 51.00
N ASN F 155 30.84 -48.85 52.25
CA ASN F 155 32.13 -49.40 52.64
C ASN F 155 32.13 -50.92 52.55
N PHE F 156 33.27 -51.47 52.18
CA PHE F 156 33.65 -52.83 52.52
C PHE F 156 34.12 -52.80 53.94
N SER F 157 34.08 -53.92 54.66
CA SER F 157 34.54 -53.93 56.06
C SER F 157 36.00 -53.41 56.28
N ASP F 158 36.85 -53.46 55.24
CA ASP F 158 38.19 -52.87 55.27
C ASP F 158 38.25 -51.38 54.88
N GLY F 159 37.08 -50.75 54.69
CA GLY F 159 36.93 -49.35 54.30
C GLY F 159 37.06 -49.10 52.79
N LYS F 160 37.13 -50.16 51.98
CA LYS F 160 37.23 -49.99 50.54
C LYS F 160 35.90 -49.50 49.97
N MET F 161 35.97 -48.67 48.94
CA MET F 161 34.78 -48.13 48.27
C MET F 161 34.02 -49.10 47.38
N GLY F 162 32.75 -48.76 47.15
CA GLY F 162 31.91 -49.46 46.18
C GLY F 162 31.21 -50.76 46.53
N ARG F 163 31.17 -51.19 47.79
CA ARG F 163 30.36 -52.38 48.05
C ARG F 163 28.91 -52.03 47.74
N PHE F 164 28.15 -52.96 47.19
CA PHE F 164 26.75 -52.68 46.87
C PHE F 164 25.80 -53.33 47.83
N PHE F 165 24.64 -52.70 47.99
CA PHE F 165 23.62 -53.20 48.88
C PHE F 165 22.46 -53.85 48.16
N ASN F 166 21.79 -54.74 48.89
CA ASN F 166 20.65 -55.51 48.42
C ASN F 166 20.95 -56.20 47.09
N HIS F 167 20.20 -55.87 46.04
CA HIS F 167 20.40 -56.53 44.77
C HIS F 167 21.08 -55.61 43.80
N THR F 168 21.93 -56.16 42.96
CA THR F 168 22.57 -55.32 41.97
C THR F 168 22.58 -55.96 40.61
N LEU F 169 22.68 -55.13 39.58
CA LEU F 169 22.83 -55.65 38.24
C LEU F 169 24.24 -56.10 38.03
N VAL F 170 24.40 -57.19 37.33
CA VAL F 170 25.74 -57.60 36.95
C VAL F 170 25.76 -57.92 35.48
N LEU F 171 26.69 -57.32 34.75
CA LEU F 171 26.82 -57.64 33.35
C LEU F 171 28.22 -58.13 33.08
N LEU F 172 28.36 -59.37 32.67
CA LEU F 172 29.68 -59.80 32.29
C LEU F 172 29.65 -60.73 31.10
N PRO F 173 30.57 -60.58 30.16
CA PRO F 173 30.90 -61.53 29.14
C PRO F 173 31.51 -62.74 29.82
N ASP F 174 31.36 -63.94 29.26
CA ASP F 174 32.07 -65.07 29.85
C ASP F 174 33.07 -65.67 28.91
N GLY F 175 34.31 -65.78 29.37
CA GLY F 175 35.31 -66.36 28.49
C GLY F 175 35.48 -65.47 27.27
N CYS F 176 35.42 -66.07 26.10
CA CYS F 176 35.44 -65.36 24.83
C CYS F 176 34.15 -64.57 24.67
N GLY F 177 34.23 -63.47 23.94
CA GLY F 177 33.15 -62.49 23.79
C GLY F 177 31.81 -62.98 23.21
N THR F 178 31.73 -64.24 22.73
CA THR F 178 30.51 -64.80 22.19
C THR F 178 29.37 -65.01 23.22
N LEU F 179 29.67 -65.02 24.51
CA LEU F 179 28.58 -65.18 25.46
C LEU F 179 28.50 -64.02 26.44
N LEU F 180 27.29 -63.50 26.60
CA LEU F 180 27.01 -62.43 27.54
C LEU F 180 25.96 -62.82 28.54
N ARG F 181 26.19 -62.52 29.83
CA ARG F 181 25.17 -62.81 30.84
C ARG F 181 24.74 -61.59 31.63
N ALA F 182 23.47 -61.57 32.01
CA ALA F 182 22.94 -60.51 32.85
C ALA F 182 22.36 -61.12 34.11
N PHE F 183 22.53 -60.43 35.25
CA PHE F 183 21.94 -60.90 36.51
C PHE F 183 21.36 -59.81 37.37
N TYR F 184 20.35 -60.15 38.18
CA TYR F 184 19.89 -59.25 39.24
C TYR F 184 19.93 -60.09 40.50
N CYS F 185 20.93 -59.84 41.37
CA CYS F 185 21.14 -60.76 42.47
C CYS F 185 21.78 -60.08 43.70
N ILE F 186 21.80 -60.79 44.86
CA ILE F 186 22.49 -60.28 46.03
C ILE F 186 23.92 -60.86 46.14
N LEU F 187 24.92 -60.00 46.11
CA LEU F 187 26.26 -60.50 46.29
C LEU F 187 26.53 -60.91 47.74
N GLU F 188 27.30 -61.97 47.96
CA GLU F 188 27.65 -62.35 49.32
C GLU F 188 29.18 -62.30 49.54
N PRO F 189 29.65 -61.64 50.61
CA PRO F 189 31.04 -61.55 51.03
C PRO F 189 31.58 -62.91 51.39
N ARG F 190 32.88 -63.10 51.22
CA ARG F 190 33.46 -64.41 51.52
C ARG F 190 34.60 -64.27 52.51
N SER F 191 34.74 -65.27 53.39
CA SER F 191 35.73 -65.25 54.48
C SER F 191 37.14 -65.74 54.12
N GLY F 192 37.37 -66.06 52.85
CA GLY F 192 38.65 -66.55 52.37
C GLY F 192 39.74 -65.49 52.37
N ASN F 193 40.97 -65.94 52.20
CA ASN F 193 42.09 -65.02 52.16
C ASN F 193 41.94 -64.16 50.91
N HIS F 194 42.13 -62.84 51.06
CA HIS F 194 41.94 -61.87 50.00
C HIS F 194 40.49 -61.84 49.52
N CYS F 195 39.53 -61.88 50.44
CA CYS F 195 38.15 -61.87 49.97
C CYS F 195 37.40 -60.92 50.90
N PRO F 196 36.19 -60.43 50.52
CA PRO F 196 35.50 -59.32 51.19
C PRO F 196 35.20 -59.40 52.69
N ALA F 197 34.93 -60.57 53.25
CA ALA F 197 34.76 -60.62 54.71
C ALA F 197 36.11 -60.73 55.45
N GLY F 198 37.18 -61.11 54.72
CA GLY F 198 38.52 -61.21 55.26
C GLY F 198 39.12 -59.85 55.53
N ASN F 199 40.14 -59.78 56.40
CA ASN F 199 40.81 -58.50 56.58
C ASN F 199 42.07 -58.38 55.69
N SER F 200 42.30 -59.39 54.85
CA SER F 200 43.36 -59.41 53.84
C SER F 200 42.90 -58.92 52.45
N TYR F 201 41.65 -58.49 52.34
CA TYR F 201 41.09 -58.00 51.09
C TYR F 201 41.76 -56.74 50.60
N THR F 202 42.00 -56.68 49.29
CA THR F 202 42.55 -55.48 48.68
C THR F 202 41.43 -54.89 47.84
N SER F 203 41.24 -55.44 46.65
CA SER F 203 40.12 -55.06 45.82
C SER F 203 39.61 -56.19 44.98
N PHE F 204 38.32 -56.16 44.74
CA PHE F 204 37.63 -57.04 43.83
C PHE F 204 38.12 -56.94 42.39
N ALA F 205 38.22 -58.10 41.74
CA ALA F 205 38.57 -58.21 40.34
C ALA F 205 38.05 -59.52 39.80
N THR F 206 37.96 -59.65 38.47
CA THR F 206 37.54 -60.91 37.88
C THR F 206 38.53 -61.30 36.81
N TYR F 207 38.52 -62.57 36.42
CA TYR F 207 39.51 -62.97 35.44
C TYR F 207 39.12 -64.09 34.51
N HIS F 208 39.90 -64.17 33.44
CA HIS F 208 39.78 -65.18 32.39
C HIS F 208 41.13 -65.85 32.25
N THR F 209 41.15 -67.18 32.02
CA THR F 209 42.43 -67.89 31.87
C THR F 209 42.52 -68.65 30.56
N PRO F 210 42.94 -68.02 29.44
CA PRO F 210 43.05 -68.54 28.07
C PRO F 210 43.88 -69.80 27.92
N ALA F 211 44.77 -70.09 28.88
CA ALA F 211 45.55 -71.31 28.81
C ALA F 211 44.67 -72.57 28.84
N THR F 212 43.54 -72.52 29.56
CA THR F 212 42.61 -73.66 29.57
C THR F 212 41.20 -73.28 29.09
N ASP F 213 40.90 -71.99 29.12
CA ASP F 213 39.61 -71.46 28.68
C ASP F 213 39.59 -71.28 27.18
N CYS F 214 38.39 -71.08 26.63
CA CYS F 214 38.28 -70.78 25.19
C CYS F 214 38.88 -71.77 24.21
N SER F 215 38.63 -73.07 24.39
CA SER F 215 39.07 -74.04 23.38
C SER F 215 38.26 -73.78 22.13
N ASP F 216 38.84 -74.00 20.95
CA ASP F 216 38.04 -73.73 19.75
C ASP F 216 36.87 -74.68 19.53
N GLY F 217 36.98 -75.93 19.99
CA GLY F 217 35.84 -76.83 19.93
C GLY F 217 34.96 -76.80 21.19
N ASN F 218 35.36 -76.01 22.19
CA ASN F 218 34.62 -75.95 23.45
C ASN F 218 34.93 -74.68 24.22
N TYR F 219 34.37 -73.55 23.82
CA TYR F 219 34.67 -72.33 24.55
C TYR F 219 34.11 -72.42 25.95
N ASN F 220 34.85 -71.91 26.92
CA ASN F 220 34.37 -72.05 28.30
C ASN F 220 33.37 -70.98 28.63
N ARG F 221 32.11 -71.34 28.46
CA ARG F 221 30.97 -70.50 28.73
C ARG F 221 30.80 -70.05 30.17
N ASN F 222 31.34 -70.79 31.14
CA ASN F 222 31.23 -70.35 32.51
C ASN F 222 32.52 -69.72 33.06
N ALA F 223 33.50 -69.43 32.19
CA ALA F 223 34.81 -69.00 32.69
C ALA F 223 34.85 -67.73 33.54
N SER F 224 34.15 -66.69 33.12
CA SER F 224 34.28 -65.48 33.90
C SER F 224 33.34 -65.48 35.08
N LEU F 225 32.21 -66.16 34.93
CA LEU F 225 31.26 -66.29 36.03
C LEU F 225 31.82 -67.06 37.18
N ASN F 226 32.62 -68.09 36.89
CA ASN F 226 33.20 -68.82 37.99
C ASN F 226 34.24 -68.00 38.70
N SER F 227 35.06 -67.23 37.95
CA SER F 227 36.00 -66.36 38.66
C SER F 227 35.27 -65.27 39.44
N PHE F 228 34.09 -64.83 38.96
CA PHE F 228 33.28 -63.89 39.72
C PHE F 228 32.79 -64.47 41.04
N LYS F 229 32.36 -65.75 41.00
CA LYS F 229 31.89 -66.48 42.17
C LYS F 229 32.94 -66.65 43.25
N GLU F 230 34.21 -66.69 42.85
CA GLU F 230 35.27 -66.79 43.83
C GLU F 230 35.42 -65.56 44.73
N TYR F 231 34.88 -64.40 44.34
CA TYR F 231 34.96 -63.23 45.19
C TYR F 231 33.61 -62.92 45.85
N PHE F 232 32.51 -63.21 45.15
CA PHE F 232 31.19 -63.08 45.77
C PHE F 232 30.32 -64.27 45.51
N ASN F 233 29.79 -64.89 46.56
CA ASN F 233 28.86 -65.98 46.31
C ASN F 233 27.54 -65.38 45.83
N LEU F 234 26.94 -65.93 44.80
CA LEU F 234 25.64 -65.40 44.40
C LEU F 234 24.56 -65.85 45.40
N ARG F 235 23.64 -64.95 45.74
CA ARG F 235 22.52 -65.33 46.60
C ARG F 235 21.23 -64.66 46.12
N ASN F 236 20.11 -65.37 46.20
CA ASN F 236 18.82 -64.78 45.82
C ASN F 236 18.84 -64.18 44.41
N CYS F 237 19.27 -64.99 43.42
CA CYS F 237 19.22 -64.32 42.15
C CYS F 237 17.80 -64.32 41.69
N THR F 238 17.29 -63.17 41.27
CA THR F 238 15.91 -63.15 40.84
C THR F 238 15.77 -63.13 39.36
N PHE F 239 16.82 -62.73 38.65
CA PHE F 239 16.78 -62.81 37.20
C PHE F 239 18.09 -63.23 36.61
N MET F 240 18.04 -63.97 35.51
CA MET F 240 19.23 -64.22 34.74
C MET F 240 18.86 -64.23 33.26
N TYR F 241 19.74 -63.71 32.42
CA TYR F 241 19.53 -63.76 30.98
C TYR F 241 20.83 -64.03 30.26
N THR F 242 20.75 -64.56 29.05
CA THR F 242 21.98 -64.73 28.28
C THR F 242 21.75 -64.21 26.89
N TYR F 243 22.84 -63.90 26.18
CA TYR F 243 22.73 -63.45 24.79
C TYR F 243 23.82 -64.05 23.93
N ASN F 244 23.55 -64.16 22.64
CA ASN F 244 24.50 -64.72 21.71
C ASN F 244 25.17 -63.64 20.87
N ILE F 245 26.49 -63.70 20.85
CA ILE F 245 27.39 -62.78 20.15
C ILE F 245 28.33 -63.59 19.28
N THR F 246 28.80 -63.05 18.16
CA THR F 246 29.79 -63.82 17.41
C THR F 246 31.00 -62.92 17.26
N GLU F 247 32.17 -63.52 17.04
CA GLU F 247 33.36 -62.69 16.99
C GLU F 247 33.40 -61.80 15.77
N ASP F 248 33.82 -60.56 15.99
CA ASP F 248 34.06 -59.61 14.93
C ASP F 248 34.90 -58.47 15.49
N GLU F 249 36.12 -58.25 15.01
CA GLU F 249 36.95 -57.13 15.53
C GLU F 249 36.44 -55.69 15.27
N ILE F 250 35.38 -55.52 14.47
CA ILE F 250 34.79 -54.23 14.14
C ILE F 250 34.30 -53.45 15.36
N LEU F 251 34.44 -52.13 15.29
CA LEU F 251 34.01 -51.21 16.34
C LEU F 251 32.52 -51.37 16.61
N GLU F 252 32.14 -51.32 17.89
CA GLU F 252 30.73 -51.47 18.24
C GLU F 252 30.26 -50.50 19.28
N TRP F 253 28.95 -50.23 19.24
CA TRP F 253 28.34 -49.36 20.22
C TRP F 253 27.38 -50.12 21.11
N PHE F 254 27.34 -49.72 22.37
CA PHE F 254 26.46 -50.32 23.36
C PHE F 254 25.98 -49.29 24.37
N GLY F 255 24.80 -49.47 24.95
CA GLY F 255 24.46 -48.56 26.01
C GLY F 255 23.26 -48.95 26.84
N ILE F 256 23.06 -48.17 27.90
CA ILE F 256 22.02 -48.41 28.88
C ILE F 256 21.21 -47.19 29.24
N THR F 257 19.89 -47.35 29.29
CA THR F 257 19.03 -46.29 29.81
C THR F 257 18.05 -46.91 30.77
N GLN F 258 17.39 -46.08 31.57
CA GLN F 258 16.37 -46.62 32.45
C GLN F 258 15.13 -45.77 32.40
N THR F 259 13.99 -46.44 32.36
CA THR F 259 12.67 -45.84 32.26
C THR F 259 11.78 -46.52 33.26
N ALA F 260 10.57 -46.00 33.44
CA ALA F 260 9.57 -46.64 34.31
C ALA F 260 9.16 -48.07 33.82
N GLN F 261 9.51 -48.44 32.58
CA GLN F 261 9.34 -49.76 32.00
C GLN F 261 10.51 -50.70 32.34
N GLY F 262 11.50 -50.20 33.08
CA GLY F 262 12.70 -50.94 33.43
C GLY F 262 13.87 -50.57 32.53
N VAL F 263 14.99 -51.20 32.79
CA VAL F 263 16.24 -50.95 32.06
C VAL F 263 16.18 -51.39 30.60
N HIS F 264 16.76 -50.57 29.73
CA HIS F 264 16.83 -50.89 28.32
C HIS F 264 18.27 -51.08 27.90
N LEU F 265 18.50 -52.06 27.03
CA LEU F 265 19.83 -52.30 26.51
C LEU F 265 19.86 -52.00 25.03
N PHE F 266 20.94 -51.38 24.59
CA PHE F 266 21.03 -51.03 23.20
C PHE F 266 22.32 -51.48 22.62
N SER F 267 22.28 -51.84 21.35
CA SER F 267 23.51 -52.15 20.67
C SER F 267 23.40 -51.89 19.21
N SER F 268 24.55 -51.63 18.59
CA SER F 268 24.56 -51.49 17.16
C SER F 268 24.71 -52.82 16.44
N ARG F 269 25.16 -53.86 17.15
CA ARG F 269 25.47 -55.12 16.50
C ARG F 269 24.34 -55.87 15.82
N TYR F 270 23.20 -55.92 16.46
CA TYR F 270 22.08 -56.68 15.94
C TYR F 270 21.48 -56.17 14.64
N VAL F 271 21.44 -54.84 14.46
CA VAL F 271 20.83 -54.23 13.29
C VAL F 271 21.74 -53.49 12.33
N ASP F 272 22.62 -52.67 12.87
CA ASP F 272 23.43 -51.76 12.08
C ASP F 272 24.89 -51.88 12.36
N LEU F 273 25.40 -53.09 12.19
CA LEU F 273 26.78 -53.41 12.50
C LEU F 273 27.82 -52.49 11.85
N TYR F 274 27.54 -51.99 10.65
CA TYR F 274 28.52 -51.15 10.01
C TYR F 274 28.27 -49.66 10.20
N GLY F 275 27.01 -49.21 10.20
CA GLY F 275 26.73 -47.78 10.41
C GLY F 275 26.93 -47.30 11.85
N GLY F 276 26.82 -48.21 12.82
CA GLY F 276 27.03 -47.92 14.24
C GLY F 276 25.84 -47.29 14.98
N ASN F 277 24.65 -47.17 14.38
CA ASN F 277 23.53 -46.62 15.12
C ASN F 277 23.00 -47.63 16.13
N MET F 278 22.72 -47.19 17.35
CA MET F 278 22.16 -48.11 18.33
C MET F 278 20.71 -48.47 18.09
N PHE F 279 20.33 -49.68 18.45
CA PHE F 279 18.94 -50.12 18.39
C PHE F 279 18.55 -50.85 19.65
N GLN F 280 17.25 -50.93 19.92
CA GLN F 280 16.74 -51.52 21.16
C GLN F 280 16.88 -53.02 21.18
N PHE F 281 18.05 -53.47 21.59
CA PHE F 281 18.39 -54.88 21.65
C PHE F 281 17.64 -55.74 22.65
N ALA F 282 17.46 -55.23 23.87
CA ALA F 282 16.80 -56.03 24.91
C ALA F 282 16.26 -55.15 26.02
N THR F 283 15.37 -55.68 26.85
CA THR F 283 14.95 -54.92 28.02
C THR F 283 15.03 -55.81 29.24
N LEU F 284 15.05 -55.18 30.41
CA LEU F 284 15.12 -55.93 31.65
C LEU F 284 13.96 -55.57 32.57
N PRO F 285 13.41 -56.56 33.30
CA PRO F 285 12.30 -56.51 34.25
C PRO F 285 12.49 -55.67 35.51
N VAL F 286 13.72 -55.29 35.84
CA VAL F 286 13.96 -54.60 37.09
C VAL F 286 13.39 -53.20 37.10
N TYR F 287 12.64 -52.87 38.15
CA TYR F 287 12.07 -51.54 38.28
C TYR F 287 12.74 -50.66 39.33
N ASP F 288 13.74 -51.19 40.01
CA ASP F 288 14.46 -50.42 41.02
C ASP F 288 15.27 -49.33 40.35
N THR F 289 15.20 -48.10 40.87
CA THR F 289 15.97 -47.02 40.28
C THR F 289 17.46 -47.24 40.49
N ILE F 290 18.24 -47.02 39.44
CA ILE F 290 19.69 -47.12 39.58
C ILE F 290 20.24 -45.79 40.02
N LYS F 291 20.95 -45.77 41.14
CA LYS F 291 21.53 -44.53 41.57
C LYS F 291 23.04 -44.49 41.39
N TYR F 292 23.65 -45.66 41.24
CA TYR F 292 25.09 -45.71 41.09
C TYR F 292 25.58 -46.65 40.03
N TYR F 293 26.75 -46.35 39.53
CA TYR F 293 27.38 -47.08 38.48
C TYR F 293 28.87 -47.31 38.66
N SER F 294 29.34 -48.51 38.35
CA SER F 294 30.77 -48.75 38.35
C SER F 294 31.16 -49.78 37.31
N ILE F 295 32.44 -49.79 36.96
CA ILE F 295 32.99 -50.78 36.06
C ILE F 295 33.71 -51.88 36.80
N ILE F 296 33.42 -53.12 36.47
CA ILE F 296 34.13 -54.21 37.09
C ILE F 296 35.48 -54.38 36.39
N PRO F 297 36.62 -54.33 37.11
CA PRO F 297 37.95 -54.56 36.57
C PRO F 297 38.08 -56.01 36.15
N HIS F 298 38.88 -56.25 35.14
CA HIS F 298 39.05 -57.61 34.66
C HIS F 298 40.46 -57.81 34.17
N SER F 299 40.93 -59.05 34.23
CA SER F 299 42.24 -59.32 33.72
C SER F 299 42.44 -60.69 33.13
N ILE F 300 43.46 -60.77 32.29
CA ILE F 300 43.84 -62.01 31.62
C ILE F 300 44.93 -62.76 32.41
N ARG F 301 44.70 -64.04 32.71
CA ARG F 301 45.64 -64.85 33.50
C ARG F 301 46.71 -65.57 32.68
N SER F 302 46.76 -65.30 31.38
CA SER F 302 47.64 -65.95 30.43
C SER F 302 49.13 -65.82 30.73
N ILE F 303 49.84 -66.82 30.25
CA ILE F 303 51.27 -67.03 30.40
C ILE F 303 52.09 -65.91 29.78
N GLN F 304 53.20 -65.55 30.44
CA GLN F 304 54.02 -64.39 30.07
C GLN F 304 54.48 -64.29 28.60
N SER F 305 54.75 -65.41 27.92
CA SER F 305 55.11 -65.31 26.51
C SER F 305 53.88 -65.23 25.58
N ASP F 306 52.70 -65.53 26.12
CA ASP F 306 51.43 -65.51 25.41
C ASP F 306 50.61 -64.23 25.58
N ARG F 307 51.17 -63.19 26.20
CA ARG F 307 50.40 -61.98 26.49
C ARG F 307 49.85 -61.27 25.26
N LYS F 308 48.64 -60.72 25.39
CA LYS F 308 48.05 -59.92 24.33
C LYS F 308 47.47 -58.63 24.86
N ALA F 309 47.88 -57.52 24.26
CA ALA F 309 47.35 -56.19 24.57
C ALA F 309 45.87 -56.06 24.15
N TRP F 310 45.11 -55.24 24.86
CA TRP F 310 43.70 -55.08 24.49
C TRP F 310 43.36 -53.62 24.13
N ALA F 311 42.45 -53.48 23.18
CA ALA F 311 41.96 -52.17 22.72
C ALA F 311 41.30 -51.38 23.86
N ALA F 312 41.47 -50.06 23.82
CA ALA F 312 40.87 -49.14 24.79
C ALA F 312 39.34 -49.16 24.78
N PHE F 313 38.77 -48.93 25.95
CA PHE F 313 37.33 -48.87 26.15
C PHE F 313 36.87 -47.48 26.60
N TYR F 314 35.76 -46.96 26.06
CA TYR F 314 35.34 -45.61 26.44
C TYR F 314 33.90 -45.50 26.90
N VAL F 315 33.62 -44.53 27.77
CA VAL F 315 32.28 -44.29 28.29
C VAL F 315 31.88 -42.82 28.13
N TYR F 316 30.63 -42.57 27.77
CA TYR F 316 30.14 -41.20 27.62
C TYR F 316 28.81 -41.08 28.33
N LYS F 317 28.43 -39.89 28.78
CA LYS F 317 27.18 -39.77 29.53
C LYS F 317 26.02 -39.14 28.77
N LEU F 318 24.85 -39.79 28.85
CA LEU F 318 23.63 -39.29 28.21
C LEU F 318 23.01 -38.04 28.86
N GLN F 319 22.43 -37.18 28.03
CA GLN F 319 21.75 -35.94 28.45
C GLN F 319 20.52 -35.70 27.56
N PRO F 320 19.45 -35.03 28.02
CA PRO F 320 18.20 -34.77 27.28
C PRO F 320 18.25 -33.64 26.22
N LEU F 321 19.23 -33.74 25.33
CA LEU F 321 19.57 -32.83 24.24
C LEU F 321 18.66 -32.82 23.01
N THR F 322 18.57 -31.65 22.36
CA THR F 322 17.89 -31.56 21.07
C THR F 322 18.92 -31.63 19.92
N PHE F 323 18.62 -32.43 18.90
CA PHE F 323 19.47 -32.60 17.72
C PHE F 323 18.81 -32.60 16.36
N LEU F 324 19.51 -32.04 15.37
CA LEU F 324 19.07 -32.31 14.01
C LEU F 324 19.47 -33.72 13.70
N LEU F 325 18.65 -34.46 12.97
CA LEU F 325 19.12 -35.76 12.51
C LEU F 325 18.98 -35.90 11.01
N ASP F 326 20.08 -36.18 10.33
CA ASP F 326 20.04 -36.48 8.92
C ASP F 326 19.76 -37.94 8.74
N PHE F 327 18.67 -38.26 8.06
CA PHE F 327 18.38 -39.63 7.75
C PHE F 327 18.69 -39.93 6.31
N SER F 328 19.39 -41.02 6.10
CA SER F 328 19.64 -41.59 4.80
C SER F 328 18.37 -42.14 4.22
N VAL F 329 18.28 -42.22 2.89
CA VAL F 329 17.11 -42.86 2.26
C VAL F 329 16.92 -44.34 2.72
N ASP F 330 18.02 -45.02 3.15
CA ASP F 330 17.94 -46.36 3.71
C ASP F 330 17.66 -46.35 5.24
N GLY F 331 17.37 -45.16 5.78
CA GLY F 331 16.92 -44.85 7.11
C GLY F 331 17.98 -44.78 8.18
N TYR F 332 19.23 -44.92 7.84
CA TYR F 332 20.22 -44.80 8.88
C TYR F 332 20.51 -43.36 9.19
N ILE F 333 20.76 -43.06 10.45
CA ILE F 333 21.14 -41.71 10.74
C ILE F 333 22.57 -41.59 10.32
N ARG F 334 22.88 -40.60 9.49
CA ARG F 334 24.25 -40.44 9.04
C ARG F 334 24.94 -39.22 9.58
N ARG F 335 24.17 -38.17 9.90
CA ARG F 335 24.76 -36.95 10.44
C ARG F 335 23.90 -36.37 11.53
N ALA F 336 24.49 -35.63 12.45
CA ALA F 336 23.68 -34.99 13.46
C ALA F 336 24.30 -33.70 13.98
N ILE F 337 23.47 -32.79 14.49
CA ILE F 337 24.01 -31.57 15.08
C ILE F 337 23.49 -31.30 16.48
N ASP F 338 24.39 -31.17 17.46
CA ASP F 338 24.03 -30.85 18.83
C ASP F 338 23.67 -29.39 18.86
N CYS F 339 22.39 -29.05 19.12
CA CYS F 339 21.98 -27.66 18.99
C CYS F 339 22.69 -26.70 19.93
N GLY F 340 22.94 -27.13 21.16
CA GLY F 340 23.58 -26.26 22.14
C GLY F 340 25.11 -26.19 22.12
N PHE F 341 25.77 -26.94 21.24
CA PHE F 341 27.22 -26.94 21.25
C PHE F 341 27.91 -25.62 20.95
N ASN F 342 27.38 -24.90 19.99
CA ASN F 342 27.98 -23.65 19.55
C ASN F 342 26.89 -22.71 19.09
N ASP F 343 27.23 -21.44 18.97
CA ASP F 343 26.29 -20.48 18.45
C ASP F 343 25.96 -20.79 17.00
N LEU F 344 26.95 -21.29 16.25
CA LEU F 344 26.70 -21.72 14.90
C LEU F 344 25.76 -22.92 14.83
N SER F 345 25.90 -23.87 15.76
CA SER F 345 24.99 -25.00 15.78
C SER F 345 23.57 -24.60 16.09
N GLN F 346 23.40 -23.53 16.89
CA GLN F 346 22.07 -23.00 17.17
C GLN F 346 21.42 -22.50 15.92
N LEU F 347 22.22 -21.83 15.08
CA LEU F 347 21.73 -21.32 13.83
C LEU F 347 21.24 -22.41 12.89
N HIS F 348 21.98 -23.51 12.79
CA HIS F 348 21.53 -24.58 11.92
C HIS F 348 20.24 -25.21 12.40
N CYS F 349 20.10 -25.31 13.73
CA CYS F 349 18.88 -25.92 14.23
C CYS F 349 17.67 -25.05 13.96
N SER F 350 17.83 -23.72 14.07
CA SER F 350 16.72 -22.83 13.82
C SER F 350 16.21 -22.85 12.38
N TYR F 351 17.10 -23.16 11.43
CA TYR F 351 16.66 -23.31 10.04
C TYR F 351 16.42 -24.74 9.62
N GLU F 352 16.52 -25.69 10.56
CA GLU F 352 16.28 -27.11 10.30
C GLU F 352 17.10 -27.64 9.13
N SER F 353 18.33 -27.20 8.99
CA SER F 353 19.12 -27.61 7.84
C SER F 353 20.59 -27.70 8.10
N PHE F 354 21.26 -28.41 7.23
CA PHE F 354 22.71 -28.54 7.27
C PHE F 354 23.41 -27.54 6.35
N ASP F 355 22.67 -26.61 5.76
CA ASP F 355 23.30 -25.61 4.92
C ASP F 355 22.58 -24.27 4.94
N VAL F 356 22.89 -23.46 5.93
CA VAL F 356 22.35 -22.11 6.07
C VAL F 356 22.95 -21.13 5.06
N GLU F 357 22.12 -20.28 4.47
CA GLU F 357 22.54 -19.26 3.52
C GLU F 357 23.46 -18.22 4.14
N SER F 358 24.40 -17.66 3.38
CA SER F 358 25.29 -16.68 3.99
C SER F 358 24.58 -15.46 4.48
N GLY F 359 25.04 -14.93 5.59
CA GLY F 359 24.50 -13.68 6.12
C GLY F 359 25.07 -13.37 7.48
N VAL F 360 24.62 -12.27 8.06
CA VAL F 360 24.91 -11.98 9.45
C VAL F 360 23.70 -12.45 10.26
N TYR F 361 23.91 -13.25 11.31
CA TYR F 361 22.75 -13.73 12.07
C TYR F 361 22.87 -13.54 13.55
N SER F 362 21.79 -13.09 14.19
CA SER F 362 21.79 -12.99 15.64
C SER F 362 21.79 -14.36 16.29
N VAL F 363 22.47 -14.49 17.41
CA VAL F 363 22.51 -15.72 18.20
C VAL F 363 22.26 -15.34 19.65
N SER F 364 21.97 -16.30 20.52
CA SER F 364 21.67 -15.87 21.89
C SER F 364 22.84 -15.16 22.60
N SER F 365 22.49 -14.14 23.38
CA SER F 365 23.38 -13.28 24.17
C SER F 365 24.01 -13.91 25.41
N PHE F 366 25.18 -13.40 25.81
CA PHE F 366 25.86 -13.91 26.99
C PHE F 366 25.13 -13.45 28.24
N GLU F 367 24.84 -14.39 29.14
CA GLU F 367 24.13 -14.08 30.38
C GLU F 367 24.64 -12.80 31.03
N ALA F 368 25.67 -12.94 31.88
CA ALA F 368 26.26 -11.81 32.58
C ALA F 368 27.16 -12.30 33.70
N LYS F 369 26.65 -13.22 34.50
CA LYS F 369 27.40 -13.77 35.63
C LYS F 369 27.17 -13.24 37.04
N PRO F 370 26.42 -13.99 37.84
CA PRO F 370 26.24 -13.71 39.27
C PRO F 370 27.53 -13.46 40.02
N SER F 371 27.41 -12.72 41.09
CA SER F 371 28.52 -12.41 41.98
C SER F 371 27.99 -12.62 43.37
N GLY F 372 28.90 -12.70 44.35
CA GLY F 372 28.46 -13.09 45.69
C GLY F 372 27.50 -12.08 46.26
N SER F 373 26.61 -12.59 47.09
CA SER F 373 25.49 -11.81 47.59
C SER F 373 25.81 -10.64 48.49
N VAL F 374 24.91 -9.66 48.44
CA VAL F 374 24.95 -8.49 49.29
C VAL F 374 23.62 -8.40 50.00
N VAL F 375 23.64 -8.37 51.32
CA VAL F 375 22.38 -8.38 52.06
C VAL F 375 22.30 -7.34 53.15
N GLU F 376 21.15 -6.67 53.23
CA GLU F 376 20.89 -5.76 54.34
C GLU F 376 19.51 -6.09 54.91
N GLN F 377 19.47 -6.29 56.23
CA GLN F 377 18.22 -6.58 56.91
C GLN F 377 18.39 -6.50 58.42
N ALA F 378 18.45 -5.27 58.96
CA ALA F 378 18.58 -5.09 60.40
C ALA F 378 17.41 -5.67 61.16
N GLU F 379 17.68 -6.16 62.36
CA GLU F 379 16.66 -6.72 63.24
C GLU F 379 17.22 -7.00 64.63
N ASP F 593 26.68 -13.86 59.00
CA ASP F 593 25.96 -12.81 58.29
C ASP F 593 26.93 -11.90 57.54
N THR F 594 28.07 -11.61 58.15
CA THR F 594 29.08 -10.75 57.54
C THR F 594 30.09 -11.57 56.75
N LYS F 595 30.89 -10.92 55.90
CA LYS F 595 30.83 -9.47 55.71
C LYS F 595 30.29 -9.12 54.32
N ILE F 596 28.97 -9.11 54.20
CA ILE F 596 28.33 -8.79 52.93
C ILE F 596 27.43 -7.56 52.94
N ALA F 597 27.63 -6.63 53.88
CA ALA F 597 26.77 -5.44 53.93
C ALA F 597 26.83 -4.57 52.66
N SER F 598 28.00 -4.47 52.02
CA SER F 598 28.09 -3.76 50.75
C SER F 598 29.22 -4.34 49.92
N GLN F 599 29.11 -4.19 48.59
CA GLN F 599 30.17 -4.65 47.70
C GLN F 599 29.96 -3.99 46.34
N LEU F 600 30.80 -3.04 45.96
CA LEU F 600 30.60 -2.26 44.73
C LEU F 600 31.76 -2.55 43.77
N GLY F 601 31.57 -3.43 42.80
CA GLY F 601 30.41 -4.25 42.46
C GLY F 601 30.08 -4.20 40.98
N ASN F 602 29.48 -5.32 40.54
CA ASN F 602 29.22 -5.56 39.13
C ASN F 602 27.82 -6.04 38.74
N CYS F 603 27.30 -7.06 39.45
CA CYS F 603 26.02 -7.75 39.35
C CYS F 603 25.91 -8.86 40.39
N VAL F 604 25.81 -8.46 41.66
CA VAL F 604 25.70 -9.41 42.76
C VAL F 604 24.25 -9.58 43.19
N GLU F 605 23.89 -10.81 43.52
CA GLU F 605 22.53 -11.12 43.95
C GLU F 605 22.28 -10.37 45.23
N TYR F 606 21.06 -9.94 45.49
CA TYR F 606 20.85 -9.25 46.74
C TYR F 606 19.53 -9.49 47.42
N SER F 607 19.53 -9.22 48.73
CA SER F 607 18.28 -9.22 49.49
C SER F 607 18.27 -8.00 50.39
N LEU F 608 17.19 -7.24 50.32
CA LEU F 608 17.02 -6.01 51.06
C LEU F 608 15.70 -6.00 51.79
N TYR F 609 15.68 -6.39 53.06
CA TYR F 609 14.42 -6.43 53.83
C TYR F 609 13.31 -7.26 53.18
N GLY F 610 13.71 -8.35 52.54
CA GLY F 610 12.81 -9.29 51.86
C GLY F 610 12.57 -8.97 50.38
N VAL F 611 13.09 -7.84 49.90
CA VAL F 611 13.07 -7.53 48.49
C VAL F 611 14.27 -8.19 47.86
N SER F 612 14.11 -8.87 46.74
CA SER F 612 15.30 -9.48 46.18
C SER F 612 15.35 -9.41 44.68
N GLY F 613 16.55 -9.56 44.17
CA GLY F 613 16.82 -9.48 42.75
C GLY F 613 18.29 -9.61 42.53
N ARG F 614 18.73 -9.41 41.30
CA ARG F 614 20.16 -9.40 41.04
C ARG F 614 20.55 -8.08 40.37
N GLY F 615 21.66 -7.48 40.78
CA GLY F 615 22.06 -6.26 40.08
C GLY F 615 23.34 -5.59 40.54
N VAL F 616 23.70 -4.50 39.86
CA VAL F 616 24.88 -3.74 40.23
C VAL F 616 24.51 -2.49 40.99
N PHE F 617 25.23 -2.20 42.05
CA PHE F 617 24.97 -1.00 42.78
C PHE F 617 26.04 0.04 42.49
N GLN F 618 25.66 1.31 42.59
CA GLN F 618 26.59 2.42 42.38
C GLN F 618 26.34 3.52 43.37
N ASN F 619 27.41 4.14 43.87
CA ASN F 619 27.29 5.22 44.84
C ASN F 619 26.97 6.56 44.17
N CYS F 620 25.69 6.80 43.92
CA CYS F 620 25.26 8.04 43.29
C CYS F 620 24.65 9.00 44.31
N THR F 621 24.01 10.06 43.82
CA THR F 621 23.38 11.05 44.68
C THR F 621 22.10 10.50 45.30
N ALA F 622 21.53 11.26 46.23
CA ALA F 622 20.30 10.87 46.90
C ALA F 622 19.08 11.43 46.18
N VAL F 623 17.89 10.95 46.58
CA VAL F 623 16.65 11.41 45.97
C VAL F 623 15.48 11.23 46.93
N GLY F 624 14.38 11.92 46.64
CA GLY F 624 13.19 11.84 47.48
C GLY F 624 12.28 10.68 47.08
N VAL F 625 11.53 10.13 48.04
CA VAL F 625 11.54 10.59 49.43
C VAL F 625 12.40 9.67 50.30
N ARG F 626 12.94 10.23 51.38
CA ARG F 626 13.77 9.47 52.30
C ARG F 626 12.93 8.68 53.28
N GLN F 627 13.38 7.47 53.62
CA GLN F 627 12.66 6.61 54.55
C GLN F 627 11.49 5.87 53.93
N GLN F 628 11.32 5.97 52.61
CA GLN F 628 10.46 5.02 51.95
C GLN F 628 11.31 3.86 51.46
N ARG F 629 12.65 4.03 51.56
CA ARG F 629 13.69 3.04 51.33
C ARG F 629 13.90 2.56 49.88
N PHE F 630 12.83 2.19 49.17
CA PHE F 630 12.95 1.68 47.81
C PHE F 630 12.43 2.65 46.74
N VAL F 631 13.34 3.11 45.87
CA VAL F 631 13.01 4.00 44.77
C VAL F 631 12.63 3.19 43.53
N TYR F 632 11.52 3.51 42.87
CA TYR F 632 11.08 2.78 41.66
C TYR F 632 10.76 3.67 40.47
N ASP F 633 10.85 3.09 39.27
CA ASP F 633 10.45 3.79 38.03
C ASP F 633 8.98 3.50 37.71
N ALA F 634 8.50 4.05 36.59
CA ALA F 634 7.12 3.89 36.12
C ALA F 634 6.74 2.46 35.70
N TYR F 635 7.73 1.59 35.48
CA TYR F 635 7.50 0.20 35.12
C TYR F 635 7.69 -0.71 36.32
N GLN F 636 7.83 -0.11 37.50
CA GLN F 636 8.04 -0.76 38.78
C GLN F 636 9.36 -1.52 38.89
N ASN F 637 10.36 -1.14 38.10
CA ASN F 637 11.69 -1.69 38.27
C ASN F 637 12.31 -1.02 39.46
N LEU F 638 13.03 -1.75 40.30
CA LEU F 638 13.67 -1.03 41.36
C LEU F 638 14.76 -0.15 40.74
N VAL F 639 14.81 1.10 41.15
CA VAL F 639 15.79 2.07 40.67
C VAL F 639 16.92 2.32 41.63
N GLY F 640 16.63 2.31 42.91
CA GLY F 640 17.70 2.55 43.85
C GLY F 640 17.30 2.33 45.28
N TYR F 641 18.26 2.48 46.17
CA TYR F 641 18.04 2.12 47.54
C TYR F 641 18.69 2.98 48.59
N TYR F 642 17.97 3.23 49.69
CA TYR F 642 18.62 3.88 50.81
C TYR F 642 19.10 2.87 51.83
N SER F 643 20.42 2.78 51.92
CA SER F 643 21.13 1.96 52.88
C SER F 643 21.09 2.51 54.26
N ASP F 644 21.25 1.62 55.23
CA ASP F 644 21.28 2.06 56.61
C ASP F 644 22.65 2.64 57.02
N ASP F 645 23.61 2.73 56.07
CA ASP F 645 24.83 3.49 56.28
C ASP F 645 24.65 4.98 55.88
N GLY F 646 23.40 5.37 55.53
CA GLY F 646 23.07 6.74 55.17
C GLY F 646 23.39 7.13 53.73
N ASN F 647 23.80 6.17 52.89
CA ASN F 647 24.10 6.49 51.51
C ASN F 647 23.08 5.97 50.53
N TYR F 648 22.68 6.83 49.61
CA TYR F 648 21.87 6.40 48.50
C TYR F 648 22.73 5.63 47.50
N TYR F 649 22.22 4.53 46.98
CA TYR F 649 22.93 3.81 45.95
C TYR F 649 21.98 3.60 44.82
N CYS F 650 22.46 3.43 43.59
CA CYS F 650 21.44 3.27 42.59
C CYS F 650 21.59 1.86 42.08
N LEU F 651 20.55 1.34 41.48
CA LEU F 651 20.59 -0.01 40.98
C LEU F 651 20.30 -0.08 39.49
N ARG F 652 21.23 -0.67 38.75
CA ARG F 652 21.07 -0.78 37.29
C ARG F 652 20.75 -2.19 36.80
N ALA F 653 20.43 -3.10 37.72
CA ALA F 653 20.22 -4.51 37.40
C ALA F 653 21.50 -5.04 36.71
N CYS F 654 21.41 -5.75 35.58
CA CYS F 654 22.69 -6.12 35.00
C CYS F 654 22.62 -6.02 33.53
N VAL F 655 23.77 -6.18 32.92
CA VAL F 655 23.94 -5.98 31.51
C VAL F 655 24.35 -7.24 30.85
N SER F 656 24.18 -7.28 29.54
CA SER F 656 24.45 -8.48 28.79
C SER F 656 25.14 -8.16 27.50
N VAL F 657 25.79 -9.14 26.93
CA VAL F 657 26.50 -8.91 25.68
C VAL F 657 25.75 -9.56 24.53
N PRO F 658 25.19 -8.78 23.59
CA PRO F 658 24.52 -9.28 22.42
C PRO F 658 25.54 -9.94 21.55
N VAL F 659 25.14 -10.97 20.82
CA VAL F 659 26.10 -11.63 19.96
C VAL F 659 25.50 -11.88 18.60
N SER F 660 26.31 -11.80 17.57
CA SER F 660 25.84 -12.19 16.25
C SER F 660 26.99 -12.84 15.53
N VAL F 661 26.71 -13.58 14.47
CA VAL F 661 27.78 -14.22 13.76
C VAL F 661 27.74 -13.91 12.31
N ILE F 662 28.91 -13.93 11.71
CA ILE F 662 29.06 -13.71 10.31
C ILE F 662 29.23 -15.05 9.67
N TYR F 663 28.33 -15.45 8.80
CA TYR F 663 28.50 -16.77 8.20
C TYR F 663 28.70 -16.72 6.71
N ASP F 664 29.86 -17.18 6.25
CA ASP F 664 30.13 -17.31 4.82
C ASP F 664 29.94 -18.72 4.32
N LYS F 665 28.78 -19.01 3.77
CA LYS F 665 28.50 -20.34 3.24
C LYS F 665 29.43 -20.84 2.14
N GLU F 666 29.97 -19.94 1.31
CA GLU F 666 30.83 -20.41 0.21
C GLU F 666 32.15 -20.99 0.66
N THR F 667 32.78 -20.38 1.64
CA THR F 667 34.01 -20.93 2.18
C THR F 667 33.78 -21.76 3.41
N LYS F 668 32.54 -21.73 3.93
CA LYS F 668 32.15 -22.43 5.14
C LYS F 668 32.98 -21.96 6.31
N THR F 669 33.07 -20.64 6.46
CA THR F 669 33.85 -20.05 7.54
C THR F 669 33.02 -19.00 8.25
N HIS F 670 33.46 -18.64 9.44
CA HIS F 670 32.70 -17.72 10.24
C HIS F 670 33.54 -16.83 11.13
N ALA F 671 32.90 -15.78 11.63
CA ALA F 671 33.51 -14.79 12.50
C ALA F 671 32.43 -14.22 13.39
N THR F 672 32.78 -13.48 14.44
CA THR F 672 31.70 -12.96 15.28
C THR F 672 31.81 -11.51 15.67
N LEU F 673 30.65 -10.98 16.09
CA LEU F 673 30.46 -9.60 16.51
C LEU F 673 29.77 -9.52 17.86
N PHE F 674 30.32 -8.72 18.77
CA PHE F 674 29.76 -8.57 20.11
C PHE F 674 28.88 -7.33 20.32
N GLY F 675 28.49 -6.67 19.26
CA GLY F 675 27.63 -5.52 19.39
C GLY F 675 28.43 -4.37 19.94
N SER F 676 27.77 -3.45 20.60
CA SER F 676 28.45 -2.27 21.11
C SER F 676 29.26 -2.47 22.38
N VAL F 677 29.37 -3.70 22.90
CA VAL F 677 30.01 -3.93 24.18
C VAL F 677 31.41 -3.37 24.43
N ALA F 678 32.23 -3.20 23.36
CA ALA F 678 33.62 -2.76 23.43
C ALA F 678 34.54 -3.88 23.93
N CYS F 679 35.72 -3.94 23.33
CA CYS F 679 36.71 -4.99 23.60
C CYS F 679 37.40 -4.88 24.95
N GLU F 680 37.13 -3.84 25.75
CA GLU F 680 37.73 -3.86 27.09
C GLU F 680 37.05 -4.90 28.00
N HIS F 681 35.84 -5.38 27.64
CA HIS F 681 35.18 -6.40 28.44
C HIS F 681 35.26 -7.78 27.79
N ILE F 682 35.90 -7.86 26.64
CA ILE F 682 36.05 -9.08 25.89
C ILE F 682 37.32 -9.79 26.22
N SER F 683 37.21 -11.09 26.41
CA SER F 683 38.37 -11.89 26.72
C SER F 683 38.32 -13.22 26.00
N SER F 684 39.48 -13.89 25.94
CA SER F 684 39.65 -15.18 25.25
C SER F 684 38.77 -16.31 25.77
N THR F 685 38.33 -16.21 27.01
CA THR F 685 37.42 -17.18 27.59
C THR F 685 36.33 -16.37 28.25
N MET F 686 35.21 -17.00 28.55
CA MET F 686 34.13 -16.24 29.15
C MET F 686 33.69 -16.75 30.48
N SER F 687 33.39 -15.78 31.31
CA SER F 687 32.87 -15.92 32.64
C SER F 687 31.48 -15.33 32.70
N GLN F 688 30.63 -15.66 31.72
CA GLN F 688 29.26 -15.15 31.69
C GLN F 688 28.17 -16.13 32.16
N TYR F 689 27.65 -17.02 31.30
CA TYR F 689 28.01 -17.18 29.89
C TYR F 689 26.80 -17.33 28.97
N SER F 690 26.97 -18.08 27.89
CA SER F 690 25.93 -18.33 26.88
C SER F 690 25.77 -19.82 26.57
N ARG F 691 26.66 -20.35 25.71
CA ARG F 691 26.64 -21.76 25.27
C ARG F 691 28.02 -22.35 25.43
N SER F 692 28.07 -23.68 25.52
CA SER F 692 29.28 -24.35 25.97
C SER F 692 30.60 -24.05 25.24
N THR F 693 30.64 -23.88 23.93
CA THR F 693 31.93 -23.43 23.38
C THR F 693 31.85 -22.43 22.23
N ARG F 694 32.98 -21.78 21.97
CA ARG F 694 33.18 -20.94 20.80
C ARG F 694 34.49 -21.34 20.10
N SER F 695 34.96 -22.57 20.37
CA SER F 695 36.27 -23.05 19.90
C SER F 695 36.53 -23.05 18.41
N MET F 696 35.49 -23.12 17.58
CA MET F 696 35.75 -23.06 16.16
C MET F 696 36.33 -21.70 15.73
N LEU F 697 35.94 -20.62 16.45
CA LEU F 697 36.55 -19.31 16.21
C LEU F 697 37.98 -19.30 16.65
N LYS F 698 38.22 -19.96 17.80
CA LYS F 698 39.52 -20.05 18.45
C LYS F 698 40.57 -20.77 17.63
N ARG F 699 40.14 -21.61 16.67
CA ARG F 699 41.09 -22.26 15.76
C ARG F 699 42.00 -21.25 15.03
N ARG F 700 41.49 -20.03 14.80
CA ARG F 700 42.33 -18.98 14.28
C ARG F 700 42.57 -17.94 15.37
N ASP F 701 41.55 -17.71 16.22
CA ASP F 701 41.62 -16.61 17.17
C ASP F 701 42.36 -16.87 18.47
N SER F 702 42.94 -18.06 18.63
CA SER F 702 43.90 -18.27 19.71
C SER F 702 45.16 -17.40 19.49
N THR F 703 45.41 -17.01 18.24
CA THR F 703 46.56 -16.20 17.89
C THR F 703 46.27 -14.70 17.73
N TYR F 704 45.03 -14.23 18.00
CA TYR F 704 44.79 -12.80 17.80
C TYR F 704 44.04 -12.12 18.94
N GLY F 705 44.35 -10.85 19.14
CA GLY F 705 43.60 -10.01 20.05
C GLY F 705 42.24 -9.69 19.42
N PRO F 706 41.24 -9.30 20.21
CA PRO F 706 39.97 -8.77 19.77
C PRO F 706 40.20 -7.49 19.01
N LEU F 707 39.31 -7.17 18.07
CA LEU F 707 39.50 -5.96 17.28
C LEU F 707 38.34 -5.02 17.45
N GLN F 708 38.63 -3.80 17.85
CA GLN F 708 37.58 -2.83 18.01
C GLN F 708 37.16 -2.29 16.66
N THR F 709 35.86 -2.12 16.44
CA THR F 709 35.40 -1.49 15.21
C THR F 709 34.33 -0.47 15.63
N PRO F 710 33.94 0.45 14.73
CA PRO F 710 32.90 1.46 14.97
C PRO F 710 31.53 0.88 15.29
N VAL F 711 31.23 -0.32 14.79
CA VAL F 711 30.03 -0.99 15.23
C VAL F 711 30.29 -1.66 16.54
N GLY F 712 31.40 -2.41 16.60
CA GLY F 712 31.74 -3.02 17.85
C GLY F 712 32.93 -3.93 17.83
N CYS F 713 33.23 -4.49 18.98
CA CYS F 713 34.31 -5.45 19.09
C CYS F 713 33.99 -6.74 18.34
N VAL F 714 34.97 -7.25 17.59
CA VAL F 714 34.83 -8.49 16.81
C VAL F 714 35.98 -9.47 16.96
N LEU F 715 35.73 -10.73 16.56
CA LEU F 715 36.83 -11.70 16.53
C LEU F 715 37.03 -12.30 15.16
N GLY F 716 38.28 -12.33 14.71
CA GLY F 716 38.62 -12.87 13.40
C GLY F 716 38.15 -11.99 12.26
N LEU F 717 38.73 -10.81 12.17
CA LEU F 717 38.37 -9.86 11.11
C LEU F 717 39.60 -9.44 10.31
N VAL F 718 40.71 -9.24 11.00
CA VAL F 718 41.95 -8.83 10.35
C VAL F 718 41.80 -7.47 9.66
N ASN F 719 42.46 -6.46 10.22
CA ASN F 719 42.39 -5.11 9.68
C ASN F 719 43.06 -5.04 8.31
N SER F 720 42.32 -5.30 7.23
CA SER F 720 42.93 -5.26 5.90
C SER F 720 42.98 -3.89 5.23
N SER F 721 42.22 -2.93 5.74
CA SER F 721 42.02 -1.59 5.15
C SER F 721 41.67 -1.57 3.63
N LEU F 722 41.03 -2.62 3.12
CA LEU F 722 40.54 -2.72 1.76
C LEU F 722 39.29 -1.87 1.50
N PHE F 723 39.11 -1.43 0.26
CA PHE F 723 37.89 -0.73 -0.12
C PHE F 723 37.12 -1.53 -1.17
N VAL F 724 35.90 -1.92 -0.82
CA VAL F 724 35.10 -2.75 -1.74
C VAL F 724 33.65 -2.27 -1.85
N GLU F 725 33.04 -2.38 -3.02
CA GLU F 725 31.66 -1.95 -3.19
C GLU F 725 30.57 -2.74 -2.45
N ASP F 726 30.71 -4.07 -2.36
CA ASP F 726 29.69 -4.88 -1.67
C ASP F 726 30.24 -6.23 -1.18
N CYS F 727 30.36 -6.40 0.15
CA CYS F 727 30.88 -7.66 0.68
C CYS F 727 29.94 -8.86 0.70
N LYS F 728 28.65 -8.53 0.49
CA LYS F 728 27.45 -9.37 0.67
C LYS F 728 27.28 -9.79 2.14
N LEU F 729 27.98 -9.10 3.05
CA LEU F 729 28.01 -9.35 4.47
C LEU F 729 28.30 -8.05 5.21
N PRO F 730 27.59 -6.97 4.93
CA PRO F 730 27.88 -5.71 5.56
C PRO F 730 27.65 -5.82 7.05
N LEU F 731 28.44 -5.07 7.83
CA LEU F 731 28.26 -5.06 9.27
C LEU F 731 27.52 -3.82 9.76
N GLY F 732 27.08 -3.01 8.82
CA GLY F 732 26.45 -1.74 9.07
C GLY F 732 27.55 -0.71 9.02
N GLN F 733 27.16 0.56 9.02
CA GLN F 733 28.09 1.68 8.94
C GLN F 733 28.86 1.54 7.62
N SER F 734 30.11 1.92 7.59
CA SER F 734 30.90 1.64 6.41
C SER F 734 31.63 0.28 6.54
N LEU F 735 31.42 -0.45 7.64
CA LEU F 735 32.13 -1.70 7.85
C LEU F 735 31.65 -2.79 6.92
N CYS F 736 32.54 -3.70 6.59
CA CYS F 736 32.18 -4.64 5.58
C CYS F 736 32.92 -5.94 5.90
N ALA F 737 32.28 -7.09 5.87
CA ALA F 737 33.02 -8.31 6.19
C ALA F 737 33.41 -9.09 4.97
N LEU F 738 34.58 -8.83 4.39
CA LEU F 738 34.97 -9.62 3.25
C LEU F 738 35.23 -11.06 3.63
N PRO F 739 34.82 -11.99 2.78
CA PRO F 739 35.15 -13.40 2.82
C PRO F 739 36.61 -13.50 2.53
N ASP F 740 37.24 -14.59 2.97
CA ASP F 740 38.59 -14.83 2.49
C ASP F 740 38.40 -15.07 1.01
N THR F 741 39.47 -14.96 0.23
CA THR F 741 39.39 -14.99 -1.20
C THR F 741 38.62 -16.25 -1.64
N PRO F 742 37.78 -16.17 -2.71
CA PRO F 742 36.77 -17.15 -3.15
C PRO F 742 37.34 -18.50 -3.43
N SER F 743 36.49 -19.51 -3.31
CA SER F 743 36.89 -20.90 -3.39
C SER F 743 37.66 -21.33 -4.66
N GLN G 1 54.58 7.75 -43.69
CA GLN G 1 54.98 7.77 -45.09
C GLN G 1 54.18 8.80 -45.87
N VAL G 2 53.67 9.79 -45.15
CA VAL G 2 52.87 10.82 -45.78
C VAL G 2 53.67 11.70 -46.71
N GLN G 3 53.08 12.00 -47.88
CA GLN G 3 53.73 12.85 -48.85
C GLN G 3 52.74 13.82 -49.49
N LEU G 4 53.25 14.96 -49.92
CA LEU G 4 52.47 15.95 -50.62
C LEU G 4 53.13 16.31 -51.94
N GLN G 5 52.77 15.59 -53.00
CA GLN G 5 53.32 15.81 -54.34
C GLN G 5 52.79 17.10 -54.92
N GLN G 6 53.55 17.78 -55.76
CA GLN G 6 53.09 19.04 -56.33
C GLN G 6 53.46 19.24 -57.79
N SER G 7 52.64 20.05 -58.49
CA SER G 7 52.87 20.40 -59.89
C SER G 7 54.13 21.25 -60.09
N GLY G 8 54.72 21.13 -61.28
CA GLY G 8 55.96 21.84 -61.61
C GLY G 8 55.79 23.37 -61.72
N PRO G 9 56.87 24.13 -61.48
CA PRO G 9 56.96 25.59 -61.60
C PRO G 9 56.76 26.13 -63.02
N GLU G 10 56.24 27.35 -63.14
CA GLU G 10 56.10 27.94 -64.48
C GLU G 10 56.25 29.48 -64.52
N LEU G 11 56.86 29.97 -65.60
CA LEU G 11 57.02 31.42 -65.81
C LEU G 11 55.80 31.99 -66.56
N VAL G 12 54.65 32.04 -65.90
CA VAL G 12 53.41 32.50 -66.53
C VAL G 12 53.33 34.02 -66.77
N ARG G 13 52.90 34.42 -67.98
CA ARG G 13 52.70 35.85 -68.28
C ARG G 13 51.56 36.48 -67.47
N PRO G 14 51.65 37.77 -67.14
CA PRO G 14 50.64 38.47 -66.38
C PRO G 14 49.29 38.55 -67.06
N GLY G 15 48.26 38.53 -66.22
CA GLY G 15 46.84 38.60 -66.55
C GLY G 15 46.24 37.21 -66.79
N VAL G 16 47.08 36.17 -66.78
CA VAL G 16 46.64 34.81 -66.98
C VAL G 16 46.26 34.15 -65.66
N SER G 17 45.12 33.47 -65.61
CA SER G 17 44.77 32.73 -64.39
C SER G 17 45.77 31.56 -64.21
N VAL G 18 46.10 31.22 -62.97
CA VAL G 18 47.08 30.14 -62.75
C VAL G 18 46.57 29.04 -61.86
N LYS G 19 46.68 27.81 -62.34
CA LYS G 19 46.23 26.66 -61.56
C LYS G 19 47.42 25.87 -61.04
N ILE G 20 47.36 25.53 -59.75
CA ILE G 20 48.40 24.81 -59.02
C ILE G 20 47.83 23.58 -58.34
N SER G 21 48.57 22.46 -58.31
CA SER G 21 47.98 21.32 -57.62
C SER G 21 48.92 20.62 -56.65
N CYS G 22 48.30 19.97 -55.67
CA CYS G 22 48.99 19.17 -54.68
C CYS G 22 48.21 17.90 -54.39
N LYS G 23 48.92 16.78 -54.57
CA LYS G 23 48.38 15.45 -54.30
C LYS G 23 48.88 14.79 -53.04
N GLY G 24 47.94 14.45 -52.17
CA GLY G 24 48.29 13.74 -50.94
C GLY G 24 48.65 12.28 -51.22
N SER G 25 49.48 11.71 -50.36
CA SER G 25 49.73 10.27 -50.44
C SER G 25 50.03 9.70 -49.07
N GLY G 26 49.69 8.42 -48.88
CA GLY G 26 49.94 7.68 -47.64
C GLY G 26 48.93 7.92 -46.50
N TYR G 27 47.84 8.65 -46.77
CA TYR G 27 46.81 8.89 -45.76
C TYR G 27 45.46 9.05 -46.46
N THR G 28 44.35 8.98 -45.72
CA THR G 28 43.09 9.21 -46.40
C THR G 28 42.95 10.70 -46.63
N PHE G 29 42.86 11.08 -47.89
CA PHE G 29 42.88 12.48 -48.28
C PHE G 29 41.72 13.31 -47.78
N THR G 30 40.56 12.69 -47.64
CA THR G 30 39.36 13.40 -47.25
C THR G 30 39.25 13.71 -45.78
N ASP G 31 40.14 13.18 -44.93
CA ASP G 31 40.01 13.51 -43.52
C ASP G 31 40.77 14.76 -43.07
N TYR G 32 41.43 15.48 -44.00
CA TYR G 32 42.16 16.66 -43.56
C TYR G 32 41.97 17.85 -44.47
N ALA G 33 41.78 19.02 -43.86
CA ALA G 33 41.78 20.27 -44.61
C ALA G 33 43.16 20.55 -45.22
N ILE G 34 43.17 21.17 -46.39
CA ILE G 34 44.42 21.59 -47.01
C ILE G 34 44.69 23.07 -46.78
N HIS G 35 45.91 23.42 -46.41
CA HIS G 35 46.26 24.81 -46.21
C HIS G 35 47.15 25.27 -47.34
N TRP G 36 46.99 26.52 -47.79
CA TRP G 36 47.88 27.04 -48.81
C TRP G 36 48.61 28.28 -48.30
N VAL G 37 49.91 28.38 -48.63
CA VAL G 37 50.78 29.50 -48.24
C VAL G 37 51.62 30.09 -49.41
N LYS G 38 51.83 31.40 -49.38
CA LYS G 38 52.64 32.10 -50.38
C LYS G 38 53.97 32.57 -49.79
N GLN G 39 55.11 32.29 -50.44
CA GLN G 39 56.38 32.84 -49.96
C GLN G 39 57.13 33.67 -51.00
N SER G 40 57.39 34.95 -50.71
CA SER G 40 58.16 35.76 -51.67
C SER G 40 59.62 35.97 -51.28
N HIS G 41 59.94 35.73 -50.02
CA HIS G 41 61.29 35.90 -49.48
C HIS G 41 61.49 34.94 -48.33
N ALA G 42 62.72 34.68 -47.90
CA ALA G 42 62.94 33.83 -46.72
C ALA G 42 62.19 34.35 -45.47
N LYS G 43 62.05 35.67 -45.33
CA LYS G 43 61.28 36.30 -44.26
C LYS G 43 59.83 36.71 -44.65
N SER G 44 59.37 36.41 -45.86
CA SER G 44 58.03 36.81 -46.28
C SER G 44 57.15 35.67 -46.67
N LEU G 45 56.35 35.21 -45.72
CA LEU G 45 55.37 34.17 -45.98
C LEU G 45 54.00 34.61 -45.52
N GLU G 46 52.95 34.24 -46.25
CA GLU G 46 51.62 34.55 -45.79
C GLU G 46 50.60 33.50 -46.14
N TRP G 47 49.61 33.35 -45.27
CA TRP G 47 48.53 32.41 -45.49
C TRP G 47 47.67 32.82 -46.67
N ILE G 48 47.25 31.85 -47.48
CA ILE G 48 46.37 32.14 -48.59
C ILE G 48 44.95 31.74 -48.26
N GLY G 49 44.79 30.51 -47.80
CA GLY G 49 43.48 30.03 -47.44
C GLY G 49 43.49 28.59 -46.94
N VAL G 50 42.30 28.09 -46.61
CA VAL G 50 42.18 26.70 -46.21
C VAL G 50 40.96 26.09 -46.90
N PHE G 51 41.05 24.81 -47.24
CA PHE G 51 39.97 24.12 -47.90
C PHE G 51 39.61 22.77 -47.27
N SER G 52 38.37 22.57 -46.79
CA SER G 52 38.05 21.23 -46.30
C SER G 52 37.97 20.32 -47.46
N THR G 53 38.53 19.13 -47.33
CA THR G 53 38.46 18.17 -48.41
C THR G 53 37.27 17.26 -48.30
N TYR G 54 36.49 17.40 -47.25
CA TYR G 54 35.33 16.56 -47.12
C TYR G 54 34.08 17.35 -47.42
N TYR G 55 33.99 18.57 -46.90
CA TYR G 55 32.80 19.38 -47.10
C TYR G 55 32.94 20.48 -48.15
N GLY G 56 34.16 20.82 -48.56
CA GLY G 56 34.37 21.88 -49.55
C GLY G 56 34.29 23.30 -48.96
N ASN G 57 34.21 23.42 -47.64
CA ASN G 57 34.14 24.71 -46.96
C ASN G 57 35.46 25.43 -47.03
N THR G 58 35.41 26.75 -47.21
CA THR G 58 36.66 27.48 -47.27
C THR G 58 36.72 28.73 -46.43
N ASN G 59 37.96 29.17 -46.19
CA ASN G 59 38.24 30.46 -45.63
C ASN G 59 39.41 31.00 -46.43
N TYR G 60 39.46 32.30 -46.61
CA TYR G 60 40.55 32.87 -47.38
C TYR G 60 41.09 34.11 -46.74
N ASN G 61 42.33 34.43 -47.08
CA ASN G 61 42.91 35.68 -46.68
C ASN G 61 42.13 36.70 -47.43
N GLN G 62 41.77 37.79 -46.78
CA GLN G 62 40.93 38.79 -47.41
C GLN G 62 41.48 39.34 -48.71
N LYS G 63 42.81 39.46 -48.83
CA LYS G 63 43.39 39.96 -50.06
C LYS G 63 43.18 39.06 -51.29
N PHE G 64 42.95 37.76 -51.07
CA PHE G 64 42.72 36.87 -52.20
C PHE G 64 41.27 36.49 -52.41
N LYS G 65 40.32 37.07 -51.68
CA LYS G 65 38.95 36.57 -51.86
C LYS G 65 38.33 36.78 -53.23
N GLY G 66 38.71 37.84 -53.93
CA GLY G 66 38.22 38.06 -55.28
C GLY G 66 39.09 37.43 -56.36
N ARG G 67 40.18 36.75 -55.98
CA ARG G 67 41.07 36.19 -56.97
C ARG G 67 41.29 34.69 -56.88
N ALA G 68 41.13 34.12 -55.68
CA ALA G 68 41.45 32.71 -55.55
C ALA G 68 40.26 31.84 -55.23
N THR G 69 40.29 30.64 -55.80
CA THR G 69 39.32 29.60 -55.52
C THR G 69 40.04 28.29 -55.37
N MET G 70 39.37 27.30 -54.77
CA MET G 70 40.01 26.00 -54.59
C MET G 70 39.04 24.86 -54.89
N THR G 71 39.57 23.75 -55.43
CA THR G 71 38.76 22.57 -55.78
C THR G 71 39.44 21.27 -55.34
N VAL G 72 38.68 20.18 -55.34
CA VAL G 72 39.28 18.88 -55.04
C VAL G 72 38.84 17.78 -55.99
N ASP G 73 39.79 16.96 -56.40
CA ASP G 73 39.49 15.75 -57.14
C ASP G 73 39.62 14.59 -56.20
N LYS G 74 38.52 14.20 -55.57
CA LYS G 74 38.56 13.12 -54.60
C LYS G 74 39.04 11.78 -55.14
N SER G 75 38.90 11.53 -56.45
CA SER G 75 39.39 10.27 -56.99
C SER G 75 40.88 10.28 -57.29
N SER G 76 41.47 11.49 -57.42
CA SER G 76 42.91 11.61 -57.61
C SER G 76 43.64 11.93 -56.32
N SER G 77 42.91 12.03 -55.19
CA SER G 77 43.47 12.42 -53.89
C SER G 77 44.22 13.75 -54.02
N THR G 78 43.66 14.69 -54.79
CA THR G 78 44.39 15.93 -55.05
C THR G 78 43.55 17.17 -54.80
N ALA G 79 44.25 18.25 -54.46
CA ALA G 79 43.62 19.55 -54.24
C ALA G 79 44.19 20.54 -55.20
N TYR G 80 43.39 21.53 -55.55
CA TYR G 80 43.84 22.52 -56.50
C TYR G 80 43.57 23.91 -56.02
N MET G 81 44.39 24.82 -56.46
CA MET G 81 44.18 26.22 -56.18
C MET G 81 44.27 26.98 -57.48
N GLU G 82 43.39 27.93 -57.69
CA GLU G 82 43.48 28.72 -58.89
C GLU G 82 43.51 30.19 -58.54
N LEU G 83 44.41 30.95 -59.19
CA LEU G 83 44.49 32.37 -58.92
C LEU G 83 44.30 33.20 -60.17
N ALA G 84 43.23 33.98 -60.20
CA ALA G 84 42.92 34.89 -61.30
C ALA G 84 43.90 36.04 -61.44
N ARG G 85 44.12 36.47 -62.69
CA ARG G 85 44.80 37.75 -62.97
C ARG G 85 46.22 37.91 -62.42
N LEU G 86 47.12 36.99 -62.77
CA LEU G 86 48.48 37.03 -62.23
C LEU G 86 49.25 38.34 -62.53
N THR G 87 50.04 38.80 -61.57
CA THR G 87 50.88 39.97 -61.76
C THR G 87 52.27 39.67 -61.21
N SER G 88 53.28 40.47 -61.57
CA SER G 88 54.68 40.21 -61.14
C SER G 88 54.88 40.16 -59.61
N GLU G 89 54.02 40.87 -58.87
CA GLU G 89 53.99 40.87 -57.40
C GLU G 89 53.54 39.52 -56.80
N ASP G 90 52.97 38.65 -57.63
CA ASP G 90 52.60 37.33 -57.20
C ASP G 90 53.70 36.32 -57.38
N SER G 91 54.93 36.73 -57.79
CA SER G 91 55.92 35.68 -57.93
C SER G 91 56.20 35.14 -56.55
N ALA G 92 56.07 33.83 -56.42
CA ALA G 92 56.26 33.24 -55.11
C ALA G 92 56.46 31.76 -55.16
N ILE G 93 56.95 31.22 -54.07
CA ILE G 93 56.93 29.79 -53.89
C ILE G 93 55.59 29.48 -53.21
N TYR G 94 54.80 28.60 -53.81
CA TYR G 94 53.51 28.25 -53.24
C TYR G 94 53.54 26.89 -52.54
N TYR G 95 52.95 26.80 -51.35
CA TYR G 95 52.96 25.54 -50.62
C TYR G 95 51.61 25.03 -50.13
N CYS G 96 51.27 23.80 -50.49
CA CYS G 96 50.15 23.09 -49.88
C CYS G 96 50.61 22.50 -48.52
N ALA G 97 49.69 22.30 -47.58
CA ALA G 97 50.05 21.67 -46.29
C ALA G 97 48.85 20.94 -45.69
N ARG G 98 49.09 20.03 -44.74
CA ARG G 98 47.98 19.22 -44.18
C ARG G 98 47.59 19.64 -42.77
N LYS G 99 46.32 19.90 -42.52
CA LYS G 99 45.91 20.31 -41.16
C LYS G 99 46.05 19.24 -40.06
N SER G 100 46.48 19.65 -38.85
CA SER G 100 46.50 18.72 -37.71
C SER G 100 46.31 19.40 -36.34
N TYR G 101 46.04 18.58 -35.32
CA TYR G 101 45.90 19.04 -33.93
C TYR G 101 46.80 18.35 -32.94
N TYR G 102 48.09 18.72 -32.90
CA TYR G 102 48.99 18.19 -31.88
C TYR G 102 48.61 18.62 -30.47
N VAL G 103 47.98 19.78 -30.38
CA VAL G 103 47.48 20.33 -29.13
C VAL G 103 46.01 20.55 -29.31
N ASP G 104 45.27 20.35 -28.23
CA ASP G 104 43.83 20.45 -28.30
C ASP G 104 43.46 21.87 -28.65
N TYR G 105 42.64 21.99 -29.68
CA TYR G 105 42.15 23.23 -30.29
C TYR G 105 43.19 24.15 -30.90
N VAL G 106 44.38 23.64 -31.23
CA VAL G 106 45.36 24.48 -31.90
C VAL G 106 45.64 23.98 -33.31
N ASP G 107 45.27 24.77 -34.32
CA ASP G 107 45.55 24.35 -35.68
C ASP G 107 47.05 24.34 -35.92
N ALA G 108 47.53 23.25 -36.53
CA ALA G 108 48.93 23.16 -36.91
C ALA G 108 49.07 22.85 -38.39
N MET G 109 50.08 23.46 -39.02
CA MET G 109 50.37 23.26 -40.45
C MET G 109 50.89 21.87 -40.83
N ASP G 110 51.48 21.15 -39.86
CA ASP G 110 51.96 19.75 -39.99
C ASP G 110 52.96 19.58 -41.17
N TYR G 111 52.80 18.53 -42.01
CA TYR G 111 53.64 18.31 -43.18
C TYR G 111 53.43 19.36 -44.25
N TRP G 112 54.51 19.71 -44.92
CA TRP G 112 54.46 20.68 -46.01
C TRP G 112 54.92 20.05 -47.31
N GLY G 113 54.34 20.49 -48.42
CA GLY G 113 54.81 20.09 -49.73
C GLY G 113 56.16 20.75 -49.96
N GLN G 114 56.97 20.22 -50.89
CA GLN G 114 58.29 20.80 -51.19
C GLN G 114 58.26 22.20 -51.82
N GLY G 115 57.10 22.59 -52.32
CA GLY G 115 56.78 23.86 -52.91
C GLY G 115 56.89 23.81 -54.41
N THR G 116 56.25 24.77 -55.05
CA THR G 116 56.31 24.98 -56.47
C THR G 116 56.40 26.46 -56.64
N SER G 117 56.75 26.96 -57.81
CA SER G 117 56.77 28.40 -57.89
C SER G 117 56.23 28.94 -59.18
N VAL G 118 55.80 30.19 -59.13
CA VAL G 118 55.25 30.84 -60.29
C VAL G 118 55.90 32.20 -60.42
N THR G 119 56.20 32.60 -61.64
CA THR G 119 56.74 33.94 -61.91
C THR G 119 56.18 34.47 -63.20
N ASP H 1 43.63 40.76 -37.09
CA ASP H 1 44.68 39.78 -36.78
C ASP H 1 45.71 40.38 -35.85
N ILE H 2 46.44 39.51 -35.18
CA ILE H 2 47.47 39.97 -34.27
C ILE H 2 48.79 40.12 -34.98
N VAL H 3 49.38 41.30 -34.91
CA VAL H 3 50.69 41.47 -35.51
C VAL H 3 51.73 40.81 -34.64
N LEU H 4 52.63 40.05 -35.26
CA LEU H 4 53.69 39.44 -34.49
C LEU H 4 55.02 39.99 -34.93
N THR H 5 55.92 40.22 -33.97
CA THR H 5 57.26 40.68 -34.29
C THR H 5 58.25 39.84 -33.52
N GLN H 6 59.50 39.83 -33.96
CA GLN H 6 60.50 39.02 -33.30
C GLN H 6 61.84 39.71 -33.22
N SER H 7 62.63 39.38 -32.19
CA SER H 7 63.97 39.91 -32.09
C SER H 7 64.95 38.96 -31.39
N PRO H 8 66.26 39.16 -31.57
CA PRO H 8 66.99 40.02 -32.49
C PRO H 8 66.74 39.53 -33.91
N ALA H 9 66.85 40.39 -34.93
CA ALA H 9 66.57 39.96 -36.32
C ALA H 9 67.42 38.76 -36.78
N SER H 10 68.62 38.62 -36.22
CA SER H 10 69.39 37.41 -36.39
C SER H 10 70.18 37.21 -35.12
N LEU H 11 70.59 35.99 -34.86
CA LEU H 11 71.39 35.71 -33.68
C LEU H 11 72.55 34.82 -34.02
N ALA H 12 73.76 35.15 -33.58
CA ALA H 12 74.86 34.23 -33.83
C ALA H 12 75.40 33.69 -32.50
N VAL H 13 75.58 32.38 -32.41
CA VAL H 13 76.14 31.74 -31.20
C VAL H 13 77.24 30.71 -31.49
N SER H 14 78.07 30.43 -30.49
CA SER H 14 79.07 29.36 -30.58
C SER H 14 78.39 27.99 -30.50
N LEU H 15 79.03 26.94 -31.03
CA LEU H 15 78.38 25.65 -30.93
C LEU H 15 78.25 25.19 -29.48
N GLY H 16 77.09 24.62 -29.18
CA GLY H 16 76.69 24.09 -27.88
C GLY H 16 76.23 25.19 -26.92
N GLN H 17 76.13 26.43 -27.42
CA GLN H 17 75.67 27.55 -26.63
C GLN H 17 74.16 27.61 -26.53
N ARG H 18 73.67 28.04 -25.38
CA ARG H 18 72.25 28.30 -25.24
C ARG H 18 71.82 29.47 -26.13
N ALA H 19 70.60 29.43 -26.65
CA ALA H 19 70.14 30.58 -27.42
C ALA H 19 68.64 30.78 -27.31
N THR H 20 68.22 32.04 -27.42
CA THR H 20 66.79 32.32 -27.36
C THR H 20 66.31 33.30 -28.43
N ILE H 21 64.99 33.30 -28.64
CA ILE H 21 64.33 34.25 -29.53
C ILE H 21 63.16 34.90 -28.79
N SER H 22 63.03 36.22 -28.86
CA SER H 22 61.91 36.90 -28.23
C SER H 22 60.84 37.19 -29.26
N CYS H 23 59.58 37.01 -28.88
CA CYS H 23 58.50 37.27 -29.82
C CYS H 23 57.33 37.98 -29.13
N ARG H 24 56.97 39.12 -29.72
CA ARG H 24 55.91 39.92 -29.13
C ARG H 24 54.65 39.96 -29.98
N ALA H 25 53.51 40.03 -29.32
CA ALA H 25 52.24 40.12 -30.00
C ALA H 25 51.56 41.45 -29.73
N SER H 26 50.92 42.04 -30.76
CA SER H 26 50.17 43.28 -30.59
C SER H 26 48.95 43.18 -29.65
N GLU H 27 48.41 41.98 -29.51
CA GLU H 27 47.27 41.64 -28.67
C GLU H 27 47.46 40.22 -28.17
N SER H 28 46.93 39.90 -26.98
CA SER H 28 47.11 38.56 -26.45
C SER H 28 46.50 37.51 -27.33
N VAL H 29 47.15 36.36 -27.37
CA VAL H 29 46.64 35.26 -28.18
C VAL H 29 45.92 34.23 -27.34
N ASP H 30 45.91 34.38 -26.02
CA ASP H 30 45.21 33.40 -25.22
C ASP H 30 43.71 33.57 -25.31
N ASN H 31 43.01 32.50 -25.62
CA ASN H 31 41.57 32.49 -25.58
C ASN H 31 41.21 31.17 -24.95
N TYR H 32 40.54 31.23 -23.80
CA TYR H 32 40.17 30.07 -22.97
C TYR H 32 41.39 29.31 -22.42
N GLY H 33 42.55 29.97 -22.40
CA GLY H 33 43.83 29.43 -21.93
C GLY H 33 44.52 28.53 -22.98
N ILE H 34 43.98 28.48 -24.20
CA ILE H 34 44.51 27.65 -25.28
C ILE H 34 45.88 28.05 -25.85
N SER H 35 46.20 29.35 -25.80
CA SER H 35 47.44 29.97 -26.32
C SER H 35 47.59 30.04 -27.86
N PHE H 36 47.37 28.95 -28.59
CA PHE H 36 47.41 28.99 -30.06
C PHE H 36 48.72 29.42 -30.69
N MET H 37 49.85 29.16 -30.03
CA MET H 37 51.11 29.60 -30.61
C MET H 37 51.96 28.45 -31.11
N ASN H 38 52.34 28.53 -32.39
CA ASN H 38 53.20 27.53 -33.01
C ASN H 38 54.52 28.15 -33.44
N TRP H 39 55.62 27.39 -33.35
CA TRP H 39 56.88 27.90 -33.90
C TRP H 39 57.34 27.01 -35.04
N PHE H 40 57.91 27.64 -36.07
CA PHE H 40 58.41 26.96 -37.27
C PHE H 40 59.88 27.20 -37.55
N GLN H 41 60.46 26.29 -38.35
CA GLN H 41 61.87 26.34 -38.75
C GLN H 41 62.04 26.23 -40.28
N GLN H 42 62.91 27.05 -40.90
CA GLN H 42 63.11 26.87 -42.34
C GLN H 42 64.56 27.07 -42.78
N LYS H 43 64.96 26.30 -43.79
CA LYS H 43 66.28 26.41 -44.36
C LYS H 43 66.11 26.63 -45.85
N PRO H 44 67.09 27.17 -46.55
CA PRO H 44 66.99 27.39 -47.98
C PRO H 44 66.84 26.05 -48.66
N GLY H 45 66.08 26.06 -49.74
CA GLY H 45 65.83 24.89 -50.55
C GLY H 45 64.76 23.94 -49.96
N GLN H 46 64.08 24.34 -48.88
CA GLN H 46 63.04 23.48 -48.32
C GLN H 46 61.89 24.28 -47.71
N PRO H 47 60.71 23.68 -47.57
CA PRO H 47 59.53 24.19 -46.89
C PRO H 47 59.80 24.31 -45.40
N PRO H 48 59.08 25.20 -44.70
CA PRO H 48 59.12 25.38 -43.25
C PRO H 48 58.70 24.09 -42.58
N LYS H 49 59.20 23.85 -41.38
CA LYS H 49 58.82 22.67 -40.63
C LYS H 49 58.30 23.06 -39.26
N LEU H 50 57.22 22.41 -38.83
CA LEU H 50 56.70 22.70 -37.51
C LEU H 50 57.65 22.25 -36.45
N LEU H 51 57.83 23.07 -35.42
CA LEU H 51 58.63 22.61 -34.31
C LEU H 51 57.85 22.30 -33.09
N ILE H 52 57.21 23.33 -32.57
CA ILE H 52 56.49 23.23 -31.31
C ILE H 52 55.17 23.93 -31.31
N SER H 53 54.42 23.65 -30.26
CA SER H 53 53.17 24.35 -29.97
C SER H 53 53.32 24.79 -28.52
N ALA H 54 52.56 25.78 -28.07
CA ALA H 54 52.80 26.31 -26.72
C ALA H 54 52.71 25.30 -25.54
N THR H 55 52.01 24.16 -25.70
CA THR H 55 52.03 23.14 -24.64
C THR H 55 52.84 21.89 -25.05
N SER H 56 53.47 21.93 -26.21
CA SER H 56 54.27 20.81 -26.72
C SER H 56 55.69 21.22 -27.00
N ASN H 57 56.57 21.02 -26.02
CA ASN H 57 57.98 21.29 -26.24
C ASN H 57 58.75 20.03 -26.61
N GLN H 58 58.02 18.95 -26.82
CA GLN H 58 58.51 17.71 -27.34
C GLN H 58 57.33 17.20 -28.12
N GLY H 59 57.57 16.42 -29.15
CA GLY H 59 56.47 15.99 -29.96
C GLY H 59 56.27 17.06 -30.99
N SER H 60 55.22 16.96 -31.79
CA SER H 60 54.98 17.89 -32.90
C SER H 60 56.17 17.91 -33.86
N GLY H 61 56.81 16.75 -34.02
CA GLY H 61 57.99 16.56 -34.87
C GLY H 61 59.36 16.94 -34.25
N VAL H 62 59.46 17.30 -32.94
CA VAL H 62 60.79 17.60 -32.38
C VAL H 62 61.18 16.92 -31.06
N PRO H 63 62.50 16.89 -30.78
CA PRO H 63 63.17 16.60 -29.51
C PRO H 63 62.89 17.71 -28.51
N ALA H 64 63.05 17.39 -27.21
CA ALA H 64 62.84 18.32 -26.09
C ALA H 64 63.75 19.58 -26.13
N ARG H 65 64.77 19.59 -26.99
CA ARG H 65 65.70 20.69 -27.25
C ARG H 65 65.05 22.04 -27.58
N PHE H 66 63.81 22.06 -28.10
CA PHE H 66 63.17 23.33 -28.44
C PHE H 66 62.10 23.70 -27.42
N ILE H 67 62.41 24.61 -26.50
CA ILE H 67 61.46 24.96 -25.46
C ILE H 67 60.71 26.28 -25.67
N GLY H 68 59.43 26.22 -25.99
CA GLY H 68 58.59 27.40 -26.04
C GLY H 68 58.32 27.89 -24.63
N SER H 69 58.08 29.19 -24.49
CA SER H 69 57.73 29.76 -23.20
C SER H 69 56.87 31.00 -23.31
N GLY H 70 56.28 31.38 -22.19
CA GLY H 70 55.49 32.59 -22.04
C GLY H 70 53.98 32.43 -22.27
N SER H 71 53.26 33.54 -22.06
CA SER H 71 51.81 33.62 -22.19
C SER H 71 51.37 35.05 -22.54
N GLY H 72 50.10 35.21 -22.91
CA GLY H 72 49.62 36.55 -23.23
C GLY H 72 50.26 37.06 -24.49
N THR H 73 50.82 38.26 -24.41
CA THR H 73 51.48 38.86 -25.55
C THR H 73 52.97 38.51 -25.67
N ASP H 74 53.53 37.85 -24.65
CA ASP H 74 54.97 37.60 -24.69
C ASP H 74 55.32 36.14 -24.86
N PHE H 75 56.17 35.83 -25.83
CA PHE H 75 56.62 34.46 -26.04
C PHE H 75 58.09 34.34 -26.35
N SER H 76 58.63 33.16 -26.11
CA SER H 76 60.00 32.95 -26.48
C SER H 76 60.30 31.51 -26.85
N LEU H 77 61.43 31.32 -27.50
CA LEU H 77 61.91 29.99 -27.85
C LEU H 77 63.29 29.83 -27.24
N ASN H 78 63.53 28.68 -26.60
CA ASN H 78 64.78 28.43 -25.90
C ASN H 78 65.47 27.10 -26.25
N ILE H 79 66.70 27.14 -26.80
CA ILE H 79 67.46 25.91 -27.07
C ILE H 79 68.80 25.90 -26.33
N HIS H 80 68.94 25.03 -25.32
CA HIS H 80 70.22 24.96 -24.61
C HIS H 80 71.45 24.39 -25.38
N PRO H 81 71.28 23.35 -26.21
CA PRO H 81 72.38 22.83 -27.06
C PRO H 81 72.39 23.24 -28.53
N VAL H 82 72.68 24.49 -28.91
CA VAL H 82 72.63 24.78 -30.35
C VAL H 82 73.71 24.06 -31.17
N GLU H 83 73.29 23.52 -32.32
CA GLU H 83 74.15 22.80 -33.26
C GLU H 83 74.08 23.47 -34.61
N GLU H 84 75.06 23.23 -35.49
CA GLU H 84 75.03 23.89 -36.81
C GLU H 84 73.87 23.47 -37.70
N ASP H 85 73.17 22.37 -37.38
CA ASP H 85 71.99 22.02 -38.14
C ASP H 85 70.73 22.71 -37.59
N ASP H 86 70.90 23.57 -36.58
CA ASP H 86 69.81 24.39 -36.12
C ASP H 86 69.84 25.76 -36.79
N THR H 87 70.73 26.01 -37.76
CA THR H 87 70.67 27.33 -38.34
C THR H 87 69.51 27.36 -39.28
N ALA H 88 68.57 28.22 -38.95
CA ALA H 88 67.36 28.31 -39.72
C ALA H 88 66.64 29.60 -39.48
N MET H 89 65.74 29.94 -40.39
CA MET H 89 64.84 31.03 -40.12
C MET H 89 63.84 30.48 -39.08
N TYR H 90 63.33 31.30 -38.16
CA TYR H 90 62.32 30.80 -37.21
C TYR H 90 61.11 31.70 -37.15
N PHE H 91 59.90 31.11 -37.06
CA PHE H 91 58.69 31.93 -37.14
C PHE H 91 57.61 31.69 -36.08
N CYS H 92 57.17 32.75 -35.38
CA CYS H 92 56.01 32.65 -34.49
C CYS H 92 54.75 32.58 -35.34
N GLN H 93 53.79 31.73 -34.98
CA GLN H 93 52.50 31.62 -35.70
C GLN H 93 51.26 31.82 -34.85
N GLN H 94 50.35 32.67 -35.31
CA GLN H 94 49.05 32.81 -34.64
C GLN H 94 48.02 31.84 -35.18
N SER H 95 47.52 30.87 -34.39
CA SER H 95 46.42 30.06 -34.89
C SER H 95 45.05 30.56 -34.40
N LYS H 96 45.01 31.57 -33.53
CA LYS H 96 43.74 32.04 -32.99
C LYS H 96 42.71 32.66 -33.93
N GLU H 97 43.14 33.43 -34.93
CA GLU H 97 42.16 34.10 -35.77
C GLU H 97 42.59 34.31 -37.21
N VAL H 98 41.62 34.20 -38.11
CA VAL H 98 41.78 34.41 -39.54
C VAL H 98 42.14 35.86 -39.83
N PRO H 99 43.07 36.17 -40.75
CA PRO H 99 43.95 35.41 -41.68
C PRO H 99 44.98 34.43 -41.13
N ARG H 100 45.19 34.33 -39.82
CA ARG H 100 46.21 33.43 -39.26
C ARG H 100 47.60 33.88 -39.67
N THR H 101 47.85 35.18 -39.52
CA THR H 101 49.13 35.77 -39.89
C THR H 101 50.24 35.33 -38.97
N PHE H 102 51.45 35.49 -39.46
CA PHE H 102 52.60 35.09 -38.68
C PHE H 102 53.80 35.97 -38.95
N GLY H 103 54.78 35.92 -38.04
CA GLY H 103 55.93 36.81 -38.07
C GLY H 103 56.88 36.57 -39.23
N GLY H 104 57.65 37.62 -39.59
CA GLY H 104 58.68 37.52 -40.63
C GLY H 104 59.87 36.64 -40.20
N GLY H 105 60.05 36.47 -38.91
CA GLY H 105 61.03 35.57 -38.37
C GLY H 105 62.41 36.14 -38.13
N THR H 106 63.28 35.29 -37.57
CA THR H 106 64.67 35.66 -37.31
C THR H 106 65.59 34.55 -37.77
N LYS H 107 66.88 34.82 -37.97
CA LYS H 107 67.76 33.73 -38.41
C LYS H 107 68.86 33.36 -37.42
N LEU H 108 68.89 32.08 -37.01
CA LEU H 108 69.97 31.59 -36.17
C LEU H 108 71.23 31.34 -36.99
N GLU H 109 72.39 31.68 -36.45
CA GLU H 109 73.65 31.43 -37.12
C GLU H 109 74.72 30.92 -36.15
N ILE H 110 75.66 30.13 -36.65
CA ILE H 110 76.80 29.75 -35.84
C ILE H 110 77.90 30.76 -36.07
N LYS H 111 78.52 31.28 -35.02
CA LYS H 111 79.61 32.23 -35.27
C LYS H 111 80.72 31.50 -36.01
N VAL I 753 -39.38 -23.95 -18.97
CA VAL I 753 -38.22 -23.40 -18.26
C VAL I 753 -36.93 -23.58 -19.07
N PRO I 754 -35.86 -22.82 -18.73
CA PRO I 754 -34.54 -22.87 -19.35
C PRO I 754 -33.89 -24.23 -19.20
N GLY I 755 -33.06 -24.53 -20.18
CA GLY I 755 -32.31 -25.75 -20.29
C GLY I 755 -30.95 -25.68 -19.65
N GLU I 756 -30.12 -26.61 -20.07
CA GLU I 756 -28.75 -26.80 -19.66
C GLU I 756 -27.83 -25.65 -19.99
N MET I 757 -26.83 -25.47 -19.13
CA MET I 757 -25.73 -24.52 -19.28
C MET I 757 -24.93 -24.93 -20.51
N ARG I 758 -24.24 -24.01 -21.17
CA ARG I 758 -23.40 -24.41 -22.29
C ARG I 758 -21.92 -24.16 -22.05
N LEU I 759 -21.11 -25.20 -22.17
CA LEU I 759 -19.68 -25.03 -22.05
C LEU I 759 -19.22 -24.25 -23.24
N ALA I 760 -18.30 -23.33 -23.02
CA ALA I 760 -17.79 -22.52 -24.11
C ALA I 760 -16.36 -22.13 -23.87
N SER I 761 -15.68 -21.77 -24.96
CA SER I 761 -14.30 -21.34 -24.86
C SER I 761 -14.26 -19.82 -24.80
N ILE I 762 -13.30 -19.28 -24.07
CA ILE I 762 -13.22 -17.84 -24.05
C ILE I 762 -12.58 -17.38 -25.34
N ALA I 763 -13.28 -16.49 -26.02
CA ALA I 763 -12.82 -15.92 -27.26
C ALA I 763 -11.54 -15.12 -27.10
N PHE I 764 -10.70 -15.15 -28.13
CA PHE I 764 -9.55 -14.28 -28.18
C PHE I 764 -9.70 -13.42 -29.40
N ASN I 765 -9.84 -12.12 -29.18
CA ASN I 765 -9.99 -11.23 -30.30
C ASN I 765 -8.64 -10.92 -30.89
N HIS I 766 -8.45 -11.30 -32.13
CA HIS I 766 -7.18 -11.05 -32.78
C HIS I 766 -7.05 -9.60 -33.23
N PRO I 767 -5.86 -8.99 -33.07
CA PRO I 767 -5.48 -7.69 -33.56
C PRO I 767 -5.52 -7.67 -35.07
N ILE I 768 -5.74 -6.49 -35.63
CA ILE I 768 -5.74 -6.37 -37.07
C ILE I 768 -4.33 -6.60 -37.53
N GLN I 769 -4.13 -7.42 -38.56
CA GLN I 769 -2.78 -7.69 -38.96
C GLN I 769 -2.33 -6.82 -40.10
N VAL I 770 -1.34 -5.98 -39.84
CA VAL I 770 -0.79 -5.13 -40.87
C VAL I 770 0.45 -5.77 -41.42
N ASP I 771 0.52 -5.96 -42.73
CA ASP I 771 1.66 -6.62 -43.33
C ASP I 771 2.95 -5.87 -43.17
N GLN I 772 4.00 -6.58 -42.77
CA GLN I 772 5.31 -5.98 -42.72
C GLN I 772 5.86 -5.89 -44.13
N LEU I 773 6.45 -4.76 -44.48
CA LEU I 773 7.11 -4.61 -45.77
C LEU I 773 8.54 -4.15 -45.62
N ASN I 774 9.35 -4.56 -46.58
CA ASN I 774 10.72 -4.08 -46.70
C ASN I 774 10.74 -2.92 -47.68
N SER I 775 11.93 -2.47 -48.06
CA SER I 775 12.13 -1.37 -49.02
C SER I 775 11.83 0.02 -48.44
N SER I 776 11.77 1.00 -49.34
CA SER I 776 11.65 2.42 -49.02
C SER I 776 10.25 2.95 -48.69
N TYR I 777 9.24 2.11 -48.61
CA TYR I 777 7.91 2.58 -48.33
C TYR I 777 7.24 1.58 -47.42
N PHE I 778 6.14 1.97 -46.80
CA PHE I 778 5.50 1.04 -45.91
C PHE I 778 3.99 1.16 -45.84
N LYS I 779 3.36 0.07 -45.44
CA LYS I 779 1.93 0.02 -45.26
C LYS I 779 1.55 0.76 -44.00
N LEU I 780 0.48 1.53 -44.02
CA LEU I 780 0.06 2.29 -42.86
C LEU I 780 -1.38 2.05 -42.49
N SER I 781 -1.69 1.75 -41.23
CA SER I 781 -3.11 1.61 -40.90
C SER I 781 -3.61 2.88 -40.28
N ILE I 782 -4.70 3.41 -40.80
CA ILE I 782 -5.27 4.65 -40.27
C ILE I 782 -6.80 4.58 -40.18
N PRO I 783 -7.44 5.04 -39.09
CA PRO I 783 -8.89 5.09 -38.92
C PRO I 783 -9.59 6.06 -39.81
N THR I 784 -10.84 5.75 -40.17
CA THR I 784 -11.63 6.67 -40.96
C THR I 784 -12.89 7.15 -40.28
N ASN I 785 -13.28 6.55 -39.15
CA ASN I 785 -14.53 6.97 -38.53
C ASN I 785 -14.47 6.98 -37.01
N PHE I 786 -13.94 8.02 -36.44
CA PHE I 786 -13.87 8.12 -34.99
C PHE I 786 -15.21 8.23 -34.28
N SER I 787 -15.26 7.72 -33.05
CA SER I 787 -16.43 7.96 -32.22
C SER I 787 -16.04 8.24 -30.79
N PHE I 788 -16.74 9.19 -30.19
CA PHE I 788 -16.58 9.52 -28.79
C PHE I 788 -17.11 8.46 -27.87
N GLY I 789 -16.53 8.38 -26.69
CA GLY I 789 -17.08 7.47 -25.69
C GLY I 789 -16.62 7.90 -24.32
N VAL I 790 -17.17 7.27 -23.30
CA VAL I 790 -16.85 7.65 -21.93
C VAL I 790 -16.50 6.45 -21.08
N THR I 791 -15.57 6.64 -20.14
CA THR I 791 -15.26 5.59 -19.19
C THR I 791 -15.35 6.22 -17.84
N GLN I 792 -15.48 5.40 -16.81
CA GLN I 792 -15.71 5.95 -15.50
C GLN I 792 -14.95 5.23 -14.43
N GLU I 793 -14.62 5.94 -13.37
CA GLU I 793 -13.99 5.29 -12.24
C GLU I 793 -14.29 5.95 -10.92
N TYR I 794 -14.25 5.15 -9.87
CA TYR I 794 -14.46 5.65 -8.53
C TYR I 794 -13.24 5.51 -7.69
N ILE I 795 -12.77 6.62 -7.15
CA ILE I 795 -11.64 6.56 -6.27
C ILE I 795 -12.02 7.00 -4.89
N GLN I 796 -11.99 6.07 -3.95
CA GLN I 796 -12.33 6.38 -2.59
C GLN I 796 -11.31 7.30 -1.98
N THR I 797 -11.75 8.25 -1.16
CA THR I 797 -10.79 9.07 -0.46
C THR I 797 -10.90 9.00 1.05
N THR I 798 -12.05 8.56 1.56
CA THR I 798 -12.16 8.47 3.00
C THR I 798 -12.87 7.25 3.56
N ILE I 799 -12.64 7.03 4.85
CA ILE I 799 -13.31 6.03 5.67
C ILE I 799 -14.30 6.75 6.54
N GLN I 800 -15.49 6.20 6.77
CA GLN I 800 -16.41 6.88 7.66
C GLN I 800 -15.74 6.97 9.03
N LYS I 801 -15.89 8.09 9.71
CA LYS I 801 -15.23 8.23 10.99
C LYS I 801 -16.09 7.72 12.10
N VAL I 802 -15.49 6.91 12.95
CA VAL I 802 -16.19 6.31 14.07
C VAL I 802 -15.41 6.45 15.36
N THR I 803 -16.12 6.62 16.47
CA THR I 803 -15.49 6.57 17.77
C THR I 803 -16.31 5.64 18.61
N VAL I 804 -15.73 5.14 19.69
CA VAL I 804 -16.45 4.23 20.55
C VAL I 804 -16.31 4.58 22.00
N ASP I 805 -17.43 4.67 22.71
CA ASP I 805 -17.35 4.87 24.15
C ASP I 805 -17.07 3.53 24.78
N CYS I 806 -15.77 3.23 24.93
CA CYS I 806 -15.28 1.94 25.41
C CYS I 806 -15.82 1.54 26.77
N LYS I 807 -16.11 2.52 27.62
CA LYS I 807 -16.63 2.11 28.89
C LYS I 807 -18.04 1.61 28.73
N GLN I 808 -18.82 2.36 27.93
CA GLN I 808 -20.20 2.01 27.63
C GLN I 808 -20.34 0.75 26.79
N TYR I 809 -19.39 0.51 25.89
CA TYR I 809 -19.48 -0.69 25.10
C TYR I 809 -19.31 -1.95 25.90
N VAL I 810 -18.38 -1.92 26.85
CA VAL I 810 -18.15 -3.12 27.64
C VAL I 810 -19.28 -3.43 28.63
N CYS I 811 -19.78 -2.42 29.33
CA CYS I 811 -20.93 -2.59 30.22
C CYS I 811 -21.76 -1.33 30.20
N ASN I 812 -22.97 -1.46 30.72
CA ASN I 812 -23.89 -0.35 30.61
C ASN I 812 -24.33 0.19 31.93
N GLY I 813 -23.37 0.76 32.65
CA GLY I 813 -23.58 1.44 33.92
C GLY I 813 -23.69 0.50 35.11
N PHE I 814 -23.44 -0.79 34.93
CA PHE I 814 -23.52 -1.67 36.06
C PHE I 814 -22.37 -1.37 36.98
N GLN I 815 -22.64 -1.29 38.27
CA GLN I 815 -21.58 -0.96 39.17
C GLN I 815 -20.62 -2.08 39.46
N LYS I 816 -21.07 -3.34 39.35
CA LYS I 816 -20.11 -4.41 39.56
C LYS I 816 -19.09 -4.44 38.46
N CYS I 817 -19.58 -4.31 37.22
CA CYS I 817 -18.68 -4.13 36.12
C CYS I 817 -17.80 -2.96 36.18
N GLU I 818 -18.28 -1.83 36.66
CA GLU I 818 -17.38 -0.70 36.70
C GLU I 818 -16.20 -0.96 37.60
N GLN I 819 -16.44 -1.60 38.74
CA GLN I 819 -15.33 -1.92 39.62
C GLN I 819 -14.36 -2.90 39.00
N LEU I 820 -14.89 -3.92 38.32
CA LEU I 820 -14.04 -4.90 37.68
C LEU I 820 -13.26 -4.36 36.49
N LEU I 821 -13.92 -3.51 35.71
CA LEU I 821 -13.35 -2.92 34.52
C LEU I 821 -12.16 -2.05 34.77
N ARG I 822 -12.11 -1.40 35.93
CA ARG I 822 -10.96 -0.57 36.28
C ARG I 822 -9.62 -1.28 36.22
N GLU I 823 -9.59 -2.60 36.42
CA GLU I 823 -8.34 -3.34 36.30
C GLU I 823 -7.81 -3.34 34.86
N TYR I 824 -8.73 -3.21 33.91
CA TYR I 824 -8.48 -3.16 32.50
C TYR I 824 -8.67 -1.78 31.91
N GLY I 825 -8.75 -0.73 32.75
CA GLY I 825 -9.07 0.61 32.25
C GLY I 825 -8.06 1.16 31.23
N GLN I 826 -6.82 0.72 31.32
CA GLN I 826 -5.81 1.14 30.37
C GLN I 826 -6.01 0.57 28.97
N PHE I 827 -6.82 -0.49 28.80
CA PHE I 827 -7.06 -0.97 27.46
C PHE I 827 -7.93 0.00 26.71
N CYS I 828 -9.00 0.44 27.38
CA CYS I 828 -9.84 1.46 26.79
C CYS I 828 -9.13 2.75 26.51
N SER I 829 -8.16 3.12 27.35
CA SER I 829 -7.42 4.32 27.03
C SER I 829 -6.62 4.18 25.74
N LYS I 830 -6.06 2.99 25.51
CA LYS I 830 -5.35 2.75 24.26
C LYS I 830 -6.27 2.70 23.06
N ILE I 831 -7.48 2.16 23.25
CA ILE I 831 -8.47 2.10 22.20
C ILE I 831 -8.95 3.44 21.75
N ASN I 832 -9.15 4.35 22.70
CA ASN I 832 -9.61 5.66 22.35
C ASN I 832 -8.54 6.46 21.66
N GLN I 833 -7.30 6.33 22.13
CA GLN I 833 -6.23 7.05 21.48
C GLN I 833 -5.98 6.60 20.06
N ALA I 834 -6.07 5.28 19.81
CA ALA I 834 -5.86 4.78 18.47
C ALA I 834 -6.93 5.23 17.50
N LEU I 835 -8.20 5.20 17.94
CA LEU I 835 -9.24 5.68 17.06
C LEU I 835 -9.15 7.16 16.81
N HIS I 836 -8.76 7.91 17.83
CA HIS I 836 -8.61 9.34 17.65
C HIS I 836 -7.56 9.70 16.65
N GLY I 837 -6.42 8.98 16.67
CA GLY I 837 -5.39 9.25 15.69
C GLY I 837 -5.82 8.89 14.28
N ALA I 838 -6.62 7.82 14.14
CA ALA I 838 -7.11 7.45 12.83
C ALA I 838 -8.05 8.49 12.26
N ASN I 839 -8.84 9.11 13.12
CA ASN I 839 -9.77 10.09 12.66
C ASN I 839 -9.09 11.38 12.28
N LEU I 840 -8.01 11.74 13.00
CA LEU I 840 -7.26 12.92 12.61
C LEU I 840 -6.61 12.77 11.26
N ARG I 841 -6.13 11.57 10.94
CA ARG I 841 -5.54 11.37 9.64
C ARG I 841 -6.54 11.46 8.52
N GLN I 842 -7.78 11.00 8.76
CA GLN I 842 -8.80 11.15 7.74
C GLN I 842 -9.11 12.59 7.46
N ASP I 843 -9.09 13.43 8.50
CA ASP I 843 -9.33 14.84 8.27
C ASP I 843 -8.22 15.51 7.50
N ASP I 844 -6.99 15.10 7.76
CA ASP I 844 -5.90 15.72 7.03
C ASP I 844 -5.83 15.30 5.58
N SER I 845 -6.18 14.05 5.25
CA SER I 845 -6.17 13.68 3.85
C SER I 845 -7.22 14.44 3.05
N VAL I 846 -8.34 14.78 3.69
CA VAL I 846 -9.35 15.57 3.03
C VAL I 846 -8.93 16.99 2.77
N ARG I 847 -8.34 17.63 3.77
CA ARG I 847 -7.91 19.00 3.57
C ARG I 847 -6.79 19.12 2.59
N ASN I 848 -5.92 18.13 2.54
CA ASN I 848 -4.84 18.17 1.60
C ASN I 848 -5.33 18.05 0.19
N LEU I 849 -6.29 17.14 -0.04
CA LEU I 849 -6.85 17.00 -1.35
C LEU I 849 -7.57 18.24 -1.85
N PHE I 850 -8.41 18.84 -1.00
CA PHE I 850 -9.14 20.01 -1.43
C PHE I 850 -8.28 21.23 -1.65
N ALA I 851 -7.15 21.31 -0.97
CA ALA I 851 -6.26 22.41 -1.24
C ALA I 851 -5.70 22.37 -2.66
N SER I 852 -5.57 21.18 -3.27
CA SER I 852 -5.08 21.16 -4.63
C SER I 852 -6.15 21.18 -5.70
N VAL I 853 -7.39 20.77 -5.39
CA VAL I 853 -8.41 20.84 -6.44
C VAL I 853 -8.79 22.28 -6.75
N LYS I 854 -8.64 23.16 -5.77
CA LYS I 854 -8.98 24.54 -5.96
C LYS I 854 -8.16 25.23 -7.03
N SER I 855 -8.81 26.09 -7.80
CA SER I 855 -8.13 26.92 -8.78
C SER I 855 -8.08 28.32 -8.29
N SER I 856 -7.00 29.02 -8.59
CA SER I 856 -6.93 30.42 -8.26
C SER I 856 -7.98 31.27 -8.98
N GLN I 857 -8.40 30.83 -10.16
CA GLN I 857 -9.38 31.55 -10.93
C GLN I 857 -10.23 30.66 -11.82
N SER I 858 -11.43 31.13 -12.13
CA SER I 858 -12.33 30.38 -13.00
C SER I 858 -13.33 31.25 -13.74
N SER I 859 -13.94 30.70 -14.78
CA SER I 859 -15.09 31.34 -15.41
C SER I 859 -16.27 31.19 -14.48
N PRO I 860 -17.21 32.14 -14.46
CA PRO I 860 -18.48 31.97 -13.84
C PRO I 860 -19.20 30.88 -14.61
N ILE I 861 -20.05 30.14 -13.93
CA ILE I 861 -20.86 29.14 -14.58
C ILE I 861 -22.26 29.63 -14.89
N ILE I 862 -22.63 29.61 -16.16
CA ILE I 862 -23.96 30.02 -16.56
C ILE I 862 -24.61 28.90 -17.39
N PRO I 863 -25.93 28.93 -17.56
CA PRO I 863 -26.70 28.05 -18.43
C PRO I 863 -26.29 28.28 -19.87
N GLY I 864 -26.42 27.25 -20.70
CA GLY I 864 -26.02 27.35 -22.11
C GLY I 864 -24.51 27.17 -22.33
N PHE I 865 -23.80 26.80 -21.26
CA PHE I 865 -22.38 26.58 -21.29
C PHE I 865 -22.05 25.52 -22.30
N GLY I 866 -20.98 25.76 -23.02
CA GLY I 866 -20.52 24.85 -24.06
C GLY I 866 -21.23 24.95 -25.40
N GLY I 867 -22.09 25.94 -25.59
CA GLY I 867 -22.67 26.07 -26.93
C GLY I 867 -23.51 24.85 -27.22
N ASP I 868 -23.23 24.21 -28.37
CA ASP I 868 -23.92 23.00 -28.78
C ASP I 868 -23.66 21.77 -27.89
N PHE I 869 -22.58 21.78 -27.09
CA PHE I 869 -22.36 20.65 -26.18
C PHE I 869 -23.48 20.70 -25.13
N ASN I 870 -24.04 19.54 -24.72
CA ASN I 870 -25.16 19.63 -23.80
C ASN I 870 -24.78 19.94 -22.35
N LEU I 871 -23.77 19.24 -21.83
CA LEU I 871 -23.23 19.51 -20.49
C LEU I 871 -24.25 19.49 -19.31
N THR I 872 -24.85 18.31 -19.05
CA THR I 872 -25.83 18.12 -17.94
C THR I 872 -25.23 18.23 -16.54
N LEU I 873 -23.90 18.27 -16.46
CA LEU I 873 -23.13 18.47 -15.23
C LEU I 873 -23.30 19.83 -14.58
N LEU I 874 -23.89 20.81 -15.29
CA LEU I 874 -24.06 22.12 -14.69
C LEU I 874 -24.93 22.04 -13.46
N GLU I 875 -24.57 22.83 -12.46
CA GLU I 875 -25.31 22.90 -11.22
C GLU I 875 -26.71 23.45 -11.46
N PRO I 876 -27.76 22.94 -10.79
CA PRO I 876 -29.14 23.42 -10.88
C PRO I 876 -29.36 24.63 -9.97
N VAL I 877 -28.70 25.73 -10.37
CA VAL I 877 -28.69 27.04 -9.72
C VAL I 877 -30.05 27.72 -9.63
N ALA I 886 -26.40 24.11 -5.38
CA ALA I 886 -26.92 22.75 -5.47
C ALA I 886 -25.80 21.74 -5.63
N ARG I 887 -26.17 20.47 -5.77
CA ARG I 887 -25.23 19.43 -6.18
C ARG I 887 -25.29 19.42 -7.74
N SER I 888 -25.48 18.28 -8.39
CA SER I 888 -25.62 18.29 -9.86
C SER I 888 -26.51 17.15 -10.23
N ALA I 889 -27.01 17.14 -11.47
CA ALA I 889 -27.88 16.06 -11.89
C ALA I 889 -27.21 14.69 -11.79
N ILE I 890 -25.92 14.62 -12.11
CA ILE I 890 -25.21 13.37 -11.98
C ILE I 890 -24.95 12.99 -10.55
N GLU I 891 -24.61 13.98 -9.70
CA GLU I 891 -24.40 13.64 -8.30
C GLU I 891 -25.67 13.16 -7.65
N ASP I 892 -26.81 13.73 -8.06
CA ASP I 892 -28.06 13.28 -7.52
C ASP I 892 -28.37 11.87 -7.92
N LEU I 893 -28.04 11.49 -9.16
CA LEU I 893 -28.22 10.11 -9.53
C LEU I 893 -27.37 9.17 -8.72
N LEU I 894 -26.13 9.56 -8.43
CA LEU I 894 -25.32 8.70 -7.59
C LEU I 894 -25.84 8.56 -6.19
N PHE I 895 -26.25 9.66 -5.57
CA PHE I 895 -26.74 9.53 -4.22
C PHE I 895 -28.09 8.82 -4.12
N ASP I 896 -28.94 8.96 -5.14
CA ASP I 896 -30.21 8.27 -5.11
C ASP I 896 -30.14 6.78 -5.43
N LYS I 897 -29.23 6.38 -6.33
CA LYS I 897 -29.09 4.97 -6.65
C LYS I 897 -28.45 4.16 -5.52
N VAL I 898 -27.59 4.81 -4.74
CA VAL I 898 -26.97 4.21 -3.58
C VAL I 898 -27.98 3.96 -2.47
N THR I 899 -27.85 2.82 -1.79
CA THR I 899 -28.80 2.33 -0.78
C THR I 899 -28.49 2.71 0.67
N ILE I 900 -27.54 3.61 0.87
CA ILE I 900 -27.10 4.04 2.18
C ILE I 900 -28.21 4.65 3.01
N ALA I 901 -28.20 4.32 4.30
CA ALA I 901 -29.15 4.84 5.28
C ALA I 901 -29.10 6.35 5.38
N ASP I 902 -30.24 6.96 5.66
CA ASP I 902 -30.29 8.41 5.81
C ASP I 902 -29.39 8.82 6.99
N PRO I 903 -28.58 9.88 6.82
CA PRO I 903 -27.68 10.47 7.81
C PRO I 903 -28.35 11.00 9.05
N GLY I 904 -27.56 11.01 10.12
CA GLY I 904 -27.90 11.55 11.42
C GLY I 904 -27.59 13.04 11.42
N TYR I 905 -27.27 13.59 12.59
CA TYR I 905 -26.95 15.00 12.73
C TYR I 905 -28.22 15.84 12.86
N MET I 906 -29.09 15.76 11.86
CA MET I 906 -30.34 16.51 11.86
C MET I 906 -31.48 15.68 11.29
N GLN I 907 -32.47 15.33 12.11
CA GLN I 907 -32.50 15.70 13.53
C GLN I 907 -31.61 14.79 14.36
N GLY I 908 -31.22 13.66 13.78
CA GLY I 908 -30.37 12.69 14.46
C GLY I 908 -31.09 11.87 15.47
N TYR I 909 -30.62 12.01 16.69
CA TYR I 909 -31.06 11.36 17.91
C TYR I 909 -32.56 11.34 18.14
N ASP I 910 -33.30 12.34 17.64
CA ASP I 910 -34.73 12.27 17.83
C ASP I 910 -35.43 11.31 16.84
N ASP I 911 -34.67 10.66 15.94
CA ASP I 911 -35.18 9.55 15.16
C ASP I 911 -34.83 8.22 15.82
N CYS I 912 -34.21 8.26 17.02
CA CYS I 912 -33.94 7.07 17.79
C CYS I 912 -35.12 6.87 18.72
N MET I 913 -35.43 8.04 19.31
CA MET I 913 -36.46 8.37 20.28
C MET I 913 -37.85 8.08 19.78
N GLN I 914 -38.74 7.80 20.75
CA GLN I 914 -40.15 7.47 20.53
C GLN I 914 -40.97 8.52 19.75
N GLN I 915 -40.45 9.73 19.58
CA GLN I 915 -41.11 10.75 18.79
C GLN I 915 -40.75 10.55 17.31
N GLY I 916 -41.26 9.46 16.73
CA GLY I 916 -41.01 9.11 15.35
C GLY I 916 -41.77 7.83 15.00
N PRO I 917 -41.64 7.34 13.77
CA PRO I 917 -42.31 6.17 13.24
C PRO I 917 -41.86 4.89 13.91
N ALA I 918 -42.77 3.94 14.02
CA ALA I 918 -42.46 2.62 14.59
C ALA I 918 -41.62 1.76 13.65
N SER I 919 -41.57 2.13 12.37
CA SER I 919 -40.81 1.38 11.38
C SER I 919 -39.35 1.75 11.25
N ALA I 920 -38.81 2.70 12.04
CA ALA I 920 -37.39 2.95 11.87
C ALA I 920 -36.61 1.69 12.23
N ARG I 921 -35.59 1.35 11.44
CA ARG I 921 -34.72 0.22 11.75
C ARG I 921 -33.26 0.60 11.62
N ASP I 922 -32.98 1.88 11.71
CA ASP I 922 -31.64 2.37 11.49
C ASP I 922 -30.60 1.90 12.48
N LEU I 923 -29.45 1.46 11.96
CA LEU I 923 -28.28 1.19 12.79
C LEU I 923 -27.80 2.48 13.44
N ILE I 924 -28.10 3.61 12.79
CA ILE I 924 -27.82 4.89 13.36
C ILE I 924 -28.53 5.11 14.68
N CYS I 925 -29.77 4.60 14.87
CA CYS I 925 -30.27 4.81 16.23
C CYS I 925 -29.58 3.87 17.21
N ALA I 926 -29.13 2.70 16.71
CA ALA I 926 -28.43 1.71 17.55
C ALA I 926 -27.09 2.24 18.08
N GLN I 927 -26.57 3.30 17.47
CA GLN I 927 -25.38 3.99 17.97
C GLN I 927 -25.54 4.50 19.39
N TYR I 928 -26.78 4.86 19.77
CA TYR I 928 -27.01 5.44 21.07
C TYR I 928 -27.28 4.39 22.13
N VAL I 929 -27.29 3.11 21.73
CA VAL I 929 -27.41 2.02 22.66
C VAL I 929 -26.04 1.45 22.90
N ALA I 930 -25.36 1.18 21.80
CA ALA I 930 -24.02 0.61 21.76
C ALA I 930 -22.87 1.57 22.13
N GLY I 931 -23.13 2.87 22.23
CA GLY I 931 -22.07 3.84 22.53
C GLY I 931 -21.23 4.26 21.30
N TYR I 932 -21.64 3.89 20.10
CA TYR I 932 -20.94 4.28 18.88
C TYR I 932 -21.16 5.74 18.61
N LYS I 933 -20.20 6.41 18.02
CA LYS I 933 -20.60 7.67 17.46
C LYS I 933 -20.04 7.80 16.07
N VAL I 934 -20.90 8.11 15.10
CA VAL I 934 -20.36 8.43 13.79
C VAL I 934 -20.13 9.91 13.71
N LEU I 935 -18.90 10.29 13.50
CA LEU I 935 -18.56 11.69 13.39
C LEU I 935 -19.05 12.27 12.06
N PRO I 936 -19.46 13.54 12.01
CA PRO I 936 -19.84 14.25 10.82
C PRO I 936 -18.67 14.43 9.90
N PRO I 937 -18.87 14.50 8.58
CA PRO I 937 -17.86 14.76 7.60
C PRO I 937 -17.29 16.13 7.84
N LEU I 938 -16.02 16.27 7.53
CA LEU I 938 -15.29 17.50 7.70
C LEU I 938 -15.67 18.70 6.86
N MET I 939 -16.07 18.50 5.61
CA MET I 939 -16.26 19.64 4.73
C MET I 939 -17.59 20.35 4.59
N ASP I 940 -18.75 19.68 4.84
CA ASP I 940 -20.09 20.15 4.45
C ASP I 940 -20.33 20.09 2.94
N VAL I 941 -21.36 19.30 2.54
CA VAL I 941 -21.65 19.04 1.13
C VAL I 941 -21.74 20.28 0.25
N ASN I 942 -22.08 21.44 0.81
CA ASN I 942 -22.19 22.62 0.01
C ASN I 942 -20.82 23.13 -0.39
N MET I 943 -19.86 23.09 0.52
CA MET I 943 -18.52 23.49 0.15
C MET I 943 -17.90 22.52 -0.82
N GLU I 944 -18.22 21.24 -0.69
CA GLU I 944 -17.71 20.27 -1.63
C GLU I 944 -18.21 20.51 -3.02
N ALA I 945 -19.48 20.89 -3.13
CA ALA I 945 -20.03 21.24 -4.41
C ALA I 945 -19.35 22.46 -4.99
N ALA I 946 -19.03 23.44 -4.14
CA ALA I 946 -18.34 24.63 -4.61
C ALA I 946 -16.95 24.31 -5.13
N TYR I 947 -16.23 23.39 -4.50
CA TYR I 947 -14.93 23.02 -5.01
C TYR I 947 -14.97 22.34 -6.35
N THR I 948 -16.01 21.55 -6.64
CA THR I 948 -16.02 20.96 -7.95
C THR I 948 -16.64 21.85 -8.99
N SER I 949 -17.40 22.87 -8.58
CA SER I 949 -17.83 23.81 -9.58
C SER I 949 -16.66 24.66 -10.04
N SER I 950 -15.70 24.90 -9.13
CA SER I 950 -14.51 25.64 -9.51
C SER I 950 -13.69 24.89 -10.52
N LEU I 951 -13.63 23.56 -10.41
CA LEU I 951 -12.95 22.79 -11.43
C LEU I 951 -13.65 22.85 -12.77
N LEU I 952 -14.97 22.82 -12.77
CA LEU I 952 -15.70 22.90 -14.02
C LEU I 952 -15.43 24.21 -14.75
N GLY I 953 -15.36 25.31 -14.01
CA GLY I 953 -15.07 26.60 -14.62
C GLY I 953 -13.60 26.82 -15.01
N SER I 954 -12.68 25.92 -14.63
CA SER I 954 -11.29 26.08 -15.02
C SER I 954 -11.03 25.48 -16.39
N ILE I 955 -11.97 24.68 -16.88
CA ILE I 955 -11.83 24.04 -18.18
C ILE I 955 -11.99 25.06 -19.31
N ALA I 956 -11.42 24.86 -20.47
CA ALA I 956 -11.34 25.83 -21.55
C ALA I 956 -10.51 27.01 -21.19
N GLY I 957 -9.22 26.77 -21.22
CA GLY I 957 -8.57 25.47 -21.26
C GLY I 957 -7.24 25.47 -20.54
N VAL I 958 -6.62 24.30 -20.45
CA VAL I 958 -5.33 24.16 -19.79
C VAL I 958 -4.18 24.23 -20.78
N GLY I 959 -4.48 24.69 -21.99
CA GLY I 959 -3.47 24.81 -23.03
C GLY I 959 -2.79 26.14 -22.98
N TRP I 960 -2.23 26.52 -24.14
CA TRP I 960 -1.56 27.79 -24.37
C TRP I 960 -0.28 27.98 -23.54
N THR I 961 0.33 26.88 -23.11
CA THR I 961 1.55 26.93 -22.33
C THR I 961 1.25 26.81 -20.83
N ALA I 962 1.79 25.76 -20.22
CA ALA I 962 1.58 25.51 -18.79
C ALA I 962 0.12 25.71 -18.41
N GLY I 963 -0.22 26.92 -17.96
CA GLY I 963 -1.58 27.23 -17.56
C GLY I 963 -1.73 27.36 -16.07
N LEU I 964 -0.60 27.35 -15.36
CA LEU I 964 -0.60 27.48 -13.91
C LEU I 964 -0.68 28.94 -13.48
N SER I 965 -0.34 29.84 -14.40
CA SER I 965 -0.37 31.27 -14.11
C SER I 965 -1.54 32.07 -14.71
N SER I 966 -1.49 32.27 -16.02
CA SER I 966 -2.54 32.90 -16.78
C SER I 966 -3.75 32.00 -17.02
N PHE I 967 -4.91 32.63 -17.19
CA PHE I 967 -6.13 31.91 -17.45
C PHE I 967 -6.75 32.34 -18.76
N ALA I 968 -6.80 31.40 -19.70
CA ALA I 968 -7.27 31.67 -21.04
C ALA I 968 -8.68 32.18 -21.16
N ALA I 969 -9.63 31.66 -20.37
CA ALA I 969 -11.01 32.15 -20.39
C ALA I 969 -11.66 32.13 -21.78
N ILE I 970 -11.62 30.99 -22.46
CA ILE I 970 -12.16 30.90 -23.82
C ILE I 970 -13.33 29.96 -23.74
N PRO I 971 -14.20 29.91 -24.75
CA PRO I 971 -15.36 29.06 -24.79
C PRO I 971 -14.94 27.63 -24.73
N PHE I 972 -15.80 26.80 -24.15
CA PHE I 972 -15.51 25.38 -24.03
C PHE I 972 -15.33 24.71 -25.36
N ALA I 973 -16.12 25.10 -26.35
CA ALA I 973 -16.00 24.52 -27.66
C ALA I 973 -14.67 24.82 -28.30
N GLN I 974 -14.11 25.99 -28.05
CA GLN I 974 -12.82 26.29 -28.61
C GLN I 974 -11.74 25.45 -28.00
N SER I 975 -11.83 25.20 -26.68
CA SER I 975 -10.82 24.37 -26.07
C SER I 975 -10.87 22.94 -26.55
N ILE I 976 -12.07 22.47 -26.92
CA ILE I 976 -12.18 21.14 -27.49
C ILE I 976 -11.51 21.02 -28.81
N PHE I 977 -11.64 22.05 -29.65
CA PHE I 977 -10.97 21.97 -30.92
C PHE I 977 -9.46 21.98 -30.79
N TYR I 978 -8.92 22.69 -29.80
CA TYR I 978 -7.48 22.60 -29.61
C TYR I 978 -7.05 21.23 -29.13
N ARG I 979 -7.87 20.57 -28.31
CA ARG I 979 -7.53 19.23 -27.88
C ARG I 979 -7.59 18.22 -29.00
N LEU I 980 -8.55 18.39 -29.92
CA LEU I 980 -8.63 17.53 -31.08
C LEU I 980 -7.47 17.75 -32.06
N ASN I 981 -6.96 18.96 -32.13
CA ASN I 981 -5.81 19.18 -32.98
C ASN I 981 -4.54 18.71 -32.28
N GLY I 982 -4.60 18.58 -30.95
CA GLY I 982 -3.50 18.04 -30.17
C GLY I 982 -3.36 16.52 -30.26
N VAL I 983 -4.31 15.82 -30.92
CA VAL I 983 -4.17 14.40 -31.09
C VAL I 983 -3.95 14.07 -32.55
N GLY I 984 -3.47 15.04 -33.34
CA GLY I 984 -3.22 14.75 -34.73
C GLY I 984 -4.38 14.83 -35.71
N ILE I 985 -5.56 15.33 -35.31
CA ILE I 985 -6.59 15.58 -36.31
C ILE I 985 -6.31 16.94 -36.93
N THR I 986 -6.21 17.03 -38.24
CA THR I 986 -5.97 18.32 -38.87
C THR I 986 -7.10 19.30 -38.71
N GLN I 987 -6.73 20.56 -38.67
CA GLN I 987 -7.66 21.66 -38.51
C GLN I 987 -8.68 21.76 -39.61
N GLN I 988 -8.32 21.35 -40.83
CA GLN I 988 -9.29 21.43 -41.91
C GLN I 988 -10.50 20.55 -41.68
N VAL I 989 -10.27 19.35 -41.15
CA VAL I 989 -11.34 18.45 -40.81
C VAL I 989 -12.19 18.95 -39.70
N LEU I 990 -11.54 19.54 -38.69
CA LEU I 990 -12.28 20.02 -37.57
C LEU I 990 -13.24 21.13 -37.92
N SER I 991 -12.85 22.02 -38.84
CA SER I 991 -13.80 23.04 -39.23
C SER I 991 -14.98 22.52 -40.04
N GLU I 992 -14.76 21.48 -40.84
CA GLU I 992 -15.83 20.89 -41.64
C GLU I 992 -16.87 20.10 -40.86
N ASN I 993 -16.41 19.43 -39.81
CA ASN I 993 -17.26 18.57 -39.03
C ASN I 993 -17.76 19.10 -37.71
N GLN I 994 -17.73 20.41 -37.47
CA GLN I 994 -18.03 20.90 -36.13
C GLN I 994 -19.36 20.45 -35.54
N LYS I 995 -20.44 20.48 -36.34
CA LYS I 995 -21.71 20.00 -35.81
C LYS I 995 -21.75 18.51 -35.60
N LEU I 996 -21.05 17.77 -36.46
CA LEU I 996 -20.99 16.32 -36.32
C LEU I 996 -20.28 15.91 -35.06
N ILE I 997 -19.20 16.63 -34.74
CA ILE I 997 -18.43 16.40 -33.55
C ILE I 997 -19.24 16.68 -32.30
N ALA I 998 -20.01 17.75 -32.32
CA ALA I 998 -20.87 18.07 -31.20
C ALA I 998 -21.92 17.02 -30.95
N ASN I 999 -22.46 16.44 -32.03
CA ASN I 999 -23.48 15.43 -31.85
C ASN I 999 -22.93 14.14 -31.31
N LYS I 1000 -21.76 13.71 -31.81
CA LYS I 1000 -21.18 12.49 -31.29
C LYS I 1000 -20.78 12.61 -29.83
N PHE I 1001 -20.29 13.79 -29.44
CA PHE I 1001 -19.93 14.05 -28.06
C PHE I 1001 -21.12 14.00 -27.14
N ASN I 1002 -22.26 14.52 -27.61
CA ASN I 1002 -23.46 14.51 -26.80
C ASN I 1002 -24.02 13.13 -26.65
N GLN I 1003 -23.93 12.31 -27.70
CA GLN I 1003 -24.39 10.94 -27.58
C GLN I 1003 -23.60 10.16 -26.56
N ALA I 1004 -22.28 10.40 -26.51
CA ALA I 1004 -21.46 9.74 -25.52
C ALA I 1004 -21.86 10.10 -24.11
N LEU I 1005 -22.18 11.38 -23.87
CA LEU I 1005 -22.68 11.75 -22.57
C LEU I 1005 -24.11 11.33 -22.29
N GLY I 1006 -24.93 11.17 -23.34
CA GLY I 1006 -26.31 10.77 -23.13
C GLY I 1006 -26.44 9.39 -22.50
N ALA I 1007 -25.47 8.51 -22.78
CA ALA I 1007 -25.44 7.17 -22.18
C ALA I 1007 -25.26 7.17 -20.66
N MET I 1008 -24.77 8.29 -20.08
CA MET I 1008 -24.57 8.39 -18.64
C MET I 1008 -25.85 8.29 -17.85
N GLN I 1009 -26.99 8.61 -18.46
CA GLN I 1009 -28.25 8.50 -17.76
C GLN I 1009 -28.68 7.04 -17.55
N THR I 1010 -28.12 6.11 -18.34
CA THR I 1010 -28.43 4.70 -18.20
C THR I 1010 -27.30 3.92 -17.54
N GLY I 1011 -26.16 4.58 -17.34
CA GLY I 1011 -24.99 3.91 -16.78
C GLY I 1011 -25.00 3.58 -15.30
N PHE I 1012 -26.00 4.01 -14.52
CA PHE I 1012 -25.93 3.75 -13.11
C PHE I 1012 -26.67 2.50 -12.69
N THR I 1013 -26.02 1.37 -12.98
CA THR I 1013 -26.49 0.05 -12.63
C THR I 1013 -25.31 -0.69 -12.04
N THR I 1014 -25.56 -1.81 -11.37
CA THR I 1014 -24.45 -2.58 -10.78
C THR I 1014 -23.60 -3.32 -11.82
N THR I 1015 -24.06 -3.39 -13.08
CA THR I 1015 -23.26 -3.96 -14.16
C THR I 1015 -22.13 -3.00 -14.56
N ASN I 1016 -22.24 -1.73 -14.18
CA ASN I 1016 -21.19 -0.76 -14.37
C ASN I 1016 -20.24 -0.92 -13.22
N GLU I 1017 -19.04 -1.40 -13.50
CA GLU I 1017 -18.08 -1.65 -12.44
C GLU I 1017 -17.76 -0.46 -11.54
N ALA I 1018 -17.65 0.74 -12.12
CA ALA I 1018 -17.36 1.90 -11.29
C ALA I 1018 -18.47 2.19 -10.30
N PHE I 1019 -19.72 2.04 -10.75
CA PHE I 1019 -20.85 2.21 -9.87
C PHE I 1019 -20.88 1.15 -8.80
N HIS I 1020 -20.53 -0.08 -9.17
CA HIS I 1020 -20.49 -1.17 -8.22
C HIS I 1020 -19.50 -0.91 -7.10
N LYS I 1021 -18.36 -0.31 -7.43
CA LYS I 1021 -17.39 0.04 -6.41
C LYS I 1021 -17.91 1.08 -5.44
N VAL I 1022 -18.75 2.02 -5.91
CA VAL I 1022 -19.34 2.99 -5.01
C VAL I 1022 -20.25 2.32 -4.02
N GLN I 1023 -21.02 1.36 -4.51
CA GLN I 1023 -21.93 0.63 -3.67
C GLN I 1023 -21.21 -0.21 -2.63
N ASP I 1024 -20.07 -0.80 -2.99
CA ASP I 1024 -19.37 -1.55 -1.98
C ASP I 1024 -18.56 -0.74 -1.02
N ALA I 1025 -18.26 0.52 -1.34
CA ALA I 1025 -17.63 1.36 -0.32
C ALA I 1025 -18.60 1.59 0.82
N VAL I 1026 -19.88 1.79 0.47
CA VAL I 1026 -20.93 1.95 1.44
C VAL I 1026 -21.19 0.70 2.24
N ASN I 1027 -21.11 -0.46 1.59
CA ASN I 1027 -21.34 -1.72 2.25
C ASN I 1027 -20.27 -2.04 3.25
N ASN I 1028 -19.03 -1.67 2.96
CA ASN I 1028 -17.96 -1.94 3.90
C ASN I 1028 -18.11 -1.14 5.17
N ASN I 1029 -18.57 0.11 5.06
CA ASN I 1029 -18.76 0.90 6.25
C ASN I 1029 -19.87 0.37 7.12
N ALA I 1030 -20.98 -0.03 6.49
CA ALA I 1030 -22.09 -0.57 7.25
C ALA I 1030 -21.74 -1.86 7.96
N GLN I 1031 -20.97 -2.73 7.27
CA GLN I 1031 -20.58 -3.98 7.89
C GLN I 1031 -19.67 -3.82 9.08
N ALA I 1032 -18.76 -2.84 9.03
CA ALA I 1032 -17.88 -2.65 10.17
C ALA I 1032 -18.63 -2.30 11.43
N LEU I 1033 -19.64 -1.44 11.31
CA LEU I 1033 -20.45 -1.14 12.48
C LEU I 1033 -21.33 -2.29 12.94
N SER I 1034 -21.89 -3.04 11.98
CA SER I 1034 -22.76 -4.15 12.37
C SER I 1034 -22.03 -5.24 13.11
N LYS I 1035 -20.74 -5.42 12.84
CA LYS I 1035 -19.98 -6.42 13.57
C LYS I 1035 -19.92 -6.16 15.05
N LEU I 1036 -19.71 -4.90 15.43
CA LEU I 1036 -19.68 -4.56 16.84
C LEU I 1036 -21.03 -4.75 17.49
N ALA I 1037 -22.10 -4.44 16.74
CA ALA I 1037 -23.44 -4.61 17.29
C ALA I 1037 -23.78 -6.05 17.56
N SER I 1038 -23.40 -6.96 16.64
CA SER I 1038 -23.71 -8.36 16.85
C SER I 1038 -22.99 -8.96 18.04
N GLU I 1039 -21.81 -8.44 18.33
CA GLU I 1039 -21.04 -8.93 19.45
C GLU I 1039 -21.60 -8.55 20.81
N LEU I 1040 -22.54 -7.61 20.89
CA LEU I 1040 -23.12 -7.30 22.17
C LEU I 1040 -23.90 -8.49 22.75
N SER I 1041 -24.48 -9.31 21.86
CA SER I 1041 -25.21 -10.49 22.25
C SER I 1041 -24.37 -11.77 22.32
N ASN I 1042 -23.08 -11.67 22.02
CA ASN I 1042 -22.25 -12.85 21.97
C ASN I 1042 -21.69 -13.23 23.32
N THR I 1043 -22.17 -14.32 23.91
CA THR I 1043 -21.56 -14.77 25.15
C THR I 1043 -20.21 -15.37 24.84
N PHE I 1044 -19.34 -15.37 25.84
CA PHE I 1044 -18.02 -15.95 25.73
C PHE I 1044 -17.92 -17.21 26.58
N GLY I 1045 -19.05 -17.90 26.73
CA GLY I 1045 -19.23 -19.00 27.66
C GLY I 1045 -19.84 -18.49 28.97
N ALA I 1046 -20.03 -17.16 29.08
CA ALA I 1046 -20.74 -16.54 30.18
C ALA I 1046 -22.18 -17.02 30.21
N ILE I 1047 -22.77 -17.09 31.39
CA ILE I 1047 -24.15 -17.54 31.53
C ILE I 1047 -25.19 -16.73 30.75
N SER I 1048 -25.00 -15.43 30.60
CA SER I 1048 -25.91 -14.63 29.80
C SER I 1048 -25.23 -13.47 29.10
N ALA I 1049 -25.85 -13.02 28.02
CA ALA I 1049 -25.38 -11.87 27.27
C ALA I 1049 -25.66 -10.55 27.99
N SER I 1050 -26.56 -10.56 28.98
CA SER I 1050 -26.87 -9.33 29.71
C SER I 1050 -26.22 -9.32 31.05
N ILE I 1051 -25.52 -8.24 31.30
CA ILE I 1051 -24.85 -8.06 32.58
C ILE I 1051 -25.82 -7.86 33.71
N GLY I 1052 -26.89 -7.11 33.48
CA GLY I 1052 -27.85 -6.94 34.56
C GLY I 1052 -28.51 -8.25 34.94
N ASP I 1053 -28.75 -9.12 33.95
CA ASP I 1053 -29.32 -10.40 34.26
C ASP I 1053 -28.34 -11.33 34.95
N ILE I 1054 -27.07 -11.29 34.54
CA ILE I 1054 -26.11 -12.20 35.15
C ILE I 1054 -25.83 -11.79 36.59
N ILE I 1055 -25.95 -10.48 36.89
CA ILE I 1055 -25.86 -10.01 38.27
C ILE I 1055 -27.05 -10.45 39.08
N GLN I 1056 -28.24 -10.33 38.50
CA GLN I 1056 -29.47 -10.69 39.19
C GLN I 1056 -29.55 -12.15 39.59
N ARG I 1057 -29.00 -13.03 38.76
CA ARG I 1057 -29.05 -14.45 39.04
C ARG I 1057 -27.90 -15.04 39.84
N LEU I 1058 -26.89 -14.26 40.22
CA LEU I 1058 -25.74 -14.88 40.89
C LEU I 1058 -25.26 -14.31 42.21
N ASP I 1059 -24.82 -15.22 43.07
CA ASP I 1059 -24.13 -14.86 44.29
C ASP I 1059 -22.82 -14.21 43.87
N PRO I 1060 -22.38 -13.11 44.50
CA PRO I 1060 -21.22 -12.31 44.11
C PRO I 1060 -19.87 -13.01 43.90
N PRO I 1061 -19.46 -14.07 44.63
CA PRO I 1061 -18.25 -14.83 44.35
C PRO I 1061 -18.23 -15.47 42.97
N GLU I 1062 -19.41 -15.89 42.48
CA GLU I 1062 -19.48 -16.41 41.13
C GLU I 1062 -19.70 -15.34 40.11
N GLN I 1063 -20.48 -14.34 40.52
CA GLN I 1063 -20.88 -13.26 39.66
C GLN I 1063 -19.74 -12.50 39.08
N ASP I 1064 -18.73 -12.25 39.90
CA ASP I 1064 -17.58 -11.53 39.43
C ASP I 1064 -16.78 -12.31 38.42
N ALA I 1065 -16.66 -13.62 38.62
CA ALA I 1065 -15.91 -14.45 37.68
C ALA I 1065 -16.58 -14.51 36.32
N GLN I 1066 -17.91 -14.60 36.31
CA GLN I 1066 -18.64 -14.61 35.06
C GLN I 1066 -18.53 -13.33 34.29
N ILE I 1067 -18.59 -12.21 35.01
CA ILE I 1067 -18.46 -10.92 34.38
C ILE I 1067 -17.08 -10.71 33.81
N ASP I 1068 -16.04 -11.18 34.48
CA ASP I 1068 -14.71 -11.01 33.92
C ASP I 1068 -14.51 -11.79 32.64
N ARG I 1069 -15.11 -12.98 32.53
CA ARG I 1069 -15.04 -13.71 31.28
C ARG I 1069 -15.68 -12.94 30.14
N LEU I 1070 -16.83 -12.34 30.45
CA LEU I 1070 -17.56 -11.53 29.51
C LEU I 1070 -16.80 -10.25 29.10
N ILE I 1071 -16.16 -9.58 30.07
CA ILE I 1071 -15.38 -8.39 29.79
C ILE I 1071 -14.20 -8.62 28.91
N ASN I 1072 -13.51 -9.74 29.11
CA ASN I 1072 -12.34 -9.98 28.32
C ASN I 1072 -12.67 -10.23 26.87
N GLY I 1073 -13.74 -10.98 26.59
CA GLY I 1073 -14.11 -11.14 25.21
C GLY I 1073 -14.57 -9.84 24.55
N ARG I 1074 -15.23 -8.95 25.30
CA ARG I 1074 -15.66 -7.69 24.73
C ARG I 1074 -14.50 -6.78 24.39
N LEU I 1075 -13.47 -6.77 25.25
CA LEU I 1075 -12.29 -6.00 24.94
C LEU I 1075 -11.55 -6.54 23.75
N THR I 1076 -11.54 -7.87 23.58
CA THR I 1076 -10.88 -8.45 22.44
C THR I 1076 -11.54 -8.08 21.14
N THR I 1077 -12.88 -7.98 21.15
CA THR I 1077 -13.56 -7.52 19.95
C THR I 1077 -13.24 -6.10 19.60
N LEU I 1078 -13.13 -5.23 20.61
CA LEU I 1078 -12.76 -3.87 20.34
C LEU I 1078 -11.35 -3.73 19.82
N ASN I 1079 -10.45 -4.59 20.27
CA ASN I 1079 -9.09 -4.50 19.81
C ASN I 1079 -8.98 -4.90 18.37
N ALA I 1080 -9.71 -5.96 17.98
CA ALA I 1080 -9.73 -6.37 16.60
C ALA I 1080 -10.35 -5.31 15.71
N PHE I 1081 -11.40 -4.64 16.21
CA PHE I 1081 -12.03 -3.57 15.46
C PHE I 1081 -11.12 -2.41 15.19
N VAL I 1082 -10.32 -2.03 16.18
CA VAL I 1082 -9.39 -0.95 15.96
C VAL I 1082 -8.34 -1.28 14.97
N ALA I 1083 -7.83 -2.52 15.00
CA ALA I 1083 -6.84 -2.91 14.03
C ALA I 1083 -7.39 -2.86 12.62
N GLN I 1084 -8.65 -3.26 12.45
CA GLN I 1084 -9.26 -3.19 11.14
C GLN I 1084 -9.41 -1.78 10.64
N GLN I 1085 -9.77 -0.86 11.54
CA GLN I 1085 -9.89 0.53 11.15
C GLN I 1085 -8.60 1.17 10.77
N LEU I 1086 -7.51 0.80 11.45
CA LEU I 1086 -6.23 1.36 11.10
C LEU I 1086 -5.75 0.95 9.73
N VAL I 1087 -6.04 -0.31 9.34
CA VAL I 1087 -5.69 -0.75 8.01
C VAL I 1087 -6.48 -0.07 6.93
N ARG I 1088 -7.78 0.06 7.15
CA ARG I 1088 -8.61 0.71 6.17
C ARG I 1088 -8.31 2.17 6.01
N SER I 1089 -8.00 2.84 7.12
CA SER I 1089 -7.64 4.24 7.07
C SER I 1089 -6.41 4.49 6.25
N GLU I 1090 -5.43 3.59 6.35
CA GLU I 1090 -4.25 3.73 5.55
C GLU I 1090 -4.48 3.54 4.08
N SER I 1091 -5.29 2.54 3.72
CA SER I 1091 -5.53 2.35 2.31
C SER I 1091 -6.30 3.49 1.68
N ALA I 1092 -7.19 4.13 2.47
CA ALA I 1092 -7.91 5.27 1.96
C ALA I 1092 -7.01 6.45 1.73
N ALA I 1093 -6.02 6.65 2.61
CA ALA I 1093 -5.11 7.75 2.42
C ALA I 1093 -4.30 7.60 1.16
N LEU I 1094 -3.86 6.37 0.86
CA LEU I 1094 -3.13 6.14 -0.36
C LEU I 1094 -3.98 6.33 -1.59
N SER I 1095 -5.24 5.90 -1.50
CA SER I 1095 -6.18 6.10 -2.58
C SER I 1095 -6.46 7.57 -2.83
N ALA I 1096 -6.51 8.37 -1.76
CA ALA I 1096 -6.70 9.81 -1.91
C ALA I 1096 -5.52 10.46 -2.60
N GLN I 1097 -4.31 9.94 -2.38
CA GLN I 1097 -3.16 10.46 -3.11
C GLN I 1097 -3.25 10.21 -4.60
N LEU I 1098 -3.79 9.06 -4.98
CA LEU I 1098 -4.04 8.79 -6.39
C LEU I 1098 -5.04 9.74 -6.98
N ALA I 1099 -6.10 10.04 -6.23
CA ALA I 1099 -7.10 10.98 -6.71
C ALA I 1099 -6.54 12.35 -6.92
N LYS I 1100 -5.64 12.77 -6.03
CA LYS I 1100 -5.00 14.06 -6.16
C LYS I 1100 -4.18 14.17 -7.42
N ASP I 1101 -3.51 13.09 -7.79
CA ASP I 1101 -2.74 13.13 -9.00
C ASP I 1101 -3.60 13.17 -10.24
N LYS I 1102 -4.72 12.46 -10.24
CA LYS I 1102 -5.59 12.55 -11.40
C LYS I 1102 -6.25 13.89 -11.57
N VAL I 1103 -6.58 14.58 -10.48
CA VAL I 1103 -7.11 15.92 -10.64
C VAL I 1103 -6.08 16.87 -11.22
N ASN I 1104 -4.82 16.67 -10.87
CA ASN I 1104 -3.79 17.53 -11.41
C ASN I 1104 -3.18 17.04 -12.69
N GLU I 1105 -3.74 15.98 -13.28
CA GLU I 1105 -3.31 15.58 -14.59
C GLU I 1105 -4.48 15.46 -15.49
N CYS I 1106 -5.33 14.47 -15.23
CA CYS I 1106 -6.47 14.18 -16.08
C CYS I 1106 -7.61 15.20 -16.08
N VAL I 1107 -7.76 15.99 -15.02
CA VAL I 1107 -8.83 16.99 -15.03
C VAL I 1107 -8.36 18.35 -15.46
N LYS I 1108 -7.25 18.78 -14.90
CA LYS I 1108 -6.66 20.07 -15.23
C LYS I 1108 -5.81 20.11 -16.49
N ALA I 1109 -5.63 19.00 -17.20
CA ALA I 1109 -4.87 19.06 -18.44
C ALA I 1109 -5.23 17.94 -19.39
N GLN I 1110 -4.94 18.12 -20.66
CA GLN I 1110 -5.05 17.00 -21.57
C GLN I 1110 -3.89 16.07 -21.22
N SER I 1111 -4.06 14.75 -21.30
CA SER I 1111 -2.93 13.88 -21.00
C SER I 1111 -2.40 13.16 -22.22
N LYS I 1112 -1.08 13.11 -22.31
CA LYS I 1112 -0.39 12.41 -23.38
C LYS I 1112 0.06 11.02 -22.98
N ARG I 1113 -0.23 10.60 -21.76
CA ARG I 1113 0.35 9.38 -21.23
C ARG I 1113 -0.25 8.03 -21.61
N SER I 1114 -1.44 7.99 -22.20
CA SER I 1114 -2.16 6.70 -22.34
C SER I 1114 -2.32 6.19 -20.92
N GLY I 1115 -2.46 4.88 -20.78
CA GLY I 1115 -2.62 4.22 -19.50
C GLY I 1115 -3.00 5.09 -18.33
N PHE I 1116 -4.18 5.69 -18.38
CA PHE I 1116 -4.67 6.55 -17.31
C PHE I 1116 -5.92 7.33 -17.68
N CYS I 1117 -7.01 6.62 -17.98
CA CYS I 1117 -8.25 7.32 -18.34
C CYS I 1117 -8.90 6.22 -19.15
N GLY I 1118 -9.76 6.63 -20.05
CA GLY I 1118 -10.29 5.68 -21.00
C GLY I 1118 -9.26 5.41 -22.06
N GLN I 1119 -9.34 4.27 -22.70
CA GLN I 1119 -8.31 3.90 -23.65
C GLN I 1119 -8.61 4.42 -25.04
N GLY I 1120 -8.46 5.71 -25.21
CA GLY I 1120 -8.74 6.38 -26.46
C GLY I 1120 -8.08 7.74 -26.51
N THR I 1121 -6.78 7.80 -26.24
CA THR I 1121 -6.07 9.08 -26.15
C THR I 1121 -6.68 9.80 -24.96
N HIS I 1122 -6.61 11.11 -24.95
CA HIS I 1122 -7.34 11.80 -23.94
C HIS I 1122 -7.82 13.13 -24.46
N ILE I 1123 -8.97 13.50 -23.98
CA ILE I 1123 -9.67 14.72 -24.25
C ILE I 1123 -10.31 15.01 -22.89
N VAL I 1124 -10.99 16.13 -22.70
CA VAL I 1124 -11.43 16.56 -21.38
C VAL I 1124 -12.20 15.54 -20.54
N SER I 1125 -11.90 15.57 -19.25
CA SER I 1125 -12.48 14.70 -18.23
C SER I 1125 -13.12 15.54 -17.15
N PHE I 1126 -14.03 14.92 -16.40
CA PHE I 1126 -14.78 15.65 -15.40
C PHE I 1126 -14.81 14.89 -14.11
N VAL I 1127 -15.02 15.59 -13.00
CA VAL I 1127 -15.11 14.90 -11.73
C VAL I 1127 -16.27 15.39 -10.89
N VAL I 1128 -16.94 14.46 -10.23
CA VAL I 1128 -18.05 14.77 -9.34
C VAL I 1128 -17.91 14.05 -8.00
N ASN I 1129 -18.62 14.53 -7.00
CA ASN I 1129 -18.66 13.91 -5.68
C ASN I 1129 -19.42 12.60 -5.68
N ALA I 1130 -18.99 11.66 -4.86
CA ALA I 1130 -19.66 10.38 -4.69
C ALA I 1130 -19.48 10.05 -3.24
N PRO I 1131 -20.18 9.08 -2.67
CA PRO I 1131 -20.02 8.83 -1.27
C PRO I 1131 -18.59 8.42 -1.06
N ASN I 1132 -18.00 8.98 -0.03
CA ASN I 1132 -16.66 8.70 0.44
C ASN I 1132 -15.57 8.85 -0.63
N GLY I 1133 -15.73 9.70 -1.64
CA GLY I 1133 -14.72 9.73 -2.69
C GLY I 1133 -15.06 10.61 -3.86
N LEU I 1134 -14.25 10.49 -4.91
CA LEU I 1134 -14.48 11.21 -6.15
C LEU I 1134 -14.81 10.26 -7.26
N TYR I 1135 -15.69 10.68 -8.14
CA TYR I 1135 -16.09 9.87 -9.25
C TYR I 1135 -15.70 10.56 -10.54
N PHE I 1136 -14.91 9.89 -11.36
CA PHE I 1136 -14.41 10.52 -12.56
C PHE I 1136 -15.07 9.99 -13.81
N MET I 1137 -15.19 10.87 -14.78
CA MET I 1137 -15.67 10.50 -16.09
C MET I 1137 -14.65 10.93 -17.09
N HIS I 1138 -14.29 10.08 -18.02
CA HIS I 1138 -13.29 10.46 -18.99
C HIS I 1138 -13.81 10.37 -20.37
N VAL I 1139 -13.88 11.48 -21.08
CA VAL I 1139 -14.26 11.42 -22.47
C VAL I 1139 -13.07 10.88 -23.24
N GLY I 1140 -13.29 10.03 -24.22
CA GLY I 1140 -12.17 9.55 -25.00
C GLY I 1140 -12.55 9.37 -26.47
N TYR I 1141 -11.53 9.13 -27.27
CA TYR I 1141 -11.63 9.03 -28.71
C TYR I 1141 -11.41 7.62 -29.18
N TYR I 1142 -12.39 7.02 -29.83
CA TYR I 1142 -12.21 5.66 -30.26
C TYR I 1142 -12.21 5.56 -31.79
N PRO I 1143 -11.10 5.14 -32.39
CA PRO I 1143 -10.93 4.88 -33.80
C PRO I 1143 -11.80 3.73 -34.29
N SER I 1144 -12.22 3.79 -35.56
CA SER I 1144 -12.89 2.66 -36.19
C SER I 1144 -12.69 2.73 -37.69
N ASN I 1145 -13.04 1.64 -38.37
CA ASN I 1145 -12.98 1.56 -39.82
C ASN I 1145 -11.62 1.87 -40.42
N HIS I 1146 -10.62 1.21 -39.89
CA HIS I 1146 -9.25 1.37 -40.32
C HIS I 1146 -9.04 0.91 -41.75
N ILE I 1147 -8.25 1.67 -42.49
CA ILE I 1147 -7.89 1.30 -43.86
C ILE I 1147 -6.39 1.28 -43.99
N GLU I 1148 -5.88 0.52 -44.93
CA GLU I 1148 -4.43 0.49 -45.09
C GLU I 1148 -4.02 1.29 -46.30
N VAL I 1149 -2.99 2.12 -46.15
CA VAL I 1149 -2.50 2.91 -47.27
C VAL I 1149 -0.99 2.87 -47.45
N VAL I 1150 -0.54 3.20 -48.64
CA VAL I 1150 0.89 3.31 -48.92
C VAL I 1150 1.45 4.58 -48.32
N SER I 1151 2.62 4.49 -47.67
CA SER I 1151 3.22 5.68 -47.10
C SER I 1151 4.73 5.72 -47.24
N ALA I 1152 5.30 6.91 -47.18
CA ALA I 1152 6.74 7.06 -47.31
C ALA I 1152 7.36 7.69 -46.09
N TYR I 1153 8.59 7.29 -45.79
CA TYR I 1153 9.32 7.84 -44.66
C TYR I 1153 9.59 9.34 -44.78
N GLY I 1154 9.76 9.81 -46.01
CA GLY I 1154 9.97 11.21 -46.29
C GLY I 1154 10.14 11.45 -47.77
N LEU I 1155 10.33 12.71 -48.16
CA LEU I 1155 10.47 13.07 -49.54
C LEU I 1155 11.70 13.91 -49.79
N CYS I 1156 12.40 13.73 -50.90
CA CYS I 1156 13.50 14.57 -51.24
C CYS I 1156 13.49 15.01 -52.67
N ASP I 1157 14.13 16.18 -52.92
CA ASP I 1157 14.24 16.67 -54.31
C ASP I 1157 15.25 15.84 -55.08
N ALA I 1158 14.85 15.19 -56.18
CA ALA I 1158 15.85 14.39 -56.92
C ALA I 1158 16.97 15.23 -57.54
N ALA I 1159 16.66 16.47 -57.93
CA ALA I 1159 17.67 17.36 -58.52
C ALA I 1159 18.61 17.98 -57.49
N ASN I 1160 18.24 17.95 -56.22
CA ASN I 1160 19.06 18.53 -55.17
C ASN I 1160 18.91 17.75 -53.89
N PRO I 1161 19.74 16.72 -53.68
CA PRO I 1161 19.74 15.79 -52.55
C PRO I 1161 19.77 16.39 -51.15
N THR I 1162 20.16 17.66 -51.00
CA THR I 1162 20.18 18.25 -49.69
C THR I 1162 18.84 18.87 -49.27
N ASN I 1163 17.89 18.98 -50.17
CA ASN I 1163 16.57 19.47 -49.81
C ASN I 1163 15.73 18.33 -49.43
N CYS I 1164 15.53 17.98 -48.11
CA CYS I 1164 14.64 16.89 -47.83
C CYS I 1164 13.66 17.27 -46.73
N ILE I 1165 12.48 16.71 -46.75
CA ILE I 1165 11.44 17.00 -45.79
C ILE I 1165 10.79 15.77 -45.16
N ALA I 1166 10.17 15.96 -44.01
CA ALA I 1166 9.42 14.90 -43.37
C ALA I 1166 8.19 15.53 -42.71
N PRO I 1167 7.07 14.83 -42.66
CA PRO I 1167 5.82 15.35 -42.15
C PRO I 1167 5.87 15.63 -40.67
N VAL I 1168 5.12 16.63 -40.25
CA VAL I 1168 4.94 16.94 -38.85
C VAL I 1168 3.62 16.43 -38.36
N ASN I 1169 3.63 15.54 -37.37
CA ASN I 1169 2.42 15.04 -36.75
C ASN I 1169 1.43 14.46 -37.75
N GLY I 1170 1.93 13.64 -38.66
CA GLY I 1170 1.11 13.12 -39.72
C GLY I 1170 1.95 12.28 -40.64
N TYR I 1171 1.40 11.85 -41.75
CA TYR I 1171 2.17 11.02 -42.65
C TYR I 1171 2.05 11.44 -44.09
N PHE I 1172 3.06 11.07 -44.88
CA PHE I 1172 3.01 11.27 -46.31
C PHE I 1172 2.44 10.01 -46.91
N ILE I 1173 1.37 10.14 -47.67
CA ILE I 1173 0.74 8.98 -48.28
C ILE I 1173 0.61 9.14 -49.76
N LYS I 1174 0.57 8.02 -50.48
CA LYS I 1174 0.38 8.14 -51.91
C LYS I 1174 -1.03 8.70 -52.09
N THR I 1175 -1.23 9.64 -52.99
CA THR I 1175 -2.59 10.17 -53.06
C THR I 1175 -3.59 9.23 -53.67
N ASN I 1176 -4.74 9.16 -53.03
CA ASN I 1176 -5.91 8.48 -53.56
C ASN I 1176 -7.08 9.44 -53.70
N ASN I 1177 -6.79 10.75 -53.73
CA ASN I 1177 -7.87 11.76 -53.76
C ASN I 1177 -7.93 12.52 -55.07
N THR I 1178 -9.12 12.57 -55.68
CA THR I 1178 -9.32 13.22 -56.98
C THR I 1178 -9.14 14.73 -57.02
N ARG I 1179 -9.21 15.39 -55.87
CA ARG I 1179 -8.96 16.81 -55.78
C ARG I 1179 -7.47 17.17 -55.92
N ILE I 1180 -6.59 16.25 -55.53
CA ILE I 1180 -5.17 16.56 -55.49
C ILE I 1180 -4.37 16.00 -56.67
N VAL I 1181 -3.89 16.88 -57.53
CA VAL I 1181 -3.03 16.48 -58.66
C VAL I 1181 -1.63 15.98 -58.25
N ASP I 1182 -1.15 16.42 -57.08
CA ASP I 1182 0.16 16.04 -56.54
C ASP I 1182 0.24 14.56 -56.26
N GLU I 1183 1.39 13.96 -56.56
CA GLU I 1183 1.58 12.53 -56.36
C GLU I 1183 1.52 12.06 -54.90
N TRP I 1184 1.80 12.96 -53.96
CA TRP I 1184 1.81 12.63 -52.54
C TRP I 1184 0.91 13.58 -51.78
N SER I 1185 0.44 13.14 -50.62
CA SER I 1185 -0.45 13.96 -49.84
C SER I 1185 -0.23 13.76 -48.36
N TYR I 1186 -0.60 14.76 -47.59
CA TYR I 1186 -0.45 14.75 -46.15
C TYR I 1186 -1.73 14.35 -45.44
N THR I 1187 -1.63 13.52 -44.42
CA THR I 1187 -2.81 13.23 -43.61
C THR I 1187 -2.51 13.28 -42.13
N GLY I 1188 -3.57 13.46 -41.34
CA GLY I 1188 -3.50 13.50 -39.89
C GLY I 1188 -3.18 12.14 -39.32
N SER I 1189 -2.63 12.09 -38.11
CA SER I 1189 -2.34 10.78 -37.54
C SER I 1189 -3.52 10.13 -36.80
N SER I 1190 -4.51 10.92 -36.41
CA SER I 1190 -5.70 10.32 -35.79
C SER I 1190 -6.86 10.15 -36.74
N PHE I 1191 -6.79 10.73 -37.92
CA PHE I 1191 -7.93 10.63 -38.81
C PHE I 1191 -7.51 10.67 -40.26
N TYR I 1192 -8.09 9.82 -41.09
CA TYR I 1192 -7.71 9.88 -42.48
C TYR I 1192 -8.41 10.97 -43.25
N ALA I 1193 -7.60 11.84 -43.85
CA ALA I 1193 -8.08 12.86 -44.76
C ALA I 1193 -6.88 13.48 -45.46
N PRO I 1194 -6.73 13.31 -46.77
CA PRO I 1194 -5.66 13.88 -47.57
C PRO I 1194 -5.70 15.41 -47.63
N GLU I 1195 -4.52 15.99 -47.78
CA GLU I 1195 -4.37 17.41 -48.01
C GLU I 1195 -3.10 17.62 -48.79
N PRO I 1196 -2.94 18.71 -49.52
CA PRO I 1196 -1.74 19.04 -50.25
C PRO I 1196 -0.59 19.23 -49.29
N ILE I 1197 0.60 18.92 -49.75
CA ILE I 1197 1.74 19.11 -48.89
C ILE I 1197 2.21 20.54 -48.98
N THR I 1198 2.26 21.20 -47.84
CA THR I 1198 2.70 22.57 -47.76
C THR I 1198 3.63 22.73 -46.60
N SER I 1199 4.36 23.84 -46.57
CA SER I 1199 5.34 24.09 -45.52
C SER I 1199 4.81 24.05 -44.09
N LEU I 1200 3.52 24.34 -43.90
CA LEU I 1200 2.90 24.23 -42.58
C LEU I 1200 2.89 22.80 -42.03
N ASN I 1201 2.88 21.80 -42.93
CA ASN I 1201 2.83 20.42 -42.52
C ASN I 1201 4.16 19.70 -42.52
N THR I 1202 5.28 20.42 -42.73
CA THR I 1202 6.57 19.73 -42.86
C THR I 1202 7.69 20.35 -42.08
N LYS I 1203 8.75 19.59 -41.93
CA LYS I 1203 9.96 20.13 -41.36
C LYS I 1203 11.14 19.67 -42.19
N TYR I 1204 12.18 20.49 -42.25
CA TYR I 1204 13.35 20.06 -42.97
C TYR I 1204 14.14 19.08 -42.17
N VAL I 1205 14.63 18.04 -42.82
CA VAL I 1205 15.45 17.04 -42.17
C VAL I 1205 16.70 16.72 -42.95
N ALA I 1206 17.68 16.13 -42.26
CA ALA I 1206 18.84 15.62 -42.94
C ALA I 1206 18.39 14.52 -43.91
N PRO I 1207 19.04 14.36 -45.06
CA PRO I 1207 18.74 13.33 -46.05
C PRO I 1207 18.94 11.92 -45.52
N GLN I 1208 18.16 10.99 -46.05
CA GLN I 1208 18.27 9.59 -45.68
C GLN I 1208 17.96 8.74 -46.88
N VAL I 1209 18.59 7.57 -46.95
CA VAL I 1209 18.43 6.64 -48.07
C VAL I 1209 17.02 6.14 -48.37
N THR I 1210 16.13 6.15 -47.38
CA THR I 1210 14.77 5.68 -47.60
C THR I 1210 13.83 6.75 -48.13
N TYR I 1211 14.26 8.00 -48.17
CA TYR I 1211 13.38 9.04 -48.67
C TYR I 1211 13.16 8.89 -50.17
N GLN I 1212 11.94 9.17 -50.62
CA GLN I 1212 11.67 9.05 -52.05
C GLN I 1212 12.34 10.17 -52.83
N ASN I 1213 12.77 9.87 -54.04
CA ASN I 1213 13.30 10.93 -54.89
C ASN I 1213 12.21 11.50 -55.79
N ILE I 1214 11.87 12.78 -55.63
CA ILE I 1214 10.85 13.38 -56.49
C ILE I 1214 11.47 14.02 -57.70
N SER I 1215 11.17 13.47 -58.86
CA SER I 1215 11.69 14.00 -60.11
C SER I 1215 11.18 15.38 -60.53
N THR I 1216 9.97 15.78 -60.11
CA THR I 1216 9.44 17.08 -60.54
C THR I 1216 8.86 17.99 -59.45
N ASN I 1217 7.56 17.84 -59.21
CA ASN I 1217 6.76 18.74 -58.39
C ASN I 1217 6.70 18.52 -56.87
N LEU I 1218 7.38 19.39 -56.12
CA LEU I 1218 7.24 19.46 -54.66
C LEU I 1218 7.02 20.93 -54.31
N PRO I 1219 5.97 21.34 -53.59
CA PRO I 1219 5.82 22.76 -53.20
C PRO I 1219 6.76 23.30 -52.07
N PRO I 1220 7.14 22.49 -51.05
CA PRO I 1220 8.13 22.87 -49.94
C PRO I 1220 9.50 22.18 -49.94
N PRO I 1221 10.56 22.68 -50.58
CA PRO I 1221 10.76 23.88 -51.34
C PRO I 1221 10.18 23.72 -52.68
N LEU I 1222 9.73 24.82 -53.28
CA LEU I 1222 9.28 24.78 -54.66
C LEU I 1222 10.38 24.36 -55.62
N LEU I 1223 11.62 24.74 -55.28
CA LEU I 1223 12.78 24.43 -56.07
C LEU I 1223 13.50 23.22 -55.51
N TYR J 18 -57.52 -42.79 41.38
CA TYR J 18 -57.31 -42.71 39.93
C TYR J 18 -58.45 -41.97 39.25
N VAL J 19 -58.32 -41.79 37.94
CA VAL J 19 -59.31 -41.10 37.13
C VAL J 19 -60.65 -41.82 37.04
N ASP J 20 -61.75 -41.05 37.08
CA ASP J 20 -63.06 -41.66 36.95
C ASP J 20 -63.40 -41.94 35.49
N VAL J 21 -62.94 -43.09 35.03
CA VAL J 21 -63.15 -43.66 33.70
C VAL J 21 -64.60 -44.01 33.31
N GLY J 22 -65.51 -44.08 34.28
CA GLY J 22 -66.86 -44.51 33.97
C GLY J 22 -66.92 -46.04 34.03
N PRO J 23 -68.03 -46.63 33.59
CA PRO J 23 -68.31 -48.07 33.59
C PRO J 23 -67.33 -48.90 32.76
N ASP J 24 -67.16 -50.15 33.22
CA ASP J 24 -66.33 -51.15 32.57
C ASP J 24 -67.05 -51.69 31.33
N SER J 25 -66.35 -52.45 30.50
CA SER J 25 -66.99 -53.02 29.31
C SER J 25 -68.09 -54.02 29.69
N VAL J 26 -69.11 -54.14 28.84
CA VAL J 26 -70.23 -55.03 29.13
C VAL J 26 -70.22 -56.33 28.36
N LYS J 27 -70.13 -56.24 27.03
CA LYS J 27 -70.09 -57.44 26.20
C LYS J 27 -68.81 -58.18 26.46
N SER J 28 -68.86 -59.51 26.49
CA SER J 28 -67.60 -60.22 26.66
C SER J 28 -66.85 -60.36 25.34
N ALA J 29 -67.56 -60.87 24.33
CA ALA J 29 -66.99 -61.03 22.99
C ALA J 29 -66.64 -59.72 22.31
N CYS J 30 -65.57 -59.76 21.54
CA CYS J 30 -65.17 -58.67 20.67
C CYS J 30 -65.69 -58.96 19.27
N ILE J 31 -65.99 -57.90 18.51
CA ILE J 31 -66.29 -58.13 17.10
C ILE J 31 -65.00 -58.57 16.42
N GLU J 32 -65.10 -59.62 15.60
CA GLU J 32 -63.96 -60.19 14.93
C GLU J 32 -63.29 -59.23 13.97
N VAL J 33 -61.96 -59.30 13.96
CA VAL J 33 -61.15 -58.47 13.09
C VAL J 33 -60.42 -59.29 12.04
N ASP J 34 -60.92 -59.25 10.82
CA ASP J 34 -60.30 -59.89 9.66
C ASP J 34 -59.22 -58.98 9.07
N ILE J 35 -58.00 -59.47 8.91
CA ILE J 35 -56.99 -58.62 8.29
C ILE J 35 -57.01 -58.74 6.76
N GLN J 36 -57.28 -57.60 6.13
CA GLN J 36 -57.38 -57.41 4.69
C GLN J 36 -56.30 -56.51 4.09
N GLN J 37 -55.14 -56.45 4.75
CA GLN J 37 -54.06 -55.52 4.42
C GLN J 37 -53.59 -55.39 2.98
N THR J 38 -53.70 -56.42 2.15
CA THR J 38 -53.27 -56.27 0.76
C THR J 38 -54.15 -55.29 -0.04
N PHE J 39 -55.39 -55.05 0.40
CA PHE J 39 -56.28 -54.08 -0.21
C PHE J 39 -55.85 -52.65 0.03
N PHE J 40 -55.02 -52.43 1.05
CA PHE J 40 -54.60 -51.11 1.42
C PHE J 40 -53.26 -50.71 0.82
N ASP J 41 -52.68 -51.52 -0.06
CA ASP J 41 -51.43 -51.09 -0.63
C ASP J 41 -51.70 -50.04 -1.71
N LYS J 42 -51.27 -48.81 -1.46
CA LYS J 42 -51.41 -47.70 -2.40
C LYS J 42 -50.13 -46.89 -2.43
N THR J 43 -49.89 -46.16 -3.52
CA THR J 43 -48.71 -45.32 -3.60
C THR J 43 -49.09 -43.88 -3.90
N TRP J 44 -49.49 -43.16 -2.86
CA TRP J 44 -49.87 -41.76 -2.98
C TRP J 44 -48.93 -40.89 -2.14
N PRO J 45 -47.63 -40.83 -2.48
CA PRO J 45 -46.62 -40.15 -1.68
C PRO J 45 -46.84 -38.65 -1.58
N ARG J 46 -46.42 -38.06 -0.46
CA ARG J 46 -46.53 -36.64 -0.25
C ARG J 46 -45.27 -36.07 0.36
N PRO J 47 -44.22 -35.80 -0.42
CA PRO J 47 -42.98 -35.28 0.07
C PRO J 47 -43.15 -33.89 0.64
N ILE J 48 -42.31 -33.57 1.62
CA ILE J 48 -42.42 -32.25 2.23
C ILE J 48 -41.98 -31.14 1.29
N ASP J 49 -42.81 -30.12 1.16
CA ASP J 49 -42.39 -28.96 0.40
C ASP J 49 -41.96 -27.87 1.34
N VAL J 50 -40.67 -27.84 1.71
CA VAL J 50 -40.21 -26.81 2.64
C VAL J 50 -40.33 -25.38 2.11
N SER J 51 -40.37 -25.17 0.79
CA SER J 51 -40.61 -23.82 0.27
C SER J 51 -42.02 -23.31 0.59
N LYS J 52 -42.96 -24.22 0.90
CA LYS J 52 -44.30 -23.88 1.36
C LYS J 52 -44.42 -23.91 2.89
N ALA J 53 -43.30 -24.16 3.58
CA ALA J 53 -43.20 -24.33 5.03
C ALA J 53 -43.97 -25.56 5.52
N ASP J 54 -44.02 -26.62 4.72
CA ASP J 54 -44.75 -27.80 5.19
C ASP J 54 -44.09 -28.43 6.38
N GLY J 55 -44.87 -28.68 7.42
CA GLY J 55 -44.38 -29.41 8.59
C GLY J 55 -43.55 -28.57 9.54
N ILE J 56 -43.47 -27.25 9.34
CA ILE J 56 -42.65 -26.46 10.22
C ILE J 56 -43.31 -26.19 11.55
N ILE J 57 -42.59 -26.49 12.62
CA ILE J 57 -43.05 -26.15 13.94
C ILE J 57 -42.59 -24.76 14.23
N TYR J 58 -43.53 -23.88 14.52
CA TYR J 58 -43.20 -22.52 14.82
C TYR J 58 -42.37 -22.49 16.13
N PRO J 59 -41.33 -21.62 16.27
CA PRO J 59 -40.47 -21.53 17.45
C PRO J 59 -41.23 -21.18 18.72
N GLN J 60 -40.78 -21.69 19.86
CA GLN J 60 -41.53 -21.42 21.08
C GLN J 60 -41.15 -20.14 21.78
N GLY J 61 -42.18 -19.39 22.19
CA GLY J 61 -42.03 -18.21 23.03
C GLY J 61 -41.58 -16.96 22.30
N ARG J 62 -41.50 -17.00 20.97
CA ARG J 62 -41.02 -15.83 20.26
C ARG J 62 -41.70 -15.57 18.95
N THR J 63 -41.69 -14.31 18.57
CA THR J 63 -42.09 -14.01 17.24
C THR J 63 -41.19 -13.00 16.62
N TYR J 64 -41.29 -12.92 15.30
CA TYR J 64 -40.40 -12.10 14.52
C TYR J 64 -41.13 -11.31 13.45
N SER J 65 -40.45 -10.27 12.99
CA SER J 65 -40.83 -9.36 11.91
C SER J 65 -40.57 -10.03 10.58
N ASN J 66 -40.59 -9.26 9.48
CA ASN J 66 -40.39 -9.83 8.15
C ASN J 66 -38.93 -10.20 7.83
N ILE J 67 -38.00 -10.10 8.77
CA ILE J 67 -36.63 -10.54 8.66
C ILE J 67 -36.44 -12.05 8.52
N THR J 68 -35.48 -12.46 7.69
CA THR J 68 -35.10 -13.87 7.58
C THR J 68 -34.06 -14.25 8.63
N ILE J 69 -34.27 -15.36 9.35
CA ILE J 69 -33.24 -15.80 10.29
C ILE J 69 -32.91 -17.27 10.14
N THR J 70 -31.71 -17.67 10.52
CA THR J 70 -31.42 -19.09 10.63
C THR J 70 -32.10 -19.61 11.88
N TYR J 71 -32.43 -20.88 11.94
CA TYR J 71 -32.95 -21.43 13.17
C TYR J 71 -32.63 -22.91 13.31
N GLN J 72 -32.54 -23.39 14.53
CA GLN J 72 -32.31 -24.81 14.74
C GLN J 72 -33.35 -25.41 15.66
N GLY J 73 -33.87 -26.57 15.29
CA GLY J 73 -34.88 -27.23 16.10
C GLY J 73 -35.29 -28.54 15.45
N LEU J 74 -36.23 -29.25 16.03
CA LEU J 74 -36.64 -30.47 15.35
C LEU J 74 -37.48 -30.15 14.11
N PHE J 75 -37.16 -30.77 12.96
CA PHE J 75 -37.90 -30.61 11.70
C PHE J 75 -37.87 -31.89 10.85
N PRO J 76 -38.83 -32.10 9.95
CA PRO J 76 -38.84 -33.16 8.94
C PRO J 76 -37.76 -32.93 7.88
N TYR J 77 -37.22 -34.00 7.29
CA TYR J 77 -36.31 -33.82 6.15
C TYR J 77 -37.07 -33.31 4.95
N GLN J 78 -36.47 -32.43 4.15
CA GLN J 78 -37.16 -31.99 2.94
C GLN J 78 -37.51 -33.11 1.95
N GLY J 79 -36.67 -34.11 1.81
CA GLY J 79 -36.93 -35.17 0.86
C GLY J 79 -37.84 -36.32 1.34
N ASP J 80 -38.33 -36.28 2.58
CA ASP J 80 -39.11 -37.42 3.07
C ASP J 80 -40.53 -37.47 2.49
N HIS J 81 -40.86 -38.59 1.83
CA HIS J 81 -42.21 -38.87 1.29
C HIS J 81 -43.27 -39.22 2.35
N GLY J 82 -42.79 -39.63 3.52
CA GLY J 82 -43.60 -39.98 4.67
C GLY J 82 -44.07 -41.43 4.63
N ASP J 83 -44.84 -41.80 5.64
CA ASP J 83 -45.49 -43.09 5.72
C ASP J 83 -46.98 -42.85 5.54
N MET J 84 -47.66 -43.69 4.76
CA MET J 84 -49.08 -43.48 4.52
C MET J 84 -49.95 -44.55 5.11
N TYR J 85 -51.05 -44.13 5.72
CA TYR J 85 -52.02 -45.02 6.32
C TYR J 85 -53.42 -44.61 5.90
N VAL J 86 -54.31 -45.57 5.64
CA VAL J 86 -55.68 -45.20 5.28
C VAL J 86 -56.74 -45.96 6.08
N TYR J 87 -57.59 -45.22 6.81
CA TYR J 87 -58.75 -45.80 7.49
C TYR J 87 -59.85 -46.12 6.48
N SER J 88 -60.63 -47.18 6.72
CA SER J 88 -61.73 -47.50 5.82
C SER J 88 -62.90 -48.15 6.56
N ALA J 89 -64.04 -48.18 5.91
CA ALA J 89 -65.20 -48.90 6.42
C ALA J 89 -64.92 -50.41 6.48
N GLY J 90 -65.51 -51.07 7.47
CA GLY J 90 -65.43 -52.52 7.69
C GLY J 90 -66.43 -53.27 6.81
N HIS J 91 -66.60 -54.57 7.03
CA HIS J 91 -67.58 -55.29 6.24
C HIS J 91 -68.99 -55.06 6.73
N ALA J 92 -69.87 -54.91 5.76
CA ALA J 92 -71.28 -54.80 5.94
C ALA J 92 -71.92 -55.32 4.66
N THR J 93 -73.11 -55.90 4.77
CA THR J 93 -73.82 -56.33 3.57
C THR J 93 -75.29 -56.01 3.68
N GLY J 94 -75.98 -55.94 2.56
CA GLY J 94 -77.41 -55.72 2.64
C GLY J 94 -77.65 -54.38 3.33
N THR J 95 -78.52 -54.43 4.33
CA THR J 95 -78.83 -53.27 5.16
C THR J 95 -78.15 -53.28 6.53
N THR J 96 -77.24 -54.25 6.81
CA THR J 96 -76.64 -54.27 8.15
C THR J 96 -75.09 -54.42 8.20
N PRO J 97 -74.47 -54.06 9.34
CA PRO J 97 -73.06 -54.24 9.71
C PRO J 97 -72.70 -55.73 9.82
N GLN J 98 -71.42 -56.06 9.60
CA GLN J 98 -70.93 -57.44 9.73
C GLN J 98 -69.63 -57.47 10.56
N LYS J 99 -68.50 -57.93 9.98
CA LYS J 99 -67.25 -58.06 10.74
C LYS J 99 -66.20 -57.10 10.19
N LEU J 100 -65.25 -56.67 11.01
CA LEU J 100 -64.30 -55.72 10.49
C LEU J 100 -63.37 -56.34 9.45
N PHE J 101 -63.10 -55.57 8.39
CA PHE J 101 -62.11 -55.89 7.34
C PHE J 101 -61.11 -54.77 7.33
N VAL J 102 -60.00 -54.95 8.05
CA VAL J 102 -59.06 -53.86 8.24
C VAL J 102 -57.62 -54.18 7.95
N ALA J 103 -56.88 -53.11 7.83
CA ALA J 103 -55.45 -53.03 7.69
C ALA J 103 -54.73 -53.64 8.90
N ASN J 104 -53.48 -54.07 8.67
CA ASN J 104 -52.64 -54.72 9.68
C ASN J 104 -51.80 -53.75 10.50
N TYR J 105 -52.19 -52.46 10.53
CA TYR J 105 -51.42 -51.38 11.14
C TYR J 105 -51.07 -51.60 12.61
N SER J 106 -51.85 -52.41 13.35
CA SER J 106 -51.54 -52.74 14.74
C SER J 106 -50.18 -53.41 14.95
N GLN J 107 -49.67 -54.07 13.90
CA GLN J 107 -48.40 -54.76 13.95
C GLN J 107 -47.23 -53.85 13.60
N ASP J 108 -47.50 -52.61 13.17
CA ASP J 108 -46.44 -51.71 12.76
C ASP J 108 -45.83 -50.94 13.92
N VAL J 109 -45.02 -51.63 14.71
CA VAL J 109 -44.30 -51.02 15.81
C VAL J 109 -43.13 -50.21 15.29
N LYS J 110 -42.96 -48.99 15.78
CA LYS J 110 -41.82 -48.20 15.36
C LYS J 110 -41.05 -47.67 16.52
N GLN J 111 -39.76 -47.47 16.31
CA GLN J 111 -38.96 -46.86 17.34
C GLN J 111 -39.27 -45.38 17.37
N PHE J 112 -39.56 -44.85 18.55
CA PHE J 112 -39.79 -43.42 18.69
C PHE J 112 -38.48 -42.71 18.42
N ALA J 113 -38.51 -41.58 17.75
CA ALA J 113 -37.26 -40.92 17.43
C ALA J 113 -37.39 -39.41 17.42
N ASN J 114 -37.45 -38.84 18.60
CA ASN J 114 -37.57 -37.39 18.82
C ASN J 114 -38.80 -36.79 18.20
N GLY J 115 -39.91 -37.50 18.26
CA GLY J 115 -41.18 -36.99 17.82
C GLY J 115 -41.47 -37.24 16.35
N PHE J 116 -42.68 -36.85 15.98
CA PHE J 116 -43.13 -36.96 14.61
C PHE J 116 -44.19 -35.93 14.31
N VAL J 117 -44.45 -35.70 13.03
CA VAL J 117 -45.52 -34.79 12.66
C VAL J 117 -46.41 -35.46 11.67
N VAL J 118 -47.66 -35.03 11.57
CA VAL J 118 -48.53 -35.68 10.62
C VAL J 118 -49.30 -34.69 9.78
N ARG J 119 -49.76 -35.19 8.63
CA ARG J 119 -50.60 -34.42 7.75
C ARG J 119 -51.95 -35.08 7.72
N ILE J 120 -53.01 -34.30 7.90
CA ILE J 120 -54.33 -34.89 7.99
C ILE J 120 -55.32 -34.24 7.02
N GLY J 121 -56.03 -35.05 6.25
CA GLY J 121 -57.11 -34.54 5.40
C GLY J 121 -56.71 -33.89 4.09
N ALA J 122 -55.45 -34.02 3.67
CA ALA J 122 -54.98 -33.32 2.47
C ALA J 122 -55.67 -33.67 1.16
N ALA J 123 -56.30 -34.83 1.10
CA ALA J 123 -57.03 -35.25 -0.08
C ALA J 123 -58.51 -34.76 -0.11
N ALA J 124 -58.94 -33.95 0.85
CA ALA J 124 -60.32 -33.43 0.94
C ALA J 124 -60.78 -32.67 -0.32
N ASN J 125 -62.11 -32.73 -0.56
CA ASN J 125 -62.78 -32.18 -1.75
C ASN J 125 -62.21 -32.75 -3.04
N SER J 126 -62.10 -34.06 -3.08
CA SER J 126 -61.65 -34.84 -4.22
C SER J 126 -62.27 -36.19 -3.99
N THR J 127 -62.07 -37.13 -4.89
CA THR J 127 -62.68 -38.43 -4.70
C THR J 127 -61.61 -39.48 -4.77
N GLY J 128 -61.95 -40.63 -4.23
CA GLY J 128 -61.03 -41.74 -4.09
C GLY J 128 -61.80 -43.01 -4.26
N THR J 129 -61.41 -44.03 -3.53
CA THR J 129 -62.12 -45.29 -3.59
C THR J 129 -62.40 -45.80 -2.20
N VAL J 130 -63.35 -46.72 -2.12
CA VAL J 130 -63.74 -47.42 -0.90
C VAL J 130 -62.65 -48.29 -0.27
N ILE J 131 -61.65 -48.68 -1.07
CA ILE J 131 -60.51 -49.52 -0.73
C ILE J 131 -60.86 -50.98 -0.50
N ILE J 132 -61.66 -51.30 0.52
CA ILE J 132 -62.08 -52.67 0.72
C ILE J 132 -63.01 -53.22 -0.39
N SER J 133 -63.74 -52.32 -1.05
CA SER J 133 -64.61 -52.62 -2.18
C SER J 133 -64.53 -51.44 -3.15
N PRO J 134 -63.31 -51.11 -3.56
CA PRO J 134 -62.91 -49.87 -4.24
C PRO J 134 -63.62 -49.49 -5.53
N SER J 135 -64.25 -50.44 -6.22
CA SER J 135 -64.95 -50.16 -7.46
C SER J 135 -66.08 -49.12 -7.35
N THR J 136 -66.64 -48.91 -6.15
CA THR J 136 -67.68 -47.91 -5.93
C THR J 136 -67.23 -46.47 -6.15
N SER J 137 -65.92 -46.18 -5.97
CA SER J 137 -65.33 -44.86 -6.20
C SER J 137 -65.93 -43.71 -5.37
N ALA J 138 -66.21 -43.96 -4.08
CA ALA J 138 -66.78 -42.95 -3.18
C ALA J 138 -65.89 -41.70 -2.99
N THR J 139 -66.54 -40.55 -2.77
CA THR J 139 -65.86 -39.30 -2.46
C THR J 139 -65.18 -39.40 -1.10
N ILE J 140 -64.09 -38.64 -0.90
CA ILE J 140 -63.35 -38.75 0.35
C ILE J 140 -63.41 -37.53 1.24
N ARG J 141 -63.35 -37.79 2.56
CA ARG J 141 -63.43 -36.73 3.57
C ARG J 141 -62.39 -36.91 4.67
N LYS J 142 -62.03 -35.83 5.37
CA LYS J 142 -61.03 -35.95 6.43
C LYS J 142 -61.47 -36.83 7.61
N ILE J 143 -60.52 -37.63 8.12
CA ILE J 143 -60.76 -38.42 9.31
C ILE J 143 -59.55 -38.30 10.24
N TYR J 144 -59.79 -38.12 11.53
CA TYR J 144 -58.68 -38.03 12.46
C TYR J 144 -58.06 -39.39 12.86
N PRO J 145 -56.73 -39.48 12.96
CA PRO J 145 -55.91 -40.61 13.41
C PRO J 145 -56.03 -40.97 14.89
N ALA J 146 -55.79 -42.23 15.22
CA ALA J 146 -55.69 -42.65 16.62
C ALA J 146 -54.28 -43.22 16.87
N PHE J 147 -53.73 -43.01 18.08
CA PHE J 147 -52.35 -43.45 18.34
C PHE J 147 -52.10 -44.10 19.68
N MET J 148 -51.06 -44.93 19.77
CA MET J 148 -50.64 -45.45 21.06
C MET J 148 -49.13 -45.30 21.25
N LEU J 149 -48.70 -44.77 22.40
CA LEU J 149 -47.25 -44.55 22.64
C LEU J 149 -46.78 -45.11 23.98
N GLY J 150 -45.54 -45.56 24.08
CA GLY J 150 -45.09 -46.02 25.40
C GLY J 150 -43.62 -46.41 25.46
N SER J 151 -43.17 -46.81 26.66
CA SER J 151 -41.78 -47.20 26.84
C SER J 151 -41.43 -48.64 26.48
N SER J 152 -42.41 -49.54 26.36
CA SER J 152 -42.07 -50.89 25.96
C SER J 152 -43.20 -51.62 25.23
N VAL J 153 -42.78 -52.58 24.39
CA VAL J 153 -43.69 -53.43 23.62
C VAL J 153 -43.30 -54.90 23.74
N GLY J 154 -44.22 -55.79 23.39
CA GLY J 154 -43.94 -57.22 23.41
C GLY J 154 -45.08 -58.06 22.86
N ASN J 155 -44.94 -59.36 23.10
CA ASN J 155 -45.86 -60.35 22.58
C ASN J 155 -47.25 -60.23 23.20
N PHE J 156 -48.26 -60.45 22.38
CA PHE J 156 -49.56 -60.89 22.88
C PHE J 156 -49.42 -62.36 23.15
N SER J 157 -50.24 -62.94 24.04
CA SER J 157 -50.15 -64.38 24.32
C SER J 157 -50.25 -65.30 23.06
N ASP J 158 -50.87 -64.82 21.97
CA ASP J 158 -50.91 -65.52 20.68
C ASP J 158 -49.70 -65.25 19.76
N GLY J 159 -48.69 -64.53 20.29
CA GLY J 159 -47.47 -64.15 19.55
C GLY J 159 -47.62 -62.92 18.67
N LYS J 160 -48.75 -62.22 18.74
CA LYS J 160 -48.96 -61.02 17.94
C LYS J 160 -48.08 -59.88 18.46
N MET J 161 -47.60 -59.04 17.56
CA MET J 161 -46.76 -57.88 17.91
C MET J 161 -47.46 -56.71 18.58
N GLY J 162 -46.66 -55.93 19.30
CA GLY J 162 -47.09 -54.65 19.85
C GLY J 162 -47.86 -54.55 21.15
N ARG J 163 -48.02 -55.61 21.93
CA ARG J 163 -48.70 -55.35 23.19
C ARG J 163 -47.85 -54.38 24.01
N PHE J 164 -48.47 -53.39 24.63
CA PHE J 164 -47.72 -52.43 25.44
C PHE J 164 -47.65 -52.83 26.89
N PHE J 165 -46.57 -52.41 27.53
CA PHE J 165 -46.40 -52.70 28.95
C PHE J 165 -46.62 -51.49 29.84
N ASN J 166 -46.99 -51.79 31.08
CA ASN J 166 -47.27 -50.81 32.12
C ASN J 166 -48.28 -49.77 31.65
N HIS J 167 -47.88 -48.50 31.61
CA HIS J 167 -48.81 -47.46 31.22
C HIS J 167 -48.51 -46.98 29.83
N THR J 168 -49.55 -46.66 29.08
CA THR J 168 -49.32 -46.14 27.74
C THR J 168 -50.18 -44.94 27.45
N LEU J 169 -49.72 -44.13 26.51
CA LEU J 169 -50.53 -43.03 26.04
C LEU J 169 -51.56 -43.53 25.08
N VAL J 170 -52.75 -42.98 25.16
CA VAL J 170 -53.76 -43.30 24.17
C VAL J 170 -54.35 -42.01 23.66
N LEU J 171 -54.37 -41.86 22.34
CA LEU J 171 -55.01 -40.70 21.77
C LEU J 171 -56.10 -41.14 20.84
N LEU J 172 -57.34 -40.82 21.17
CA LEU J 172 -58.39 -41.15 20.23
C LEU J 172 -59.46 -40.08 20.16
N PRO J 173 -59.91 -39.74 18.96
CA PRO J 173 -61.13 -38.99 18.69
C PRO J 173 -62.33 -39.84 19.07
N ASP J 174 -63.44 -39.24 19.47
CA ASP J 174 -64.64 -40.06 19.66
C ASP J 174 -65.72 -39.75 18.70
N GLY J 175 -66.19 -40.77 17.99
CA GLY J 175 -67.28 -40.51 17.07
C GLY J 175 -66.81 -39.55 16.00
N CYS J 176 -67.60 -38.49 15.81
CA CYS J 176 -67.28 -37.38 14.92
C CYS J 176 -66.08 -36.63 15.48
N GLY J 177 -65.30 -36.05 14.57
CA GLY J 177 -64.02 -35.40 14.89
C GLY J 177 -64.02 -34.24 15.90
N THR J 178 -65.18 -33.76 16.35
CA THR J 178 -65.27 -32.68 17.31
C THR J 178 -64.76 -33.00 18.73
N LEU J 179 -64.60 -34.27 19.09
CA LEU J 179 -64.08 -34.55 20.43
C LEU J 179 -62.82 -35.38 20.39
N LEU J 180 -61.81 -34.93 21.15
CA LEU J 180 -60.55 -35.64 21.27
C LEU J 180 -60.23 -35.96 22.72
N ARG J 181 -59.77 -37.19 22.98
CA ARG J 181 -59.38 -37.54 24.34
C ARG J 181 -57.95 -38.04 24.44
N ALA J 182 -57.31 -37.74 25.57
CA ALA J 182 -55.97 -38.23 25.84
C ALA J 182 -55.99 -39.04 27.11
N PHE J 183 -55.22 -40.12 27.16
CA PHE J 183 -55.14 -40.94 28.38
C PHE J 183 -53.76 -41.38 28.73
N TYR J 184 -53.49 -41.58 30.01
CA TYR J 184 -52.29 -42.31 30.38
C TYR J 184 -52.84 -43.42 31.27
N CYS J 185 -52.75 -44.68 30.77
CA CYS J 185 -53.43 -45.69 31.56
C CYS J 185 -52.84 -47.05 31.44
N ILE J 186 -53.19 -48.00 32.32
CA ILE J 186 -52.77 -49.42 32.09
C ILE J 186 -53.86 -50.20 31.32
N LEU J 187 -53.52 -50.71 30.12
CA LEU J 187 -54.50 -51.55 29.42
C LEU J 187 -54.67 -52.93 30.06
N GLU J 188 -55.88 -53.49 30.04
CA GLU J 188 -56.09 -54.84 30.54
C GLU J 188 -56.64 -55.77 29.45
N PRO J 189 -56.04 -56.96 29.25
CA PRO J 189 -56.45 -58.03 28.34
C PRO J 189 -57.81 -58.57 28.72
N ARG J 190 -58.56 -59.07 27.75
CA ARG J 190 -59.89 -59.57 28.05
C ARG J 190 -60.03 -61.01 27.57
N SER J 191 -60.78 -61.81 28.32
CA SER J 191 -60.96 -63.25 28.05
C SER J 191 -62.05 -63.63 27.05
N GLY J 192 -62.70 -62.63 26.46
CA GLY J 192 -63.77 -62.84 25.50
C GLY J 192 -63.30 -63.41 24.17
N ASN J 193 -64.25 -63.87 23.37
CA ASN J 193 -63.92 -64.40 22.07
C ASN J 193 -63.38 -63.27 21.22
N HIS J 194 -62.27 -63.53 20.53
CA HIS J 194 -61.55 -62.54 19.74
C HIS J 194 -61.03 -61.41 20.60
N CYS J 195 -60.44 -61.73 21.76
CA CYS J 195 -59.96 -60.64 22.59
C CYS J 195 -58.60 -61.09 23.13
N PRO J 196 -57.75 -60.19 23.65
CA PRO J 196 -56.34 -60.44 23.95
C PRO J 196 -55.95 -61.59 24.88
N ALA J 197 -56.76 -61.92 25.90
CA ALA J 197 -56.43 -63.09 26.70
C ALA J 197 -56.93 -64.41 26.06
N GLY J 198 -57.86 -64.30 25.10
CA GLY J 198 -58.42 -65.43 24.37
C GLY J 198 -57.40 -66.00 23.39
N ASN J 199 -57.59 -67.26 22.98
CA ASN J 199 -56.71 -67.79 21.95
C ASN J 199 -57.32 -67.64 20.55
N SER J 200 -58.49 -66.99 20.47
CA SER J 200 -59.16 -66.65 19.21
C SER J 200 -58.84 -65.23 18.71
N TYR J 201 -57.95 -64.53 19.40
CA TYR J 201 -57.55 -63.18 19.04
C TYR J 201 -56.82 -63.12 17.71
N THR J 202 -57.15 -62.10 16.92
CA THR J 202 -56.46 -61.86 15.65
C THR J 202 -55.65 -60.60 15.85
N SER J 203 -56.31 -59.47 15.73
CA SER J 203 -55.68 -58.20 16.01
C SER J 203 -56.64 -57.17 16.57
N PHE J 204 -56.11 -56.33 17.42
CA PHE J 204 -56.80 -55.19 17.95
C PHE J 204 -57.22 -54.17 16.90
N ALA J 205 -58.43 -53.63 17.07
CA ALA J 205 -58.96 -52.57 16.23
C ALA J 205 -60.01 -51.81 17.00
N THR J 206 -60.37 -50.61 16.54
CA THR J 206 -61.44 -49.85 17.19
C THR J 206 -62.42 -49.40 16.15
N TYR J 207 -63.61 -49.01 16.57
CA TYR J 207 -64.59 -48.66 15.56
C TYR J 207 -65.61 -47.61 15.98
N HIS J 208 -66.25 -47.08 14.94
CA HIS J 208 -67.31 -46.09 15.03
C HIS J 208 -68.53 -46.61 14.30
N THR J 209 -69.73 -46.39 14.83
CA THR J 209 -70.94 -46.90 14.19
C THR J 209 -71.93 -45.79 13.91
N PRO J 210 -71.72 -44.97 12.87
CA PRO J 210 -72.50 -43.78 12.47
C PRO J 210 -73.98 -44.03 12.21
N ALA J 211 -74.40 -45.29 12.03
CA ALA J 211 -75.81 -45.58 11.90
C ALA J 211 -76.60 -45.19 13.16
N THR J 212 -75.97 -45.28 14.35
CA THR J 212 -76.61 -44.82 15.58
C THR J 212 -75.79 -43.73 16.29
N ASP J 213 -74.52 -43.63 15.95
CA ASP J 213 -73.60 -42.63 16.50
C ASP J 213 -73.76 -41.31 15.75
N CYS J 214 -73.18 -40.25 16.30
CA CYS J 214 -73.17 -38.96 15.60
C CYS J 214 -74.51 -38.37 15.17
N SER J 215 -75.50 -38.37 16.07
CA SER J 215 -76.76 -37.68 15.75
C SER J 215 -76.46 -36.20 15.67
N ASP J 216 -77.14 -35.46 14.80
CA ASP J 216 -76.82 -34.03 14.73
C ASP J 216 -77.21 -33.24 15.98
N GLY J 217 -78.26 -33.66 16.69
CA GLY J 217 -78.58 -33.02 17.95
C GLY J 217 -77.91 -33.69 19.17
N ASN J 218 -77.16 -34.78 18.95
CA ASN J 218 -76.53 -35.50 20.04
C ASN J 218 -75.38 -36.36 19.55
N TYR J 219 -74.23 -35.76 19.26
CA TYR J 219 -73.12 -36.57 18.79
C TYR J 219 -72.67 -37.51 19.89
N ASN J 220 -72.30 -38.74 19.53
CA ASN J 220 -71.94 -39.67 20.59
C ASN J 220 -70.50 -39.49 21.00
N ARG J 221 -70.36 -38.73 22.07
CA ARG J 221 -69.08 -38.42 22.68
C ARG J 221 -68.32 -39.60 23.27
N ASN J 222 -68.99 -40.69 23.59
CA ASN J 222 -68.27 -41.86 24.08
C ASN J 222 -68.10 -42.96 23.03
N ALA J 223 -68.42 -42.68 21.75
CA ALA J 223 -68.46 -43.77 20.75
C ALA J 223 -67.19 -44.55 20.51
N SER J 224 -66.05 -43.87 20.39
CA SER J 224 -64.87 -44.64 20.08
C SER J 224 -64.23 -45.21 21.32
N LEU J 225 -64.40 -44.52 22.44
CA LEU J 225 -63.90 -45.02 23.70
C LEU J 225 -64.58 -46.27 24.14
N ASN J 226 -65.88 -46.39 23.88
CA ASN J 226 -66.55 -47.60 24.26
C ASN J 226 -66.10 -48.76 23.40
N SER J 227 -65.93 -48.53 22.08
CA SER J 227 -65.41 -49.62 21.28
C SER J 227 -63.97 -49.98 21.66
N PHE J 228 -63.19 -49.00 22.15
CA PHE J 228 -61.86 -49.27 22.65
C PHE J 228 -61.89 -50.16 23.90
N LYS J 229 -62.86 -49.89 24.79
CA LYS J 229 -63.05 -50.65 26.03
C LYS J 229 -63.41 -52.10 25.80
N GLU J 230 -64.07 -52.37 24.67
CA GLU J 230 -64.39 -53.75 24.35
C GLU J 230 -63.18 -54.64 24.06
N TYR J 231 -62.01 -54.07 23.76
CA TYR J 231 -60.82 -54.87 23.53
C TYR J 231 -59.85 -54.78 24.70
N PHE J 232 -59.79 -53.61 25.35
CA PHE J 232 -58.98 -53.51 26.57
C PHE J 232 -59.72 -52.82 27.69
N ASN J 233 -59.81 -53.45 28.84
CA ASN J 233 -60.44 -52.76 29.95
C ASN J 233 -59.46 -51.70 30.47
N LEU J 234 -59.93 -50.50 30.74
CA LEU J 234 -59.01 -49.53 31.32
C LEU J 234 -58.75 -49.85 32.78
N ARG J 235 -57.50 -49.71 33.24
CA ARG J 235 -57.19 -49.88 34.66
C ARG J 235 -56.17 -48.87 35.11
N ASN J 236 -56.27 -48.34 36.34
CA ASN J 236 -55.24 -47.43 36.85
C ASN J 236 -55.00 -46.27 35.89
N CYS J 237 -56.07 -45.59 35.51
CA CYS J 237 -55.77 -44.49 34.59
C CYS J 237 -55.25 -43.36 35.44
N THR J 238 -54.12 -42.78 35.09
CA THR J 238 -53.64 -41.72 35.93
C THR J 238 -53.91 -40.35 35.38
N PHE J 239 -54.16 -40.28 34.08
CA PHE J 239 -54.55 -38.99 33.53
C PHE J 239 -55.60 -39.12 32.47
N MET J 240 -56.46 -38.12 32.37
CA MET J 240 -57.34 -38.01 31.24
C MET J 240 -57.51 -36.54 30.89
N TYR J 241 -57.59 -36.25 29.59
CA TYR J 241 -57.85 -34.88 29.15
C TYR J 241 -58.77 -34.91 27.97
N THR J 242 -59.50 -33.81 27.73
CA THR J 242 -60.30 -33.76 26.53
C THR J 242 -60.07 -32.43 25.85
N TYR J 243 -60.39 -32.37 24.55
CA TYR J 243 -60.24 -31.12 23.81
C TYR J 243 -61.40 -30.90 22.87
N ASN J 244 -61.64 -29.64 22.54
CA ASN J 244 -62.73 -29.29 21.65
C ASN J 244 -62.23 -28.94 20.25
N ILE J 245 -62.86 -29.58 19.28
CA ILE J 245 -62.59 -29.47 17.86
C ILE J 245 -63.90 -29.13 17.15
N THR J 246 -63.85 -28.42 16.03
CA THR J 246 -65.10 -28.20 15.31
C THR J 246 -64.87 -28.72 13.91
N GLU J 247 -65.95 -29.04 13.19
CA GLU J 247 -65.71 -29.63 11.88
C GLU J 247 -65.10 -28.66 10.91
N ASP J 248 -64.16 -29.17 10.13
CA ASP J 248 -63.52 -28.38 9.10
C ASP J 248 -62.81 -29.29 8.10
N GLU J 249 -63.24 -29.36 6.86
CA GLU J 249 -62.52 -30.20 5.88
C GLU J 249 -61.10 -29.74 5.47
N ILE J 250 -60.69 -28.52 5.87
CA ILE J 250 -59.36 -27.97 5.59
C ILE J 250 -58.24 -28.81 6.17
N LEU J 251 -57.14 -28.88 5.40
CA LEU J 251 -55.95 -29.65 5.72
C LEU J 251 -55.40 -29.22 7.06
N GLU J 252 -54.92 -30.16 7.85
CA GLU J 252 -54.49 -29.83 9.19
C GLU J 252 -53.20 -30.48 9.58
N TRP J 253 -52.42 -29.77 10.37
CA TRP J 253 -51.17 -30.32 10.85
C TRP J 253 -51.23 -30.59 12.34
N PHE J 254 -50.58 -31.67 12.74
CA PHE J 254 -50.52 -32.07 14.13
C PHE J 254 -49.20 -32.72 14.46
N GLY J 255 -48.74 -32.62 15.71
CA GLY J 255 -47.55 -33.40 16.00
C GLY J 255 -47.22 -33.52 17.46
N ILE J 256 -46.23 -34.37 17.71
CA ILE J 256 -45.79 -34.70 19.06
C ILE J 256 -44.31 -34.64 19.27
N THR J 257 -43.88 -34.01 20.37
CA THR J 257 -42.47 -34.07 20.75
C THR J 257 -42.40 -34.40 22.21
N GLN J 258 -41.23 -34.80 22.69
CA GLN J 258 -41.08 -35.03 24.10
C GLN J 258 -39.81 -34.40 24.63
N THR J 259 -39.94 -33.78 25.78
CA THR J 259 -38.88 -33.06 26.46
C THR J 259 -38.89 -33.47 27.91
N ALA J 260 -37.88 -33.05 28.66
CA ALA J 260 -37.83 -33.28 30.11
C ALA J 260 -39.03 -32.64 30.89
N GLN J 261 -39.78 -31.72 30.24
CA GLN J 261 -40.99 -31.09 30.74
C GLN J 261 -42.24 -31.95 30.44
N GLY J 262 -42.06 -33.08 29.77
CA GLY J 262 -43.14 -33.96 29.37
C GLY J 262 -43.49 -33.76 27.90
N VAL J 263 -44.47 -34.53 27.45
CA VAL J 263 -44.92 -34.51 26.07
C VAL J 263 -45.60 -33.21 25.67
N HIS J 264 -45.31 -32.76 24.45
CA HIS J 264 -45.92 -31.55 23.93
C HIS J 264 -46.78 -31.89 22.73
N LEU J 265 -47.93 -31.24 22.63
CA LEU J 265 -48.81 -31.44 21.51
C LEU J 265 -48.89 -30.18 20.67
N PHE J 266 -48.90 -30.35 19.36
CA PHE J 266 -48.93 -29.19 18.51
C PHE J 266 -50.00 -29.31 17.48
N SER J 267 -50.56 -28.19 17.11
CA SER J 267 -51.51 -28.20 16.02
C SER J 267 -51.51 -26.89 15.31
N SER J 268 -51.87 -26.94 14.05
CA SER J 268 -52.02 -25.70 13.32
C SER J 268 -53.40 -25.09 13.47
N ARG J 269 -54.38 -25.88 13.90
CA ARG J 269 -55.76 -25.41 13.91
C ARG J 269 -56.10 -24.28 14.84
N TYR J 270 -55.56 -24.31 16.05
CA TYR J 270 -55.89 -23.31 17.04
C TYR J 270 -55.46 -21.88 16.71
N VAL J 271 -54.31 -21.75 16.05
CA VAL J 271 -53.75 -20.43 15.73
C VAL J 271 -53.68 -20.06 14.26
N ASP J 272 -53.22 -20.99 13.43
CA ASP J 272 -52.92 -20.71 12.04
C ASP J 272 -53.59 -21.66 11.10
N LEU J 273 -54.92 -21.72 11.20
CA LEU J 273 -55.72 -22.63 10.41
C LEU J 273 -55.48 -22.59 8.91
N TYR J 274 -55.17 -21.43 8.36
CA TYR J 274 -54.97 -21.38 6.94
C TYR J 274 -53.50 -21.48 6.50
N GLY J 275 -52.58 -20.88 7.26
CA GLY J 275 -51.16 -20.98 6.90
C GLY J 275 -50.51 -22.35 7.16
N GLY J 276 -51.07 -23.11 8.11
CA GLY J 276 -50.60 -24.45 8.44
C GLY J 276 -49.38 -24.55 9.39
N ASN J 277 -48.90 -23.43 9.96
CA ASN J 277 -47.77 -23.55 10.90
C ASN J 277 -48.22 -24.13 12.22
N MET J 278 -47.46 -25.07 12.78
CA MET J 278 -47.84 -25.61 14.09
C MET J 278 -47.59 -24.67 15.24
N PHE J 279 -48.43 -24.76 16.26
CA PHE J 279 -48.25 -24.01 17.50
C PHE J 279 -48.47 -24.90 18.71
N GLN J 280 -47.94 -24.46 19.85
CA GLN J 280 -47.99 -25.28 21.08
C GLN J 280 -49.36 -25.33 21.70
N PHE J 281 -50.17 -26.25 21.19
CA PHE J 281 -51.53 -26.42 21.63
C PHE J 281 -51.75 -26.90 23.07
N ALA J 282 -50.97 -27.88 23.50
CA ALA J 282 -51.17 -28.44 24.83
C ALA J 282 -49.93 -29.16 25.33
N THR J 283 -49.86 -29.43 26.63
CA THR J 283 -48.75 -30.26 27.12
C THR J 283 -49.30 -31.33 28.01
N LEU J 284 -48.51 -32.38 28.23
CA LEU J 284 -48.94 -33.47 29.08
C LEU J 284 -47.93 -33.69 30.21
N PRO J 285 -48.42 -34.04 31.42
CA PRO J 285 -47.70 -34.31 32.67
C PRO J 285 -46.78 -35.52 32.69
N VAL J 286 -46.91 -36.42 31.72
CA VAL J 286 -46.13 -37.66 31.77
C VAL J 286 -44.64 -37.42 31.56
N TYR J 287 -43.82 -37.98 32.45
CA TYR J 287 -42.38 -37.83 32.31
C TYR J 287 -41.66 -39.10 31.85
N ASP J 288 -42.40 -40.17 31.64
CA ASP J 288 -41.81 -41.42 31.18
C ASP J 288 -41.32 -41.27 29.75
N THR J 289 -40.10 -41.72 29.47
CA THR J 289 -39.60 -41.63 28.10
C THR J 289 -40.37 -42.53 27.16
N ILE J 290 -40.73 -42.02 25.99
CA ILE J 290 -41.40 -42.85 25.01
C ILE J 290 -40.37 -43.54 24.16
N LYS J 291 -40.41 -44.86 24.10
CA LYS J 291 -39.47 -45.58 23.27
C LYS J 291 -40.11 -46.17 22.04
N TYR J 292 -41.44 -46.31 22.05
CA TYR J 292 -42.12 -46.89 20.92
C TYR J 292 -43.37 -46.17 20.52
N TYR J 293 -43.70 -46.34 19.26
CA TYR J 293 -44.84 -45.71 18.66
C TYR J 293 -45.63 -46.61 17.72
N SER J 294 -46.95 -46.53 17.80
CA SER J 294 -47.77 -47.24 16.83
C SER J 294 -49.07 -46.51 16.55
N ILE J 295 -49.68 -46.83 15.43
CA ILE J 295 -50.98 -46.30 15.06
C ILE J 295 -52.09 -47.28 15.37
N ILE J 296 -53.14 -46.81 16.02
CA ILE J 296 -54.26 -47.68 16.27
C ILE J 296 -55.12 -47.73 15.01
N PRO J 297 -55.40 -48.91 14.44
CA PRO J 297 -56.28 -49.10 13.30
C PRO J 297 -57.70 -48.76 13.70
N HIS J 298 -58.47 -48.28 12.75
CA HIS J 298 -59.84 -47.91 13.04
C HIS J 298 -60.71 -48.17 11.86
N SER J 299 -61.99 -48.43 12.11
CA SER J 299 -62.89 -48.62 11.01
C SER J 299 -64.31 -48.17 11.25
N ILE J 300 -64.99 -47.94 10.16
CA ILE J 300 -66.38 -47.50 10.18
C ILE J 300 -67.32 -48.72 10.05
N ARG J 301 -68.31 -48.84 10.94
CA ARG J 301 -69.25 -49.97 10.95
C ARG J 301 -70.48 -49.79 10.05
N SER J 302 -70.49 -48.74 9.25
CA SER J 302 -71.62 -48.33 8.43
C SER J 302 -72.13 -49.35 7.43
N ILE J 303 -73.42 -49.21 7.18
CA ILE J 303 -74.23 -50.03 6.28
C ILE J 303 -73.74 -49.94 4.84
N GLN J 304 -73.81 -51.08 4.14
CA GLN J 304 -73.28 -51.24 2.78
C GLN J 304 -73.69 -50.20 1.72
N SER J 305 -74.90 -49.66 1.77
CA SER J 305 -75.25 -48.60 0.82
C SER J 305 -74.79 -47.20 1.28
N ASP J 306 -74.43 -47.08 2.56
CA ASP J 306 -74.01 -45.85 3.19
C ASP J 306 -72.49 -45.61 3.29
N ARG J 307 -71.67 -46.45 2.63
CA ARG J 307 -70.22 -46.33 2.80
C ARG J 307 -69.63 -45.01 2.34
N LYS J 308 -68.62 -44.52 3.07
CA LYS J 308 -67.90 -43.32 2.68
C LYS J 308 -66.39 -43.54 2.75
N ALA J 309 -65.71 -43.25 1.66
CA ALA J 309 -64.26 -43.29 1.57
C ALA J 309 -63.60 -42.19 2.44
N TRP J 310 -62.40 -42.45 2.95
CA TRP J 310 -61.74 -41.44 3.77
C TRP J 310 -60.41 -40.99 3.18
N ALA J 311 -60.08 -39.71 3.37
CA ALA J 311 -58.83 -39.12 2.91
C ALA J 311 -57.61 -39.79 3.56
N ALA J 312 -56.52 -39.89 2.79
CA ALA J 312 -55.26 -40.46 3.24
C ALA J 312 -54.62 -39.70 4.40
N PHE J 313 -53.94 -40.44 5.25
CA PHE J 313 -53.24 -39.90 6.41
C PHE J 313 -51.72 -40.11 6.31
N TYR J 314 -50.91 -39.09 6.67
CA TYR J 314 -49.47 -39.26 6.53
C TYR J 314 -48.67 -38.94 7.78
N VAL J 315 -47.51 -39.58 7.91
CA VAL J 315 -46.62 -39.38 9.07
C VAL J 315 -45.20 -39.08 8.60
N TYR J 316 -44.52 -38.15 9.28
CA TYR J 316 -43.14 -37.81 8.92
C TYR J 316 -42.32 -37.78 10.21
N LYS J 317 -41.02 -38.00 10.12
CA LYS J 317 -40.21 -38.04 11.35
C LYS J 317 -39.34 -36.82 11.60
N LEU J 318 -39.40 -36.29 12.82
CA LEU J 318 -38.58 -35.15 13.23
C LEU J 318 -37.09 -35.45 13.41
N GLN J 319 -36.25 -34.46 13.06
CA GLN J 319 -34.79 -34.52 13.19
C GLN J 319 -34.24 -33.16 13.62
N PRO J 320 -33.09 -33.04 14.31
CA PRO J 320 -32.50 -31.79 14.82
C PRO J 320 -31.75 -30.92 13.77
N LEU J 321 -32.44 -30.63 12.67
CA LEU J 321 -32.01 -29.88 11.51
C LEU J 321 -31.89 -28.35 11.63
N THR J 322 -30.97 -27.77 10.87
CA THR J 322 -30.89 -26.30 10.77
C THR J 322 -31.62 -25.83 9.51
N PHE J 323 -32.41 -24.75 9.64
CA PHE J 323 -33.17 -24.16 8.54
C PHE J 323 -33.18 -22.65 8.42
N LEU J 324 -33.19 -22.15 7.19
CA LEU J 324 -33.53 -20.75 7.04
C LEU J 324 -35.01 -20.64 7.27
N LEU J 325 -35.47 -19.58 7.91
CA LEU J 325 -36.91 -19.39 7.97
C LEU J 325 -37.29 -18.01 7.47
N ASP J 326 -38.14 -17.96 6.45
CA ASP J 326 -38.69 -16.70 5.99
C ASP J 326 -39.89 -16.37 6.81
N PHE J 327 -39.87 -15.24 7.48
CA PHE J 327 -41.02 -14.78 8.21
C PHE J 327 -41.74 -13.69 7.46
N SER J 328 -43.03 -13.82 7.35
CA SER J 328 -43.90 -12.79 6.84
C SER J 328 -43.98 -11.64 7.80
N VAL J 329 -44.29 -10.45 7.32
CA VAL J 329 -44.50 -9.30 8.23
C VAL J 329 -45.63 -9.56 9.27
N ASP J 330 -46.59 -10.46 8.95
CA ASP J 330 -47.62 -10.87 9.89
C ASP J 330 -47.16 -12.06 10.78
N GLY J 331 -45.88 -12.41 10.69
CA GLY J 331 -45.13 -13.35 11.49
C GLY J 331 -45.29 -14.81 11.13
N TYR J 332 -46.02 -15.13 10.09
CA TYR J 332 -46.12 -16.53 9.75
C TYR J 332 -44.90 -16.98 9.00
N ILE J 333 -44.47 -18.20 9.24
CA ILE J 333 -43.37 -18.68 8.44
C ILE J 333 -43.96 -19.03 7.11
N ARG J 334 -43.38 -18.49 6.04
CA ARG J 334 -43.92 -18.78 4.71
C ARG J 334 -43.02 -19.63 3.86
N ARG J 335 -41.71 -19.54 4.10
CA ARG J 335 -40.76 -20.35 3.31
C ARG J 335 -39.65 -20.89 4.18
N ALA J 336 -39.07 -22.00 3.79
CA ALA J 336 -37.94 -22.49 4.56
C ALA J 336 -36.96 -23.28 3.70
N ILE J 337 -35.70 -23.34 4.14
CA ILE J 337 -34.71 -24.16 3.42
C ILE J 337 -33.96 -25.11 4.33
N ASP J 338 -34.03 -26.40 4.01
CA ASP J 338 -33.28 -27.43 4.75
C ASP J 338 -31.84 -27.32 4.35
N CYS J 339 -30.95 -26.91 5.28
CA CYS J 339 -29.58 -26.64 4.87
C CYS J 339 -28.84 -27.83 4.29
N GLY J 340 -29.06 -29.01 4.85
CA GLY J 340 -28.35 -30.20 4.38
C GLY J 340 -28.94 -30.93 3.20
N PHE J 341 -30.07 -30.48 2.65
CA PHE J 341 -30.69 -31.21 1.57
C PHE J 341 -29.88 -31.33 0.28
N ASN J 342 -29.22 -30.25 -0.10
CA ASN J 342 -28.47 -30.20 -1.33
C ASN J 342 -27.29 -29.30 -1.16
N ASP J 343 -26.34 -29.39 -2.07
CA ASP J 343 -25.20 -28.51 -2.03
C ASP J 343 -25.65 -27.07 -2.29
N LEU J 344 -26.66 -26.90 -3.14
CA LEU J 344 -27.21 -25.59 -3.37
C LEU J 344 -27.90 -25.03 -2.11
N SER J 345 -28.59 -25.89 -1.35
CA SER J 345 -29.19 -25.42 -0.12
C SER J 345 -28.17 -24.98 0.90
N GLN J 346 -27.00 -25.64 0.89
CA GLN J 346 -25.91 -25.23 1.77
C GLN J 346 -25.45 -23.83 1.47
N LEU J 347 -25.37 -23.52 0.17
CA LEU J 347 -24.99 -22.20 -0.26
C LEU J 347 -25.94 -21.12 0.22
N HIS J 348 -27.26 -21.38 0.12
CA HIS J 348 -28.20 -20.37 0.60
C HIS J 348 -28.10 -20.14 2.07
N CYS J 349 -27.85 -21.21 2.83
CA CYS J 349 -27.76 -21.03 4.27
C CYS J 349 -26.55 -20.22 4.66
N SER J 350 -25.41 -20.43 3.96
CA SER J 350 -24.21 -19.67 4.27
C SER J 350 -24.33 -18.18 4.02
N TYR J 351 -25.17 -17.79 3.07
CA TYR J 351 -25.42 -16.37 2.85
C TYR J 351 -26.66 -15.84 3.51
N GLU J 352 -27.35 -16.68 4.31
CA GLU J 352 -28.56 -16.29 5.02
C GLU J 352 -29.62 -15.66 4.13
N SER J 353 -29.78 -16.17 2.91
CA SER J 353 -30.71 -15.56 1.99
C SER J 353 -31.34 -16.51 1.03
N PHE J 354 -32.45 -16.06 0.46
CA PHE J 354 -33.15 -16.81 -0.55
C PHE J 354 -32.78 -16.39 -1.98
N ASP J 355 -31.77 -15.53 -2.12
CA ASP J 355 -31.37 -15.14 -3.47
C ASP J 355 -29.89 -14.83 -3.56
N VAL J 356 -29.08 -15.88 -3.65
CA VAL J 356 -27.63 -15.75 -3.80
C VAL J 356 -27.24 -15.22 -5.18
N GLU J 357 -26.26 -14.31 -5.23
CA GLU J 357 -25.73 -13.73 -6.46
C GLU J 357 -25.07 -14.76 -7.36
N SER J 358 -25.15 -14.57 -8.68
CA SER J 358 -24.53 -15.56 -9.55
C SER J 358 -23.03 -15.67 -9.37
N GLY J 359 -22.53 -16.89 -9.47
CA GLY J 359 -21.09 -17.10 -9.41
C GLY J 359 -20.76 -18.57 -9.37
N VAL J 360 -19.49 -18.89 -9.30
CA VAL J 360 -19.04 -20.24 -9.02
C VAL J 360 -18.78 -20.32 -7.53
N TYR J 361 -19.34 -21.31 -6.83
CA TYR J 361 -19.12 -21.37 -5.38
C TYR J 361 -18.68 -22.73 -4.89
N SER J 362 -17.70 -22.76 -4.00
CA SER J 362 -17.30 -24.01 -3.39
C SER J 362 -18.38 -24.52 -2.46
N VAL J 363 -18.54 -25.84 -2.41
CA VAL J 363 -19.47 -26.51 -1.50
C VAL J 363 -18.72 -27.65 -0.84
N SER J 364 -19.26 -28.24 0.22
CA SER J 364 -18.45 -29.30 0.86
C SER J 364 -18.18 -30.51 -0.06
N SER J 365 -16.97 -31.03 0.08
CA SER J 365 -16.42 -32.18 -0.65
C SER J 365 -16.98 -33.55 -0.27
N PHE J 366 -16.96 -34.51 -1.22
CA PHE J 366 -17.30 -35.89 -0.90
C PHE J 366 -16.25 -36.46 0.01
N GLU J 367 -16.65 -37.17 1.06
CA GLU J 367 -15.70 -37.74 2.01
C GLU J 367 -14.69 -38.64 1.29
N ALA J 368 -15.07 -39.91 1.10
CA ALA J 368 -14.20 -40.87 0.45
C ALA J 368 -14.75 -42.28 0.59
N LYS J 369 -15.64 -42.48 1.55
CA LYS J 369 -16.24 -43.79 1.81
C LYS J 369 -15.21 -44.77 2.34
N PRO J 370 -15.68 -45.68 3.29
CA PRO J 370 -14.65 -46.62 3.78
C PRO J 370 -14.74 -47.96 3.07
N SER J 371 -13.91 -48.91 3.51
CA SER J 371 -13.89 -50.24 2.90
C SER J 371 -13.61 -51.18 4.06
N GLY J 372 -13.89 -52.48 3.88
CA GLY J 372 -13.79 -53.39 5.01
C GLY J 372 -12.38 -53.45 5.55
N SER J 373 -12.28 -53.69 6.85
CA SER J 373 -11.02 -53.60 7.54
C SER J 373 -9.94 -54.61 7.16
N VAL J 374 -8.71 -54.16 7.35
CA VAL J 374 -7.50 -54.97 7.17
C VAL J 374 -6.71 -54.90 8.45
N VAL J 375 -6.42 -56.05 9.03
CA VAL J 375 -5.74 -56.06 10.32
C VAL J 375 -4.56 -57.01 10.39
N GLU J 376 -3.46 -56.53 10.98
CA GLU J 376 -2.34 -57.41 11.26
C GLU J 376 -1.91 -57.21 12.71
N GLN J 377 -1.78 -58.31 13.44
CA GLN J 377 -1.35 -58.27 14.82
C GLN J 377 -1.02 -59.66 15.33
N ALA J 378 0.13 -60.21 14.93
CA ALA J 378 0.55 -61.53 15.39
C ALA J 378 0.71 -61.59 16.90
N GLU J 379 0.41 -62.76 17.46
CA GLU J 379 0.54 -62.99 18.90
C GLU J 379 0.36 -64.46 19.22
N ASP J 593 -10.89 -64.08 12.75
CA ASP J 593 -9.81 -63.14 12.46
C ASP J 593 -9.58 -62.99 10.97
N THR J 594 -9.68 -64.11 10.25
CA THR J 594 -9.47 -64.10 8.80
C THR J 594 -10.79 -63.89 8.06
N LYS J 595 -10.72 -63.57 6.76
CA LYS J 595 -9.47 -63.41 6.04
C LYS J 595 -9.22 -61.95 5.66
N ILE J 596 -8.68 -61.18 6.61
CA ILE J 596 -8.40 -59.77 6.38
C ILE J 596 -6.93 -59.38 6.49
N ALA J 597 -6.00 -60.32 6.33
CA ALA J 597 -4.58 -59.98 6.45
C ALA J 597 -4.10 -58.92 5.42
N SER J 598 -4.63 -58.95 4.19
CA SER J 598 -4.33 -57.91 3.22
C SER J 598 -5.49 -57.76 2.25
N GLN J 599 -5.56 -56.61 1.59
CA GLN J 599 -6.63 -56.35 0.63
C GLN J 599 -6.35 -55.07 -0.16
N LEU J 600 -5.53 -55.15 -1.19
CA LEU J 600 -5.20 -53.98 -2.00
C LEU J 600 -6.14 -53.87 -3.21
N GLY J 601 -7.11 -52.96 -3.15
CA GLY J 601 -7.32 -52.08 -2.01
C GLY J 601 -7.44 -50.63 -2.40
N ASN J 602 -7.99 -49.81 -1.51
CA ASN J 602 -8.15 -48.39 -1.77
C ASN J 602 -8.06 -47.57 -0.49
N CYS J 603 -9.10 -47.65 0.34
CA CYS J 603 -9.14 -46.90 1.59
C CYS J 603 -9.85 -47.69 2.69
N VAL J 604 -9.29 -48.84 3.04
CA VAL J 604 -9.87 -49.69 4.07
C VAL J 604 -9.34 -49.33 5.45
N GLU J 605 -10.21 -49.37 6.45
CA GLU J 605 -9.84 -49.04 7.80
C GLU J 605 -8.82 -50.07 8.26
N TYR J 606 -7.88 -49.69 9.09
CA TYR J 606 -6.93 -50.70 9.49
C TYR J 606 -6.43 -50.62 10.91
N SER J 607 -5.91 -51.75 11.37
CA SER J 607 -5.23 -51.79 12.65
C SER J 607 -3.95 -52.60 12.49
N LEU J 608 -2.84 -52.03 12.95
CA LEU J 608 -1.52 -52.63 12.83
C LEU J 608 -0.82 -52.62 14.16
N TYR J 609 -0.90 -53.70 14.92
CA TYR J 609 -0.25 -53.76 16.24
C TYR J 609 -0.65 -52.61 17.18
N GLY J 610 -1.92 -52.21 17.10
CA GLY J 610 -2.52 -51.14 17.89
C GLY J 610 -2.45 -49.75 17.24
N VAL J 611 -1.76 -49.62 16.11
CA VAL J 611 -1.79 -48.39 15.34
C VAL J 611 -2.99 -48.41 14.45
N SER J 612 -3.76 -47.34 14.38
CA SER J 612 -4.92 -47.43 13.50
C SER J 612 -5.21 -46.16 12.74
N GLY J 613 -5.96 -46.33 11.68
CA GLY J 613 -6.30 -45.23 10.79
C GLY J 613 -7.10 -45.75 9.62
N ARG J 614 -7.36 -44.89 8.64
CA ARG J 614 -8.04 -45.34 7.44
C ARG J 614 -7.24 -44.97 6.19
N GLY J 615 -7.00 -45.92 5.29
CA GLY J 615 -6.35 -45.51 4.05
C GLY J 615 -6.05 -46.61 3.03
N VAL J 616 -5.49 -46.19 1.89
CA VAL J 616 -5.12 -47.11 0.83
C VAL J 616 -3.75 -47.67 0.94
N PHE J 617 -3.61 -48.96 0.74
CA PHE J 617 -2.28 -49.52 0.71
C PHE J 617 -1.87 -49.82 -0.72
N GLN J 618 -0.58 -49.74 -0.98
CA GLN J 618 -0.05 -50.05 -2.31
C GLN J 618 1.24 -50.81 -2.19
N ASN J 619 1.50 -51.79 -3.07
CA ASN J 619 2.81 -52.42 -2.98
C ASN J 619 3.88 -51.49 -3.47
N CYS J 620 4.94 -51.33 -2.69
CA CYS J 620 6.05 -50.46 -3.06
C CYS J 620 7.39 -51.04 -2.65
N THR J 621 8.48 -50.38 -3.04
CA THR J 621 9.81 -50.84 -2.71
C THR J 621 10.10 -50.68 -1.21
N ALA J 622 11.12 -51.38 -0.73
CA ALA J 622 11.50 -51.32 0.67
C ALA J 622 12.20 -50.00 0.99
N VAL J 623 12.27 -49.67 2.28
CA VAL J 623 12.92 -48.44 2.73
C VAL J 623 13.42 -48.58 4.16
N GLY J 624 14.46 -47.79 4.49
CA GLY J 624 15.03 -47.82 5.82
C GLY J 624 14.14 -47.14 6.85
N VAL J 625 14.09 -47.68 8.07
CA VAL J 625 14.83 -48.87 8.46
C VAL J 625 13.91 -50.07 8.63
N ARG J 626 14.45 -51.27 8.43
CA ARG J 626 13.67 -52.49 8.56
C ARG J 626 13.52 -52.90 10.02
N GLN J 627 12.33 -53.38 10.38
CA GLN J 627 12.05 -53.81 11.74
C GLN J 627 11.72 -52.67 12.68
N GLN J 628 11.59 -51.44 12.18
CA GLN J 628 10.94 -50.42 12.97
C GLN J 628 9.47 -50.38 12.63
N ARG J 629 9.08 -51.11 11.56
CA ARG J 629 7.71 -51.33 11.06
C ARG J 629 7.01 -50.13 10.45
N PHE J 630 6.96 -49.01 11.17
CA PHE J 630 6.21 -47.86 10.73
C PHE J 630 7.06 -46.72 10.21
N VAL J 631 6.92 -46.43 8.93
CA VAL J 631 7.63 -45.33 8.26
C VAL J 631 6.80 -44.07 8.38
N TYR J 632 7.41 -42.95 8.79
CA TYR J 632 6.67 -41.69 8.92
C TYR J 632 7.32 -40.51 8.23
N ASP J 633 6.51 -39.52 7.88
CA ASP J 633 7.04 -38.27 7.31
C ASP J 633 7.33 -37.27 8.43
N ALA J 634 7.79 -36.08 8.05
CA ALA J 634 8.12 -35.01 8.99
C ALA J 634 6.94 -34.43 9.79
N TYR J 635 5.71 -34.70 9.36
CA TYR J 635 4.52 -34.25 10.05
C TYR J 635 3.88 -35.37 10.85
N GLN J 636 4.58 -36.50 10.97
CA GLN J 636 4.15 -37.72 11.63
C GLN J 636 2.95 -38.41 10.99
N ASN J 637 2.72 -38.18 9.70
CA ASN J 637 1.71 -38.95 9.00
C ASN J 637 2.31 -40.30 8.75
N LEU J 638 1.54 -41.37 8.91
CA LEU J 638 2.15 -42.64 8.57
C LEU J 638 2.35 -42.66 7.05
N VAL J 639 3.52 -43.08 6.63
CA VAL J 639 3.88 -43.19 5.22
C VAL J 639 3.81 -44.58 4.70
N GLY J 640 4.21 -45.55 5.49
CA GLY J 640 4.11 -46.91 5.02
C GLY J 640 4.44 -47.93 6.07
N TYR J 641 4.32 -49.19 5.69
CA TYR J 641 4.45 -50.23 6.66
C TYR J 641 5.11 -51.52 6.19
N TYR J 642 5.95 -52.11 7.03
CA TYR J 642 6.44 -53.43 6.72
C TYR J 642 5.54 -54.48 7.30
N SER J 643 5.00 -55.32 6.43
CA SER J 643 4.12 -56.41 6.83
C SER J 643 4.88 -57.65 7.16
N ASP J 644 4.22 -58.58 7.84
CA ASP J 644 4.89 -59.81 8.22
C ASP J 644 4.94 -60.86 7.09
N ASP J 645 4.46 -60.50 5.88
CA ASP J 645 4.67 -61.29 4.69
C ASP J 645 5.97 -60.90 3.97
N GLY J 646 6.76 -59.99 4.58
CA GLY J 646 8.02 -59.53 4.04
C GLY J 646 7.91 -58.45 2.97
N ASN J 647 6.72 -57.91 2.74
CA ASN J 647 6.57 -56.86 1.74
C ASN J 647 6.31 -55.50 2.33
N TYR J 648 7.04 -54.51 1.82
CA TYR J 648 6.76 -53.13 2.15
C TYR J 648 5.51 -52.68 1.39
N TYR J 649 4.64 -51.95 2.07
CA TYR J 649 3.48 -51.38 1.39
C TYR J 649 3.46 -49.93 1.73
N CYS J 650 2.86 -49.09 0.88
CA CYS J 650 2.92 -47.71 1.28
C CYS J 650 1.53 -47.32 1.60
N LEU J 651 1.37 -46.27 2.39
CA LEU J 651 0.05 -45.81 2.77
C LEU J 651 -0.15 -44.37 2.36
N ARG J 652 -1.20 -44.12 1.59
CA ARG J 652 -1.48 -42.78 1.11
C ARG J 652 -2.68 -42.14 1.79
N ALA J 653 -3.14 -42.71 2.90
CA ALA J 653 -4.35 -42.26 3.57
C ALA J 653 -5.50 -42.30 2.55
N CYS J 654 -6.27 -41.23 2.40
CA CYS J 654 -7.27 -41.41 1.37
C CYS J 654 -7.54 -40.10 0.71
N VAL J 655 -8.31 -40.15 -0.35
CA VAL J 655 -8.56 -39.01 -1.19
C VAL J 655 -10.01 -38.65 -1.19
N SER J 656 -10.29 -37.43 -1.62
CA SER J 656 -11.63 -36.90 -1.60
C SER J 656 -11.91 -36.12 -2.86
N VAL J 657 -13.18 -35.93 -3.15
CA VAL J 657 -13.53 -35.20 -4.35
C VAL J 657 -14.05 -33.82 -4.01
N PRO J 658 -13.34 -32.75 -4.37
CA PRO J 658 -13.75 -31.38 -4.16
C PRO J 658 -14.96 -31.12 -5.01
N VAL J 659 -15.85 -30.25 -4.55
CA VAL J 659 -17.02 -29.97 -5.35
C VAL J 659 -17.27 -28.48 -5.39
N SER J 660 -17.76 -27.98 -6.51
CA SER J 660 -18.18 -26.59 -6.55
C SER J 660 -19.39 -26.51 -7.45
N VAL J 661 -20.15 -25.43 -7.35
CA VAL J 661 -21.31 -25.35 -8.20
C VAL J 661 -21.33 -24.07 -8.97
N ILE J 662 -21.97 -24.14 -10.11
CA ILE J 662 -22.13 -23.01 -10.98
C ILE J 662 -23.52 -22.50 -10.76
N TYR J 663 -23.68 -21.28 -10.28
CA TYR J 663 -25.04 -20.81 -10.07
C TYR J 663 -25.40 -19.61 -10.91
N ASP J 664 -26.40 -19.77 -11.78
CA ASP J 664 -26.93 -18.68 -12.56
C ASP J 664 -28.20 -18.10 -11.98
N LYS J 665 -28.08 -17.04 -11.19
CA LYS J 665 -29.23 -16.40 -10.58
C LYS J 665 -30.30 -15.90 -11.54
N GLU J 666 -29.93 -15.47 -12.75
CA GLU J 666 -30.93 -14.93 -13.66
C GLU J 666 -31.92 -15.94 -14.19
N THR J 667 -31.43 -17.14 -14.50
CA THR J 667 -32.32 -18.19 -14.96
C THR J 667 -32.71 -19.13 -13.84
N LYS J 668 -32.08 -18.97 -12.67
CA LYS J 668 -32.32 -19.85 -11.53
C LYS J 668 -31.94 -21.28 -11.86
N THR J 669 -30.77 -21.45 -12.47
CA THR J 669 -30.33 -22.79 -12.85
C THR J 669 -28.91 -23.02 -12.38
N HIS J 670 -28.53 -24.28 -12.36
CA HIS J 670 -27.22 -24.63 -11.86
C HIS J 670 -26.61 -25.85 -12.52
N ALA J 671 -25.31 -25.99 -12.31
CA ALA J 671 -24.51 -27.08 -12.85
C ALA J 671 -23.35 -27.33 -11.90
N THR J 672 -22.62 -28.44 -12.05
CA THR J 672 -21.53 -28.63 -11.09
C THR J 672 -20.21 -29.07 -11.68
N LEU J 673 -19.17 -28.88 -10.87
CA LEU J 673 -17.79 -29.18 -11.18
C LEU J 673 -17.13 -30.01 -10.08
N PHE J 674 -16.46 -31.09 -10.48
CA PHE J 674 -15.81 -31.98 -9.51
C PHE J 674 -14.29 -31.77 -9.34
N GLY J 675 -13.76 -30.67 -9.83
CA GLY J 675 -12.35 -30.41 -9.65
C GLY J 675 -11.55 -31.29 -10.55
N SER J 676 -10.32 -31.58 -10.18
CA SER J 676 -9.45 -32.39 -11.03
C SER J 676 -9.72 -33.88 -11.00
N VAL J 677 -10.76 -34.36 -10.29
CA VAL J 677 -10.96 -35.78 -10.10
C VAL J 677 -11.00 -36.70 -11.31
N ALA J 678 -11.42 -36.19 -12.48
CA ALA J 678 -11.60 -36.94 -13.72
C ALA J 678 -12.87 -37.81 -13.68
N CYS J 679 -13.55 -37.88 -14.80
CA CYS J 679 -14.84 -38.55 -14.94
C CYS J 679 -14.74 -40.08 -14.91
N GLU J 680 -13.55 -40.68 -14.83
CA GLU J 680 -13.54 -42.12 -14.66
C GLU J 680 -13.99 -42.54 -13.25
N HIS J 681 -13.97 -41.63 -12.26
CA HIS J 681 -14.43 -41.97 -10.93
C HIS J 681 -15.81 -41.41 -10.64
N ILE J 682 -16.38 -40.71 -11.60
CA ILE J 682 -17.68 -40.10 -11.47
C ILE J 682 -18.77 -40.99 -11.95
N SER J 683 -19.83 -41.08 -11.18
CA SER J 683 -20.95 -41.91 -11.54
C SER J 683 -22.26 -41.24 -11.21
N SER J 684 -23.34 -41.74 -11.80
CA SER J 684 -24.70 -41.21 -11.65
C SER J 684 -25.23 -41.18 -10.22
N THR J 685 -24.70 -42.04 -9.37
CA THR J 685 -25.04 -42.05 -7.96
C THR J 685 -23.74 -42.11 -7.22
N MET J 686 -23.76 -41.79 -5.94
CA MET J 686 -22.51 -41.80 -5.21
C MET J 686 -22.49 -42.72 -4.03
N SER J 687 -21.34 -43.32 -3.88
CA SER J 687 -20.95 -44.22 -2.83
C SER J 687 -19.84 -43.57 -2.02
N GLN J 688 -20.01 -42.31 -1.63
CA GLN J 688 -18.99 -41.60 -0.84
C GLN J 688 -19.30 -41.46 0.67
N TYR J 689 -20.05 -40.44 1.11
CA TYR J 689 -20.65 -39.40 0.27
C TYR J 689 -20.48 -37.99 0.87
N SER J 690 -21.41 -37.10 0.53
CA SER J 690 -21.40 -35.70 0.98
C SER J 690 -22.72 -35.31 1.67
N ARG J 691 -23.75 -34.98 0.87
CA ARG J 691 -25.07 -34.55 1.35
C ARG J 691 -26.16 -35.35 0.67
N SER J 692 -27.34 -35.40 1.30
CA SER J 692 -28.35 -36.36 0.90
C SER J 692 -28.78 -36.41 -0.57
N THR J 693 -28.91 -35.28 -1.29
CA THR J 693 -29.15 -35.46 -2.72
C THR J 693 -28.47 -34.46 -3.63
N ARG J 694 -28.32 -34.85 -4.89
CA ARG J 694 -27.92 -33.97 -6.00
C ARG J 694 -28.98 -33.94 -7.10
N SER J 695 -30.18 -34.46 -6.78
CA SER J 695 -31.25 -34.68 -7.77
C SER J 695 -31.73 -33.50 -8.58
N MET J 696 -31.58 -32.26 -8.11
CA MET J 696 -31.97 -31.17 -8.97
C MET J 696 -31.11 -31.10 -10.25
N LEU J 697 -29.83 -31.54 -10.17
CA LEU J 697 -28.99 -31.65 -11.35
C LEU J 697 -29.49 -32.75 -12.26
N LYS J 698 -29.91 -33.86 -11.61
CA LYS J 698 -30.40 -35.07 -12.29
C LYS J 698 -31.66 -34.86 -13.10
N ARG J 699 -32.42 -33.80 -12.80
CA ARG J 699 -33.59 -33.46 -13.62
C ARG J 699 -33.24 -33.31 -15.11
N ARG J 700 -32.01 -32.87 -15.41
CA ARG J 700 -31.55 -32.87 -16.78
C ARG J 700 -30.49 -33.95 -16.97
N ASP J 701 -29.68 -34.19 -15.92
CA ASP J 701 -28.53 -35.08 -16.06
C ASP J 701 -28.78 -36.56 -15.93
N SER J 702 -30.03 -36.97 -15.74
CA SER J 702 -30.38 -38.38 -15.89
C SER J 702 -30.19 -38.84 -17.34
N THR J 703 -30.22 -37.89 -18.29
CA THR J 703 -30.05 -38.18 -19.69
C THR J 703 -28.65 -37.93 -20.25
N TYR J 704 -27.66 -37.56 -19.41
CA TYR J 704 -26.33 -37.30 -20.01
C TYR J 704 -25.17 -37.89 -19.25
N GLY J 705 -24.13 -38.26 -19.99
CA GLY J 705 -22.86 -38.66 -19.42
C GLY J 705 -22.17 -37.41 -18.85
N PRO J 706 -21.24 -37.58 -17.90
CA PRO J 706 -20.35 -36.55 -17.38
C PRO J 706 -19.45 -36.07 -18.50
N LEU J 707 -19.00 -34.82 -18.46
CA LEU J 707 -18.10 -34.36 -19.51
C LEU J 707 -16.75 -34.06 -18.94
N GLN J 708 -15.71 -34.48 -19.65
CA GLN J 708 -14.38 -34.18 -19.20
C GLN J 708 -13.99 -32.82 -19.72
N THR J 709 -13.37 -31.99 -18.87
CA THR J 709 -12.88 -30.71 -19.36
C THR J 709 -11.47 -30.55 -18.80
N PRO J 710 -10.67 -29.61 -19.33
CA PRO J 710 -9.31 -29.30 -18.90
C PRO J 710 -9.19 -28.92 -17.43
N VAL J 711 -10.24 -28.30 -16.87
CA VAL J 711 -10.26 -28.08 -15.45
C VAL J 711 -10.70 -29.32 -14.74
N GLY J 712 -11.79 -29.90 -15.22
CA GLY J 712 -12.23 -31.13 -14.62
C GLY J 712 -13.53 -31.69 -15.12
N CYS J 713 -13.89 -32.83 -14.55
CA CYS J 713 -15.16 -33.44 -14.88
C CYS J 713 -16.35 -32.60 -14.38
N VAL J 714 -17.37 -32.43 -15.24
CA VAL J 714 -18.56 -31.64 -14.91
C VAL J 714 -19.89 -32.32 -15.24
N LEU J 715 -20.98 -31.82 -14.65
CA LEU J 715 -22.31 -32.30 -15.03
C LEU J 715 -23.21 -31.18 -15.52
N GLY J 716 -23.86 -31.42 -16.65
CA GLY J 716 -24.75 -30.44 -17.25
C GLY J 716 -24.03 -29.24 -17.81
N LEU J 717 -23.24 -29.48 -18.87
CA LEU J 717 -22.47 -28.41 -19.50
C LEU J 717 -22.82 -28.29 -20.98
N VAL J 718 -23.02 -29.43 -21.62
CA VAL J 718 -23.36 -29.46 -23.05
C VAL J 718 -22.25 -28.84 -23.88
N ASN J 719 -21.53 -29.69 -24.62
CA ASN J 719 -20.44 -29.23 -25.47
C ASN J 719 -20.94 -28.35 -26.61
N SER J 720 -21.06 -27.04 -26.37
CA SER J 720 -21.53 -26.18 -27.45
C SER J 720 -20.47 -25.69 -28.42
N SER J 721 -19.20 -25.80 -28.02
CA SER J 721 -18.03 -25.27 -28.76
C SER J 721 -18.15 -23.78 -29.22
N LEU J 722 -18.93 -22.97 -28.50
CA LEU J 722 -19.08 -21.53 -28.71
C LEU J 722 -17.87 -20.72 -28.27
N PHE J 723 -17.66 -19.58 -28.91
CA PHE J 723 -16.61 -18.65 -28.48
C PHE J 723 -17.22 -17.36 -27.99
N VAL J 724 -17.00 -17.03 -26.72
CA VAL J 724 -17.59 -15.82 -26.13
C VAL J 724 -16.57 -15.03 -25.30
N GLU J 725 -16.67 -13.71 -25.32
CA GLU J 725 -15.75 -12.88 -24.54
C GLU J 725 -15.84 -12.97 -23.01
N ASP J 726 -17.05 -13.08 -22.45
CA ASP J 726 -17.21 -13.14 -20.99
C ASP J 726 -18.52 -13.80 -20.56
N CYS J 727 -18.44 -14.99 -19.96
CA CYS J 727 -19.66 -15.68 -19.52
C CYS J 727 -20.30 -15.21 -18.20
N LYS J 728 -19.51 -14.36 -17.50
CA LYS J 728 -19.71 -13.92 -16.12
C LYS J 728 -19.69 -15.11 -15.13
N LEU J 729 -19.18 -16.26 -15.57
CA LEU J 729 -19.11 -17.51 -14.85
C LEU J 729 -17.94 -18.33 -15.32
N PRO J 730 -16.75 -17.78 -15.43
CA PRO J 730 -15.63 -18.53 -15.96
C PRO J 730 -15.30 -19.69 -15.04
N LEU J 731 -14.83 -20.79 -15.63
CA LEU J 731 -14.41 -21.95 -14.87
C LEU J 731 -12.90 -22.02 -14.69
N GLY J 732 -12.22 -21.01 -15.19
CA GLY J 732 -10.78 -20.93 -15.22
C GLY J 732 -10.33 -21.45 -16.57
N GLN J 733 -9.05 -21.29 -16.87
CA GLN J 733 -8.45 -21.73 -18.13
C GLN J 733 -9.16 -20.98 -19.26
N SER J 734 -9.31 -21.61 -20.41
CA SER J 734 -10.14 -20.99 -21.42
C SER J 734 -11.61 -21.42 -21.29
N LEU J 735 -11.93 -22.22 -20.28
CA LEU J 735 -13.28 -22.70 -20.07
C LEU J 735 -14.19 -21.57 -19.63
N CYS J 736 -15.47 -21.78 -19.91
CA CYS J 736 -16.41 -20.72 -19.62
C CYS J 736 -17.74 -21.43 -19.37
N ALA J 737 -18.67 -20.78 -18.66
CA ALA J 737 -19.94 -21.48 -18.44
C ALA J 737 -21.08 -20.61 -18.88
N LEU J 738 -21.46 -20.71 -20.15
CA LEU J 738 -22.56 -19.89 -20.58
C LEU J 738 -23.85 -20.33 -19.93
N PRO J 739 -24.70 -19.39 -19.56
CA PRO J 739 -26.04 -19.56 -19.13
C PRO J 739 -26.82 -20.03 -20.32
N ASP J 740 -27.94 -20.69 -20.08
CA ASP J 740 -28.83 -20.95 -21.20
C ASP J 740 -29.30 -19.56 -21.59
N THR J 741 -29.90 -19.41 -22.76
CA THR J 741 -30.19 -18.08 -23.26
C THR J 741 -31.03 -17.30 -22.24
N PRO J 742 -30.84 -15.96 -22.19
CA PRO J 742 -31.34 -15.00 -21.20
C PRO J 742 -32.82 -15.03 -21.06
N SER J 743 -33.30 -14.63 -19.89
CA SER J 743 -34.72 -14.70 -19.56
C SER J 743 -35.68 -14.01 -20.55
N GLN K 1 -25.49 10.66 -64.66
CA GLN K 1 -25.94 11.67 -65.62
C GLN K 1 -24.86 12.71 -65.83
N VAL K 2 -23.61 12.32 -65.59
CA VAL K 2 -22.50 13.23 -65.75
C VAL K 2 -22.26 13.62 -67.19
N GLN K 3 -22.01 14.91 -67.41
CA GLN K 3 -21.72 15.41 -68.74
C GLN K 3 -20.61 16.44 -68.74
N LEU K 4 -19.90 16.52 -69.85
CA LEU K 4 -18.84 17.50 -70.04
C LEU K 4 -19.10 18.32 -71.31
N GLN K 5 -19.81 19.44 -71.16
CA GLN K 5 -20.13 20.32 -72.29
C GLN K 5 -18.89 21.04 -72.75
N GLN K 6 -18.81 21.37 -74.04
CA GLN K 6 -17.62 22.06 -74.54
C GLN K 6 -17.91 23.14 -75.58
N SER K 7 -16.99 24.12 -75.64
CA SER K 7 -17.08 25.22 -76.61
C SER K 7 -16.89 24.74 -78.06
N GLY K 8 -17.51 25.48 -79.00
CA GLY K 8 -17.48 25.14 -80.42
C GLY K 8 -16.08 25.28 -81.06
N PRO K 9 -15.80 24.52 -82.14
CA PRO K 9 -14.58 24.54 -82.94
C PRO K 9 -14.33 25.86 -83.66
N GLU K 10 -13.05 26.19 -83.90
CA GLU K 10 -12.77 27.41 -84.67
C GLU K 10 -11.49 27.34 -85.52
N LEU K 11 -11.53 27.97 -86.70
CA LEU K 11 -10.37 28.03 -87.60
C LEU K 11 -9.51 29.26 -87.28
N VAL K 12 -8.84 29.26 -86.13
CA VAL K 12 -8.06 30.42 -85.69
C VAL K 12 -6.73 30.62 -86.46
N ARG K 13 -6.44 31.88 -86.85
CA ARG K 13 -5.18 32.20 -87.51
C ARG K 13 -3.96 32.04 -86.57
N PRO K 14 -2.78 31.68 -87.11
CA PRO K 14 -1.59 31.49 -86.33
C PRO K 14 -1.10 32.76 -85.64
N GLY K 15 -0.50 32.53 -84.47
CA GLY K 15 0.08 33.52 -83.58
C GLY K 15 -0.94 34.05 -82.57
N VAL K 16 -2.20 33.66 -82.71
CA VAL K 16 -3.26 34.08 -81.82
C VAL K 16 -3.40 33.14 -80.64
N SER K 17 -3.51 33.67 -79.43
CA SER K 17 -3.77 32.80 -78.27
C SER K 17 -5.18 32.20 -78.40
N VAL K 18 -5.37 30.96 -77.94
CA VAL K 18 -6.68 30.31 -78.07
C VAL K 18 -7.25 29.83 -76.76
N LYS K 19 -8.49 30.21 -76.48
CA LYS K 19 -9.13 29.78 -75.26
C LYS K 19 -10.23 28.75 -75.55
N ILE K 20 -10.22 27.68 -74.77
CA ILE K 20 -11.13 26.54 -74.91
C ILE K 20 -11.84 26.27 -73.59
N SER K 21 -13.12 25.91 -73.61
CA SER K 21 -13.75 25.63 -72.33
C SER K 21 -14.51 24.33 -72.27
N CYS K 22 -14.60 23.81 -71.05
CA CYS K 22 -15.37 22.62 -70.74
C CYS K 22 -16.10 22.79 -69.41
N LYS K 23 -17.42 22.61 -69.49
CA LYS K 23 -18.31 22.69 -68.35
C LYS K 23 -18.84 21.36 -67.83
N GLY K 24 -18.59 21.09 -66.56
CA GLY K 24 -19.11 19.89 -65.93
C GLY K 24 -20.61 20.00 -65.67
N SER K 25 -21.29 18.85 -65.65
CA SER K 25 -22.68 18.84 -65.22
C SER K 25 -23.01 17.51 -64.55
N GLY K 26 -23.96 17.56 -63.62
CA GLY K 26 -24.45 16.38 -62.89
C GLY K 26 -23.56 15.89 -61.72
N TYR K 27 -22.54 16.65 -61.37
CA TYR K 27 -21.66 16.31 -60.24
C TYR K 27 -21.12 17.57 -59.62
N THR K 28 -20.54 17.49 -58.41
CA THR K 28 -19.96 18.70 -57.86
C THR K 28 -18.64 18.94 -58.56
N PHE K 29 -18.54 20.07 -59.24
CA PHE K 29 -17.39 20.36 -60.08
C PHE K 29 -16.07 20.47 -59.36
N THR K 30 -16.10 20.95 -58.12
CA THR K 30 -14.88 21.17 -57.37
C THR K 30 -14.25 19.92 -56.80
N ASP K 31 -14.92 18.77 -56.86
CA ASP K 31 -14.28 17.60 -56.29
C ASP K 31 -13.41 16.81 -57.26
N TYR K 32 -13.23 17.26 -58.51
CA TYR K 32 -12.41 16.47 -59.41
C TYR K 32 -11.46 17.32 -60.24
N ALA K 33 -10.23 16.86 -60.37
CA ALA K 33 -9.29 17.47 -61.28
C ALA K 33 -9.73 17.31 -62.73
N ILE K 34 -9.44 18.30 -63.57
CA ILE K 34 -9.72 18.21 -64.99
C ILE K 34 -8.48 17.83 -65.78
N HIS K 35 -8.61 16.89 -66.69
CA HIS K 35 -7.49 16.50 -67.53
C HIS K 35 -7.69 17.02 -68.93
N TRP K 36 -6.62 17.47 -69.58
CA TRP K 36 -6.74 17.91 -70.97
C TRP K 36 -5.84 17.08 -71.87
N VAL K 37 -6.38 16.72 -73.06
CA VAL K 37 -5.68 15.92 -74.09
C VAL K 37 -5.78 16.52 -75.51
N LYS K 38 -4.69 16.36 -76.29
CA LYS K 38 -4.62 16.80 -77.68
C LYS K 38 -4.63 15.61 -78.64
N GLN K 39 -5.49 15.61 -79.66
CA GLN K 39 -5.45 14.54 -80.66
C GLN K 39 -5.28 15.05 -82.09
N SER K 40 -4.20 14.65 -82.77
CA SER K 40 -4.04 15.07 -84.17
C SER K 40 -4.37 13.98 -85.19
N HIS K 41 -4.44 12.74 -84.74
CA HIS K 41 -4.74 11.61 -85.59
C HIS K 41 -5.43 10.53 -84.78
N ALA K 42 -6.10 9.56 -85.42
CA ALA K 42 -6.69 8.46 -84.65
C ALA K 42 -5.64 7.69 -83.78
N LYS K 43 -4.39 7.63 -84.26
CA LYS K 43 -3.27 7.07 -83.52
C LYS K 43 -2.38 8.08 -82.79
N SER K 44 -2.72 9.37 -82.77
CA SER K 44 -1.85 10.33 -82.12
C SER K 44 -2.57 11.21 -81.14
N LEU K 45 -2.44 10.84 -79.87
CA LEU K 45 -3.00 11.60 -78.77
C LEU K 45 -1.93 11.86 -77.73
N GLU K 46 -1.98 13.03 -77.08
CA GLU K 46 -1.03 13.26 -76.01
C GLU K 46 -1.62 14.09 -74.88
N TRP K 47 -1.15 13.83 -73.68
CA TRP K 47 -1.59 14.57 -72.51
C TRP K 47 -1.12 16.00 -72.59
N ILE K 48 -1.96 16.94 -72.18
CA ILE K 48 -1.57 18.33 -72.13
C ILE K 48 -1.26 18.76 -70.73
N GLY K 49 -2.18 18.47 -69.83
CA GLY K 49 -1.97 18.82 -68.44
C GLY K 49 -3.13 18.44 -67.55
N VAL K 50 -3.02 18.75 -66.27
CA VAL K 50 -4.10 18.50 -65.34
C VAL K 50 -4.28 19.72 -64.43
N PHE K 51 -5.53 20.01 -64.06
CA PHE K 51 -5.84 21.15 -63.21
C PHE K 51 -6.73 20.80 -62.03
N SER K 52 -6.28 21.00 -60.78
CA SER K 52 -7.21 20.75 -59.68
C SER K 52 -8.25 21.81 -59.69
N THR K 53 -9.50 21.43 -59.49
CA THR K 53 -10.55 22.42 -59.42
C THR K 53 -10.83 22.86 -58.01
N TYR K 54 -10.15 22.26 -57.04
CA TYR K 54 -10.39 22.66 -55.68
C TYR K 54 -9.26 23.58 -55.22
N TYR K 55 -8.02 23.20 -55.55
CA TYR K 55 -6.88 23.99 -55.11
C TYR K 55 -6.20 24.82 -56.19
N GLY K 56 -6.50 24.58 -57.47
CA GLY K 56 -5.88 25.33 -58.56
C GLY K 56 -4.44 24.85 -58.92
N ASN K 57 -4.00 23.74 -58.34
CA ASN K 57 -2.69 23.17 -58.60
C ASN K 57 -2.61 22.57 -59.98
N THR K 58 -1.46 22.71 -60.64
CA THR K 58 -1.34 22.14 -61.97
C THR K 58 -0.08 21.36 -62.24
N ASN K 59 -0.16 20.55 -63.28
CA ASN K 59 0.99 19.88 -63.87
C ASN K 59 0.80 19.98 -65.37
N TYR K 60 1.89 20.07 -66.10
CA TYR K 60 1.76 20.17 -67.55
C TYR K 60 2.76 19.29 -68.24
N ASN K 61 2.44 18.94 -69.48
CA ASN K 61 3.38 18.27 -70.32
C ASN K 61 4.42 19.31 -70.55
N GLN K 62 5.68 18.95 -70.44
CA GLN K 62 6.73 19.94 -70.53
C GLN K 62 6.73 20.72 -71.84
N LYS K 63 6.30 20.11 -72.95
CA LYS K 63 6.26 20.85 -74.20
C LYS K 63 5.28 22.02 -74.22
N PHE K 64 4.25 22.01 -73.35
CA PHE K 64 3.32 23.12 -73.28
C PHE K 64 3.55 24.01 -72.07
N LYS K 65 4.62 23.81 -71.31
CA LYS K 65 4.75 24.56 -70.07
C LYS K 65 4.85 26.08 -70.23
N GLY K 66 5.49 26.53 -71.31
CA GLY K 66 5.58 27.96 -71.59
C GLY K 66 4.44 28.50 -72.47
N ARG K 67 3.50 27.64 -72.87
CA ARG K 67 2.44 28.09 -73.76
C ARG K 67 1.05 27.95 -73.19
N ALA K 68 0.85 27.00 -72.28
CA ALA K 68 -0.50 26.77 -71.80
C ALA K 68 -0.70 27.11 -70.35
N THR K 69 -1.89 27.65 -70.06
CA THR K 69 -2.32 27.93 -68.71
C THR K 69 -3.74 27.47 -68.54
N MET K 70 -4.20 27.32 -67.31
CA MET K 70 -5.57 26.88 -67.09
C MET K 70 -6.21 27.65 -65.92
N THR K 71 -7.52 27.89 -66.02
CA THR K 71 -8.27 28.58 -64.98
C THR K 71 -9.64 27.96 -64.75
N VAL K 72 -10.29 28.33 -63.65
CA VAL K 72 -11.64 27.82 -63.40
C VAL K 72 -12.63 28.88 -62.95
N ASP K 73 -13.84 28.82 -63.50
CA ASP K 73 -14.95 29.63 -63.03
C ASP K 73 -15.81 28.77 -62.16
N LYS K 74 -15.55 28.79 -60.86
CA LYS K 74 -16.32 27.95 -59.95
C LYS K 74 -17.82 28.21 -59.92
N SER K 75 -18.26 29.43 -60.27
CA SER K 75 -19.69 29.69 -60.28
C SER K 75 -20.37 29.21 -61.56
N SER K 76 -19.60 28.99 -62.63
CA SER K 76 -20.15 28.43 -63.87
C SER K 76 -19.89 26.95 -63.99
N SER K 77 -19.27 26.33 -62.97
CA SER K 77 -18.87 24.92 -63.01
C SER K 77 -18.05 24.61 -64.25
N THR K 78 -17.15 25.53 -64.64
CA THR K 78 -16.43 25.36 -65.88
C THR K 78 -14.94 25.54 -65.73
N ALA K 79 -14.18 24.85 -66.59
CA ALA K 79 -12.73 24.96 -66.62
C ALA K 79 -12.31 25.44 -67.96
N TYR K 80 -11.19 26.15 -68.00
CA TYR K 80 -10.72 26.70 -69.24
C TYR K 80 -9.26 26.41 -69.45
N MET K 81 -8.89 26.32 -70.71
CA MET K 81 -7.51 26.16 -71.07
C MET K 81 -7.15 27.22 -72.08
N GLU K 82 -6.00 27.82 -71.95
CA GLU K 82 -5.59 28.80 -72.94
C GLU K 82 -4.24 28.44 -73.50
N LEU K 83 -4.08 28.53 -74.82
CA LEU K 83 -2.80 28.21 -75.43
C LEU K 83 -2.25 29.37 -76.24
N ALA K 84 -1.13 29.91 -75.81
CA ALA K 84 -0.42 30.99 -76.49
C ALA K 84 0.15 30.59 -77.84
N ARG K 85 0.18 31.55 -78.77
CA ARG K 85 0.96 31.43 -80.02
C ARG K 85 0.62 30.25 -80.93
N LEU K 86 -0.64 30.13 -81.34
CA LEU K 86 -1.07 28.99 -82.15
C LEU K 86 -0.30 28.84 -83.49
N THR K 87 -0.02 27.60 -83.87
CA THR K 87 0.62 27.32 -85.17
C THR K 87 -0.13 26.17 -85.84
N SER K 88 0.09 25.96 -87.15
CA SER K 88 -0.64 24.90 -87.89
C SER K 88 -0.44 23.48 -87.33
N GLU K 89 0.72 23.24 -86.69
CA GLU K 89 1.04 21.98 -86.00
C GLU K 89 0.18 21.72 -84.75
N ASP K 90 -0.53 22.74 -84.28
CA ASP K 90 -1.44 22.60 -83.18
C ASP K 90 -2.85 22.22 -83.62
N SER K 91 -3.08 21.96 -84.93
CA SER K 91 -4.45 21.62 -85.24
C SER K 91 -4.76 20.30 -84.59
N ALA K 92 -5.84 20.27 -83.82
CA ALA K 92 -6.17 19.07 -83.10
C ALA K 92 -7.56 19.04 -82.57
N ILE K 93 -8.02 17.86 -82.20
CA ILE K 93 -9.23 17.75 -81.44
C ILE K 93 -8.80 17.85 -79.97
N TYR K 94 -9.36 18.77 -79.22
CA TYR K 94 -9.00 18.92 -77.83
C TYR K 94 -10.07 18.34 -76.90
N TYR K 95 -9.63 17.61 -75.87
CA TYR K 95 -10.60 17.00 -74.95
C TYR K 95 -10.37 17.26 -73.46
N CYS K 96 -11.38 17.75 -72.78
CA CYS K 96 -11.40 17.79 -71.32
C CYS K 96 -11.83 16.41 -70.78
N ALA K 97 -11.43 16.05 -69.56
CA ALA K 97 -11.87 14.79 -68.95
C ALA K 97 -11.89 14.86 -67.41
N ARG K 98 -12.62 13.96 -66.75
CA ARG K 98 -12.76 14.03 -65.29
C ARG K 98 -11.92 12.99 -64.55
N LYS K 99 -11.10 13.40 -63.60
CA LYS K 99 -10.26 12.43 -62.88
C LYS K 99 -11.03 11.43 -61.98
N SER K 100 -10.57 10.17 -61.95
CA SER K 100 -11.15 9.19 -61.00
C SER K 100 -10.17 8.08 -60.58
N TYR K 101 -10.54 7.35 -59.52
CA TYR K 101 -9.77 6.21 -59.01
C TYR K 101 -10.53 4.90 -58.92
N TYR K 102 -10.74 4.22 -60.04
CA TYR K 102 -11.36 2.89 -60.00
C TYR K 102 -10.51 1.85 -59.27
N VAL K 103 -9.20 2.06 -59.27
CA VAL K 103 -8.24 1.22 -58.59
C VAL K 103 -7.45 2.11 -57.67
N ASP K 104 -7.03 1.57 -56.53
CA ASP K 104 -6.32 2.40 -55.59
C ASP K 104 -5.05 2.90 -56.20
N TYR K 105 -4.83 4.19 -56.03
CA TYR K 105 -3.69 4.94 -56.52
C TYR K 105 -3.47 4.92 -58.03
N VAL K 106 -4.48 4.59 -58.83
CA VAL K 106 -4.32 4.65 -60.28
C VAL K 106 -5.18 5.74 -60.89
N ASP K 107 -4.55 6.77 -61.43
CA ASP K 107 -5.35 7.81 -62.06
C ASP K 107 -6.04 7.25 -63.30
N ALA K 108 -7.33 7.55 -63.44
CA ALA K 108 -8.09 7.18 -64.62
C ALA K 108 -8.75 8.40 -65.25
N MET K 109 -8.76 8.43 -66.57
CA MET K 109 -9.38 9.53 -67.34
C MET K 109 -10.91 9.62 -67.26
N ASP K 110 -11.57 8.51 -66.93
CA ASP K 110 -13.04 8.40 -66.70
C ASP K 110 -13.86 8.94 -67.89
N TYR K 111 -14.90 9.77 -67.65
CA TYR K 111 -15.69 10.39 -68.70
C TYR K 111 -14.91 11.40 -69.52
N TRP K 112 -15.19 11.44 -70.82
CA TRP K 112 -14.56 12.40 -71.72
C TRP K 112 -15.57 13.31 -72.35
N GLY K 113 -15.16 14.55 -72.61
CA GLY K 113 -16.00 15.47 -73.37
C GLY K 113 -16.03 14.98 -74.81
N GLN K 114 -17.04 15.40 -75.59
CA GLN K 114 -17.15 14.98 -77.01
C GLN K 114 -16.03 15.51 -77.93
N GLY K 115 -15.31 16.51 -77.47
CA GLY K 115 -14.18 17.14 -78.07
C GLY K 115 -14.60 18.39 -78.82
N THR K 116 -13.61 19.22 -79.07
CA THR K 116 -13.75 20.44 -79.86
C THR K 116 -12.53 20.49 -80.72
N SER K 117 -12.49 21.32 -81.73
CA SER K 117 -11.23 21.34 -82.46
C SER K 117 -10.81 22.72 -82.88
N VAL K 118 -9.52 22.85 -83.10
CA VAL K 118 -8.96 24.11 -83.52
C VAL K 118 -8.05 23.87 -84.70
N THR K 119 -8.09 24.78 -85.68
CA THR K 119 -7.19 24.72 -86.83
C THR K 119 -6.76 26.11 -87.24
N ASP L 1 9.61 9.50 -68.97
CA ASP L 1 8.39 8.73 -69.17
C ASP L 1 8.68 7.39 -69.81
N ILE L 2 7.75 6.46 -69.65
CA ILE L 2 7.91 5.16 -70.24
C ILE L 2 7.34 5.11 -71.64
N VAL L 3 8.15 4.72 -72.61
CA VAL L 3 7.62 4.60 -73.96
C VAL L 3 6.78 3.34 -74.05
N LEU L 4 5.61 3.46 -74.65
CA LEU L 4 4.78 2.27 -74.82
C LEU L 4 4.61 1.98 -76.29
N THR L 5 4.63 0.71 -76.64
CA THR L 5 4.40 0.30 -78.02
C THR L 5 3.41 -0.84 -78.03
N GLN L 6 2.79 -1.09 -79.17
CA GLN L 6 1.79 -2.14 -79.24
C GLN L 6 1.85 -2.90 -80.56
N SER L 7 1.44 -4.16 -80.53
CA SER L 7 1.38 -4.93 -81.76
C SER L 7 0.28 -6.00 -81.75
N PRO L 8 -0.14 -6.49 -82.93
CA PRO L 8 0.11 -6.07 -84.30
C PRO L 8 -0.52 -4.71 -84.50
N ALA L 9 -0.02 -3.89 -85.44
CA ALA L 9 -0.57 -2.53 -85.65
C ALA L 9 -2.09 -2.53 -85.94
N SER L 10 -2.60 -3.60 -86.53
CA SER L 10 -4.03 -3.80 -86.64
C SER L 10 -4.26 -5.29 -86.56
N LEU L 11 -5.47 -5.69 -86.19
CA LEU L 11 -5.79 -7.10 -86.15
C LEU L 11 -7.14 -7.35 -86.75
N ALA L 12 -7.27 -8.34 -87.63
CA ALA L 12 -8.59 -8.65 -88.15
C ALA L 12 -9.00 -10.06 -87.71
N VAL L 13 -10.23 -10.19 -87.18
CA VAL L 13 -10.75 -11.50 -86.76
C VAL L 13 -12.19 -11.76 -87.24
N SER L 14 -12.58 -13.04 -87.29
CA SER L 14 -13.96 -13.43 -87.58
C SER L 14 -14.86 -13.12 -86.40
N LEU L 15 -16.17 -12.95 -86.61
CA LEU L 15 -17.02 -12.68 -85.46
C LEU L 15 -17.06 -13.86 -84.50
N GLY L 16 -17.01 -13.53 -83.21
CA GLY L 16 -17.03 -14.46 -82.09
C GLY L 16 -15.65 -15.09 -81.83
N GLN L 17 -14.63 -14.64 -82.55
CA GLN L 17 -13.28 -15.13 -82.39
C GLN L 17 -12.58 -14.46 -81.22
N ARG L 18 -11.75 -15.22 -80.53
CA ARG L 18 -10.88 -14.65 -79.51
C ARG L 18 -9.86 -13.71 -80.13
N ALA L 19 -9.50 -12.64 -79.43
CA ALA L 19 -8.46 -11.77 -79.96
C ALA L 19 -7.63 -11.14 -78.86
N THR L 20 -6.35 -10.87 -79.17
CA THR L 20 -5.49 -10.22 -78.21
C THR L 20 -4.66 -9.09 -78.77
N ILE L 21 -4.15 -8.25 -77.88
CA ILE L 21 -3.21 -7.17 -78.22
C ILE L 21 -2.00 -7.25 -77.31
N SER L 22 -0.79 -7.18 -77.88
CA SER L 22 0.42 -7.19 -77.06
C SER L 22 0.91 -5.77 -76.83
N CYS L 23 1.35 -5.47 -75.62
CA CYS L 23 1.83 -4.12 -75.34
C CYS L 23 3.09 -4.15 -74.48
N ARG L 24 4.10 -3.46 -74.98
CA ARG L 24 5.38 -3.44 -74.30
C ARG L 24 5.80 -2.08 -73.79
N ALA L 25 6.47 -2.10 -72.64
CA ALA L 25 6.96 -0.89 -72.02
C ALA L 25 8.48 -0.84 -72.02
N SER L 26 9.05 0.35 -72.26
CA SER L 26 10.51 0.56 -72.20
C SER L 26 11.12 0.33 -70.81
N GLU L 27 10.31 0.51 -69.76
CA GLU L 27 10.69 0.35 -68.37
C GLU L 27 9.46 -0.15 -67.62
N SER L 28 9.65 -0.91 -66.54
CA SER L 28 8.51 -1.43 -65.81
C SER L 28 7.64 -0.33 -65.24
N VAL L 29 6.34 -0.59 -65.21
CA VAL L 29 5.42 0.38 -64.66
C VAL L 29 5.00 0.04 -63.24
N ASP L 30 5.43 -1.10 -62.72
CA ASP L 30 5.03 -1.43 -61.37
C ASP L 30 5.79 -0.61 -60.35
N ASN L 31 5.04 0.04 -59.47
CA ASN L 31 5.65 0.72 -58.34
C ASN L 31 4.77 0.40 -57.16
N TYR L 32 5.35 -0.25 -56.16
CA TYR L 32 4.66 -0.74 -54.96
C TYR L 32 3.60 -1.82 -55.28
N GLY L 33 3.71 -2.44 -56.46
CA GLY L 33 2.79 -3.46 -56.96
C GLY L 33 1.49 -2.88 -57.54
N ILE L 34 1.40 -1.55 -57.66
CA ILE L 34 0.23 -0.86 -58.17
C ILE L 34 -0.11 -1.06 -59.64
N SER L 35 0.92 -1.29 -60.48
CA SER L 35 0.83 -1.46 -61.96
C SER L 35 0.50 -0.20 -62.78
N PHE L 36 -0.55 0.55 -62.43
CA PHE L 36 -0.85 1.81 -63.14
C PHE L 36 -1.15 1.69 -64.62
N MET L 37 -1.71 0.57 -65.07
CA MET L 37 -1.98 0.44 -66.48
C MET L 37 -3.46 0.49 -66.81
N ASN L 38 -3.81 1.41 -67.71
CA ASN L 38 -5.20 1.55 -68.16
C ASN L 38 -5.31 1.26 -69.66
N TRP L 39 -6.42 0.66 -70.09
CA TRP L 39 -6.62 0.49 -71.52
C TRP L 39 -7.83 1.27 -71.97
N PHE L 40 -7.73 1.87 -73.17
CA PHE L 40 -8.80 2.69 -73.76
C PHE L 40 -9.27 2.18 -75.11
N GLN L 41 -10.47 2.62 -75.49
CA GLN L 41 -11.12 2.27 -76.77
C GLN L 41 -11.61 3.50 -77.53
N GLN L 42 -11.39 3.59 -78.85
CA GLN L 42 -11.95 4.75 -79.57
C GLN L 42 -12.48 4.41 -80.96
N LYS L 43 -13.54 5.11 -81.35
CA LYS L 43 -14.13 4.94 -82.67
C LYS L 43 -14.17 6.32 -83.30
N PRO L 44 -14.26 6.44 -84.62
CA PRO L 44 -14.34 7.72 -85.28
C PRO L 44 -15.60 8.43 -84.85
N GLY L 45 -15.49 9.74 -84.75
CA GLY L 45 -16.59 10.60 -84.36
C GLY L 45 -16.85 10.64 -82.83
N GLN L 46 -15.98 10.02 -82.02
CA GLN L 46 -16.18 10.07 -80.58
C GLN L 46 -14.85 10.08 -79.82
N PRO L 47 -14.84 10.57 -78.57
CA PRO L 47 -13.75 10.55 -77.62
C PRO L 47 -13.43 9.12 -77.22
N PRO L 48 -12.20 8.83 -76.78
CA PRO L 48 -11.76 7.55 -76.25
C PRO L 48 -12.56 7.22 -75.01
N LYS L 49 -12.74 5.94 -74.73
CA LYS L 49 -13.45 5.51 -73.56
C LYS L 49 -12.60 4.57 -72.73
N LEU L 50 -12.62 4.74 -71.42
CA LEU L 50 -11.88 3.84 -70.56
C LEU L 50 -12.45 2.45 -70.59
N LEU L 51 -11.59 1.45 -70.65
CA LEU L 51 -12.10 0.11 -70.56
C LEU L 51 -11.77 -0.55 -69.24
N ILE L 52 -10.49 -0.72 -69.01
CA ILE L 52 -10.01 -1.46 -67.86
C ILE L 52 -8.83 -0.82 -67.18
N SER L 53 -8.52 -1.36 -66.01
CA SER L 53 -7.32 -1.02 -65.27
C SER L 53 -6.67 -2.35 -64.96
N ALA L 54 -5.37 -2.38 -64.66
CA ALA L 54 -4.71 -3.69 -64.50
C ALA L 54 -5.28 -4.64 -63.41
N THR L 55 -6.02 -4.14 -62.41
CA THR L 55 -6.68 -5.02 -61.46
C THR L 55 -8.20 -5.03 -61.64
N SER L 56 -8.70 -4.35 -62.67
CA SER L 56 -10.13 -4.24 -62.92
C SER L 56 -10.50 -4.72 -64.31
N ASN L 57 -10.85 -6.00 -64.44
CA ASN L 57 -11.28 -6.51 -65.74
C ASN L 57 -12.80 -6.53 -65.91
N GLN L 58 -13.51 -5.95 -64.96
CA GLN L 58 -14.92 -5.74 -65.04
C GLN L 58 -15.13 -4.48 -64.26
N GLY L 59 -16.13 -3.69 -64.59
CA GLY L 59 -16.27 -2.43 -63.91
C GLY L 59 -15.40 -1.47 -64.68
N SER L 60 -15.22 -0.25 -64.18
CA SER L 60 -14.49 0.80 -64.90
C SER L 60 -15.14 1.06 -66.28
N GLY L 61 -16.47 0.94 -66.32
CA GLY L 61 -17.27 1.09 -67.54
C GLY L 61 -17.38 -0.13 -68.48
N VAL L 62 -16.84 -1.33 -68.12
CA VAL L 62 -17.02 -2.49 -69.02
C VAL L 62 -17.51 -3.80 -68.40
N PRO L 63 -18.03 -4.70 -69.26
CA PRO L 63 -18.31 -6.13 -69.05
C PRO L 63 -16.99 -6.89 -68.90
N ALA L 64 -17.07 -8.08 -68.27
CA ALA L 64 -15.92 -8.97 -68.04
C ALA L 64 -15.18 -9.43 -69.33
N ARG L 65 -15.80 -9.20 -70.50
CA ARG L 65 -15.29 -9.47 -71.84
C ARG L 65 -13.87 -8.90 -72.13
N PHE L 66 -13.46 -7.84 -71.44
CA PHE L 66 -12.13 -7.26 -71.70
C PHE L 66 -11.16 -7.63 -70.59
N ILE L 67 -10.28 -8.59 -70.85
CA ILE L 67 -9.35 -9.02 -69.83
C ILE L 67 -7.91 -8.51 -69.98
N GLY L 68 -7.50 -7.60 -69.10
CA GLY L 68 -6.11 -7.17 -69.04
C GLY L 68 -5.27 -8.28 -68.45
N SER L 69 -4.00 -8.31 -68.82
CA SER L 69 -3.06 -9.27 -68.24
C SER L 69 -1.63 -8.79 -68.23
N GLY L 70 -0.82 -9.48 -67.45
CA GLY L 70 0.63 -9.24 -67.37
C GLY L 70 1.08 -8.30 -66.25
N SER L 71 2.40 -8.15 -66.15
CA SER L 71 3.07 -7.31 -65.15
C SER L 71 4.43 -6.85 -65.66
N GLY L 72 5.05 -5.90 -64.95
CA GLY L 72 6.37 -5.44 -65.37
C GLY L 72 6.28 -4.67 -66.67
N THR L 73 7.12 -5.07 -67.63
CA THR L 73 7.13 -4.44 -68.93
C THR L 73 6.16 -5.08 -69.95
N ASP L 74 5.55 -6.21 -69.62
CA ASP L 74 4.66 -6.84 -70.61
C ASP L 74 3.21 -6.82 -70.21
N PHE L 75 2.35 -6.38 -71.13
CA PHE L 75 0.91 -6.39 -70.89
C PHE L 75 0.12 -6.82 -72.08
N SER L 76 -1.09 -7.28 -71.84
CA SER L 76 -1.93 -7.64 -72.95
C SER L 76 -3.39 -7.42 -72.66
N LEU L 77 -4.18 -7.41 -73.72
CA LEU L 77 -5.63 -7.31 -73.63
C LEU L 77 -6.22 -8.51 -74.32
N ASN L 78 -7.18 -9.16 -73.67
CA ASN L 78 -7.79 -10.38 -74.20
C ASN L 78 -9.33 -10.38 -74.24
N ILE L 79 -9.92 -10.52 -75.44
CA ILE L 79 -11.38 -10.63 -75.56
C ILE L 79 -11.78 -11.93 -76.24
N HIS L 80 -12.39 -12.86 -75.50
CA HIS L 80 -12.84 -14.12 -76.11
C HIS L 80 -14.02 -14.04 -77.12
N PRO L 81 -15.05 -13.20 -76.89
CA PRO L 81 -16.15 -12.99 -77.84
C PRO L 81 -16.08 -11.72 -78.70
N VAL L 82 -15.21 -11.59 -79.69
CA VAL L 82 -15.24 -10.32 -80.43
C VAL L 82 -16.51 -10.12 -81.29
N GLU L 83 -17.04 -8.90 -81.23
CA GLU L 83 -18.25 -8.50 -81.96
C GLU L 83 -17.91 -7.30 -82.84
N GLU L 84 -18.72 -7.02 -83.85
CA GLU L 84 -18.42 -5.89 -84.74
C GLU L 84 -18.48 -4.51 -84.06
N ASP L 85 -19.10 -4.41 -82.87
CA ASP L 85 -19.07 -3.17 -82.14
C ASP L 85 -17.82 -3.04 -81.27
N ASP L 86 -16.91 -4.02 -81.33
CA ASP L 86 -15.64 -3.92 -80.69
C ASP L 86 -14.58 -3.37 -81.64
N THR L 87 -14.95 -2.99 -82.88
CA THR L 87 -13.87 -2.49 -83.72
C THR L 87 -13.56 -1.09 -83.27
N ALA L 88 -12.34 -0.93 -82.82
CA ALA L 88 -11.91 0.33 -82.30
C ALA L 88 -10.42 0.46 -82.25
N MET L 89 -9.93 1.67 -82.14
CA MET L 89 -8.54 1.86 -81.85
C MET L 89 -8.38 1.46 -80.36
N TYR L 90 -7.24 0.89 -79.95
CA TYR L 90 -7.07 0.59 -78.52
C TYR L 90 -5.74 1.11 -78.01
N PHE L 91 -5.73 1.64 -76.76
CA PHE L 91 -4.51 2.29 -76.26
C PHE L 91 -4.05 1.91 -74.85
N CYS L 92 -2.77 1.49 -74.72
CA CYS L 92 -2.18 1.29 -73.38
C CYS L 92 -1.90 2.66 -72.77
N GLN L 93 -2.16 2.84 -71.47
CA GLN L 93 -1.87 4.11 -70.78
C GLN L 93 -1.00 3.98 -69.55
N GLN L 94 0.05 4.83 -69.46
CA GLN L 94 0.85 4.87 -68.24
C GLN L 94 0.30 5.89 -67.24
N SER L 95 -0.16 5.46 -66.06
CA SER L 95 -0.52 6.47 -65.05
C SER L 95 0.61 6.71 -64.02
N LYS L 96 1.70 5.95 -64.09
CA LYS L 96 2.77 6.09 -63.09
C LYS L 96 3.55 7.39 -63.03
N GLU L 97 3.83 8.02 -64.16
CA GLU L 97 4.66 9.23 -64.10
C GLU L 97 4.35 10.27 -65.17
N VAL L 98 4.48 11.52 -64.78
CA VAL L 98 4.27 12.69 -65.65
C VAL L 98 5.34 12.72 -66.74
N PRO L 99 5.02 13.05 -68.00
CA PRO L 99 3.78 13.44 -68.73
C PRO L 99 2.61 12.47 -68.80
N ARG L 100 2.72 11.24 -68.32
CA ARG L 100 1.61 10.27 -68.42
C ARG L 100 1.32 9.92 -69.87
N THR L 101 2.40 9.63 -70.61
CA THR L 101 2.29 9.31 -72.03
C THR L 101 1.65 7.97 -72.25
N PHE L 102 1.16 7.79 -73.47
CA PHE L 102 0.50 6.58 -73.82
C PHE L 102 0.71 6.19 -75.27
N GLY L 103 0.46 4.92 -75.58
CA GLY L 103 0.75 4.35 -76.89
C GLY L 103 -0.11 4.89 -78.02
N GLY L 104 0.41 4.79 -79.26
CA GLY L 104 -0.33 5.18 -80.46
C GLY L 104 -1.52 4.24 -80.76
N GLY L 105 -1.46 3.04 -80.23
CA GLY L 105 -2.56 2.09 -80.30
C GLY L 105 -2.57 1.19 -81.51
N THR L 106 -3.57 0.30 -81.52
CA THR L 106 -3.78 -0.63 -82.63
C THR L 106 -5.25 -0.63 -83.01
N LYS L 107 -5.59 -1.12 -84.21
CA LYS L 107 -7.01 -1.14 -84.57
C LYS L 107 -7.59 -2.53 -84.79
N LEU L 108 -8.63 -2.86 -84.04
CA LEU L 108 -9.36 -4.12 -84.26
C LEU L 108 -10.28 -4.02 -85.46
N GLU L 109 -10.35 -5.08 -86.26
CA GLU L 109 -11.24 -5.12 -87.40
C GLU L 109 -11.94 -6.47 -87.53
N ILE L 110 -13.13 -6.49 -88.09
CA ILE L 110 -13.78 -7.76 -88.41
C ILE L 110 -13.41 -8.12 -89.83
N LYS L 111 -12.98 -9.37 -90.07
CA LYS L 111 -12.66 -9.72 -91.44
C LYS L 111 -13.92 -9.61 -92.28
C1 NAG M . 5.21 42.48 -5.24
C2 NAG M . 4.80 43.75 -4.53
C3 NAG M . 5.69 43.98 -3.33
C4 NAG M . 5.63 42.77 -2.40
C5 NAG M . 5.94 41.49 -3.17
C6 NAG M . 5.67 40.22 -2.39
C7 NAG M . 3.74 45.39 -5.99
C8 NAG M . 3.95 46.56 -6.90
N2 NAG M . 4.85 44.89 -5.42
O3 NAG M . 5.30 45.16 -2.65
O4 NAG M . 6.59 42.98 -1.36
O5 NAG M . 5.12 41.39 -4.34
O6 NAG M . 4.35 40.23 -1.87
O7 NAG M . 2.63 44.92 -5.78
C1 NAG M . 6.09 42.85 0.00
C2 NAG M . 6.84 43.89 0.84
C3 NAG M . 6.43 43.81 2.31
C4 NAG M . 4.91 43.87 2.45
C5 NAG M . 4.25 42.82 1.54
C6 NAG M . 2.74 42.88 1.59
C7 NAG M . 9.06 42.72 0.98
C8 NAG M . 10.52 42.89 0.70
N2 NAG M . 8.29 43.78 0.68
O3 NAG M . 7.02 44.90 3.03
O4 NAG M . 4.52 43.63 3.79
O5 NAG M . 4.65 43.05 0.18
O6 NAG M . 2.29 42.79 2.93
O7 NAG M . 8.62 41.67 1.45
C1 NAG N . 22.92 34.84 3.57
C2 NAG N . 22.71 33.84 4.72
C3 NAG N . 24.04 33.48 5.38
C4 NAG N . 24.86 34.73 5.71
C5 NAG N . 24.86 35.71 4.55
C6 NAG N . 26.24 36.14 4.12
C7 NAG N . 20.44 34.26 5.54
C8 NAG N . 19.61 34.82 6.66
N2 NAG N . 21.76 34.35 5.70
O3 NAG N . 24.78 32.69 4.46
O4 NAG N . 24.27 35.36 6.85
O5 NAG N . 24.28 35.08 3.39
O6 NAG N . 26.19 36.77 2.85
O7 NAG N . 19.94 33.75 4.54
C1 NAG N . 25.24 35.34 7.93
C2 NAG N . 24.59 35.93 9.17
C3 NAG N . 25.57 35.92 10.33
C4 NAG N . 26.10 34.51 10.56
C5 NAG N . 26.66 33.92 9.27
C6 NAG N . 27.00 32.45 9.43
C7 NAG N . 22.79 37.56 8.84
C8 NAG N . 22.45 38.99 8.58
N2 NAG N . 24.09 37.27 8.92
O3 NAG N . 24.91 36.39 11.50
O4 NAG N . 27.16 34.55 11.53
O5 NAG N . 25.69 33.99 8.22
O6 NAG N . 26.00 31.78 10.18
O7 NAG N . 21.93 36.71 8.98
C1 NAG O . -10.86 37.62 -41.14
C2 NAG O . -12.32 37.55 -40.64
C3 NAG O . -12.84 36.11 -40.76
C4 NAG O . -12.57 35.51 -42.14
C5 NAG O . -11.11 35.70 -42.51
C6 NAG O . -10.77 35.20 -43.88
C7 NAG O . -12.92 39.19 -38.93
C8 NAG O . -12.97 39.49 -37.46
N2 NAG O . -12.42 38.00 -39.26
O3 NAG O . -14.25 36.15 -40.52
O4 NAG O . -12.84 34.12 -42.07
O5 NAG O . -10.77 37.09 -42.45
O6 NAG O . -9.85 34.11 -43.82
O7 NAG O . -13.30 40.00 -39.76
C1 NAG O . -14.03 33.73 -42.79
C2 NAG O . -13.99 32.21 -42.99
C3 NAG O . -15.27 31.74 -43.69
C4 NAG O . -16.49 32.20 -42.91
C5 NAG O . -16.46 33.71 -42.74
C6 NAG O . -17.58 34.24 -41.88
C7 NAG O . -12.22 30.62 -43.61
C8 NAG O . -11.01 30.38 -44.46
N2 NAG O . -12.81 31.82 -43.75
O3 NAG O . -15.28 30.32 -43.80
O4 NAG O . -17.68 31.83 -43.60
O5 NAG O . -15.23 34.10 -42.09
O6 NAG O . -18.71 33.38 -41.93
O7 NAG O . -12.63 29.77 -42.83
C1 NAG P . -2.50 50.83 -19.36
C2 NAG P . -2.85 50.07 -18.09
C3 NAG P . -3.26 51.03 -17.00
C4 NAG P . -2.20 52.10 -16.79
C5 NAG P . -1.83 52.76 -18.10
C6 NAG P . -0.64 53.69 -18.02
C7 NAG P . -3.81 47.82 -17.94
C8 NAG P . -4.97 46.94 -18.27
N2 NAG P . -3.90 49.09 -18.35
O3 NAG P . -3.47 50.30 -15.80
O4 NAG P . -2.71 53.09 -15.90
O5 NAG P . -1.48 51.77 -19.08
O6 NAG P . 0.51 53.08 -18.58
O7 NAG P . -2.84 47.40 -17.33
C1 NAG P . -1.97 53.10 -14.67
C2 NAG P . -2.11 54.50 -14.07
C3 NAG P . -1.42 54.57 -12.70
C4 NAG P . -1.89 53.44 -11.79
C5 NAG P . -1.74 52.09 -12.51
C6 NAG P . -2.30 50.94 -11.71
C7 NAG P . -2.30 56.21 -15.81
C8 NAG P . -1.56 57.18 -16.68
N2 NAG P . -1.55 55.50 -14.96
O3 NAG P . -1.71 55.82 -12.10
O4 NAG P . -1.11 53.41 -10.59
O5 NAG P . -2.47 52.13 -13.74
O6 NAG P . -3.63 50.65 -12.13
O7 NAG P . -3.52 56.07 -15.89
C1 NAG Q . 12.75 15.60 35.35
C2 NAG Q . 13.78 15.03 34.42
C3 NAG Q . 14.38 16.16 33.56
C4 NAG Q . 13.31 17.09 32.98
C5 NAG Q . 12.20 17.39 33.97
C6 NAG Q . 10.98 18.03 33.36
C7 NAG Q . 14.77 13.05 35.45
C8 NAG Q . 15.91 12.49 36.24
N2 NAG Q . 14.82 14.35 35.16
O3 NAG Q . 15.14 15.58 32.50
O4 NAG Q . 13.91 18.34 32.68
O5 NAG Q . 11.74 16.19 34.61
O6 NAG Q . 9.95 18.23 34.32
O7 NAG Q . 13.83 12.33 35.08
C1 NAG Q . 14.09 18.57 31.28
C2 NAG Q . 13.71 20.01 30.97
C3 NAG Q . 13.95 20.33 29.51
C4 NAG Q . 15.39 20.01 29.12
C5 NAG Q . 15.73 18.57 29.50
C6 NAG Q . 17.19 18.24 29.29
C7 NAG Q . 11.92 21.24 32.17
C8 NAG Q . 13.00 22.10 32.76
N2 NAG Q . 12.32 20.27 31.32
O3 NAG Q . 13.67 21.70 29.27
O4 NAG Q . 15.56 20.19 27.72
O5 NAG Q . 15.45 18.34 30.88
O6 NAG Q . 17.40 17.49 28.10
O7 NAG Q . 10.74 21.41 32.43
C1 NAG R . 8.45 12.42 74.82
C2 NAG R . 9.77 11.69 74.87
C3 NAG R . 10.16 11.39 76.31
C4 NAG R . 9.98 12.60 77.23
C5 NAG R . 8.72 13.42 76.90
C6 NAG R . 8.74 14.83 77.46
C7 NAG R . 8.96 9.42 74.13
C8 NAG R . 9.19 8.35 73.10
N2 NAG R . 9.77 10.49 74.03
O3 NAG R . 11.53 10.98 76.33
O4 NAG R . 9.87 12.06 78.55
O5 NAG R . 8.55 13.59 75.49
O6 NAG R . 7.41 15.34 77.55
O7 NAG R . 8.12 9.30 75.02
C1 NAG R . 10.56 12.73 79.66
C2 NAG R . 10.27 11.92 80.93
C3 NAG R . 10.85 12.65 82.13
C4 NAG R . 12.35 12.83 81.92
C5 NAG R . 12.63 13.56 80.60
C6 NAG R . 14.10 13.67 80.29
C7 NAG R . 8.30 10.47 81.11
C8 NAG R . 6.82 10.41 81.30
N2 NAG R . 8.84 11.69 81.10
O3 NAG R . 10.59 11.91 83.32
O4 NAG R . 12.92 13.57 83.00
O5 NAG R . 12.01 12.87 79.50
O6 NAG R . 14.83 14.16 81.41
O7 NAG R . 8.99 9.46 80.96
C1 NAG S . 1.69 31.13 61.36
C2 NAG S . 1.89 31.44 59.84
C3 NAG S . 3.31 31.09 59.27
C4 NAG S . 4.21 30.18 60.12
C5 NAG S . 3.57 29.74 61.42
C6 NAG S . 4.59 29.31 62.44
C7 NAG S . 0.54 29.58 58.85
C8 NAG S . -0.62 29.29 57.96
N2 NAG S . 0.83 30.88 59.02
O3 NAG S . 4.01 32.31 59.04
O4 NAG S . 4.62 29.02 59.40
O5 NAG S . 2.90 30.87 61.96
O6 NAG S . 4.59 27.90 62.61
O7 NAG S . 1.20 28.67 59.37
C1 NAG S . 5.75 29.18 58.49
C2 NAG S . 7.03 28.58 59.08
C3 NAG S . 8.18 28.67 58.07
C4 NAG S . 7.80 28.06 56.73
C5 NAG S . 6.51 28.71 56.22
C6 NAG S . 6.02 28.09 54.94
C7 NAG S . 7.83 28.64 61.44
C8 NAG S . 7.87 27.14 61.41
N2 NAG S . 7.42 29.25 60.32
O3 NAG S . 9.32 27.97 58.59
O4 NAG S . 8.82 28.30 55.79
O5 NAG S . 5.47 28.56 57.20
O6 NAG S . 7.08 27.97 54.00
O7 NAG S . 8.13 29.27 62.44
C1 NAG T . 34.07 0.77 -26.26
C2 NAG T . 35.54 0.38 -26.44
C3 NAG T . 36.08 -0.40 -25.22
C4 NAG T . 35.17 -1.54 -24.78
C5 NAG T . 33.70 -1.24 -25.04
C6 NAG T . 32.79 -1.72 -23.93
C7 NAG T . 36.18 0.14 -28.82
C8 NAG T . 36.51 1.61 -28.82
N2 NAG T . 35.73 -0.38 -27.67
O3 NAG T . 36.26 0.51 -24.15
O4 NAG T . 35.54 -2.78 -25.38
O5 NAG T . 33.55 0.19 -25.09
O6 NAG T . 31.43 -1.75 -24.35
O7 NAG T . 36.32 -0.54 -29.83
C1 NAG T . 35.91 -3.66 -24.30
C2 NAG T . 36.18 -5.09 -24.82
C3 NAG T . 36.72 -6.02 -23.70
C4 NAG T . 37.86 -5.36 -22.95
C5 NAG T . 37.48 -3.95 -22.49
C6 NAG T . 38.63 -3.21 -21.85
C7 NAG T . 33.83 -6.10 -25.38
C8 NAG T . 33.25 -5.91 -24.00
N2 NAG T . 35.12 -5.71 -25.64
O3 NAG T . 37.17 -7.23 -24.30
O4 NAG T . 38.20 -6.15 -21.81
O5 NAG T . 37.07 -3.16 -23.61
O6 NAG T . 39.16 -3.93 -20.74
O7 NAG T . 33.17 -6.60 -26.28
C1 NAG U . 41.18 16.21 -30.61
C2 NAG U . 40.85 15.02 -29.73
C3 NAG U . 42.14 14.38 -29.22
C4 NAG U . 43.06 14.04 -30.39
C5 NAG U . 43.21 15.21 -31.35
C6 NAG U . 43.85 14.81 -32.66
C7 NAG U . 40.16 16.17 -27.60
C8 NAG U . 39.04 16.32 -26.63
N2 NAG U . 39.93 15.34 -28.64
O3 NAG U . 41.80 13.26 -28.42
O4 NAG U . 44.37 13.73 -29.90
O5 NAG U . 41.94 15.78 -31.71
O6 NAG U . 42.88 14.70 -33.68
O7 NAG U . 41.23 16.75 -27.44
C1 NAG U . 44.54 12.31 -29.77
C2 NAG U . 45.96 11.93 -30.17
C3 NAG U . 46.22 10.45 -29.90
C4 NAG U . 45.84 10.07 -28.48
C5 NAG U . 44.41 10.51 -28.18
C6 NAG U . 44.01 10.28 -26.74
C7 NAG U . 47.03 13.20 -31.98
C8 NAG U . 47.16 13.38 -33.45
N2 NAG U . 46.20 12.25 -31.57
O3 NAG U . 47.60 10.18 -30.12
O4 NAG U . 45.93 8.65 -28.31
O5 NAG U . 44.30 11.92 -28.41
O6 NAG U . 44.97 9.48 -26.05
O7 NAG U . 47.66 13.90 -31.18
C1 NAG V . 21.82 -15.41 -32.40
C2 NAG V . 22.04 -16.06 -31.03
C3 NAG V . 22.51 -17.50 -31.22
C4 NAG V . 21.60 -18.28 -32.16
C5 NAG V . 21.39 -17.50 -33.46
C6 NAG V . 20.34 -18.10 -34.36
C7 NAG V . 22.74 -14.29 -29.47
C8 NAG V . 23.91 -13.65 -28.79
N2 NAG V . 23.04 -15.32 -30.28
O3 NAG V . 22.53 -18.13 -29.93
O4 NAG V . 22.23 -19.50 -32.51
O5 NAG V . 20.92 -16.18 -33.16
O6 NAG V . 19.63 -17.08 -35.03
O7 NAG V . 21.59 -13.90 -29.32
C1 NAG V . 21.60 -20.68 -31.93
C2 NAG V . 22.55 -21.25 -30.87
C3 NAG V . 21.94 -22.47 -30.20
C4 NAG V . 20.54 -22.14 -29.66
C5 NAG V . 19.67 -21.52 -30.74
C6 NAG V . 18.34 -21.02 -30.22
C7 NAG V . 24.94 -20.83 -31.22
C8 NAG V . 26.20 -21.31 -31.89
N2 NAG V . 23.85 -21.57 -31.43
O3 NAG V . 22.78 -22.87 -29.13
O4 NAG V . 19.92 -23.34 -29.21
O5 NAG V . 20.34 -20.37 -31.31
O6 NAG V . 18.42 -19.68 -29.79
O7 NAG V . 24.93 -19.83 -30.52
C1 NAG W . 29.06 40.26 -28.20
C2 NAG W . 29.46 40.17 -26.75
C3 NAG W . 28.31 40.66 -25.89
C4 NAG W . 28.02 42.12 -26.24
C5 NAG W . 27.76 42.26 -27.75
C6 NAG W . 27.67 43.69 -28.19
C7 NAG W . 30.91 38.61 -25.55
C8 NAG W . 31.20 37.18 -25.21
N2 NAG W . 29.86 38.82 -26.35
O3 NAG W . 28.66 40.48 -24.52
O4 NAG W . 26.88 42.63 -25.56
O5 NAG W . 28.79 41.64 -28.54
O6 NAG W . 26.93 43.83 -29.39
O7 NAG W . 31.58 39.53 -25.10
C1 NAG W . 27.06 43.23 -24.26
C2 NAG W . 27.50 44.71 -24.22
C3 NAG W . 27.35 45.29 -22.82
C4 NAG W . 25.97 45.02 -22.24
C5 NAG W . 25.70 43.53 -22.28
C6 NAG W . 24.33 43.16 -21.79
C7 NAG W . 29.24 45.76 -25.61
C8 NAG W . 30.71 45.78 -25.95
N2 NAG W . 28.87 44.87 -24.68
O3 NAG W . 27.58 46.69 -22.85
O4 NAG W . 25.90 45.47 -20.89
O5 NAG W . 25.78 43.09 -23.64
O6 NAG W . 24.40 42.37 -20.61
O7 NAG W . 28.44 46.50 -26.16
C1 NAG X . 16.95 -37.99 -0.85
C2 NAG X . 16.17 -37.98 -2.17
C3 NAG X . 17.05 -37.53 -3.33
C4 NAG X . 17.62 -36.15 -3.02
C5 NAG X . 18.41 -36.21 -1.72
C6 NAG X . 18.89 -34.85 -1.27
C7 NAG X . 16.05 -40.42 -2.72
C8 NAG X . 15.09 -41.53 -3.06
N2 NAG X . 15.48 -39.23 -2.48
O3 NAG X . 16.26 -37.52 -4.51
O4 NAG X . 18.47 -35.74 -4.08
O5 NAG X . 17.59 -36.72 -0.64
O6 NAG X . 18.31 -34.50 -0.02
O7 NAG X . 17.26 -40.63 -2.66
C1 NAG X . 17.88 -34.70 -4.90
C2 NAG X . 19.03 -33.95 -5.56
C3 NAG X . 18.49 -32.84 -6.47
C4 NAG X . 17.47 -33.40 -7.46
C5 NAG X . 16.38 -34.18 -6.73
C6 NAG X . 15.44 -34.88 -7.67
C7 NAG X . 21.15 -33.86 -4.28
C8 NAG X . 21.61 -35.04 -5.09
N2 NAG X . 19.92 -33.39 -4.56
O3 NAG X . 19.57 -32.26 -7.18
O4 NAG X . 16.86 -32.33 -8.17
O5 NAG X . 16.98 -35.20 -5.89
O6 NAG X . 14.72 -33.95 -8.46
O7 NAG X . 21.86 -33.34 -3.42
C1 NAG Y . 23.31 -69.41 21.38
C2 NAG Y . 22.16 -70.23 20.83
C3 NAG Y . 22.19 -71.66 21.38
C4 NAG Y . 23.59 -72.28 21.35
C5 NAG Y . 24.67 -71.27 21.79
C6 NAG Y . 26.08 -71.73 21.52
C7 NAG Y . 20.32 -69.26 22.24
C8 NAG Y . 18.99 -68.57 22.16
N2 NAG Y . 20.87 -69.58 21.06
O3 NAG Y . 21.30 -72.46 20.61
O4 NAG Y . 23.58 -73.37 22.26
O5 NAG Y . 24.52 -70.04 21.08
O6 NAG Y . 27.03 -70.96 22.25
O7 NAG Y . 20.84 -69.52 23.32
C1 NAG Y . 23.98 -74.66 21.73
C2 NAG Y . 23.19 -75.74 22.48
C3 NAG Y . 23.59 -77.13 21.98
C4 NAG Y . 23.42 -77.21 20.46
C5 NAG Y . 24.20 -76.09 19.79
C6 NAG Y . 24.03 -76.06 18.29
C7 NAG Y . 24.41 -75.73 24.67
C8 NAG Y . 24.21 -75.59 26.15
N2 NAG Y . 23.30 -75.65 23.94
O3 NAG Y . 22.78 -78.13 22.62
O4 NAG Y . 23.89 -78.47 19.99
O5 NAG Y . 23.77 -74.81 20.29
O6 NAG Y . 24.60 -77.22 17.69
O7 NAG Y . 25.53 -75.93 24.19
C1 NAG Z . 39.35 -54.60 11.51
C2 NAG Z . 38.47 -53.42 11.10
C3 NAG Z . 37.07 -53.88 10.69
C4 NAG Z . 37.14 -54.98 9.65
C5 NAG Z . 37.98 -56.12 10.21
C6 NAG Z . 38.16 -57.28 9.25
C7 NAG Z . 38.71 -51.16 12.01
C8 NAG Z . 38.58 -50.30 13.24
N2 NAG Z . 38.40 -52.45 12.18
O3 NAG Z . 36.36 -52.77 10.16
O4 NAG Z . 35.82 -55.44 9.35
O5 NAG Z . 39.30 -55.62 10.50
O6 NAG Z . 38.15 -58.52 9.96
O7 NAG Z . 39.10 -50.71 10.94
C1 NAG Z . 35.49 -55.13 7.97
C2 NAG Z . 34.54 -56.20 7.47
C3 NAG Z . 34.21 -55.96 6.00
C4 NAG Z . 33.67 -54.55 5.79
C5 NAG Z . 34.60 -53.50 6.42
C6 NAG Z . 33.98 -52.12 6.42
C7 NAG Z . 34.68 -58.33 8.67
C8 NAG Z . 35.31 -59.69 8.72
N2 NAG Z . 35.07 -57.54 7.67
O3 NAG Z . 33.26 -56.93 5.57
O4 NAG Z . 33.55 -54.28 4.40
O5 NAG Z . 34.90 -53.83 7.79
O6 NAG Z . 34.76 -51.19 5.69
O7 NAG Z . 33.85 -57.97 9.50
C1 NAG AA . 17.25 8.95 -53.66
C2 NAG AA . 17.32 7.49 -53.29
C3 NAG AA . 18.41 7.29 -52.24
C4 NAG AA . 19.75 7.77 -52.80
C5 NAG AA . 19.64 9.22 -53.28
C6 NAG AA . 20.86 9.69 -54.01
C7 NAG AA . 15.57 5.79 -53.17
C8 NAG AA . 14.24 5.41 -52.59
N2 NAG AA . 16.05 6.98 -52.80
O3 NAG AA . 18.46 5.92 -51.94
O4 NAG AA . 20.75 7.67 -51.79
O5 NAG AA . 18.53 9.38 -54.19
O6 NAG AA . 21.90 10.06 -53.11
O7 NAG AA . 16.17 5.07 -53.95
C1 NAG AA . 21.70 6.61 -52.08
C2 NAG AA . 22.88 6.75 -51.10
C3 NAG AA . 23.86 5.57 -51.26
C4 NAG AA . 23.12 4.25 -51.16
C5 NAG AA . 22.02 4.21 -52.21
C6 NAG AA . 21.23 2.94 -52.20
C7 NAG AA . 24.10 8.75 -50.35
C8 NAG AA . 24.80 10.00 -50.77
N2 NAG AA . 23.59 8.00 -51.33
O3 NAG AA . 24.84 5.65 -50.23
O4 NAG AA . 24.03 3.17 -51.39
O5 NAG AA . 21.11 5.30 -51.96
O6 NAG AA . 22.06 1.81 -51.93
O7 NAG AA . 24.00 8.42 -49.17
C1 NAG BA . -29.76 18.42 -23.40
C2 NAG BA . -30.09 17.63 -22.12
C3 NAG BA . -31.23 18.29 -21.35
C4 NAG BA . -32.37 18.69 -22.27
C5 NAG BA . -31.85 19.35 -23.54
C6 NAG BA . -32.49 20.67 -23.88
C7 NAG BA . -29.48 15.32 -22.71
C8 NAG BA . -29.99 13.94 -23.00
N2 NAG BA . -30.42 16.24 -22.42
O3 NAG BA . -30.72 19.45 -20.69
O4 NAG BA . -33.13 17.53 -22.59
O5 NAG BA . -30.45 19.61 -23.40
O6 NAG BA . -31.72 21.33 -24.88
O7 NAG BA . -28.29 15.58 -22.73
C1 NAG BA . -34.42 17.54 -21.92
C2 NAG BA . -34.98 16.10 -21.87
C3 NAG BA . -36.33 16.10 -21.16
C4 NAG BA . -36.21 16.74 -19.79
C5 NAG BA . -35.59 18.13 -19.88
C6 NAG BA . -35.29 18.70 -18.51
C7 NAG BA . -34.73 14.30 -23.56
C8 NAG BA . -34.12 13.45 -22.47
N2 NAG BA . -35.10 15.54 -23.21
O3 NAG BA . -36.80 14.77 -21.03
O4 NAG BA . -37.51 16.87 -19.21
O5 NAG BA . -34.34 18.07 -20.57
O6 NAG BA . -34.79 17.72 -17.64
O7 NAG BA . -34.87 13.89 -24.70
C1 NAG CA . -19.23 5.85 -38.15
C2 NAG CA . -20.32 5.24 -39.02
C3 NAG CA . -21.69 5.39 -38.35
C4 NAG CA . -21.66 4.79 -36.96
C5 NAG CA . -20.53 5.43 -36.14
C6 NAG CA . -20.33 4.82 -34.78
C7 NAG CA . -20.52 7.04 -40.76
C8 NAG CA . -20.45 7.29 -42.23
N2 NAG CA . -20.33 5.77 -40.38
O3 NAG CA . -22.68 4.75 -39.15
O4 NAG CA . -22.92 4.96 -36.34
O5 NAG CA . -19.28 5.28 -36.84
O6 NAG CA . -20.58 5.75 -33.74
O7 NAG CA . -20.73 7.96 -39.96
C1 NAG CA . -23.49 3.65 -36.07
C2 NAG CA . -24.97 3.80 -35.70
C3 NAG CA . -25.58 2.44 -35.41
C4 NAG CA . -25.36 1.48 -36.58
C5 NAG CA . -23.88 1.43 -36.98
C6 NAG CA . -23.65 0.67 -38.26
C7 NAG CA . -24.75 4.69 -33.36
C8 NAG CA . -25.14 5.82 -32.47
N2 NAG CA . -25.21 4.76 -34.63
O3 NAG CA . -26.98 2.57 -35.15
O4 NAG CA . -25.79 0.17 -36.22
O5 NAG CA . -23.37 2.76 -37.21
O6 NAG CA . -24.58 -0.39 -38.42
O7 NAG CA . -24.05 3.76 -32.95
C1 NAG DA . -9.23 5.12 -53.15
C2 NAG DA . -9.76 4.27 -52.02
C3 NAG DA . -10.97 3.46 -52.47
C4 NAG DA . -12.01 4.36 -53.11
C5 NAG DA . -11.37 5.20 -54.21
C6 NAG DA . -12.30 6.25 -54.77
C7 NAG DA . -8.18 3.52 -50.27
C8 NAG DA . -8.68 4.65 -49.42
N2 NAG DA . -8.72 3.40 -51.49
O3 NAG DA . -11.51 2.77 -51.35
O4 NAG DA . -13.07 3.60 -53.68
O5 NAG DA . -10.25 5.92 -53.67
O6 NAG DA . -12.21 7.46 -54.02
O7 NAG DA . -7.32 2.75 -49.87
C1 NAG DA . -14.25 3.74 -52.87
C2 NAG DA . -15.50 3.67 -53.75
C3 NAG DA . -16.75 3.69 -52.89
C4 NAG DA . -16.69 2.62 -51.80
C5 NAG DA . -15.40 2.76 -51.00
C6 NAG DA . -15.21 1.64 -50.00
C7 NAG DA . -15.19 4.57 -56.01
C8 NAG DA . -15.29 5.80 -56.88
N2 NAG DA . -15.52 4.74 -54.72
O3 NAG DA . -17.89 3.48 -53.71
O4 NAG DA . -17.80 2.75 -50.92
O5 NAG DA . -14.27 2.70 -51.89
O6 NAG DA . -15.18 0.38 -50.67
O7 NAG DA . -14.84 3.48 -56.45
C1 NAG EA . -66.39 -28.01 24.70
C2 NAG EA . -66.67 -26.66 25.40
C3 NAG EA . -67.63 -26.81 26.59
C4 NAG EA . -68.81 -27.73 26.27
C5 NAG EA . -68.25 -29.01 25.63
C6 NAG EA . -69.25 -30.09 25.30
C7 NAG EA . -64.47 -26.50 26.61
C8 NAG EA . -63.26 -25.62 26.79
N2 NAG EA . -65.41 -26.02 25.78
O3 NAG EA . -68.12 -25.53 26.95
O4 NAG EA . -69.52 -27.98 27.48
O5 NAG EA . -67.59 -28.66 24.42
O6 NAG EA . -69.09 -31.21 26.16
O7 NAG EA . -64.57 -27.57 27.21
C1 NAG EA . -70.99 -27.90 27.42
C2 NAG EA . -71.55 -28.32 28.80
C3 NAG EA . -73.08 -28.35 28.77
C4 NAG EA . -73.62 -27.00 28.27
C5 NAG EA . -72.98 -26.64 26.93
C6 NAG EA . -73.42 -25.29 26.42
C7 NAG EA . -71.10 -30.80 28.70
C8 NAG EA . -70.42 -31.92 29.43
N2 NAG EA . -71.00 -29.58 29.28
O3 NAG EA . -73.58 -28.61 30.08
O4 NAG EA . -75.03 -27.08 28.12
O5 NAG EA . -71.55 -26.60 27.05
O6 NAG EA . -74.78 -25.32 25.99
O7 NAG EA . -71.70 -30.99 27.64
C1 NAG FA . -40.67 -6.62 4.49
C2 NAG FA . -39.98 -5.25 4.75
C3 NAG FA . -40.23 -4.27 3.61
C4 NAG FA . -39.79 -4.90 2.31
C5 NAG FA . -40.59 -6.18 2.10
C6 NAG FA . -40.29 -6.88 0.80
C7 NAG FA . -41.49 -4.28 6.49
C8 NAG FA . -41.52 -3.72 7.89
N2 NAG FA . -40.28 -4.67 6.06
O3 NAG FA . -39.49 -3.08 3.89
O4 NAG FA . -39.89 -4.01 1.20
O5 NAG FA . -40.30 -7.11 3.17
O6 NAG FA . -40.55 -6.03 -0.31
O7 NAG FA . -42.52 -4.38 5.83
C1 NAG FA . -38.53 -3.63 0.86
C2 NAG FA . -38.27 -3.64 -0.69
C3 NAG FA . -38.83 -2.38 -1.39
C4 NAG FA . -39.18 -1.26 -0.42
C5 NAG FA . -38.10 -1.13 0.63
C6 NAG FA . -38.29 0.05 1.54
C7 NAG FA . -36.29 -4.97 -1.36
C8 NAG FA . -37.21 -6.16 -1.48
N2 NAG FA . -36.86 -3.81 -0.99
O3 NAG FA . -39.98 -2.73 -2.16
O4 NAG FA . -39.29 -0.02 -1.12
O5 NAG FA . -38.12 -2.30 1.46
O6 NAG FA . -37.48 1.16 1.13
O7 NAG FA . -35.09 -5.06 -1.59
C1 NAG GA . -62.87 -27.92 0.78
C2 NAG GA . -61.50 -27.26 0.91
C3 NAG GA . -61.53 -26.15 1.94
C4 NAG GA . -62.67 -25.17 1.70
C5 NAG GA . -63.99 -25.93 1.57
C6 NAG GA . -65.15 -25.05 1.18
C7 NAG GA . -59.35 -28.42 0.62
C8 NAG GA . -58.45 -29.49 1.14
N2 NAG GA . -60.50 -28.26 1.27
O3 NAG GA . -60.29 -25.47 1.94
O4 NAG GA . -62.76 -24.27 2.80
O5 NAG GA . -63.86 -26.92 0.53
O6 NAG GA . -65.40 -24.03 2.15
O7 NAG GA . -59.04 -27.74 -0.35
C1 NAG GA . -62.31 -22.95 2.43
C2 NAG GA . -62.57 -22.04 3.62
C3 NAG GA . -62.12 -20.62 3.31
C4 NAG GA . -60.66 -20.61 2.87
C5 NAG GA . -60.45 -21.59 1.71
C6 NAG GA . -59.01 -21.72 1.32
C7 NAG GA . -64.40 -22.19 5.26
C8 NAG GA . -65.89 -22.19 5.46
N2 NAG GA . -63.98 -22.06 3.99
O3 NAG GA . -62.26 -19.82 4.47
O4 NAG GA . -60.29 -19.30 2.44
O5 NAG GA . -60.91 -22.90 2.08
O6 NAG GA . -58.35 -20.46 1.28
O7 NAG GA . -63.61 -22.27 6.19
C1 NAG HA . -22.47 35.70 -28.58
C2 NAG HA . -23.66 36.68 -28.44
C3 NAG HA . -24.96 36.05 -28.92
C4 NAG HA . -24.79 35.50 -30.32
C5 NAG HA . -23.62 34.52 -30.36
C6 NAG HA . -23.35 33.95 -31.73
C7 NAG HA . -23.94 36.62 -25.94
C8 NAG HA . -24.02 37.50 -24.74
N2 NAG HA . -23.78 37.28 -27.11
O3 NAG HA . -25.99 37.03 -28.89
O4 NAG HA . -25.98 34.85 -30.76
O5 NAG HA . -22.41 35.18 -29.93
O6 NAG HA . -23.97 34.72 -32.75
O7 NAG HA . -24.02 35.40 -25.86
C1 NAG IA . -13.67 -7.25 81.66
C2 NAG IA . -13.14 -7.68 83.12
C3 NAG IA . -14.28 -8.17 84.03
C4 NAG IA . -15.55 -7.35 83.91
C5 NAG IA . -15.96 -7.29 82.45
C6 NAG IA . -17.24 -6.51 82.22
C7 NAG IA . -10.73 -8.59 83.07
C8 NAG IA . -10.01 -9.89 83.27
N2 NAG IA . -12.08 -8.70 83.12
O3 NAG IA . -13.83 -8.17 85.38
O4 NAG IA . -16.59 -7.95 84.65
O5 NAG IA . -14.92 -6.58 81.77
O6 NAG IA . -18.08 -7.19 81.30
O7 NAG IA . -10.14 -7.58 82.62
C1 NAG JA . -32.12 3.99 70.20
C2 NAG JA . -31.84 3.00 69.06
C3 NAG JA . -32.87 3.16 67.94
C4 NAG JA . -34.29 3.09 68.49
C5 NAG JA . -34.47 4.10 69.61
C6 NAG JA . -35.82 4.02 70.28
C7 NAG JA . -29.80 2.22 67.91
C8 NAG JA . -28.43 2.60 67.44
N2 NAG JA . -30.49 3.17 68.55
O3 NAG JA . -32.70 2.15 66.95
O4 NAG JA . -35.23 3.35 67.45
O5 NAG JA . -33.49 3.86 70.62
O6 NAG JA . -36.14 5.23 70.94
O7 NAG JA . -30.27 1.10 67.71
C1 NAG KA . -20.95 -6.14 72.69
C2 NAG KA . -22.39 -5.69 72.34
C3 NAG KA . -23.33 -6.88 72.08
C4 NAG KA . -22.70 -7.93 71.18
C5 NAG KA . -21.35 -8.33 71.74
C6 NAG KA . -20.64 -9.37 70.91
C7 NAG KA . -23.20 -5.08 74.64
C8 NAG KA . -23.76 -3.95 75.45
N2 NAG KA . -22.94 -4.79 73.35
O3 NAG KA . -24.54 -6.40 71.48
O4 NAG KA . -23.53 -9.08 71.09
O5 NAG KA . -20.52 -7.17 71.77
O6 NAG KA . -21.57 -10.16 70.17
O7 NAG KA . -22.98 -6.18 75.14
C1 NAG LA . -26.26 32.84 14.40
C2 NAG LA . -27.79 32.71 14.53
C3 NAG LA . -28.43 32.59 13.15
C4 NAG LA . -28.04 33.77 12.29
C5 NAG LA . -26.52 33.88 12.20
C6 NAG LA . -26.08 35.10 11.44
C7 NAG LA . -28.02 30.31 15.26
C8 NAG LA . -28.65 29.44 16.30
N2 NAG LA . -28.24 31.63 15.40
O3 NAG LA . -29.85 32.53 13.27
O4 NAG LA . -28.57 33.62 10.98
O5 NAG LA . -25.93 33.96 13.51
O6 NAG LA . -26.84 35.27 10.25
O7 NAG LA . -27.36 29.83 14.34
C1 NAG MA . -52.97 2.97 20.49
C2 NAG MA . -53.81 2.25 19.41
C3 NAG MA . -55.27 2.75 19.46
C4 NAG MA . -55.82 2.74 20.89
C5 NAG MA . -54.85 3.46 21.82
C6 NAG MA . -55.26 3.47 23.27
C7 NAG MA . -53.13 1.59 17.11
C8 NAG MA . -53.58 0.19 17.45
N2 NAG MA . -53.25 2.50 18.09
O3 NAG MA . -56.08 1.96 18.62
O4 NAG MA . -57.08 3.40 20.92
O5 NAG MA . -53.59 2.79 21.75
O6 NAG MA . -54.27 4.11 24.06
O7 NAG MA . -52.66 1.88 16.02
C1 NAG NA . -26.87 18.00 66.48
C2 NAG NA . -28.18 17.25 66.17
C3 NAG NA . -28.30 17.00 64.67
C4 NAG NA . -28.15 18.30 63.89
C5 NAG NA . -26.85 18.99 64.25
C6 NAG NA . -26.68 20.34 63.59
C7 NAG NA . -29.34 15.59 67.58
C8 NAG NA . -30.53 16.50 67.58
N2 NAG NA . -28.26 16.01 66.91
O3 NAG NA . -29.55 16.40 64.37
O4 NAG NA . -28.17 18.04 62.49
O5 NAG NA . -26.80 19.21 65.67
O6 NAG NA . -26.48 20.21 62.19
O7 NAG NA . -29.35 14.52 68.18
C1 NAG OA . 34.63 34.96 -12.57
C2 NAG OA . 35.89 34.95 -11.70
C3 NAG OA . 35.92 36.16 -10.76
C4 NAG OA . 35.75 37.45 -11.54
C5 NAG OA . 34.45 37.39 -12.34
C6 NAG OA . 34.23 38.60 -13.21
C7 NAG OA . 37.15 33.04 -10.81
C8 NAG OA . 37.07 31.77 -10.01
N2 NAG OA . 36.01 33.72 -10.95
O3 NAG OA . 37.18 36.18 -10.10
O4 NAG OA . 35.73 38.57 -10.66
O5 NAG OA . 34.47 36.24 -13.20
O6 NAG OA . 34.94 39.73 -12.72
O7 NAG OA . 38.20 33.44 -11.31
C1 NAG PA . 17.12 -64.20 50.28
C2 NAG PA . 17.52 -63.04 51.22
C3 NAG PA . 17.17 -63.37 52.68
C4 NAG PA . 15.71 -63.78 52.79
C5 NAG PA . 15.45 -64.96 51.85
C6 NAG PA . 14.01 -65.43 51.87
C7 NAG PA . 20.01 -63.42 51.27
C8 NAG PA . 21.33 -62.74 51.03
N2 NAG PA . 18.92 -62.65 51.07
O3 NAG PA . 17.43 -62.24 53.49
O4 NAG PA . 15.39 -64.15 54.12
O5 NAG PA . 15.74 -64.56 50.51
O6 NAG PA . 13.86 -66.60 51.06
O7 NAG PA . 19.94 -64.59 51.63
C1 NAG QA . 42.85 -0.40 10.93
C2 NAG QA . 43.02 0.32 12.27
C3 NAG QA . 42.90 1.82 12.08
C4 NAG QA . 43.88 2.31 11.02
C5 NAG QA . 43.66 1.54 9.73
C6 NAG QA . 44.67 1.90 8.66
C7 NAG QA . 42.38 -0.65 14.46
C8 NAG QA . 43.84 -0.69 14.79
N2 NAG QA . 42.06 -0.16 13.25
O3 NAG QA . 43.14 2.48 13.31
O4 NAG QA . 43.69 3.70 10.79
O5 NAG QA . 43.78 0.14 9.97
O6 NAG QA . 44.78 3.30 8.49
O7 NAG QA . 41.53 -1.04 15.24
C1 NAG RA . 18.80 -52.47 51.28
C2 NAG RA . 19.75 -51.58 52.16
C3 NAG RA . 19.02 -50.76 53.25
C4 NAG RA . 17.70 -50.17 52.75
C5 NAG RA . 16.88 -51.25 52.09
C6 NAG RA . 15.54 -50.76 51.60
C7 NAG RA . 21.15 -53.29 53.54
C8 NAG RA . 19.96 -53.97 54.20
N2 NAG RA . 20.95 -52.27 52.67
O3 NAG RA . 19.87 -49.72 53.71
O4 NAG RA . 16.98 -49.59 53.83
O5 NAG RA . 17.59 -51.73 50.96
O6 NAG RA . 15.00 -49.77 52.46
O7 NAG RA . 22.29 -53.67 53.81
C1 NAG SA . 32.60 -45.23 54.34
C2 NAG SA . 33.53 -44.02 54.14
C3 NAG SA . 33.11 -42.91 55.13
C4 NAG SA . 31.63 -42.59 54.94
C5 NAG SA . 30.80 -43.85 55.07
C6 NAG SA . 29.33 -43.61 54.81
C7 NAG SA . 35.96 -43.91 53.62
C8 NAG SA . 35.66 -42.93 52.52
N2 NAG SA . 34.92 -44.40 54.33
O3 NAG SA . 33.88 -41.73 54.93
O4 NAG SA . 31.20 -41.62 55.89
O5 NAG SA . 31.24 -44.83 54.11
O6 NAG SA . 28.56 -44.59 55.49
O7 NAG SA . 37.11 -44.28 53.85
C1 NAG TA . 29.89 8.06 48.06
C2 NAG TA . 29.19 9.37 48.48
C3 NAG TA . 30.08 10.10 49.51
C4 NAG TA . 30.53 9.17 50.64
C5 NAG TA . 31.15 7.90 50.04
C6 NAG TA . 31.54 6.86 51.06
C7 NAG TA . 27.83 10.95 47.14
C8 NAG TA . 26.74 10.82 48.17
N2 NAG TA . 28.95 10.23 47.35
O3 NAG TA . 29.40 11.22 50.06
O4 NAG TA . 31.50 9.83 51.45
O5 NAG TA . 30.19 7.29 49.18
O6 NAG TA . 31.69 5.60 50.44
O7 NAG TA . 27.69 11.66 46.15
C1 NAG UA . 41.21 -44.97 41.99
C2 NAG UA . 41.22 -44.10 43.26
C3 NAG UA . 40.71 -42.69 42.95
C4 NAG UA . 41.49 -42.08 41.80
C5 NAG UA . 41.43 -42.99 40.58
C6 NAG UA . 42.27 -42.49 39.43
C7 NAG UA . 40.69 -44.45 45.65
C8 NAG UA . 39.80 -45.16 46.62
N2 NAG UA . 40.46 -44.71 44.35
O3 NAG UA . 40.82 -41.85 44.09
O4 NAG UA . 40.94 -40.81 41.47
O5 NAG UA . 41.93 -44.29 40.93
O6 NAG UA . 42.00 -41.13 39.13
O7 NAG UA . 41.55 -43.67 46.01
C1 NAG VA . 13.47 -7.13 -48.39
C2 NAG VA . 13.56 -8.44 -49.20
C3 NAG VA . 14.95 -9.06 -49.09
C4 NAG VA . 16.02 -8.05 -49.44
C5 NAG VA . 15.87 -6.81 -48.57
C6 NAG VA . 16.84 -5.72 -48.92
C7 NAG VA . 11.63 -9.96 -49.59
C8 NAG VA . 11.73 -9.61 -51.04
N2 NAG VA . 12.53 -9.37 -48.77
O3 NAG VA . 15.01 -10.18 -49.97
O4 NAG VA . 17.31 -8.61 -49.25
O5 NAG VA . 14.55 -6.27 -48.74
O6 NAG VA . 18.04 -6.25 -49.48
O7 NAG VA . 10.79 -10.73 -49.17
C1 NAG WA . -47.96 -55.50 8.66
C2 NAG WA . -46.90 -56.62 8.78
C3 NAG WA . -45.54 -56.11 8.29
C4 NAG WA . -45.64 -55.53 6.89
C5 NAG WA . -46.68 -54.42 6.88
C6 NAG WA . -46.91 -53.82 5.51
C7 NAG WA . -46.40 -58.39 10.40
C8 NAG WA . -46.35 -58.77 11.85
N2 NAG WA . -46.81 -57.15 10.12
O3 NAG WA . -44.57 -57.16 8.28
O4 NAG WA . -44.39 -55.02 6.48
O5 NAG WA . -47.94 -54.94 7.31
O6 NAG WA . -45.74 -53.94 4.69
O7 NAG WA . -46.05 -59.17 9.52
C1 NAG XA . -41.92 -61.99 21.32
C2 NAG XA . -41.29 -62.53 20.03
C3 NAG XA . -39.82 -62.91 20.30
C4 NAG XA . -39.06 -61.75 20.94
C5 NAG XA . -39.79 -61.23 22.17
C6 NAG XA . -39.17 -59.95 22.70
C7 NAG XA . -42.34 -63.93 18.27
C8 NAG XA . -41.89 -62.93 17.25
N2 NAG XA . -42.04 -63.67 19.56
O3 NAG XA . -39.19 -63.31 19.09
O4 NAG XA . -37.75 -62.19 21.29
O5 NAG XA . -41.15 -60.90 21.82
O6 NAG XA . -38.70 -60.08 24.03
O7 NAG XA . -42.96 -64.94 17.96
C1 NAG YA . -16.20 -30.74 -27.41
C2 NAG YA . -15.47 -32.09 -27.35
C3 NAG YA . -14.08 -31.96 -27.95
C4 NAG YA . -14.17 -31.42 -29.37
C5 NAG YA . -14.91 -30.09 -29.36
C6 NAG YA . -15.12 -29.54 -30.75
C7 NAG YA . -16.00 -33.71 -25.58
C8 NAG YA . -15.81 -34.08 -24.15
N2 NAG YA . -15.40 -32.58 -25.99
O3 NAG YA . -13.45 -33.24 -27.96
O4 NAG YA . -12.87 -31.24 -29.92
O5 NAG YA . -16.22 -30.26 -28.77
O6 NAG YA . -13.89 -29.23 -31.38
O7 NAG YA . -16.67 -34.40 -26.34
C1 NAG ZA . -53.07 -49.87 40.37
C2 NAG ZA . -51.90 -50.85 40.49
C3 NAG ZA . -52.06 -51.72 41.76
C4 NAG ZA . -52.36 -50.87 42.99
C5 NAG ZA . -53.54 -49.94 42.70
C6 NAG ZA . -53.85 -49.00 43.84
C7 NAG ZA . -50.69 -52.28 38.90
C8 NAG ZA . -50.80 -53.14 37.68
N2 NAG ZA . -51.82 -51.71 39.32
O3 NAG ZA . -50.85 -52.44 42.00
O4 NAG ZA . -52.70 -51.70 44.10
O5 NAG ZA . -53.20 -49.13 41.57
O6 NAG ZA . -55.24 -49.02 44.15
O7 NAG ZA . -49.63 -52.12 39.49
C1 NAG AB . 5.77 -56.07 -4.31
C2 NAG AB . 5.55 -57.47 -4.84
C3 NAG AB . 6.84 -58.28 -4.73
C4 NAG AB . 7.99 -57.55 -5.43
C5 NAG AB . 8.10 -56.10 -4.96
C6 NAG AB . 9.08 -55.29 -5.78
C7 NAG AB . 3.25 -58.26 -4.62
C8 NAG AB . 2.24 -58.95 -3.75
N2 NAG AB . 4.48 -58.13 -4.11
O3 NAG AB . 6.66 -59.55 -5.31
O4 NAG AB . 9.22 -58.20 -5.16
O5 NAG AB . 6.83 -55.44 -5.06
O6 NAG AB . 9.20 -53.96 -5.30
O7 NAG AB . 2.95 -57.84 -5.74
C1 NAG BB . -42.91 -52.08 33.23
C2 NAG BB . -42.04 -53.03 32.44
C3 NAG BB . -41.33 -54.01 33.39
C4 NAG BB . -40.53 -53.24 34.44
C5 NAG BB . -41.45 -52.25 35.18
C6 NAG BB . -40.70 -51.37 36.14
C7 NAG BB . -42.57 -53.89 30.23
C8 NAG BB . -43.62 -54.54 29.39
N2 NAG BB . -42.88 -53.74 31.51
O3 NAG BB . -40.45 -54.83 32.64
O4 NAG BB . -39.96 -54.13 35.39
O5 NAG BB . -42.10 -51.39 34.23
O6 NAG BB . -41.40 -50.15 36.35
O7 NAG BB . -41.49 -53.54 29.78
#